data_6BCL
#
_entry.id   6BCL
#
_cell.length_a   1.000
_cell.length_b   1.000
_cell.length_c   1.000
_cell.angle_alpha   90.00
_cell.angle_beta   90.00
_cell.angle_gamma   90.00
#
_symmetry.space_group_name_H-M   'P 1'
#
loop_
_entity.id
_entity.type
_entity.pdbx_description
1 polymer 'Transient receptor potential cation channel subfamily M member 4'
2 non-polymer 'SODIUM ION'
#
_entity_poly.entity_id   1
_entity_poly.type   'polypeptide(L)'
_entity_poly.pdbx_seq_one_letter_code
;MVGPEKEQSWIPKIFRKKVCTTFIVDLSDDAGGTLCQCGQPRDAHPSVAVEDAFGAAVVTEWNSDEHTTEKPTDAYGDLD
FTYSGRKHSNFLRLSDRTDPATVYSLVTRSWGFRAPNLVVSVLGGSGGPVLQTWLQDLLRRGLVRAAQSTGAWIVTGGLH
TGIGRHVGVAVRDHQTASTGSSKVVAMGVAPWGVVRNRDMLINPKGSFPARYRWRGDPEDGVEFPLDYNYSAFFLVDDGT
YGRLGGENRFRLRFESYVAQQKTGVGGTGIDIPVLLLLIDGDEKMLKRIEDATQAQLPCLLVAGSGGAADCLVETLEDTL
APGSGGLRRGEARDRIRRYFPKGDPEVLQAQVERIMTRKELLTVYSSEDGSEEFETIVLRALVKACGSSEASAYLDELRL
AVAWNRVDIAQSELFRGDIQWRSFHLEASLMDALLNDRPEFVRLLISHGLSLGHFLTPVRLAQLYSAVSPNSLIRNLLDQ
ASHASSSKSPPVNGTVELRPPNVGQVLRTLLGETCAPRYPARNTRDSYLGQDHRENDSLLMDWANKQPSTDASFEQAPWS
DLLIWALLLNRAQMAIYFWEKGSNSVASALGACLLLRVMARLESEAEEAARRKDLAATFESMSVDLFGECYHNSEERAAR
LLLRRCPLWGEATCLQLAMQADARAFFAQDGVQSLLTQKWWGEMDSTTPIWALLLAFFCPPLIYTNLIVFRKSEEEPTQK
DLDFDMDSSINGAGPPGTVEPSAKVALERRQRRRPGRALCCGKFSKRWSDFWGAPVTAFLGNVVSYLLFLLLFAHVLLVD
FQPTKPSVSELLLYFWAFTLLCEELRQGLGGGWGSLASGGRGPDRAPLRHRLHLYLSDTWNQCDLLALTCFLLGVGCRLT
PGLFDLGRTVLCLDFMIFTLRLLHIFTVNKQLGPKIVIVSKMMKDVFFFLFFLCVWLVAYGVATEGILRPQDRSLPSILR
RVFYRPYLQIFGQIPQEEMDVALMIPGNCSMERGSWAHPEGPVAGSCVSQYANWLVVLLLIVFLLVANILLLNLLIAMFS
YTFSKVHGNSDLYWKAQRYSLIREFHSRPALAPPLIIISHVRLLIKWLRRCRRCRRANLPASPVFEHFRVCLSKEAERKL
LTWESVHKENFLLAQARDKRDSDSERLKRTSQKVDTALKQLGQIREYDRRLRGLEREVQHCSRVLTWMAEALSHSALLPP
GAPPPPSPTGSKDRNSKAYVDELTSRGRLEVLFQGPDYKDDDDKHHHHHHHHHH
;
_entity_poly.pdbx_strand_id   B,A,C,D
#
loop_
_chem_comp.id
_chem_comp.type
_chem_comp.name
_chem_comp.formula
NA non-polymer 'SODIUM ION' 'Na 1'
#
# COMPACT_ATOMS: atom_id res chain seq x y z
N PRO A 12 -36.14 -3.78 41.87
CA PRO A 12 -35.91 -5.19 41.54
C PRO A 12 -35.45 -5.97 42.75
N LYS A 13 -36.06 -5.67 43.90
CA LYS A 13 -35.63 -6.21 45.17
C LYS A 13 -36.77 -6.71 46.05
N ILE A 14 -37.98 -6.22 45.84
CA ILE A 14 -39.07 -6.57 46.74
C ILE A 14 -39.60 -7.97 46.42
N PHE A 15 -39.69 -8.32 45.13
CA PHE A 15 -40.20 -9.64 44.78
C PHE A 15 -39.18 -10.72 45.12
N ARG A 16 -37.88 -10.43 44.98
CA ARG A 16 -36.86 -11.37 45.41
C ARG A 16 -36.65 -11.33 46.92
N LYS A 17 -37.32 -10.41 47.61
CA LYS A 17 -37.48 -10.55 49.05
C LYS A 17 -38.65 -11.47 49.37
N LYS A 18 -39.75 -11.37 48.61
CA LYS A 18 -41.00 -12.00 49.04
C LYS A 18 -41.09 -13.46 48.62
N VAL A 19 -40.89 -13.75 47.33
CA VAL A 19 -41.35 -15.01 46.77
C VAL A 19 -40.51 -16.17 47.27
N CYS A 20 -39.20 -16.02 47.25
CA CYS A 20 -38.34 -16.96 47.95
C CYS A 20 -38.51 -16.76 49.45
N THR A 21 -38.23 -17.81 50.23
CA THR A 21 -38.45 -17.79 51.66
C THR A 21 -37.20 -18.21 52.42
N THR A 22 -37.24 -18.02 53.74
CA THR A 22 -36.21 -18.42 54.69
C THR A 22 -36.85 -18.94 55.97
N PHE A 23 -36.44 -20.11 56.42
CA PHE A 23 -36.95 -20.64 57.68
C PHE A 23 -35.81 -20.84 58.67
N ILE A 24 -36.15 -20.67 59.95
CA ILE A 24 -35.15 -20.73 61.02
C ILE A 24 -35.32 -22.00 61.83
N THR A 68 -40.05 -24.11 63.90
CA THR A 68 -39.47 -23.35 62.81
C THR A 68 -40.58 -22.58 62.09
N THR A 69 -40.33 -21.30 61.82
CA THR A 69 -41.27 -20.46 61.08
C THR A 69 -40.66 -20.06 59.75
N GLU A 70 -41.47 -20.10 58.69
CA GLU A 70 -41.04 -19.75 57.35
C GLU A 70 -41.24 -18.25 57.15
N LYS A 71 -40.17 -17.55 56.79
CA LYS A 71 -40.17 -16.10 56.64
C LYS A 71 -39.62 -15.71 55.29
N PRO A 72 -40.01 -14.54 54.76
CA PRO A 72 -39.37 -14.01 53.55
C PRO A 72 -37.89 -13.69 53.76
N THR A 73 -37.17 -13.68 52.65
CA THR A 73 -35.71 -13.59 52.65
C THR A 73 -35.25 -12.18 53.02
N ASP A 74 -33.97 -12.09 53.36
CA ASP A 74 -33.36 -10.79 53.65
C ASP A 74 -31.97 -10.59 53.06
N ALA A 75 -31.36 -11.60 52.47
CA ALA A 75 -29.98 -11.50 51.96
C ALA A 75 -29.99 -11.88 50.48
N TYR A 76 -29.62 -10.91 49.65
CA TYR A 76 -29.68 -11.03 48.19
C TYR A 76 -28.92 -9.86 47.60
N GLY A 77 -28.94 -9.76 46.29
CA GLY A 77 -28.42 -8.61 45.58
C GLY A 77 -26.98 -8.79 45.15
N ASP A 78 -26.32 -7.65 44.93
CA ASP A 78 -24.92 -7.66 44.53
C ASP A 78 -24.02 -8.06 45.70
N LEU A 79 -22.75 -8.28 45.38
CA LEU A 79 -21.77 -8.70 46.36
C LEU A 79 -20.40 -8.30 45.82
N ASP A 80 -19.79 -7.28 46.40
CA ASP A 80 -18.44 -6.93 46.02
C ASP A 80 -17.44 -7.48 47.03
N PHE A 81 -16.21 -7.61 46.56
CA PHE A 81 -15.07 -7.96 47.39
C PHE A 81 -14.10 -6.78 47.38
N THR A 82 -13.03 -6.92 48.14
CA THR A 82 -12.03 -5.86 48.21
C THR A 82 -11.23 -5.77 46.92
N TYR A 83 -11.18 -6.84 46.14
CA TYR A 83 -10.35 -6.90 44.95
C TYR A 83 -10.99 -6.08 43.82
N SER A 84 -10.14 -5.34 43.12
CA SER A 84 -10.60 -4.36 42.16
C SER A 84 -10.32 -4.81 40.72
N GLY A 85 -11.15 -4.33 39.82
CA GLY A 85 -11.12 -4.75 38.43
C GLY A 85 -12.23 -5.69 38.01
N ARG A 86 -13.13 -6.03 38.93
CA ARG A 86 -14.14 -7.06 38.69
C ARG A 86 -15.54 -6.50 38.91
N LYS A 87 -16.54 -7.25 38.46
CA LYS A 87 -17.93 -6.87 38.63
C LYS A 87 -18.43 -7.23 40.02
N HIS A 88 -19.75 -7.15 40.19
CA HIS A 88 -20.39 -7.57 41.42
C HIS A 88 -20.96 -8.97 41.25
N SER A 89 -20.63 -9.84 42.19
CA SER A 89 -21.21 -11.18 42.25
C SER A 89 -22.63 -11.09 42.82
N ASN A 90 -23.41 -12.13 42.58
CA ASN A 90 -24.79 -12.17 43.03
C ASN A 90 -25.00 -13.36 43.96
N PHE A 91 -25.71 -13.11 45.06
CA PHE A 91 -26.02 -14.17 46.02
C PHE A 91 -27.50 -14.10 46.37
N LEU A 92 -27.91 -15.06 47.18
CA LEU A 92 -29.29 -15.17 47.63
C LEU A 92 -29.36 -16.07 48.86
N ARG A 93 -30.05 -15.62 49.88
CA ARG A 93 -30.42 -16.48 51.01
C ARG A 93 -31.72 -17.17 50.65
N LEU A 94 -31.75 -18.49 50.77
CA LEU A 94 -32.86 -19.27 50.27
C LEU A 94 -33.24 -20.36 51.26
N SER A 95 -34.53 -20.71 51.28
CA SER A 95 -35.00 -21.86 52.03
C SER A 95 -34.47 -23.15 51.41
N ASP A 96 -34.49 -24.22 52.20
CA ASP A 96 -34.15 -25.53 51.67
C ASP A 96 -35.37 -26.23 51.11
N ARG A 97 -36.51 -26.10 51.77
CA ARG A 97 -37.74 -26.78 51.35
C ARG A 97 -38.50 -25.88 50.39
N THR A 98 -37.91 -25.71 49.21
CA THR A 98 -38.47 -24.89 48.15
C THR A 98 -38.20 -25.56 46.81
N ASP A 99 -38.76 -24.95 45.75
CA ASP A 99 -38.62 -25.59 44.44
C ASP A 99 -37.63 -24.83 43.57
N PRO A 100 -36.81 -25.54 42.79
CA PRO A 100 -35.79 -24.86 41.98
C PRO A 100 -36.31 -24.24 40.69
N ALA A 101 -37.61 -24.33 40.41
CA ALA A 101 -38.15 -23.70 39.21
C ALA A 101 -38.13 -22.18 39.34
N THR A 102 -38.41 -21.67 40.54
CA THR A 102 -38.25 -20.24 40.76
C THR A 102 -36.78 -19.86 40.91
N VAL A 103 -35.90 -20.82 41.18
CA VAL A 103 -34.47 -20.54 41.17
C VAL A 103 -33.99 -20.38 39.74
N TYR A 104 -34.48 -21.23 38.84
CA TYR A 104 -34.12 -21.13 37.44
C TYR A 104 -34.66 -19.85 36.81
N SER A 105 -35.87 -19.44 37.22
CA SER A 105 -36.40 -18.18 36.71
C SER A 105 -35.65 -17.00 37.29
N LEU A 106 -35.17 -17.11 38.53
CA LEU A 106 -34.47 -15.99 39.15
C LEU A 106 -33.11 -15.77 38.49
N VAL A 107 -32.40 -16.86 38.21
CA VAL A 107 -31.07 -16.76 37.61
C VAL A 107 -31.19 -16.38 36.14
N THR A 108 -31.95 -17.15 35.37
CA THR A 108 -31.97 -16.95 33.93
C THR A 108 -32.78 -15.75 33.48
N ARG A 109 -33.60 -15.16 34.36
CA ARG A 109 -34.31 -13.96 33.92
C ARG A 109 -33.90 -12.73 34.71
N SER A 110 -33.99 -12.79 36.04
CA SER A 110 -33.87 -11.58 36.85
C SER A 110 -32.45 -11.07 36.95
N TRP A 111 -31.48 -11.97 37.15
CA TRP A 111 -30.07 -11.54 37.13
C TRP A 111 -29.59 -11.33 35.71
N GLY A 112 -29.89 -12.28 34.83
CA GLY A 112 -29.40 -12.27 33.47
C GLY A 112 -28.30 -13.29 33.27
N PHE A 113 -28.67 -14.45 32.76
CA PHE A 113 -27.73 -15.50 32.42
C PHE A 113 -28.31 -16.30 31.26
N ARG A 114 -27.43 -16.79 30.39
CA ARG A 114 -27.90 -17.57 29.26
C ARG A 114 -28.33 -18.96 29.69
N ALA A 115 -28.97 -19.66 28.78
CA ALA A 115 -29.28 -21.06 29.02
C ALA A 115 -28.00 -21.88 28.85
N PRO A 116 -27.77 -22.86 29.72
CA PRO A 116 -26.55 -23.67 29.61
C PRO A 116 -26.60 -24.61 28.44
N ASN A 117 -25.43 -25.13 28.09
CA ASN A 117 -25.32 -26.21 27.12
C ASN A 117 -24.72 -27.46 27.71
N LEU A 118 -24.26 -27.39 28.96
CA LEU A 118 -23.59 -28.47 29.68
C LEU A 118 -23.54 -28.07 31.15
N VAL A 119 -23.76 -29.04 32.04
CA VAL A 119 -23.65 -28.82 33.47
C VAL A 119 -22.69 -29.84 34.03
N VAL A 120 -21.61 -29.38 34.65
CA VAL A 120 -20.60 -30.25 35.25
C VAL A 120 -20.48 -29.90 36.71
N SER A 121 -20.76 -30.87 37.58
CA SER A 121 -20.60 -30.70 39.02
C SER A 121 -19.38 -31.47 39.48
N VAL A 122 -18.49 -30.78 40.19
CA VAL A 122 -17.20 -31.31 40.56
C VAL A 122 -17.19 -31.64 42.05
N LEU A 123 -16.91 -32.90 42.37
CA LEU A 123 -16.89 -33.37 43.75
C LEU A 123 -15.55 -34.02 44.04
N GLY A 124 -15.20 -34.05 45.31
CA GLY A 124 -13.93 -34.61 45.75
C GLY A 124 -13.34 -33.73 46.85
N GLY A 125 -12.04 -33.90 47.08
CA GLY A 125 -11.37 -33.00 47.99
C GLY A 125 -10.85 -33.58 49.29
N SER A 126 -10.37 -34.83 49.27
CA SER A 126 -9.69 -35.39 50.43
C SER A 126 -8.39 -34.68 50.77
N GLY A 127 -7.72 -34.11 49.77
CA GLY A 127 -6.56 -33.28 50.02
C GLY A 127 -6.97 -31.86 50.33
N GLY A 128 -6.95 -31.50 51.61
CA GLY A 128 -7.37 -30.19 52.05
C GLY A 128 -6.46 -29.05 51.62
N PRO A 129 -5.23 -29.00 52.17
CA PRO A 129 -4.34 -27.88 51.83
C PRO A 129 -3.80 -27.91 50.40
N VAL A 130 -3.26 -29.03 49.95
CA VAL A 130 -2.60 -29.12 48.65
C VAL A 130 -3.19 -30.30 47.90
N LEU A 131 -3.54 -30.10 46.63
CA LEU A 131 -3.85 -31.18 45.70
C LEU A 131 -2.67 -31.34 44.75
N GLN A 132 -2.62 -32.49 44.08
CA GLN A 132 -1.52 -32.83 43.18
C GLN A 132 -1.50 -31.91 41.95
N THR A 133 -0.31 -31.80 41.36
CA THR A 133 -0.12 -30.96 40.19
C THR A 133 -0.70 -31.59 38.93
N TRP A 134 -0.86 -32.90 38.91
CA TRP A 134 -1.47 -33.58 37.77
C TRP A 134 -2.94 -33.21 37.64
N LEU A 135 -3.70 -33.38 38.72
CA LEU A 135 -5.09 -32.95 38.75
C LEU A 135 -5.22 -31.43 38.66
N GLN A 136 -4.21 -30.68 39.10
CA GLN A 136 -4.25 -29.23 38.94
C GLN A 136 -4.06 -28.84 37.48
N ASP A 137 -3.33 -29.66 36.71
CA ASP A 137 -3.27 -29.43 35.28
C ASP A 137 -4.59 -29.76 34.61
N LEU A 138 -5.29 -30.80 35.09
CA LEU A 138 -6.60 -31.14 34.55
C LEU A 138 -7.63 -30.07 34.86
N LEU A 139 -7.67 -29.61 36.11
CA LEU A 139 -8.66 -28.61 36.50
C LEU A 139 -8.37 -27.24 35.89
N ARG A 140 -7.09 -26.90 35.67
CA ARG A 140 -6.78 -25.64 35.00
C ARG A 140 -7.19 -25.69 33.53
N ARG A 141 -6.68 -26.67 32.78
CA ARG A 141 -6.97 -26.66 31.35
C ARG A 141 -8.22 -27.44 31.00
N GLY A 142 -8.22 -28.75 31.25
CA GLY A 142 -9.14 -29.64 30.57
C GLY A 142 -10.59 -29.55 31.01
N LEU A 143 -10.85 -28.89 32.13
CA LEU A 143 -12.23 -28.65 32.50
C LEU A 143 -12.70 -27.29 32.04
N VAL A 144 -11.84 -26.27 32.18
CA VAL A 144 -12.28 -24.91 31.94
C VAL A 144 -12.30 -24.60 30.44
N ARG A 145 -11.41 -25.19 29.64
CA ARG A 145 -11.46 -24.96 28.19
C ARG A 145 -12.71 -25.57 27.57
N ALA A 146 -13.22 -26.68 28.13
CA ALA A 146 -14.44 -27.25 27.61
C ALA A 146 -15.65 -26.47 28.08
N ALA A 147 -15.61 -25.99 29.32
CA ALA A 147 -16.72 -25.20 29.83
C ALA A 147 -16.74 -23.80 29.22
N GLN A 148 -15.64 -23.38 28.59
CA GLN A 148 -15.61 -22.09 27.94
C GLN A 148 -15.84 -22.21 26.43
N SER A 149 -15.52 -23.36 25.84
CA SER A 149 -15.82 -23.52 24.42
C SER A 149 -17.28 -23.87 24.20
N THR A 150 -17.79 -24.86 24.94
CA THR A 150 -19.18 -25.27 24.77
C THR A 150 -20.14 -24.24 25.36
N GLY A 151 -19.77 -23.63 26.48
CA GLY A 151 -20.66 -22.73 27.17
C GLY A 151 -21.36 -23.55 28.22
N ALA A 152 -20.92 -23.44 29.47
CA ALA A 152 -21.35 -24.42 30.46
C ALA A 152 -21.36 -23.77 31.83
N TRP A 153 -22.04 -24.42 32.76
CA TRP A 153 -22.06 -24.03 34.15
C TRP A 153 -21.34 -25.09 34.98
N ILE A 154 -20.29 -24.67 35.67
CA ILE A 154 -19.59 -25.55 36.60
C ILE A 154 -20.15 -25.28 37.99
N VAL A 155 -20.84 -26.26 38.54
CA VAL A 155 -21.51 -26.13 39.83
C VAL A 155 -20.61 -26.79 40.88
N THR A 156 -20.19 -26.03 41.88
CA THR A 156 -19.29 -26.51 42.91
C THR A 156 -19.80 -25.98 44.24
N GLY A 157 -19.14 -26.32 45.34
CA GLY A 157 -19.41 -25.64 46.58
C GLY A 157 -18.74 -24.29 46.61
N GLY A 158 -19.49 -23.28 47.06
CA GLY A 158 -19.01 -21.91 47.05
C GLY A 158 -18.01 -21.54 48.12
N LEU A 159 -17.61 -22.48 48.97
CA LEU A 159 -16.65 -22.19 50.02
C LEU A 159 -15.27 -22.71 49.62
N HIS A 160 -14.27 -22.36 50.43
CA HIS A 160 -12.89 -22.70 50.09
C HIS A 160 -12.59 -24.17 50.29
N THR A 161 -13.27 -24.84 51.22
CA THR A 161 -12.83 -26.15 51.66
C THR A 161 -13.04 -27.22 50.60
N GLY A 162 -12.13 -28.20 50.59
CA GLY A 162 -12.11 -29.19 49.55
C GLY A 162 -11.53 -28.64 48.26
N ILE A 163 -12.15 -28.99 47.14
CA ILE A 163 -11.70 -28.56 45.83
C ILE A 163 -12.35 -27.24 45.41
N GLY A 164 -12.95 -26.52 46.35
CA GLY A 164 -13.46 -25.20 46.02
C GLY A 164 -12.35 -24.22 45.70
N ARG A 165 -11.21 -24.35 46.39
CA ARG A 165 -10.08 -23.49 46.06
C ARG A 165 -9.46 -23.86 44.72
N HIS A 166 -9.31 -25.16 44.44
CA HIS A 166 -8.59 -25.55 43.24
C HIS A 166 -9.40 -25.25 41.99
N VAL A 167 -10.74 -25.28 42.10
CA VAL A 167 -11.57 -24.82 41.00
C VAL A 167 -11.46 -23.31 40.84
N GLY A 168 -11.52 -22.57 41.96
CA GLY A 168 -11.45 -21.12 41.88
C GLY A 168 -10.11 -20.59 41.41
N VAL A 169 -9.02 -21.24 41.82
CA VAL A 169 -7.70 -20.87 41.33
C VAL A 169 -7.57 -21.23 39.86
N ALA A 170 -8.21 -22.33 39.43
CA ALA A 170 -8.16 -22.71 38.02
C ALA A 170 -8.91 -21.73 37.13
N VAL A 171 -10.04 -21.20 37.63
CA VAL A 171 -10.78 -20.21 36.86
C VAL A 171 -10.01 -18.89 36.80
N ARG A 172 -9.35 -18.52 37.90
CA ARG A 172 -8.52 -17.32 37.92
C ARG A 172 -7.30 -17.47 37.02
N ASP A 173 -6.72 -18.65 36.99
CA ASP A 173 -5.60 -18.92 36.09
C ASP A 173 -6.02 -18.84 34.64
N HIS A 174 -7.17 -19.42 34.28
CA HIS A 174 -7.59 -19.39 32.89
C HIS A 174 -8.04 -18.00 32.46
N GLN A 175 -8.66 -17.26 33.36
CA GLN A 175 -9.07 -15.90 33.04
C GLN A 175 -7.87 -14.97 32.88
N THR A 176 -6.76 -15.28 33.55
CA THR A 176 -5.53 -14.50 33.40
C THR A 176 -4.72 -14.93 32.19
N ALA A 177 -4.65 -16.23 31.92
CA ALA A 177 -3.77 -16.78 30.90
C ALA A 177 -4.22 -16.50 29.47
N SER A 178 -5.43 -15.99 29.28
CA SER A 178 -5.91 -15.71 27.93
C SER A 178 -6.73 -14.44 27.93
N THR A 179 -6.81 -13.82 26.75
CA THR A 179 -7.75 -12.75 26.48
C THR A 179 -8.98 -13.40 25.86
N GLY A 180 -9.66 -14.21 26.65
CA GLY A 180 -10.85 -14.90 26.21
C GLY A 180 -12.08 -14.05 26.16
N SER A 181 -12.03 -12.86 26.78
CA SER A 181 -13.09 -11.85 26.78
C SER A 181 -14.39 -12.35 27.38
N SER A 182 -14.32 -13.37 28.23
CA SER A 182 -15.47 -13.96 28.89
C SER A 182 -14.97 -14.76 30.09
N LYS A 183 -15.88 -15.17 30.95
CA LYS A 183 -15.55 -15.97 32.12
C LYS A 183 -16.53 -17.14 32.18
N VAL A 184 -16.03 -18.26 32.68
CA VAL A 184 -16.83 -19.46 32.84
C VAL A 184 -17.76 -19.22 34.03
N VAL A 185 -19.06 -19.44 33.81
CA VAL A 185 -20.05 -19.15 34.85
C VAL A 185 -19.96 -20.29 35.85
N ALA A 186 -19.13 -20.10 36.87
CA ALA A 186 -18.93 -21.10 37.90
C ALA A 186 -19.85 -20.77 39.06
N MET A 187 -20.92 -21.54 39.21
CA MET A 187 -21.90 -21.28 40.23
C MET A 187 -21.59 -22.09 41.48
N GLY A 188 -21.99 -21.53 42.61
CA GLY A 188 -21.71 -22.17 43.87
C GLY A 188 -22.88 -22.20 44.80
N VAL A 189 -23.11 -23.35 45.43
CA VAL A 189 -24.09 -23.47 46.50
C VAL A 189 -23.34 -23.61 47.81
N ALA A 190 -23.95 -23.14 48.89
CA ALA A 190 -23.33 -23.18 50.19
C ALA A 190 -24.42 -23.15 51.24
N PRO A 191 -24.29 -23.87 52.34
CA PRO A 191 -25.24 -23.73 53.44
C PRO A 191 -25.08 -22.37 54.11
N TRP A 192 -26.18 -21.87 54.68
CA TRP A 192 -26.13 -20.57 55.33
C TRP A 192 -25.32 -20.61 56.62
N GLY A 193 -25.31 -21.75 57.30
CA GLY A 193 -24.76 -21.80 58.64
C GLY A 193 -23.26 -21.72 58.73
N VAL A 194 -22.53 -22.00 57.65
CA VAL A 194 -21.09 -22.20 57.70
C VAL A 194 -20.34 -21.03 57.06
N VAL A 195 -21.02 -19.93 56.74
CA VAL A 195 -20.34 -18.74 56.24
C VAL A 195 -19.68 -18.00 57.40
N ARG A 196 -18.41 -17.59 57.19
CA ARG A 196 -17.60 -16.93 58.21
C ARG A 196 -18.17 -15.61 58.68
N ASN A 197 -18.28 -14.63 57.79
CA ASN A 197 -18.80 -13.30 58.15
C ASN A 197 -20.06 -13.07 57.33
N ARG A 198 -21.17 -13.59 57.82
CA ARG A 198 -22.44 -13.39 57.15
C ARG A 198 -23.18 -12.16 57.64
N ASP A 199 -22.68 -11.50 58.69
CA ASP A 199 -23.37 -10.36 59.28
C ASP A 199 -23.27 -9.10 58.43
N MET A 200 -22.41 -9.09 57.42
CA MET A 200 -22.36 -8.01 56.43
C MET A 200 -23.28 -8.28 55.26
N LEU A 201 -24.23 -9.20 55.41
CA LEU A 201 -25.11 -9.60 54.32
C LEU A 201 -26.58 -9.57 54.74
N ILE A 202 -26.87 -9.32 56.01
CA ILE A 202 -28.20 -9.55 56.57
C ILE A 202 -29.26 -8.60 56.05
N ASN A 203 -28.91 -7.34 55.74
CA ASN A 203 -29.84 -6.23 55.56
C ASN A 203 -30.84 -6.43 54.42
N PRO A 204 -32.15 -6.26 54.66
CA PRO A 204 -33.14 -6.63 53.65
C PRO A 204 -33.48 -5.51 52.68
N LYS A 205 -32.60 -4.52 52.55
CA LYS A 205 -32.94 -3.28 51.86
C LYS A 205 -33.06 -3.47 50.35
N GLY A 206 -31.98 -3.87 49.69
CA GLY A 206 -32.13 -4.33 48.31
C GLY A 206 -31.23 -3.71 47.26
N SER A 207 -30.72 -4.56 46.36
CA SER A 207 -29.92 -4.20 45.18
C SER A 207 -28.68 -3.40 45.57
N PHE A 208 -27.81 -4.08 46.31
CA PHE A 208 -26.77 -3.39 47.06
C PHE A 208 -25.45 -4.16 47.02
N PRO A 209 -24.32 -3.48 46.93
CA PRO A 209 -23.02 -4.14 47.11
C PRO A 209 -22.67 -4.30 48.57
N ALA A 210 -22.71 -5.53 49.06
CA ALA A 210 -22.40 -5.81 50.45
C ALA A 210 -20.92 -6.13 50.61
N ARG A 211 -20.18 -5.25 51.28
CA ARG A 211 -18.73 -5.29 51.29
C ARG A 211 -18.23 -6.38 52.23
N TYR A 212 -18.01 -7.57 51.69
CA TYR A 212 -17.47 -8.67 52.49
C TYR A 212 -16.01 -8.39 52.84
N ARG A 213 -15.55 -8.99 53.94
CA ARG A 213 -14.23 -8.72 54.49
C ARG A 213 -13.54 -10.06 54.74
N TRP A 214 -12.25 -10.14 54.40
CA TRP A 214 -11.42 -11.26 54.80
C TRP A 214 -10.45 -10.78 55.87
N ARG A 215 -10.65 -11.22 57.11
CA ARG A 215 -9.60 -11.04 58.10
C ARG A 215 -8.44 -11.99 57.84
N GLY A 216 -8.68 -13.06 57.09
CA GLY A 216 -7.67 -14.05 56.78
C GLY A 216 -7.55 -15.02 57.93
N ASP A 217 -8.66 -15.25 58.61
CA ASP A 217 -8.69 -16.08 59.79
C ASP A 217 -8.53 -17.55 59.42
N PRO A 218 -7.72 -18.28 60.18
CA PRO A 218 -7.54 -19.71 59.90
C PRO A 218 -8.81 -20.50 60.17
N GLU A 219 -8.82 -21.73 59.65
CA GLU A 219 -10.03 -22.54 59.60
C GLU A 219 -10.33 -23.16 60.97
N ASP A 220 -11.52 -22.88 61.45
CA ASP A 220 -12.15 -23.72 62.45
C ASP A 220 -13.25 -24.55 61.81
N GLY A 221 -13.63 -25.64 62.45
CA GLY A 221 -14.67 -26.52 61.93
C GLY A 221 -16.09 -26.05 62.15
N VAL A 222 -16.27 -24.73 62.28
CA VAL A 222 -17.57 -24.14 62.56
C VAL A 222 -18.04 -23.27 61.40
N GLU A 223 -17.21 -22.33 60.95
CA GLU A 223 -17.56 -21.42 59.86
C GLU A 223 -16.39 -21.26 58.90
N PHE A 224 -16.71 -21.04 57.62
CA PHE A 224 -15.77 -20.96 56.50
C PHE A 224 -15.98 -19.65 55.75
N PRO A 225 -14.93 -19.11 55.14
CA PRO A 225 -15.10 -17.92 54.29
C PRO A 225 -15.55 -18.28 52.88
N LEU A 226 -15.95 -17.24 52.16
CA LEU A 226 -16.48 -17.41 50.80
C LEU A 226 -15.34 -17.49 49.78
N ASP A 227 -15.65 -18.07 48.62
CA ASP A 227 -14.73 -18.02 47.49
C ASP A 227 -14.77 -16.62 46.87
N TYR A 228 -13.85 -16.36 45.94
CA TYR A 228 -13.84 -15.08 45.24
C TYR A 228 -13.62 -15.20 43.74
N ASN A 229 -13.80 -16.39 43.17
CA ASN A 229 -13.70 -16.56 41.72
C ASN A 229 -14.98 -17.09 41.11
N TYR A 230 -16.08 -17.12 41.85
CA TYR A 230 -17.32 -17.64 41.34
C TYR A 230 -18.22 -16.51 40.88
N SER A 231 -19.02 -16.80 39.85
CA SER A 231 -19.86 -15.79 39.23
C SER A 231 -21.16 -15.56 40.00
N ALA A 232 -21.61 -16.55 40.75
CA ALA A 232 -22.79 -16.40 41.60
C ALA A 232 -22.67 -17.40 42.75
N PHE A 233 -23.27 -17.04 43.88
CA PHE A 233 -23.27 -17.89 45.06
C PHE A 233 -24.70 -18.17 45.48
N PHE A 234 -24.94 -19.35 46.00
CA PHE A 234 -26.24 -19.70 46.58
C PHE A 234 -26.07 -19.99 48.05
N LEU A 235 -26.88 -19.35 48.87
CA LEU A 235 -26.89 -19.58 50.31
C LEU A 235 -28.23 -20.18 50.68
N VAL A 236 -28.22 -21.42 51.16
CA VAL A 236 -29.43 -22.15 51.47
C VAL A 236 -29.57 -22.24 52.98
N ASP A 237 -30.67 -21.72 53.50
CA ASP A 237 -30.92 -21.58 54.93
C ASP A 237 -31.55 -22.89 55.43
N ASP A 238 -30.75 -23.67 56.16
CA ASP A 238 -31.27 -24.91 56.75
C ASP A 238 -31.70 -24.68 58.20
N GLY A 239 -30.97 -23.86 58.93
CA GLY A 239 -31.33 -23.55 60.31
C GLY A 239 -30.57 -24.32 61.36
N THR A 240 -29.43 -24.92 61.03
CA THR A 240 -28.67 -25.71 61.98
C THR A 240 -27.41 -25.01 62.49
N TYR A 241 -26.70 -24.31 61.60
CA TYR A 241 -25.44 -23.60 61.86
C TYR A 241 -24.32 -24.53 62.35
N GLY A 242 -24.44 -25.84 62.16
CA GLY A 242 -23.52 -26.73 62.83
C GLY A 242 -22.69 -27.68 61.99
N ARG A 243 -23.20 -28.10 60.84
CA ARG A 243 -22.53 -29.19 60.13
C ARG A 243 -22.83 -29.12 58.64
N LEU A 244 -21.80 -29.34 57.83
CA LEU A 244 -21.96 -29.48 56.39
C LEU A 244 -22.72 -30.77 56.07
N GLY A 245 -23.54 -30.74 55.03
CA GLY A 245 -24.21 -31.95 54.59
C GLY A 245 -25.66 -31.76 54.21
N GLY A 246 -26.34 -30.82 54.85
CA GLY A 246 -27.73 -30.53 54.54
C GLY A 246 -27.87 -29.51 53.43
N GLU A 247 -27.20 -29.77 52.32
CA GLU A 247 -27.18 -28.87 51.18
C GLU A 247 -27.45 -29.62 49.89
N ASN A 248 -27.10 -30.91 49.87
CA ASN A 248 -27.12 -31.67 48.62
C ASN A 248 -28.52 -32.02 48.15
N ARG A 249 -29.52 -31.85 49.02
CA ARG A 249 -30.90 -32.04 48.60
C ARG A 249 -31.28 -30.99 47.56
N PHE A 250 -30.99 -29.72 47.85
CA PHE A 250 -31.25 -28.66 46.88
C PHE A 250 -30.33 -28.76 45.67
N ARG A 251 -29.10 -29.24 45.87
CA ARG A 251 -28.15 -29.37 44.78
C ARG A 251 -28.63 -30.40 43.76
N LEU A 252 -29.01 -31.58 44.23
CA LEU A 252 -29.39 -32.66 43.32
C LEU A 252 -30.76 -32.40 42.71
N ARG A 253 -31.63 -31.67 43.41
CA ARG A 253 -32.92 -31.32 42.82
C ARG A 253 -32.75 -30.26 41.72
N PHE A 254 -31.86 -29.30 41.94
CA PHE A 254 -31.58 -28.29 40.93
C PHE A 254 -30.88 -28.88 39.72
N GLU A 255 -30.08 -29.93 39.92
CA GLU A 255 -29.46 -30.61 38.79
C GLU A 255 -30.48 -31.34 37.93
N SER A 256 -31.38 -32.10 38.55
CA SER A 256 -32.36 -32.84 37.75
C SER A 256 -33.40 -31.92 37.13
N TYR A 257 -33.62 -30.75 37.71
CA TYR A 257 -34.54 -29.81 37.07
C TYR A 257 -33.89 -29.11 35.88
N VAL A 258 -32.59 -28.83 35.94
CA VAL A 258 -31.90 -28.30 34.78
C VAL A 258 -31.81 -29.37 33.69
N ALA A 259 -31.54 -30.61 34.07
CA ALA A 259 -31.52 -31.72 33.10
C ALA A 259 -32.89 -32.02 32.53
N GLN A 260 -33.97 -31.65 33.22
CA GLN A 260 -35.30 -31.88 32.70
C GLN A 260 -35.62 -30.93 31.55
N GLN A 261 -35.09 -29.72 31.57
CA GLN A 261 -35.36 -28.75 30.51
C GLN A 261 -34.37 -28.92 29.35
N LYS A 262 -34.54 -28.09 28.33
CA LYS A 262 -33.91 -28.31 27.04
C LYS A 262 -33.36 -27.01 26.47
N THR A 263 -32.48 -27.15 25.47
CA THR A 263 -31.67 -26.07 24.92
C THR A 263 -32.28 -25.55 23.61
N GLY A 264 -32.34 -24.23 23.48
CA GLY A 264 -32.81 -23.63 22.27
C GLY A 264 -33.16 -22.17 22.48
N VAL A 265 -33.78 -21.59 21.46
CA VAL A 265 -34.25 -20.21 21.56
C VAL A 265 -35.75 -20.17 21.80
N GLY A 266 -36.51 -20.90 20.99
CA GLY A 266 -37.90 -21.15 21.26
C GLY A 266 -38.06 -22.48 21.97
N GLY A 267 -36.96 -23.01 22.44
CA GLY A 267 -36.88 -24.35 22.98
C GLY A 267 -36.45 -25.29 21.88
N THR A 268 -37.02 -26.50 21.93
CA THR A 268 -36.99 -27.49 20.86
C THR A 268 -35.54 -27.87 20.51
N GLY A 269 -34.91 -28.54 21.45
CA GLY A 269 -33.58 -29.05 21.25
C GLY A 269 -33.36 -30.28 22.09
N ILE A 270 -32.09 -30.63 22.26
CA ILE A 270 -31.71 -31.68 23.19
C ILE A 270 -32.01 -31.24 24.62
N ASP A 271 -32.26 -32.21 25.47
CA ASP A 271 -32.24 -31.95 26.90
C ASP A 271 -30.79 -31.78 27.35
N ILE A 272 -30.59 -30.89 28.31
CA ILE A 272 -29.26 -30.44 28.70
C ILE A 272 -28.50 -31.57 29.38
N PRO A 273 -27.34 -31.95 28.86
CA PRO A 273 -26.57 -33.05 29.48
C PRO A 273 -25.86 -32.59 30.75
N VAL A 274 -26.05 -33.35 31.82
CA VAL A 274 -25.49 -33.04 33.13
C VAL A 274 -24.56 -34.19 33.52
N LEU A 275 -23.32 -33.86 33.83
CA LEU A 275 -22.29 -34.85 34.14
C LEU A 275 -21.69 -34.57 35.51
N LEU A 276 -21.30 -35.63 36.21
CA LEU A 276 -20.66 -35.50 37.53
C LEU A 276 -19.19 -35.90 37.44
N LEU A 277 -18.34 -35.06 38.03
CA LEU A 277 -16.91 -35.29 38.11
C LEU A 277 -16.55 -35.58 39.56
N LEU A 278 -15.94 -36.74 39.81
CA LEU A 278 -15.54 -37.14 41.14
C LEU A 278 -14.01 -37.13 41.25
N ILE A 279 -13.51 -36.51 42.32
CA ILE A 279 -12.09 -36.46 42.65
C ILE A 279 -12.07 -37.13 44.02
N ASP A 280 -10.92 -37.05 44.73
CA ASP A 280 -10.52 -37.90 45.86
C ASP A 280 -11.60 -38.20 46.89
N GLY A 281 -12.10 -37.17 47.58
CA GLY A 281 -13.28 -37.31 48.41
C GLY A 281 -13.13 -38.23 49.62
N ASP A 282 -14.27 -38.51 50.24
CA ASP A 282 -14.29 -39.25 51.50
C ASP A 282 -15.36 -40.34 51.51
N GLU A 283 -15.64 -40.86 52.71
CA GLU A 283 -16.70 -41.84 52.91
C GLU A 283 -18.09 -41.25 52.67
N LYS A 284 -18.24 -39.94 52.81
CA LYS A 284 -19.54 -39.29 52.72
C LYS A 284 -20.06 -39.20 51.30
N MET A 285 -19.22 -39.37 50.30
CA MET A 285 -19.64 -39.12 48.92
C MET A 285 -20.37 -40.28 48.28
N LEU A 286 -20.33 -41.48 48.88
CA LEU A 286 -20.97 -42.64 48.29
C LEU A 286 -22.49 -42.56 48.40
N LYS A 287 -22.99 -41.89 49.44
CA LYS A 287 -24.40 -41.53 49.50
C LYS A 287 -24.78 -40.62 48.34
N ARG A 288 -23.88 -39.70 47.97
CA ARG A 288 -24.18 -38.76 46.91
C ARG A 288 -24.10 -39.40 45.53
N ILE A 289 -23.20 -40.37 45.35
CA ILE A 289 -23.09 -41.09 44.09
C ILE A 289 -24.34 -41.94 43.86
N GLU A 290 -24.79 -42.65 44.89
CA GLU A 290 -25.92 -43.55 44.72
C GLU A 290 -27.23 -42.78 44.61
N ASP A 291 -27.34 -41.65 45.31
CA ASP A 291 -28.53 -40.81 45.12
C ASP A 291 -28.47 -40.08 43.78
N ALA A 292 -27.28 -39.88 43.23
CA ALA A 292 -27.20 -39.29 41.89
C ALA A 292 -27.61 -40.30 40.83
N THR A 293 -26.99 -41.48 40.84
CA THR A 293 -27.25 -42.48 39.81
C THR A 293 -28.64 -43.09 39.91
N GLN A 294 -29.31 -42.95 41.06
CA GLN A 294 -30.73 -43.23 41.12
C GLN A 294 -31.52 -42.25 40.29
N ALA A 295 -31.07 -41.00 40.22
CA ALA A 295 -31.84 -39.92 39.59
C ALA A 295 -31.58 -39.81 38.10
N GLN A 296 -30.91 -40.80 37.51
CA GLN A 296 -30.59 -40.89 36.07
C GLN A 296 -29.74 -39.69 35.64
N LEU A 297 -28.56 -39.63 36.24
CA LEU A 297 -27.52 -38.68 35.87
C LEU A 297 -26.23 -39.48 35.71
N PRO A 298 -25.55 -39.36 34.57
CA PRO A 298 -24.31 -40.12 34.37
C PRO A 298 -23.17 -39.57 35.20
N CYS A 299 -22.07 -40.30 35.19
CA CYS A 299 -20.93 -39.94 36.02
C CYS A 299 -19.65 -40.24 35.26
N LEU A 300 -18.56 -39.69 35.79
CA LEU A 300 -17.23 -39.91 35.26
C LEU A 300 -16.28 -39.97 36.43
N LEU A 301 -15.22 -40.76 36.29
CA LEU A 301 -14.27 -40.98 37.37
C LEU A 301 -12.87 -40.68 36.90
N VAL A 302 -12.18 -39.80 37.60
CA VAL A 302 -10.78 -39.56 37.40
C VAL A 302 -10.02 -40.69 38.07
N ALA A 303 -8.73 -40.82 37.78
CA ALA A 303 -7.87 -41.75 38.51
C ALA A 303 -7.77 -41.32 39.97
N GLY A 304 -7.19 -40.14 40.22
CA GLY A 304 -7.19 -39.49 41.51
C GLY A 304 -6.57 -40.28 42.64
N SER A 305 -7.33 -40.50 43.71
CA SER A 305 -6.87 -41.28 44.84
C SER A 305 -8.03 -42.17 45.28
N GLY A 306 -7.92 -42.70 46.50
CA GLY A 306 -8.61 -43.93 46.88
C GLY A 306 -10.11 -43.82 47.03
N GLY A 307 -10.65 -42.64 47.28
CA GLY A 307 -12.09 -42.52 47.43
C GLY A 307 -12.84 -42.75 46.14
N ALA A 308 -12.31 -42.24 45.02
CA ALA A 308 -12.85 -42.53 43.71
C ALA A 308 -12.23 -43.76 43.08
N ALA A 309 -11.01 -44.13 43.48
CA ALA A 309 -10.41 -45.38 43.04
C ALA A 309 -11.12 -46.58 43.63
N ASP A 310 -11.88 -46.40 44.72
CA ASP A 310 -12.77 -47.43 45.21
C ASP A 310 -13.78 -47.85 44.15
N CYS A 311 -14.43 -46.86 43.53
CA CYS A 311 -15.32 -47.17 42.43
C CYS A 311 -14.58 -47.59 41.18
N LEU A 312 -13.32 -47.15 41.00
CA LEU A 312 -12.53 -47.59 39.85
C LEU A 312 -12.22 -49.08 39.92
N VAL A 313 -11.73 -49.55 41.08
CA VAL A 313 -11.41 -50.96 41.27
C VAL A 313 -12.67 -51.82 41.19
N GLU A 314 -13.79 -51.31 41.71
CA GLU A 314 -15.05 -52.05 41.61
C GLU A 314 -15.62 -52.08 40.21
N THR A 315 -15.20 -51.17 39.32
CA THR A 315 -15.57 -51.28 37.91
C THR A 315 -14.60 -52.14 37.10
N LEU A 316 -13.33 -52.17 37.48
CA LEU A 316 -12.35 -52.98 36.75
C LEU A 316 -12.62 -54.48 36.90
N GLU A 317 -13.24 -54.88 38.00
CA GLU A 317 -13.55 -56.29 38.23
C GLU A 317 -15.03 -56.58 38.04
N GLU A 331 -13.87 -62.46 50.99
CA GLU A 331 -14.00 -61.55 49.86
C GLU A 331 -12.99 -60.42 49.91
N ALA A 332 -12.39 -60.12 48.75
CA ALA A 332 -11.50 -58.97 48.62
C ALA A 332 -12.25 -57.65 48.62
N ARG A 333 -13.58 -57.70 48.53
CA ARG A 333 -14.40 -56.51 48.69
C ARG A 333 -14.24 -55.93 50.09
N ASP A 334 -14.35 -56.79 51.12
CA ASP A 334 -14.20 -56.35 52.51
C ASP A 334 -12.79 -55.83 52.78
N ARG A 335 -11.80 -56.35 52.06
CA ARG A 335 -10.46 -55.77 52.05
C ARG A 335 -10.50 -54.35 51.53
N ILE A 336 -11.09 -54.15 50.34
CA ILE A 336 -11.18 -52.84 49.69
C ILE A 336 -11.93 -51.84 50.54
N ARG A 337 -13.03 -52.27 51.16
CA ARG A 337 -13.78 -51.43 52.09
C ARG A 337 -13.09 -51.26 53.43
N ARG A 338 -11.94 -51.90 53.66
CA ARG A 338 -11.16 -51.69 54.87
C ARG A 338 -9.70 -51.32 54.61
N TYR A 339 -9.35 -50.82 53.41
CA TYR A 339 -8.14 -50.00 53.30
C TYR A 339 -8.34 -48.69 52.55
N PHE A 340 -9.41 -48.52 51.77
CA PHE A 340 -9.66 -47.16 51.32
C PHE A 340 -10.35 -46.35 52.42
N PRO A 341 -11.55 -46.75 52.98
CA PRO A 341 -12.20 -45.83 53.92
C PRO A 341 -11.59 -45.85 55.32
N LYS A 342 -11.24 -47.07 55.77
CA LYS A 342 -10.85 -47.40 57.14
C LYS A 342 -11.95 -46.96 58.12
N GLY A 343 -13.08 -47.62 58.00
CA GLY A 343 -14.24 -47.40 58.85
C GLY A 343 -15.54 -47.76 58.16
N ASP A 344 -16.44 -48.43 58.93
CA ASP A 344 -17.75 -48.94 58.52
C ASP A 344 -17.69 -49.80 57.26
N PRO A 345 -17.18 -51.04 57.34
CA PRO A 345 -17.02 -51.86 56.13
C PRO A 345 -18.30 -52.29 55.42
N GLU A 346 -19.23 -52.93 56.13
CA GLU A 346 -20.28 -53.69 55.48
C GLU A 346 -21.42 -52.82 54.95
N VAL A 347 -21.70 -51.69 55.60
CA VAL A 347 -22.67 -50.74 55.06
C VAL A 347 -22.15 -50.14 53.76
N LEU A 348 -20.86 -49.80 53.73
CA LEU A 348 -20.25 -49.32 52.50
C LEU A 348 -20.17 -50.40 51.44
N GLN A 349 -20.12 -51.67 51.83
CA GLN A 349 -20.14 -52.74 50.85
C GLN A 349 -21.49 -52.85 50.16
N ALA A 350 -22.58 -52.67 50.93
CA ALA A 350 -23.92 -52.66 50.32
C ALA A 350 -24.10 -51.46 49.41
N GLN A 351 -23.56 -50.30 49.78
CA GLN A 351 -23.74 -49.10 48.96
C GLN A 351 -22.94 -49.18 47.67
N VAL A 352 -21.71 -49.70 47.74
CA VAL A 352 -20.91 -49.77 46.52
C VAL A 352 -21.43 -50.87 45.59
N GLU A 353 -22.05 -51.92 46.14
CA GLU A 353 -22.72 -52.88 45.25
C GLU A 353 -24.01 -52.31 44.66
N ARG A 354 -24.65 -51.36 45.36
CA ARG A 354 -25.72 -50.60 44.74
C ARG A 354 -25.21 -49.78 43.55
N ILE A 355 -24.00 -49.22 43.67
CA ILE A 355 -23.36 -48.56 42.53
C ILE A 355 -23.12 -49.56 41.40
N MET A 356 -22.73 -50.78 41.72
CA MET A 356 -22.50 -51.77 40.67
C MET A 356 -23.78 -52.35 40.08
N THR A 357 -24.95 -52.00 40.61
CA THR A 357 -26.17 -52.29 39.86
C THR A 357 -26.27 -51.42 38.62
N ARG A 358 -25.71 -50.20 38.66
CA ARG A 358 -25.92 -49.21 37.62
C ARG A 358 -24.62 -48.82 36.94
N LYS A 359 -23.82 -49.82 36.55
CA LYS A 359 -22.53 -49.58 35.90
C LYS A 359 -22.67 -49.06 34.47
N GLU A 360 -23.88 -48.98 33.93
CA GLU A 360 -24.11 -48.31 32.65
C GLU A 360 -23.69 -46.85 32.72
N LEU A 361 -24.01 -46.18 33.82
CA LEU A 361 -23.77 -44.74 33.95
C LEU A 361 -22.43 -44.44 34.62
N LEU A 362 -21.35 -45.06 34.16
CA LEU A 362 -20.05 -44.92 34.80
C LEU A 362 -18.94 -45.07 33.79
N THR A 363 -18.03 -44.10 33.75
CA THR A 363 -16.86 -44.12 32.88
C THR A 363 -15.60 -43.91 33.71
N VAL A 364 -14.46 -44.11 33.06
CA VAL A 364 -13.14 -44.08 33.70
C VAL A 364 -12.24 -43.13 32.92
N TYR A 365 -11.58 -42.22 33.63
CA TYR A 365 -10.63 -41.29 33.03
C TYR A 365 -9.25 -41.54 33.64
N SER A 366 -8.55 -42.56 33.15
CA SER A 366 -7.19 -42.86 33.60
C SER A 366 -6.18 -42.92 32.46
N SER A 367 -6.47 -43.66 31.39
CA SER A 367 -5.50 -43.90 30.33
C SER A 367 -5.62 -42.84 29.23
N GLU A 368 -5.58 -41.58 29.67
CA GLU A 368 -5.91 -40.47 28.80
C GLU A 368 -4.73 -39.51 28.71
N ASP A 369 -4.86 -38.53 27.81
CA ASP A 369 -3.78 -37.59 27.57
C ASP A 369 -3.64 -36.61 28.73
N GLY A 370 -4.75 -36.25 29.36
CA GLY A 370 -4.70 -35.33 30.48
C GLY A 370 -4.89 -33.89 30.04
N SER A 371 -5.93 -33.25 30.57
CA SER A 371 -6.30 -31.85 30.31
C SER A 371 -6.53 -31.56 28.83
N GLU A 372 -6.95 -32.58 28.07
CA GLU A 372 -7.03 -32.51 26.62
C GLU A 372 -7.96 -33.63 26.17
N GLU A 373 -8.66 -33.39 25.05
CA GLU A 373 -9.61 -34.32 24.43
C GLU A 373 -10.76 -34.66 25.38
N PHE A 374 -11.06 -33.71 26.27
CA PHE A 374 -12.04 -33.96 27.32
C PHE A 374 -13.45 -33.98 26.77
N GLU A 375 -13.69 -33.26 25.67
CA GLU A 375 -15.04 -33.10 25.15
C GLU A 375 -15.55 -34.40 24.52
N THR A 376 -14.67 -35.13 23.84
CA THR A 376 -15.07 -36.42 23.28
C THR A 376 -15.30 -37.45 24.36
N ILE A 377 -14.62 -37.32 25.49
CA ILE A 377 -14.85 -38.22 26.62
C ILE A 377 -16.19 -37.90 27.27
N VAL A 378 -16.61 -36.63 27.26
CA VAL A 378 -17.95 -36.28 27.71
C VAL A 378 -19.00 -36.93 26.81
N LEU A 379 -18.78 -36.91 25.50
CA LEU A 379 -19.68 -37.61 24.59
C LEU A 379 -19.59 -39.11 24.77
N ARG A 380 -18.42 -39.61 25.16
CA ARG A 380 -18.28 -41.04 25.46
C ARG A 380 -19.11 -41.42 26.68
N ALA A 381 -19.21 -40.51 27.65
CA ALA A 381 -20.03 -40.77 28.83
C ALA A 381 -21.51 -40.73 28.50
N LEU A 382 -21.91 -39.82 27.61
CA LEU A 382 -23.32 -39.76 27.22
C LEU A 382 -23.70 -40.89 26.28
N VAL A 383 -22.73 -41.44 25.55
CA VAL A 383 -22.99 -42.60 24.72
C VAL A 383 -23.08 -43.87 25.56
N LYS A 384 -22.23 -44.01 26.58
CA LYS A 384 -22.34 -45.16 27.46
C LYS A 384 -23.60 -45.10 28.32
N ALA A 385 -24.00 -43.89 28.71
CA ALA A 385 -25.26 -43.73 29.43
C ALA A 385 -26.46 -43.59 28.50
N CYS A 386 -26.28 -43.74 27.19
CA CYS A 386 -27.42 -43.77 26.28
C CYS A 386 -28.08 -45.14 26.37
N ASP A 396 -28.29 -39.16 18.71
CA ASP A 396 -28.64 -37.78 19.02
C ASP A 396 -27.39 -36.92 19.18
N GLU A 397 -26.22 -37.53 18.96
CA GLU A 397 -24.94 -36.85 19.21
C GLU A 397 -24.68 -35.73 18.23
N LEU A 398 -25.30 -35.76 17.06
CA LEU A 398 -25.11 -34.70 16.09
C LEU A 398 -25.80 -33.43 16.54
N ARG A 399 -26.91 -33.58 17.27
CA ARG A 399 -27.63 -32.44 17.83
C ARG A 399 -26.84 -31.79 18.96
N LEU A 400 -26.09 -32.58 19.73
CA LEU A 400 -25.21 -32.02 20.74
C LEU A 400 -24.06 -31.25 20.13
N ALA A 401 -23.58 -31.71 18.97
CA ALA A 401 -22.52 -30.98 18.29
C ALA A 401 -23.02 -29.64 17.75
N VAL A 402 -24.29 -29.57 17.38
CA VAL A 402 -24.84 -28.29 16.92
C VAL A 402 -25.07 -27.36 18.10
N ALA A 403 -25.56 -27.90 19.22
CA ALA A 403 -25.88 -27.06 20.37
C ALA A 403 -24.63 -26.48 21.03
N TRP A 404 -23.51 -27.20 20.94
CA TRP A 404 -22.24 -26.70 21.47
C TRP A 404 -21.55 -25.73 20.52
N ASN A 405 -22.05 -25.61 19.28
CA ASN A 405 -21.47 -24.79 18.21
C ASN A 405 -20.00 -25.16 17.98
N ARG A 406 -19.74 -26.47 17.94
CA ARG A 406 -18.40 -26.98 17.67
C ARG A 406 -18.46 -27.82 16.41
N VAL A 407 -17.80 -27.34 15.37
CA VAL A 407 -17.90 -27.96 14.05
C VAL A 407 -17.14 -29.28 13.98
N ASP A 408 -16.03 -29.39 14.71
CA ASP A 408 -15.12 -30.52 14.57
C ASP A 408 -15.73 -31.83 15.02
N ILE A 409 -16.63 -31.79 16.00
CA ILE A 409 -17.28 -33.01 16.46
C ILE A 409 -18.21 -33.55 15.38
N ALA A 410 -19.09 -32.70 14.85
CA ALA A 410 -20.05 -33.14 13.83
C ALA A 410 -19.35 -33.52 12.55
N GLN A 411 -18.27 -32.82 12.23
CA GLN A 411 -17.46 -33.13 11.06
C GLN A 411 -16.85 -34.52 11.19
N SER A 412 -16.20 -34.79 12.32
CA SER A 412 -15.57 -36.09 12.55
C SER A 412 -16.60 -37.21 12.66
N GLU A 413 -17.77 -36.94 13.25
CA GLU A 413 -18.80 -37.96 13.36
C GLU A 413 -19.47 -38.25 12.02
N LEU A 414 -19.39 -37.34 11.06
CA LEU A 414 -19.80 -37.67 9.70
C LEU A 414 -18.72 -38.38 8.92
N PHE A 415 -17.45 -38.30 9.35
CA PHE A 415 -16.44 -39.11 8.69
C PHE A 415 -16.38 -40.54 9.22
N ARG A 416 -17.14 -40.88 10.25
CA ARG A 416 -17.11 -42.24 10.77
C ARG A 416 -18.03 -43.12 9.92
N GLY A 417 -17.42 -44.06 9.19
CA GLY A 417 -18.16 -44.86 8.22
C GLY A 417 -18.84 -46.09 8.78
N ASP A 418 -19.18 -46.11 10.07
CA ASP A 418 -19.80 -47.29 10.64
C ASP A 418 -21.31 -47.16 10.76
N ILE A 419 -21.82 -45.95 10.99
CA ILE A 419 -23.15 -45.75 11.54
C ILE A 419 -24.24 -45.95 10.51
N GLN A 420 -23.97 -45.57 9.25
CA GLN A 420 -24.97 -45.41 8.19
C GLN A 420 -26.05 -44.39 8.63
N TRP A 421 -25.60 -43.13 8.67
CA TRP A 421 -26.45 -42.01 9.10
C TRP A 421 -27.74 -41.94 8.29
N ARG A 422 -28.86 -41.89 8.99
CA ARG A 422 -30.16 -41.85 8.36
C ARG A 422 -30.61 -40.40 8.21
N SER A 423 -31.58 -40.16 7.34
CA SER A 423 -31.87 -38.81 6.88
C SER A 423 -32.62 -38.00 7.93
N PHE A 424 -33.47 -38.65 8.72
CA PHE A 424 -34.28 -37.93 9.70
C PHE A 424 -33.44 -37.37 10.85
N HIS A 425 -32.30 -38.01 11.17
CA HIS A 425 -31.38 -37.40 12.12
C HIS A 425 -30.73 -36.16 11.52
N LEU A 426 -30.44 -36.20 10.22
CA LEU A 426 -29.87 -35.04 9.55
C LEU A 426 -30.87 -33.89 9.46
N GLU A 427 -32.15 -34.22 9.31
CA GLU A 427 -33.15 -33.15 9.23
C GLU A 427 -33.41 -32.55 10.60
N ALA A 428 -33.31 -33.37 11.65
CA ALA A 428 -33.46 -32.85 13.00
C ALA A 428 -32.31 -31.91 13.36
N SER A 429 -31.07 -32.33 13.08
CA SER A 429 -29.93 -31.47 13.35
C SER A 429 -29.89 -30.26 12.43
N LEU A 430 -30.53 -30.34 11.26
CA LEU A 430 -30.62 -29.18 10.39
C LEU A 430 -31.53 -28.12 10.98
N MET A 431 -32.64 -28.52 11.59
CA MET A 431 -33.49 -27.55 12.28
C MET A 431 -32.79 -26.96 13.50
N ASP A 432 -31.90 -27.73 14.13
CA ASP A 432 -31.06 -27.15 15.18
C ASP A 432 -30.07 -26.16 14.61
N ALA A 433 -29.65 -26.33 13.36
CA ALA A 433 -28.69 -25.41 12.78
C ALA A 433 -29.36 -24.21 12.13
N LEU A 434 -30.64 -24.32 11.76
CA LEU A 434 -31.32 -23.22 11.10
C LEU A 434 -32.03 -22.31 12.09
N LEU A 435 -32.59 -22.86 13.18
CA LEU A 435 -33.23 -22.01 14.18
C LEU A 435 -32.20 -21.15 14.90
N ASN A 436 -31.13 -21.77 15.37
CA ASN A 436 -30.00 -21.01 15.89
C ASN A 436 -29.19 -20.46 14.73
N ASP A 437 -28.27 -19.55 15.03
CA ASP A 437 -27.45 -18.94 13.99
C ASP A 437 -26.12 -19.67 13.89
N ARG A 438 -26.16 -20.81 13.21
CA ARG A 438 -24.96 -21.58 12.91
C ARG A 438 -24.96 -21.85 11.41
N PRO A 439 -24.32 -21.00 10.63
CA PRO A 439 -24.36 -21.19 9.17
C PRO A 439 -23.43 -22.30 8.70
N GLU A 440 -22.38 -22.55 9.48
CA GLU A 440 -21.36 -23.48 9.06
C GLU A 440 -21.86 -24.92 9.15
N PHE A 441 -22.80 -25.19 10.05
CA PHE A 441 -23.41 -26.51 10.07
C PHE A 441 -24.42 -26.67 8.95
N VAL A 442 -25.02 -25.57 8.48
CA VAL A 442 -25.95 -25.68 7.37
C VAL A 442 -25.21 -26.04 6.08
N ARG A 443 -24.05 -25.42 5.88
CA ARG A 443 -23.20 -25.74 4.74
C ARG A 443 -22.68 -27.17 4.83
N LEU A 444 -22.33 -27.62 6.04
CA LEU A 444 -21.79 -28.96 6.19
C LEU A 444 -22.85 -30.03 5.98
N LEU A 445 -24.02 -29.86 6.59
CA LEU A 445 -25.05 -30.88 6.50
C LEU A 445 -25.69 -30.97 5.13
N ILE A 446 -25.80 -29.85 4.41
CA ILE A 446 -26.32 -29.94 3.04
C ILE A 446 -25.29 -30.57 2.11
N SER A 447 -24.01 -30.30 2.33
CA SER A 447 -22.96 -30.92 1.52
C SER A 447 -22.83 -32.42 1.76
N HIS A 448 -23.40 -32.95 2.83
CA HIS A 448 -23.46 -34.39 3.01
C HIS A 448 -24.48 -35.03 2.09
N GLY A 449 -25.53 -34.30 1.73
CA GLY A 449 -26.58 -34.88 0.92
C GLY A 449 -27.88 -35.00 1.69
N LEU A 450 -28.85 -34.16 1.36
CA LEU A 450 -30.09 -34.08 2.11
C LEU A 450 -31.17 -33.44 1.25
N SER A 451 -32.35 -34.05 1.23
CA SER A 451 -33.48 -33.54 0.46
C SER A 451 -34.07 -32.32 1.13
N LEU A 452 -34.72 -31.46 0.34
CA LEU A 452 -35.33 -30.26 0.87
C LEU A 452 -36.83 -30.18 0.65
N GLY A 453 -37.36 -30.76 -0.42
CA GLY A 453 -38.80 -30.82 -0.57
C GLY A 453 -39.44 -31.74 0.45
N HIS A 454 -38.76 -32.83 0.78
CA HIS A 454 -39.17 -33.70 1.88
C HIS A 454 -38.86 -33.07 3.24
N PHE A 455 -38.02 -32.03 3.27
CA PHE A 455 -37.69 -31.34 4.51
C PHE A 455 -38.76 -30.33 4.89
N LEU A 456 -38.98 -29.32 4.05
CA LEU A 456 -39.84 -28.19 4.42
C LEU A 456 -41.30 -28.60 4.40
N THR A 457 -41.74 -29.14 5.52
CA THR A 457 -43.15 -29.18 5.83
C THR A 457 -43.64 -27.76 6.06
N PRO A 458 -44.94 -27.51 5.89
CA PRO A 458 -45.49 -26.25 6.39
C PRO A 458 -45.44 -26.11 7.91
N VAL A 459 -45.28 -27.22 8.63
CA VAL A 459 -45.10 -27.16 10.07
C VAL A 459 -43.72 -26.60 10.40
N ARG A 460 -42.66 -27.19 9.83
CA ARG A 460 -41.32 -26.68 10.08
C ARG A 460 -41.12 -25.29 9.50
N LEU A 461 -41.78 -24.99 8.37
CA LEU A 461 -41.76 -23.64 7.83
C LEU A 461 -42.48 -22.67 8.75
N ALA A 462 -43.49 -23.13 9.47
CA ALA A 462 -44.11 -22.29 10.49
C ALA A 462 -43.18 -22.09 11.67
N GLN A 463 -42.37 -23.09 12.00
CA GLN A 463 -41.47 -22.99 13.14
C GLN A 463 -40.33 -22.02 12.89
N LEU A 464 -39.91 -21.88 11.62
CA LEU A 464 -38.76 -21.04 11.32
C LEU A 464 -39.07 -19.56 11.50
N TYR A 465 -40.34 -19.19 11.46
CA TYR A 465 -40.73 -17.83 11.76
C TYR A 465 -41.08 -17.61 13.22
N SER A 466 -40.78 -18.57 14.09
CA SER A 466 -41.01 -18.41 15.51
C SER A 466 -39.73 -18.21 16.29
N ALA A 467 -38.58 -18.17 15.61
CA ALA A 467 -37.31 -17.83 16.23
C ALA A 467 -37.01 -16.35 16.00
N VAL A 468 -37.94 -15.51 16.45
CA VAL A 468 -37.90 -14.08 16.22
C VAL A 468 -37.74 -13.41 17.57
N SER A 469 -36.79 -12.47 17.65
CA SER A 469 -36.66 -11.63 18.83
C SER A 469 -37.92 -10.78 18.99
N PRO A 470 -38.55 -10.77 20.16
CA PRO A 470 -39.92 -10.23 20.28
C PRO A 470 -40.01 -8.72 20.25
N ASN A 471 -38.93 -8.00 19.96
CA ASN A 471 -38.95 -6.55 19.85
C ASN A 471 -38.31 -6.07 18.55
N SER A 472 -38.45 -6.86 17.49
CA SER A 472 -37.87 -6.54 16.19
C SER A 472 -38.94 -6.00 15.25
N LEU A 473 -38.54 -5.70 14.02
CA LEU A 473 -39.46 -5.17 13.02
C LEU A 473 -40.31 -6.25 12.38
N ILE A 474 -39.71 -7.41 12.10
CA ILE A 474 -40.45 -8.51 11.47
C ILE A 474 -41.52 -9.06 12.40
N ARG A 475 -41.31 -8.98 13.72
CA ARG A 475 -42.33 -9.42 14.66
C ARG A 475 -43.56 -8.51 14.60
N ASN A 476 -43.34 -7.20 14.47
CA ASN A 476 -44.45 -6.27 14.30
C ASN A 476 -45.15 -6.48 12.97
N LEU A 477 -44.41 -6.79 11.91
CA LEU A 477 -45.01 -6.97 10.60
C LEU A 477 -45.84 -8.23 10.54
N LEU A 478 -45.38 -9.32 11.14
CA LEU A 478 -46.15 -10.55 11.13
C LEU A 478 -47.37 -10.46 12.03
N ASP A 479 -47.31 -9.64 13.09
CA ASP A 479 -48.51 -9.42 13.89
C ASP A 479 -49.54 -8.58 13.15
N GLN A 480 -49.08 -7.52 12.45
CA GLN A 480 -50.00 -6.71 11.66
C GLN A 480 -50.52 -7.44 10.44
N ALA A 481 -49.72 -8.34 9.86
CA ALA A 481 -50.22 -9.12 8.74
C ALA A 481 -51.26 -10.14 9.19
N SER A 482 -51.06 -10.74 10.37
CA SER A 482 -52.10 -11.61 10.90
C SER A 482 -53.31 -10.84 11.38
N HIS A 483 -53.19 -9.52 11.58
CA HIS A 483 -54.30 -8.71 12.06
C HIS A 483 -55.40 -8.58 11.01
N ALA A 484 -55.03 -8.48 9.74
CA ALA A 484 -56.00 -8.36 8.66
C ALA A 484 -56.31 -9.72 8.04
N PRO A 501 -46.95 -17.69 8.37
CA PRO A 501 -47.52 -18.34 7.19
C PRO A 501 -48.37 -17.38 6.38
N ASN A 502 -48.06 -16.10 6.51
CA ASN A 502 -48.70 -15.04 5.73
C ASN A 502 -47.68 -14.15 5.03
N VAL A 503 -46.64 -14.75 4.45
CA VAL A 503 -45.55 -13.97 3.88
C VAL A 503 -45.94 -13.26 2.59
N GLY A 504 -46.95 -13.74 1.87
CA GLY A 504 -47.40 -13.05 0.67
C GLY A 504 -48.09 -11.74 1.01
N GLN A 505 -48.72 -11.68 2.18
CA GLN A 505 -49.26 -10.42 2.67
C GLN A 505 -48.16 -9.48 3.14
N VAL A 506 -47.10 -10.02 3.75
CA VAL A 506 -46.00 -9.19 4.23
C VAL A 506 -45.25 -8.58 3.06
N LEU A 507 -44.95 -9.40 2.05
CA LEU A 507 -44.28 -8.89 0.86
C LEU A 507 -45.18 -7.95 0.07
N ARG A 508 -46.50 -8.11 0.17
CA ARG A 508 -47.38 -7.14 -0.46
C ARG A 508 -47.35 -5.81 0.28
N THR A 509 -47.19 -5.83 1.60
CA THR A 509 -47.02 -4.59 2.34
C THR A 509 -45.69 -3.91 2.05
N LEU A 510 -44.68 -4.64 1.58
CA LEU A 510 -43.44 -3.98 1.22
C LEU A 510 -43.33 -3.75 -0.28
N LEU A 511 -43.43 -4.80 -1.08
CA LEU A 511 -43.31 -4.65 -2.53
C LEU A 511 -44.62 -4.18 -3.13
N GLN A 556 -39.67 -28.74 -7.23
CA GLN A 556 -39.35 -28.57 -5.82
C GLN A 556 -37.92 -28.08 -5.61
N ALA A 557 -37.70 -26.80 -5.94
CA ALA A 557 -36.46 -26.09 -5.64
C ALA A 557 -36.79 -25.03 -4.59
N PRO A 558 -36.80 -25.38 -3.32
CA PRO A 558 -37.34 -24.48 -2.30
C PRO A 558 -36.33 -23.51 -1.74
N TRP A 559 -35.21 -23.31 -2.44
CA TRP A 559 -34.15 -22.43 -1.95
C TRP A 559 -34.61 -20.99 -1.84
N SER A 560 -35.54 -20.57 -2.68
CA SER A 560 -35.99 -19.18 -2.66
C SER A 560 -36.76 -18.84 -1.40
N ASP A 561 -37.49 -19.80 -0.83
CA ASP A 561 -38.21 -19.54 0.42
C ASP A 561 -37.23 -19.38 1.58
N LEU A 562 -36.14 -20.13 1.56
CA LEU A 562 -35.09 -19.94 2.55
C LEU A 562 -34.32 -18.65 2.34
N LEU A 563 -34.22 -18.17 1.10
CA LEU A 563 -33.58 -16.89 0.85
C LEU A 563 -34.39 -15.75 1.45
N ILE A 564 -35.70 -15.74 1.20
CA ILE A 564 -36.56 -14.70 1.77
C ILE A 564 -36.61 -14.81 3.29
N TRP A 565 -36.60 -16.04 3.81
CA TRP A 565 -36.57 -16.26 5.26
C TRP A 565 -35.32 -15.67 5.88
N ALA A 566 -34.16 -15.88 5.27
CA ALA A 566 -32.94 -15.35 5.84
C ALA A 566 -32.84 -13.85 5.70
N LEU A 567 -33.45 -13.27 4.67
CA LEU A 567 -33.38 -11.82 4.50
C LEU A 567 -34.28 -11.09 5.49
N LEU A 568 -35.40 -11.70 5.88
CA LEU A 568 -36.29 -11.01 6.80
C LEU A 568 -35.71 -10.99 8.21
N LEU A 569 -35.08 -12.07 8.64
CA LEU A 569 -34.57 -12.14 10.00
C LEU A 569 -33.16 -11.58 10.13
N ASN A 570 -32.61 -11.03 9.05
CA ASN A 570 -31.31 -10.34 9.01
C ASN A 570 -30.17 -11.26 9.43
N ARG A 571 -30.03 -12.36 8.69
CA ARG A 571 -28.83 -13.19 8.74
C ARG A 571 -28.01 -12.90 7.50
N ALA A 572 -26.70 -12.81 7.66
CA ALA A 572 -25.87 -12.50 6.50
C ALA A 572 -25.37 -13.78 5.83
N GLN A 573 -24.77 -14.68 6.61
CA GLN A 573 -24.18 -15.87 6.03
C GLN A 573 -25.23 -16.86 5.55
N MET A 574 -26.41 -16.87 6.18
CA MET A 574 -27.50 -17.70 5.70
C MET A 574 -27.96 -17.23 4.33
N ALA A 575 -28.13 -15.91 4.17
CA ALA A 575 -28.72 -15.40 2.94
C ALA A 575 -27.74 -15.46 1.78
N ILE A 576 -26.44 -15.29 2.05
CA ILE A 576 -25.46 -15.42 0.98
C ILE A 576 -25.38 -16.86 0.50
N TYR A 577 -25.37 -17.82 1.42
CA TYR A 577 -25.29 -19.22 1.03
C TYR A 577 -26.55 -19.68 0.29
N PHE A 578 -27.72 -19.22 0.73
CA PHE A 578 -28.96 -19.58 0.05
C PHE A 578 -29.07 -18.90 -1.30
N TRP A 579 -28.38 -17.77 -1.49
CA TRP A 579 -28.29 -17.21 -2.83
C TRP A 579 -27.43 -18.09 -3.73
N GLU A 580 -26.33 -18.60 -3.18
CA GLU A 580 -25.35 -19.32 -4.00
C GLU A 580 -25.81 -20.71 -4.39
N LYS A 581 -26.90 -21.21 -3.82
CA LYS A 581 -27.42 -22.48 -4.30
C LYS A 581 -28.59 -22.33 -5.25
N GLY A 582 -29.44 -21.33 -5.05
CA GLY A 582 -30.64 -21.20 -5.85
C GLY A 582 -30.37 -20.71 -7.25
N SER A 583 -31.36 -20.90 -8.11
CA SER A 583 -31.29 -20.45 -9.48
C SER A 583 -31.93 -19.08 -9.59
N ASN A 584 -31.99 -18.56 -10.83
CA ASN A 584 -32.54 -17.24 -11.17
C ASN A 584 -31.85 -16.15 -10.35
N SER A 585 -30.55 -16.01 -10.57
CA SER A 585 -29.70 -15.37 -9.58
C SER A 585 -29.63 -13.85 -9.69
N VAL A 586 -29.65 -13.30 -10.90
CA VAL A 586 -29.48 -11.86 -11.06
C VAL A 586 -30.69 -11.11 -10.54
N ALA A 587 -31.89 -11.57 -10.91
CA ALA A 587 -33.11 -10.93 -10.46
C ALA A 587 -33.33 -11.12 -8.97
N SER A 588 -32.92 -12.27 -8.42
CA SER A 588 -33.05 -12.48 -6.99
C SER A 588 -32.10 -11.62 -6.19
N ALA A 589 -30.92 -11.33 -6.72
CA ALA A 589 -30.03 -10.41 -6.02
C ALA A 589 -30.57 -8.99 -6.03
N LEU A 590 -31.19 -8.57 -7.14
CA LEU A 590 -31.75 -7.22 -7.18
C LEU A 590 -32.98 -7.10 -6.30
N GLY A 591 -33.80 -8.14 -6.23
CA GLY A 591 -34.90 -8.13 -5.28
C GLY A 591 -34.44 -8.16 -3.84
N ALA A 592 -33.28 -8.78 -3.59
CA ALA A 592 -32.73 -8.78 -2.24
C ALA A 592 -32.26 -7.39 -1.84
N CYS A 593 -31.64 -6.67 -2.76
CA CYS A 593 -31.15 -5.33 -2.45
C CYS A 593 -32.30 -4.36 -2.23
N LEU A 594 -33.37 -4.51 -3.02
CA LEU A 594 -34.58 -3.71 -2.83
C LEU A 594 -35.22 -3.99 -1.47
N LEU A 595 -35.33 -5.26 -1.10
CA LEU A 595 -36.07 -5.61 0.10
C LEU A 595 -35.32 -5.21 1.37
N LEU A 596 -34.00 -5.24 1.33
CA LEU A 596 -33.23 -4.87 2.51
C LEU A 596 -33.22 -3.37 2.73
N ARG A 597 -33.18 -2.59 1.66
CA ARG A 597 -33.20 -1.13 1.85
C ARG A 597 -34.57 -0.64 2.26
N VAL A 598 -35.64 -1.25 1.74
CA VAL A 598 -36.99 -0.88 2.16
C VAL A 598 -37.21 -1.21 3.63
N MET A 599 -36.70 -2.35 4.09
CA MET A 599 -36.78 -2.61 5.52
C MET A 599 -35.76 -1.82 6.32
N ALA A 600 -34.78 -1.21 5.67
CA ALA A 600 -33.83 -0.40 6.43
C ALA A 600 -34.39 0.98 6.75
N ARG A 601 -35.17 1.56 5.84
CA ARG A 601 -35.79 2.85 6.12
C ARG A 601 -36.87 2.75 7.17
N LEU A 602 -37.49 1.59 7.33
CA LEU A 602 -38.60 1.37 8.24
C LEU A 602 -38.12 0.92 9.62
N GLU A 603 -36.81 0.86 9.81
CA GLU A 603 -36.20 0.25 10.98
C GLU A 603 -36.04 1.26 12.10
N SER A 604 -36.17 0.79 13.35
CA SER A 604 -36.03 1.65 14.51
C SER A 604 -34.58 1.89 14.89
N GLU A 605 -33.85 0.82 15.23
CA GLU A 605 -32.52 0.95 15.80
C GLU A 605 -31.52 1.37 14.74
N ALA A 606 -30.56 2.21 15.12
CA ALA A 606 -29.52 2.62 14.19
C ALA A 606 -28.58 1.48 13.85
N GLU A 607 -28.39 0.54 14.79
CA GLU A 607 -27.41 -0.52 14.60
C GLU A 607 -27.91 -1.59 13.64
N GLU A 608 -29.17 -2.01 13.80
CA GLU A 608 -29.73 -3.00 12.89
C GLU A 608 -29.98 -2.44 11.51
N ALA A 609 -30.34 -1.16 11.41
CA ALA A 609 -30.49 -0.53 10.12
C ALA A 609 -29.16 -0.42 9.40
N ALA A 610 -28.09 -0.10 10.13
CA ALA A 610 -26.78 -0.02 9.49
C ALA A 610 -26.28 -1.39 9.05
N ARG A 611 -26.61 -2.43 9.79
CA ARG A 611 -26.19 -3.77 9.42
C ARG A 611 -26.93 -4.27 8.19
N ARG A 612 -28.22 -3.92 8.07
CA ARG A 612 -28.97 -4.26 6.87
C ARG A 612 -28.49 -3.51 5.65
N LYS A 613 -28.01 -2.27 5.83
CA LYS A 613 -27.47 -1.55 4.68
C LYS A 613 -26.17 -2.16 4.18
N ASP A 614 -25.37 -2.75 5.07
CA ASP A 614 -24.15 -3.41 4.61
C ASP A 614 -24.46 -4.70 3.88
N LEU A 615 -25.50 -5.42 4.30
CA LEU A 615 -25.88 -6.62 3.57
C LEU A 615 -26.44 -6.28 2.20
N ALA A 616 -27.22 -5.20 2.10
CA ALA A 616 -27.77 -4.79 0.82
C ALA A 616 -26.68 -4.32 -0.14
N ALA A 617 -25.58 -3.77 0.39
CA ALA A 617 -24.46 -3.44 -0.48
C ALA A 617 -23.71 -4.69 -0.93
N THR A 618 -23.75 -5.75 -0.12
CA THR A 618 -23.12 -7.00 -0.55
C THR A 618 -23.85 -7.62 -1.73
N PHE A 619 -25.19 -7.69 -1.64
CA PHE A 619 -25.96 -8.28 -2.74
C PHE A 619 -25.94 -7.42 -3.98
N GLU A 620 -25.80 -6.11 -3.85
CA GLU A 620 -25.66 -5.27 -5.03
C GLU A 620 -24.36 -5.54 -5.74
N SER A 621 -23.29 -5.81 -4.98
CA SER A 621 -22.01 -6.12 -5.60
C SER A 621 -22.01 -7.48 -6.30
N MET A 622 -22.72 -8.46 -5.77
CA MET A 622 -22.74 -9.77 -6.41
C MET A 622 -23.57 -9.78 -7.69
N SER A 623 -24.65 -8.99 -7.74
CA SER A 623 -25.38 -8.86 -8.99
C SER A 623 -24.56 -8.17 -10.07
N VAL A 624 -23.71 -7.21 -9.67
CA VAL A 624 -22.81 -6.54 -10.60
C VAL A 624 -21.83 -7.54 -11.21
N ASP A 625 -21.19 -8.36 -10.38
CA ASP A 625 -20.13 -9.23 -10.89
C ASP A 625 -20.67 -10.40 -11.68
N LEU A 626 -21.85 -10.92 -11.30
CA LEU A 626 -22.44 -12.02 -12.05
C LEU A 626 -22.86 -11.58 -13.43
N PHE A 627 -23.51 -10.42 -13.53
CA PHE A 627 -23.87 -9.93 -14.86
C PHE A 627 -22.63 -9.49 -15.64
N GLY A 628 -21.54 -9.17 -14.95
CA GLY A 628 -20.31 -8.87 -15.64
C GLY A 628 -19.79 -10.04 -16.45
N GLU A 629 -19.77 -11.23 -15.85
CA GLU A 629 -19.30 -12.39 -16.61
C GLU A 629 -20.34 -12.91 -17.59
N CYS A 630 -21.63 -12.77 -17.30
CA CYS A 630 -22.63 -13.21 -18.26
C CYS A 630 -22.64 -12.32 -19.50
N TYR A 631 -22.41 -11.02 -19.34
CA TYR A 631 -22.30 -10.15 -20.50
C TYR A 631 -21.00 -10.36 -21.23
N HIS A 632 -19.93 -10.67 -20.50
CA HIS A 632 -18.62 -10.84 -21.10
C HIS A 632 -18.54 -12.08 -21.98
N ASN A 633 -19.40 -13.07 -21.75
CA ASN A 633 -19.47 -14.19 -22.68
C ASN A 633 -20.29 -13.83 -23.91
N SER A 634 -21.57 -13.54 -23.73
CA SER A 634 -22.51 -13.49 -24.83
C SER A 634 -23.41 -12.27 -24.69
N GLU A 635 -23.33 -11.37 -25.66
CA GLU A 635 -24.04 -10.10 -25.55
C GLU A 635 -25.53 -10.24 -25.80
N GLU A 636 -25.92 -11.04 -26.80
CA GLU A 636 -27.35 -11.19 -27.08
C GLU A 636 -28.06 -11.95 -25.97
N ARG A 637 -27.39 -12.92 -25.37
CA ARG A 637 -28.07 -13.76 -24.40
C ARG A 637 -28.19 -13.05 -23.06
N ALA A 638 -27.22 -12.20 -22.72
CA ALA A 638 -27.36 -11.34 -21.55
C ALA A 638 -28.39 -10.25 -21.78
N ALA A 639 -28.49 -9.76 -23.02
CA ALA A 639 -29.52 -8.79 -23.36
C ALA A 639 -30.91 -9.37 -23.19
N ARG A 640 -31.06 -10.67 -23.48
CA ARG A 640 -32.34 -11.32 -23.21
C ARG A 640 -32.49 -11.68 -21.75
N LEU A 641 -31.41 -11.61 -20.97
CA LEU A 641 -31.51 -11.93 -19.56
C LEU A 641 -32.09 -10.77 -18.76
N LEU A 642 -31.73 -9.52 -19.09
CA LEU A 642 -32.26 -8.40 -18.33
C LEU A 642 -33.70 -8.10 -18.73
N LEU A 643 -34.03 -8.20 -20.01
CA LEU A 643 -35.30 -7.75 -20.55
C LEU A 643 -36.37 -8.84 -20.49
N ARG A 644 -36.26 -9.78 -19.56
CA ARG A 644 -37.18 -10.89 -19.45
C ARG A 644 -38.34 -10.51 -18.54
N ARG A 645 -39.54 -10.85 -18.96
CA ARG A 645 -40.74 -10.38 -18.28
C ARG A 645 -41.01 -11.19 -17.02
N CYS A 646 -41.38 -10.48 -15.95
CA CYS A 646 -41.79 -10.93 -14.61
C CYS A 646 -40.94 -12.04 -13.99
N PRO A 647 -39.71 -11.76 -13.54
CA PRO A 647 -38.95 -12.78 -12.81
C PRO A 647 -39.32 -12.90 -11.33
N LEU A 648 -39.72 -11.80 -10.70
CA LEU A 648 -40.05 -11.78 -9.28
C LEU A 648 -41.14 -10.77 -9.01
N TRP A 649 -42.22 -11.22 -8.38
CA TRP A 649 -43.30 -10.39 -7.85
C TRP A 649 -43.95 -9.56 -8.96
N GLY A 650 -44.59 -10.27 -9.88
CA GLY A 650 -45.33 -9.62 -10.93
C GLY A 650 -44.43 -9.07 -12.00
N GLU A 651 -45.04 -8.31 -12.90
CA GLU A 651 -44.38 -7.83 -14.11
C GLU A 651 -43.49 -6.65 -13.74
N ALA A 652 -42.23 -6.96 -13.46
CA ALA A 652 -41.21 -5.94 -13.22
C ALA A 652 -39.87 -6.55 -13.60
N THR A 653 -39.28 -6.05 -14.69
CA THR A 653 -38.03 -6.60 -15.18
C THR A 653 -36.87 -6.20 -14.28
N CYS A 654 -35.67 -6.67 -14.63
CA CYS A 654 -34.52 -6.46 -13.76
C CYS A 654 -34.07 -5.01 -13.76
N LEU A 655 -34.40 -4.26 -14.81
CA LEU A 655 -34.05 -2.84 -14.80
C LEU A 655 -34.96 -2.06 -13.85
N GLN A 656 -36.24 -2.40 -13.77
CA GLN A 656 -37.09 -1.67 -12.84
C GLN A 656 -36.84 -2.10 -11.40
N LEU A 657 -36.39 -3.33 -11.19
CA LEU A 657 -35.89 -3.72 -9.88
C LEU A 657 -34.66 -2.92 -9.50
N ALA A 658 -33.74 -2.70 -10.44
CA ALA A 658 -32.59 -1.86 -10.14
C ALA A 658 -32.98 -0.40 -10.05
N MET A 659 -34.08 -0.02 -10.69
CA MET A 659 -34.56 1.36 -10.63
C MET A 659 -35.07 1.71 -9.24
N GLN A 660 -35.89 0.85 -8.65
CA GLN A 660 -36.51 1.21 -7.39
C GLN A 660 -35.55 1.05 -6.22
N ALA A 661 -34.45 0.34 -6.42
CA ALA A 661 -33.60 -0.03 -5.30
C ALA A 661 -32.45 0.96 -5.07
N ASP A 662 -32.40 2.06 -5.82
CA ASP A 662 -31.26 3.00 -5.85
C ASP A 662 -29.96 2.28 -6.14
N ALA A 663 -29.99 1.38 -7.12
CA ALA A 663 -28.82 0.58 -7.46
C ALA A 663 -28.02 1.35 -8.49
N ARG A 664 -27.41 2.45 -8.05
CA ARG A 664 -26.67 3.30 -8.97
C ARG A 664 -25.37 2.68 -9.44
N ALA A 665 -24.84 1.70 -8.71
CA ALA A 665 -23.64 1.02 -9.16
C ALA A 665 -23.93 -0.15 -10.07
N PHE A 666 -25.21 -0.45 -10.32
CA PHE A 666 -25.54 -1.48 -11.30
C PHE A 666 -25.72 -0.91 -12.69
N PHE A 667 -26.34 0.27 -12.81
CA PHE A 667 -26.46 0.93 -14.10
C PHE A 667 -25.15 1.54 -14.58
N ALA A 668 -24.12 1.58 -13.74
CA ALA A 668 -22.86 2.21 -14.08
C ALA A 668 -21.92 1.28 -14.84
N GLN A 669 -22.39 0.14 -15.33
CA GLN A 669 -21.49 -0.77 -16.00
C GLN A 669 -21.26 -0.36 -17.44
N ASP A 670 -20.62 -1.26 -18.18
CA ASP A 670 -20.47 -1.09 -19.62
C ASP A 670 -21.58 -1.77 -20.38
N GLY A 671 -21.98 -2.96 -19.93
CA GLY A 671 -22.98 -3.71 -20.66
C GLY A 671 -24.37 -3.11 -20.52
N VAL A 672 -24.68 -2.57 -19.34
CA VAL A 672 -26.01 -2.01 -19.14
C VAL A 672 -26.16 -0.72 -19.92
N GLN A 673 -25.10 0.09 -19.97
CA GLN A 673 -25.14 1.30 -20.79
C GLN A 673 -25.16 0.97 -22.27
N SER A 674 -24.57 -0.15 -22.67
CA SER A 674 -24.72 -0.58 -24.05
C SER A 674 -26.15 -1.02 -24.34
N LEU A 675 -26.81 -1.64 -23.38
CA LEU A 675 -28.17 -2.09 -23.65
C LEU A 675 -29.16 -0.95 -23.62
N LEU A 676 -28.90 0.08 -22.83
CA LEU A 676 -29.73 1.27 -22.91
C LEU A 676 -29.52 2.00 -24.22
N THR A 677 -28.32 1.90 -24.79
CA THR A 677 -28.09 2.49 -26.11
C THR A 677 -28.87 1.73 -27.19
N GLN A 678 -28.82 0.39 -27.16
CA GLN A 678 -29.52 -0.40 -28.15
C GLN A 678 -31.02 -0.29 -28.00
N LYS A 679 -31.50 -0.06 -26.79
CA LYS A 679 -32.92 0.23 -26.60
C LYS A 679 -33.27 1.61 -27.13
N TRP A 680 -32.31 2.54 -27.07
CA TRP A 680 -32.57 3.91 -27.48
C TRP A 680 -32.67 4.03 -28.99
N TRP A 681 -31.89 3.25 -29.73
CA TRP A 681 -31.95 3.34 -31.17
C TRP A 681 -33.06 2.50 -31.79
N GLY A 682 -33.88 1.83 -30.99
CA GLY A 682 -34.97 1.05 -31.54
C GLY A 682 -34.46 -0.18 -32.25
N GLU A 683 -34.84 -0.33 -33.52
CA GLU A 683 -34.44 -1.47 -34.33
C GLU A 683 -33.48 -1.05 -35.44
N MET A 684 -32.72 0.00 -35.20
CA MET A 684 -31.67 0.39 -36.13
C MET A 684 -30.36 -0.21 -35.65
N ASP A 685 -29.27 0.11 -36.30
CA ASP A 685 -27.97 -0.19 -35.76
C ASP A 685 -27.50 1.00 -34.94
N SER A 686 -26.91 0.72 -33.79
CA SER A 686 -26.47 1.78 -32.90
C SER A 686 -25.16 2.43 -33.33
N THR A 687 -24.67 2.13 -34.52
CA THR A 687 -23.48 2.76 -35.07
C THR A 687 -23.82 3.77 -36.15
N THR A 688 -25.08 4.05 -36.40
CA THR A 688 -25.43 5.06 -37.39
C THR A 688 -25.10 6.43 -36.83
N PRO A 689 -24.47 7.30 -37.61
CA PRO A 689 -24.22 8.65 -37.14
C PRO A 689 -25.50 9.47 -37.14
N ILE A 690 -25.44 10.63 -36.47
CA ILE A 690 -26.63 11.43 -36.24
C ILE A 690 -27.09 12.14 -37.51
N TRP A 691 -26.14 12.54 -38.37
CA TRP A 691 -26.49 13.29 -39.56
C TRP A 691 -27.26 12.44 -40.56
N ALA A 692 -27.00 11.13 -40.59
CA ALA A 692 -27.79 10.26 -41.46
C ALA A 692 -29.22 10.13 -40.95
N LEU A 693 -29.41 10.19 -39.63
CA LEU A 693 -30.75 10.20 -39.07
C LEU A 693 -31.50 11.47 -39.40
N LEU A 694 -30.81 12.61 -39.42
CA LEU A 694 -31.47 13.86 -39.80
C LEU A 694 -31.84 13.87 -41.28
N LEU A 695 -30.94 13.39 -42.13
CA LEU A 695 -31.20 13.41 -43.58
C LEU A 695 -32.33 12.46 -43.94
N ALA A 696 -32.45 11.34 -43.24
CA ALA A 696 -33.60 10.49 -43.48
C ALA A 696 -34.85 11.04 -42.81
N PHE A 697 -34.71 11.90 -41.81
CA PHE A 697 -35.90 12.44 -41.16
C PHE A 697 -36.56 13.51 -42.01
N PHE A 698 -35.76 14.27 -42.76
CA PHE A 698 -36.31 15.25 -43.69
C PHE A 698 -36.49 14.69 -45.10
N CYS A 699 -36.20 13.41 -45.31
CA CYS A 699 -36.52 12.73 -46.56
C CYS A 699 -37.15 11.38 -46.24
N PRO A 700 -38.45 11.34 -45.98
CA PRO A 700 -39.15 10.06 -45.75
C PRO A 700 -39.10 9.07 -46.93
N PRO A 701 -38.92 9.48 -48.19
CA PRO A 701 -38.57 8.46 -49.19
C PRO A 701 -37.13 7.96 -49.12
N LEU A 702 -36.28 8.52 -48.27
CA LEU A 702 -34.92 8.02 -48.19
C LEU A 702 -34.74 7.03 -47.04
N ILE A 703 -35.85 6.53 -46.49
CA ILE A 703 -35.78 5.40 -45.57
C ILE A 703 -35.29 4.16 -46.29
N TYR A 704 -35.82 3.90 -47.47
CA TYR A 704 -35.57 2.66 -48.20
C TYR A 704 -34.27 2.69 -48.99
N THR A 705 -33.16 3.07 -48.35
CA THR A 705 -31.86 3.06 -49.01
C THR A 705 -30.82 2.44 -48.10
N ASN A 706 -29.55 2.50 -48.50
CA ASN A 706 -28.47 1.95 -47.69
C ASN A 706 -27.75 3.06 -46.93
N LEU A 707 -28.49 3.72 -46.04
CA LEU A 707 -27.89 4.64 -45.07
C LEU A 707 -28.23 4.30 -43.64
N ILE A 708 -29.33 3.61 -43.40
CA ILE A 708 -29.71 3.18 -42.07
C ILE A 708 -29.72 1.66 -42.08
N VAL A 709 -28.67 1.06 -41.58
CA VAL A 709 -28.57 -0.39 -41.51
C VAL A 709 -29.41 -0.90 -40.34
N PHE A 710 -30.27 -1.85 -40.60
CA PHE A 710 -31.17 -2.37 -39.59
C PHE A 710 -30.58 -3.60 -38.92
N ARG A 711 -31.39 -4.28 -38.10
CA ARG A 711 -31.07 -5.52 -37.39
C ARG A 711 -29.85 -5.34 -36.48
N LYS A 712 -30.04 -4.47 -35.50
CA LYS A 712 -29.12 -4.22 -34.38
C LYS A 712 -27.67 -3.91 -34.77
N SER A 765 -44.09 -2.11 -45.92
CA SER A 765 -44.68 -1.42 -44.77
C SER A 765 -44.02 -1.87 -43.48
N LYS A 766 -42.79 -2.39 -43.60
CA LYS A 766 -42.04 -2.81 -42.43
C LYS A 766 -41.02 -1.77 -41.99
N ARG A 767 -40.17 -1.29 -42.91
CA ARG A 767 -39.16 -0.30 -42.59
C ARG A 767 -39.76 1.05 -42.21
N TRP A 768 -41.01 1.31 -42.59
CA TRP A 768 -41.72 2.49 -42.12
C TRP A 768 -41.90 2.46 -40.61
N SER A 769 -42.46 1.36 -40.10
CA SER A 769 -42.59 1.22 -38.65
C SER A 769 -41.27 0.93 -37.97
N ASP A 770 -40.24 0.51 -38.71
CA ASP A 770 -38.93 0.34 -38.12
C ASP A 770 -38.24 1.67 -37.85
N PHE A 771 -38.29 2.58 -38.81
CA PHE A 771 -37.70 3.91 -38.61
C PHE A 771 -38.51 4.75 -37.63
N TRP A 772 -39.82 4.82 -37.84
CA TRP A 772 -40.64 5.72 -37.03
C TRP A 772 -41.03 5.13 -35.68
N GLY A 773 -40.55 3.95 -35.34
CA GLY A 773 -40.90 3.36 -34.07
C GLY A 773 -39.82 3.55 -33.02
N ALA A 774 -38.62 3.89 -33.48
CA ALA A 774 -37.48 4.00 -32.59
C ALA A 774 -37.62 5.22 -31.70
N PRO A 775 -37.08 5.18 -30.48
CA PRO A 775 -37.20 6.35 -29.60
C PRO A 775 -36.39 7.55 -30.03
N VAL A 776 -35.39 7.39 -30.90
CA VAL A 776 -34.67 8.57 -31.36
C VAL A 776 -35.55 9.41 -32.27
N THR A 777 -36.47 8.80 -33.00
CA THR A 777 -37.33 9.57 -33.88
C THR A 777 -38.54 10.13 -33.17
N ALA A 778 -38.96 9.54 -32.06
CA ALA A 778 -39.96 10.20 -31.24
C ALA A 778 -39.36 11.41 -30.53
N PHE A 779 -38.11 11.29 -30.10
CA PHE A 779 -37.40 12.43 -29.51
C PHE A 779 -37.14 13.51 -30.54
N LEU A 780 -36.77 13.12 -31.76
CA LEU A 780 -36.46 14.10 -32.77
C LEU A 780 -37.72 14.82 -33.24
N GLY A 781 -38.85 14.12 -33.23
CA GLY A 781 -40.12 14.77 -33.50
C GLY A 781 -40.53 15.73 -32.39
N ASN A 782 -40.15 15.42 -31.15
CA ASN A 782 -40.44 16.31 -30.03
C ASN A 782 -39.66 17.62 -30.16
N VAL A 783 -38.37 17.53 -30.52
CA VAL A 783 -37.54 18.73 -30.55
C VAL A 783 -37.92 19.62 -31.72
N VAL A 784 -38.20 19.03 -32.89
CA VAL A 784 -38.57 19.82 -34.07
C VAL A 784 -39.90 20.52 -33.85
N SER A 785 -40.88 19.82 -33.26
CA SER A 785 -42.16 20.45 -33.00
C SER A 785 -42.07 21.52 -31.92
N TYR A 786 -41.13 21.37 -30.98
CA TYR A 786 -41.05 22.35 -29.91
C TYR A 786 -40.32 23.60 -30.34
N LEU A 787 -39.33 23.48 -31.23
CA LEU A 787 -38.69 24.68 -31.78
C LEU A 787 -39.64 25.44 -32.69
N LEU A 788 -40.51 24.74 -33.42
CA LEU A 788 -41.50 25.44 -34.23
C LEU A 788 -42.56 26.10 -33.37
N PHE A 789 -42.79 25.58 -32.17
CA PHE A 789 -43.65 26.28 -31.22
C PHE A 789 -43.01 27.58 -30.77
N LEU A 790 -41.71 27.57 -30.51
CA LEU A 790 -41.07 28.81 -30.05
C LEU A 790 -40.95 29.83 -31.17
N LEU A 791 -40.77 29.36 -32.41
CA LEU A 791 -40.77 30.28 -33.54
C LEU A 791 -42.14 30.89 -33.75
N LEU A 792 -43.21 30.12 -33.57
CA LEU A 792 -44.55 30.69 -33.73
C LEU A 792 -44.85 31.67 -32.63
N PHE A 793 -44.40 31.37 -31.42
CA PHE A 793 -44.62 32.26 -30.28
C PHE A 793 -43.84 33.56 -30.48
N ALA A 794 -42.68 33.49 -31.14
CA ALA A 794 -41.88 34.68 -31.39
C ALA A 794 -42.45 35.52 -32.52
N HIS A 795 -43.01 34.87 -33.55
CA HIS A 795 -43.62 35.63 -34.65
C HIS A 795 -44.88 36.34 -34.18
N VAL A 796 -45.64 35.72 -33.28
CA VAL A 796 -46.83 36.38 -32.75
C VAL A 796 -46.42 37.52 -31.83
N LEU A 797 -45.41 37.31 -30.99
CA LEU A 797 -45.11 38.29 -29.96
C LEU A 797 -44.35 39.50 -30.49
N LEU A 798 -43.50 39.32 -31.49
CA LEU A 798 -42.65 40.40 -31.96
C LEU A 798 -43.22 41.19 -33.13
N VAL A 799 -43.79 40.52 -34.12
CA VAL A 799 -44.05 41.13 -35.43
C VAL A 799 -45.50 41.59 -35.54
N ASP A 800 -46.44 40.67 -35.50
CA ASP A 800 -47.86 41.03 -35.63
C ASP A 800 -48.57 40.70 -34.31
N PHE A 801 -48.82 41.74 -33.53
CA PHE A 801 -49.60 41.62 -32.30
C PHE A 801 -50.59 42.79 -32.30
N GLN A 802 -51.74 42.59 -32.93
CA GLN A 802 -52.73 43.65 -33.06
C GLN A 802 -53.37 43.94 -31.69
N PRO A 803 -53.66 45.21 -31.39
CA PRO A 803 -54.21 45.54 -30.07
C PRO A 803 -55.68 45.21 -29.93
N THR A 804 -56.40 45.22 -31.05
CA THR A 804 -57.86 45.06 -31.02
C THR A 804 -58.27 43.60 -30.99
N LYS A 805 -57.93 42.85 -32.03
CA LYS A 805 -58.43 41.50 -32.24
C LYS A 805 -57.26 40.55 -32.46
N PRO A 806 -57.32 39.35 -31.89
CA PRO A 806 -56.31 38.34 -32.21
C PRO A 806 -56.35 37.95 -33.68
N SER A 807 -55.17 37.80 -34.27
CA SER A 807 -55.07 37.49 -35.68
C SER A 807 -55.27 35.99 -35.89
N VAL A 808 -54.95 35.53 -37.10
CA VAL A 808 -55.02 34.09 -37.39
C VAL A 808 -53.97 33.33 -36.60
N SER A 809 -52.74 33.86 -36.57
CA SER A 809 -51.61 33.13 -36.02
C SER A 809 -51.69 33.03 -34.50
N GLU A 810 -52.25 34.05 -33.83
CA GLU A 810 -52.44 33.95 -32.39
C GLU A 810 -53.51 32.91 -32.04
N LEU A 811 -54.45 32.68 -32.94
CA LEU A 811 -55.43 31.63 -32.68
C LEU A 811 -54.86 30.24 -32.93
N LEU A 812 -53.93 30.12 -33.89
CA LEU A 812 -53.16 28.88 -33.99
C LEU A 812 -52.33 28.65 -32.73
N LEU A 813 -51.83 29.71 -32.13
CA LEU A 813 -51.04 29.61 -30.91
C LEU A 813 -51.90 29.15 -29.73
N TYR A 814 -53.11 29.71 -29.58
CA TYR A 814 -53.97 29.31 -28.48
C TYR A 814 -54.45 27.87 -28.64
N PHE A 815 -54.58 27.41 -29.87
CA PHE A 815 -54.89 26.01 -30.10
C PHE A 815 -53.71 25.13 -29.70
N TRP A 816 -52.49 25.62 -29.88
CA TRP A 816 -51.30 24.83 -29.58
C TRP A 816 -51.16 24.61 -28.08
N ALA A 817 -51.26 25.70 -27.30
CA ALA A 817 -51.12 25.59 -25.85
C ALA A 817 -52.30 24.86 -25.22
N PHE A 818 -53.44 24.81 -25.91
CA PHE A 818 -54.50 23.92 -25.47
C PHE A 818 -54.09 22.45 -25.57
N THR A 819 -53.39 22.08 -26.64
CA THR A 819 -52.94 20.70 -26.76
C THR A 819 -51.85 20.36 -25.75
N LEU A 820 -50.92 21.27 -25.50
CA LEU A 820 -49.90 21.01 -24.50
C LEU A 820 -50.48 20.91 -23.10
N LEU A 821 -51.56 21.65 -22.83
CA LEU A 821 -52.23 21.54 -21.54
C LEU A 821 -52.83 20.16 -21.34
N CYS A 822 -53.45 19.61 -22.39
CA CYS A 822 -53.99 18.27 -22.31
C CYS A 822 -52.88 17.22 -22.20
N GLU A 823 -51.68 17.54 -22.68
CA GLU A 823 -50.56 16.62 -22.55
C GLU A 823 -50.10 16.51 -21.10
N GLU A 824 -50.05 17.63 -20.38
CA GLU A 824 -49.60 17.55 -18.99
C GLU A 824 -50.68 16.99 -18.07
N LEU A 825 -51.95 17.17 -18.40
CA LEU A 825 -52.98 16.45 -17.66
C LEU A 825 -52.91 14.95 -17.92
N ARG A 826 -52.49 14.55 -19.11
CA ARG A 826 -52.34 13.11 -19.36
C ARG A 826 -51.13 12.56 -18.63
N GLN A 827 -50.06 13.33 -18.49
CA GLN A 827 -48.93 12.86 -17.70
C GLN A 827 -49.10 13.12 -16.21
N GLY A 828 -50.27 13.61 -15.78
CA GLY A 828 -50.57 13.69 -14.36
C GLY A 828 -51.63 12.69 -13.95
N LEU A 829 -52.45 12.26 -14.90
CA LEU A 829 -53.58 11.37 -14.62
C LEU A 829 -53.48 10.04 -15.35
N GLY A 830 -52.69 9.95 -16.41
CA GLY A 830 -52.52 8.67 -17.10
C GLY A 830 -51.11 8.13 -16.99
N LEU A 848 -56.74 7.75 -7.34
CA LEU A 848 -56.42 8.67 -8.42
C LEU A 848 -55.97 10.03 -7.89
N ARG A 849 -55.86 10.15 -6.57
CA ARG A 849 -55.34 11.36 -5.95
C ARG A 849 -53.87 11.24 -5.57
N HIS A 850 -53.42 10.00 -5.34
CA HIS A 850 -52.00 9.73 -5.13
C HIS A 850 -51.19 10.09 -6.38
N ARG A 851 -51.81 9.95 -7.55
CA ARG A 851 -51.15 10.33 -8.80
C ARG A 851 -50.93 11.83 -8.88
N LEU A 852 -51.81 12.63 -8.28
CA LEU A 852 -51.58 14.07 -8.25
C LEU A 852 -50.41 14.42 -7.34
N HIS A 853 -50.17 13.62 -6.29
CA HIS A 853 -48.91 13.79 -5.57
C HIS A 853 -47.72 13.34 -6.41
N LEU A 854 -47.93 12.36 -7.30
CA LEU A 854 -46.84 11.90 -8.17
C LEU A 854 -46.51 12.93 -9.24
N TYR A 855 -47.47 13.78 -9.59
CA TYR A 855 -47.18 14.88 -10.50
C TYR A 855 -46.52 16.03 -9.78
N LEU A 856 -47.08 16.44 -8.65
CA LEU A 856 -46.65 17.60 -7.88
C LEU A 856 -45.25 17.44 -7.28
N SER A 857 -44.76 16.21 -7.13
CA SER A 857 -43.51 16.00 -6.42
C SER A 857 -42.30 16.48 -7.22
N ASP A 858 -42.34 16.34 -8.55
CA ASP A 858 -41.19 16.68 -9.37
C ASP A 858 -41.07 18.19 -9.57
N THR A 859 -40.07 18.61 -10.33
CA THR A 859 -39.80 20.03 -10.53
C THR A 859 -40.03 20.51 -11.96
N TRP A 860 -40.06 19.61 -12.95
CA TRP A 860 -40.33 20.01 -14.33
C TRP A 860 -41.75 19.73 -14.78
N ASN A 861 -42.47 18.86 -14.07
CA ASN A 861 -43.92 18.91 -14.12
C ASN A 861 -44.43 20.20 -13.48
N GLN A 862 -43.81 20.63 -12.38
CA GLN A 862 -44.16 21.91 -11.78
C GLN A 862 -43.78 23.09 -12.67
N CYS A 863 -42.63 23.01 -13.34
CA CYS A 863 -42.20 24.13 -14.17
C CYS A 863 -43.05 24.27 -15.43
N ASP A 864 -43.40 23.15 -16.08
CA ASP A 864 -44.28 23.23 -17.24
C ASP A 864 -45.69 23.65 -16.84
N LEU A 865 -46.10 23.26 -15.63
CA LEU A 865 -47.31 23.82 -15.04
C LEU A 865 -47.20 25.33 -14.87
N LEU A 866 -46.02 25.81 -14.50
CA LEU A 866 -45.82 27.25 -14.29
C LEU A 866 -45.89 28.02 -15.59
N ALA A 867 -45.34 27.47 -16.67
CA ALA A 867 -45.39 28.14 -17.96
C ALA A 867 -46.81 28.21 -18.50
N LEU A 868 -47.62 27.17 -18.24
CA LEU A 868 -48.99 27.21 -18.72
C LEU A 868 -49.88 28.11 -17.87
N THR A 869 -49.62 28.21 -16.57
CA THR A 869 -50.40 29.13 -15.74
C THR A 869 -50.10 30.58 -16.07
N CYS A 870 -48.84 30.90 -16.38
CA CYS A 870 -48.55 32.26 -16.83
C CYS A 870 -49.09 32.50 -18.23
N PHE A 871 -49.30 31.45 -19.02
CA PHE A 871 -49.92 31.65 -20.32
C PHE A 871 -51.40 32.00 -20.18
N LEU A 872 -52.09 31.31 -19.28
CA LEU A 872 -53.51 31.59 -19.05
C LEU A 872 -53.70 32.97 -18.44
N LEU A 873 -52.79 33.38 -17.57
CA LEU A 873 -52.85 34.73 -17.02
C LEU A 873 -52.57 35.78 -18.09
N GLY A 874 -51.71 35.46 -19.06
CA GLY A 874 -51.44 36.41 -20.13
C GLY A 874 -52.61 36.58 -21.07
N VAL A 875 -53.34 35.49 -21.35
CA VAL A 875 -54.49 35.60 -22.23
C VAL A 875 -55.63 36.34 -21.53
N GLY A 876 -55.93 35.95 -20.28
CA GLY A 876 -57.02 36.58 -19.56
C GLY A 876 -56.78 38.02 -19.21
N CYS A 877 -55.51 38.43 -19.10
CA CYS A 877 -55.23 39.84 -18.95
C CYS A 877 -55.25 40.57 -20.28
N ARG A 878 -55.01 39.88 -21.40
CA ARG A 878 -55.03 40.57 -22.68
C ARG A 878 -56.46 40.87 -23.11
N LEU A 879 -57.39 39.96 -22.85
CA LEU A 879 -58.72 40.08 -23.45
C LEU A 879 -59.57 41.17 -22.81
N THR A 880 -59.32 41.52 -21.56
CA THR A 880 -59.94 42.72 -20.99
C THR A 880 -59.37 43.95 -21.66
N PRO A 881 -60.19 44.97 -21.95
CA PRO A 881 -59.72 46.05 -22.84
C PRO A 881 -58.75 47.01 -22.18
N GLY A 882 -58.78 47.15 -20.86
CA GLY A 882 -57.90 48.11 -20.22
C GLY A 882 -56.58 47.59 -19.75
N LEU A 883 -56.29 46.30 -19.96
CA LEU A 883 -55.10 45.66 -19.43
C LEU A 883 -54.27 45.05 -20.55
N PHE A 884 -54.16 45.76 -21.67
CA PHE A 884 -53.47 45.22 -22.84
C PHE A 884 -51.97 45.13 -22.61
N ASP A 885 -51.35 46.19 -22.09
CA ASP A 885 -49.91 46.18 -21.89
C ASP A 885 -49.49 45.25 -20.76
N LEU A 886 -50.41 44.91 -19.84
CA LEU A 886 -50.09 43.94 -18.82
C LEU A 886 -49.89 42.55 -19.42
N GLY A 887 -50.81 42.12 -20.29
CA GLY A 887 -50.61 40.87 -20.99
C GLY A 887 -49.46 40.91 -21.96
N ARG A 888 -49.14 42.10 -22.48
CA ARG A 888 -48.02 42.25 -23.39
C ARG A 888 -46.69 41.97 -22.70
N THR A 889 -46.61 42.21 -21.39
CA THR A 889 -45.38 41.89 -20.67
C THR A 889 -45.39 40.51 -20.03
N VAL A 890 -46.57 39.99 -19.66
CA VAL A 890 -46.62 38.67 -19.04
C VAL A 890 -46.29 37.59 -20.07
N LEU A 891 -46.68 37.78 -21.33
CA LEU A 891 -46.27 36.81 -22.34
C LEU A 891 -44.78 36.86 -22.64
N CYS A 892 -44.10 37.97 -22.35
CA CYS A 892 -42.66 38.02 -22.55
C CYS A 892 -41.93 37.22 -21.48
N LEU A 893 -42.33 37.39 -20.21
CA LEU A 893 -41.79 36.53 -19.15
C LEU A 893 -42.17 35.08 -19.37
N ASP A 894 -43.32 34.82 -19.98
CA ASP A 894 -43.72 33.45 -20.27
C ASP A 894 -42.86 32.84 -21.37
N PHE A 895 -42.40 33.64 -22.33
CA PHE A 895 -41.52 33.11 -23.36
C PHE A 895 -40.18 32.72 -22.79
N MET A 896 -39.73 33.38 -21.73
CA MET A 896 -38.53 32.91 -21.05
C MET A 896 -38.76 31.54 -20.42
N ILE A 897 -39.91 31.34 -19.79
CA ILE A 897 -40.13 30.09 -19.08
C ILE A 897 -40.36 28.94 -20.05
N PHE A 898 -40.88 29.20 -21.25
CA PHE A 898 -40.94 28.13 -22.24
C PHE A 898 -39.58 27.79 -22.83
N THR A 899 -38.66 28.75 -22.92
CA THR A 899 -37.36 28.43 -23.49
C THR A 899 -36.39 27.85 -22.49
N LEU A 900 -36.67 27.90 -21.19
CA LEU A 900 -35.86 27.16 -20.25
C LEU A 900 -36.33 25.73 -20.07
N ARG A 901 -37.27 25.33 -20.92
CA ARG A 901 -37.72 23.96 -21.03
C ARG A 901 -36.66 23.10 -21.73
N LEU A 902 -36.01 23.68 -22.74
CA LEU A 902 -35.03 22.99 -23.57
C LEU A 902 -33.84 22.48 -22.79
N LEU A 903 -33.60 22.98 -21.58
CA LEU A 903 -32.52 22.43 -20.79
C LEU A 903 -32.89 21.08 -20.20
N HIS A 904 -34.17 20.84 -19.96
CA HIS A 904 -34.60 19.55 -19.45
C HIS A 904 -34.81 18.53 -20.55
N ILE A 905 -35.15 18.98 -21.76
CA ILE A 905 -35.34 18.03 -22.86
C ILE A 905 -34.04 17.36 -23.24
N PHE A 906 -32.93 18.11 -23.25
CA PHE A 906 -31.67 17.56 -23.70
C PHE A 906 -30.85 16.92 -22.60
N THR A 907 -31.46 16.47 -21.50
CA THR A 907 -30.65 15.69 -20.57
C THR A 907 -30.53 14.25 -21.00
N VAL A 908 -31.30 13.83 -22.01
CA VAL A 908 -31.25 12.46 -22.49
C VAL A 908 -29.98 12.20 -23.26
N ASN A 909 -29.40 13.24 -23.85
CA ASN A 909 -28.34 13.13 -24.84
C ASN A 909 -27.05 12.63 -24.19
N LYS A 910 -26.15 12.11 -25.02
CA LYS A 910 -24.96 11.44 -24.53
C LYS A 910 -23.87 12.43 -24.13
N GLN A 911 -23.63 13.47 -24.93
CA GLN A 911 -22.59 14.44 -24.63
C GLN A 911 -23.08 15.60 -23.78
N LEU A 912 -24.25 16.15 -24.07
CA LEU A 912 -24.74 17.27 -23.28
C LEU A 912 -25.43 16.83 -22.01
N GLY A 913 -25.48 15.53 -21.73
CA GLY A 913 -26.20 15.02 -20.59
C GLY A 913 -25.66 15.40 -19.23
N PRO A 914 -24.49 14.87 -18.85
CA PRO A 914 -23.98 15.12 -17.50
C PRO A 914 -23.60 16.56 -17.25
N LYS A 915 -23.25 17.30 -18.29
CA LYS A 915 -22.85 18.68 -18.10
C LYS A 915 -24.05 19.58 -17.81
N ILE A 916 -25.24 19.17 -18.23
CA ILE A 916 -26.44 19.90 -17.81
C ILE A 916 -26.82 19.55 -16.39
N VAL A 917 -26.57 18.31 -15.97
CA VAL A 917 -26.93 17.88 -14.62
C VAL A 917 -26.06 18.58 -13.57
N ILE A 918 -24.79 18.85 -13.88
CA ILE A 918 -23.85 19.40 -12.92
C ILE A 918 -24.17 20.85 -12.52
N VAL A 919 -24.76 21.64 -13.42
CA VAL A 919 -24.90 23.08 -13.26
C VAL A 919 -25.73 23.44 -12.02
N SER A 920 -26.73 22.64 -11.69
CA SER A 920 -27.54 22.90 -10.52
C SER A 920 -26.79 22.67 -9.21
N LYS A 921 -25.72 21.89 -9.21
CA LYS A 921 -24.96 21.69 -7.99
C LYS A 921 -23.88 22.74 -7.78
N MET A 922 -23.87 23.80 -8.59
CA MET A 922 -22.91 24.87 -8.44
C MET A 922 -23.56 26.10 -7.82
N MET A 923 -24.86 26.07 -7.62
CA MET A 923 -25.63 27.26 -7.25
C MET A 923 -25.45 27.66 -5.80
N LYS A 924 -24.71 26.90 -5.00
CA LYS A 924 -24.44 27.35 -3.65
C LYS A 924 -23.32 28.39 -3.63
N ASP A 925 -22.38 28.29 -4.56
CA ASP A 925 -21.27 29.23 -4.59
C ASP A 925 -21.66 30.54 -5.23
N VAL A 926 -22.63 30.52 -6.14
CA VAL A 926 -23.16 31.75 -6.69
C VAL A 926 -23.94 32.50 -5.63
N PHE A 927 -24.63 31.77 -4.75
CA PHE A 927 -25.36 32.40 -3.65
C PHE A 927 -24.44 32.99 -2.61
N PHE A 928 -23.28 32.36 -2.38
CA PHE A 928 -22.27 33.01 -1.54
C PHE A 928 -21.75 34.28 -2.19
N PHE A 929 -21.52 34.26 -3.50
CA PHE A 929 -21.00 35.44 -4.17
C PHE A 929 -22.00 36.59 -4.15
N LEU A 930 -23.28 36.28 -4.30
CA LEU A 930 -24.30 37.32 -4.19
C LEU A 930 -24.38 37.89 -2.79
N PHE A 931 -24.10 37.06 -1.78
CA PHE A 931 -24.06 37.57 -0.41
C PHE A 931 -22.95 38.59 -0.22
N PHE A 932 -21.73 38.21 -0.60
CA PHE A 932 -20.58 39.08 -0.34
C PHE A 932 -20.64 40.31 -1.22
N LEU A 933 -21.24 40.18 -2.40
CA LEU A 933 -21.35 41.32 -3.29
C LEU A 933 -22.36 42.33 -2.77
N CYS A 934 -23.49 41.87 -2.24
CA CYS A 934 -24.50 42.81 -1.76
C CYS A 934 -24.06 43.54 -0.50
N VAL A 935 -23.28 42.89 0.37
CA VAL A 935 -22.68 43.59 1.51
C VAL A 935 -21.74 44.68 1.02
N TRP A 936 -20.89 44.35 0.07
CA TRP A 936 -19.92 45.33 -0.40
C TRP A 936 -20.53 46.37 -1.32
N LEU A 937 -21.67 46.08 -1.95
CA LEU A 937 -22.30 47.02 -2.87
C LEU A 937 -23.01 48.10 -2.10
N VAL A 938 -23.65 47.72 -0.99
CA VAL A 938 -24.26 48.71 -0.10
C VAL A 938 -23.19 49.58 0.55
N ALA A 939 -22.11 48.94 1.02
CA ALA A 939 -21.04 49.65 1.73
C ALA A 939 -20.37 50.69 0.84
N TYR A 940 -20.07 50.33 -0.40
CA TYR A 940 -19.49 51.28 -1.34
C TYR A 940 -20.50 52.34 -1.75
N GLY A 941 -21.74 51.92 -2.02
CA GLY A 941 -22.67 52.79 -2.70
C GLY A 941 -23.13 53.96 -1.87
N VAL A 942 -23.50 53.70 -0.61
CA VAL A 942 -24.01 54.78 0.23
C VAL A 942 -22.87 55.70 0.66
N ALA A 943 -21.64 55.19 0.70
CA ALA A 943 -20.51 56.03 1.06
C ALA A 943 -20.22 57.06 -0.02
N THR A 944 -20.13 56.64 -1.29
CA THR A 944 -19.94 57.62 -2.36
C THR A 944 -21.16 58.48 -2.58
N GLU A 945 -22.33 58.01 -2.16
CA GLU A 945 -23.51 58.84 -2.29
C GLU A 945 -23.57 59.89 -1.21
N GLY A 946 -23.03 59.58 -0.02
CA GLY A 946 -23.03 60.56 1.04
C GLY A 946 -21.94 61.59 0.92
N ILE A 947 -20.77 61.16 0.44
CA ILE A 947 -19.60 62.04 0.32
C ILE A 947 -19.87 63.18 -0.64
N LEU A 948 -20.47 62.84 -1.76
CA LEU A 948 -20.83 63.84 -2.74
C LEU A 948 -22.34 63.70 -2.73
N ARG A 949 -23.03 64.76 -2.40
CA ARG A 949 -24.48 64.68 -2.34
C ARG A 949 -25.07 65.40 -3.52
N PRO A 950 -25.81 64.67 -4.36
CA PRO A 950 -26.41 65.35 -5.50
C PRO A 950 -27.62 66.15 -5.08
N GLN A 951 -28.19 66.93 -6.00
CA GLN A 951 -29.32 67.77 -5.69
C GLN A 951 -30.64 67.20 -6.16
N ASP A 952 -30.64 66.26 -7.10
CA ASP A 952 -31.85 65.62 -7.58
C ASP A 952 -32.08 64.37 -6.76
N ARG A 953 -32.97 64.46 -5.77
CA ARG A 953 -33.06 63.44 -4.74
C ARG A 953 -34.38 62.68 -4.75
N SER A 954 -34.86 62.28 -5.93
CA SER A 954 -36.00 61.38 -5.96
C SER A 954 -35.57 60.02 -5.44
N LEU A 955 -36.55 59.27 -4.92
CA LEU A 955 -36.26 57.95 -4.37
C LEU A 955 -35.76 56.94 -5.41
N PRO A 956 -36.36 56.77 -6.61
CA PRO A 956 -35.76 55.83 -7.56
C PRO A 956 -34.45 56.31 -8.13
N SER A 957 -34.18 57.61 -8.08
CA SER A 957 -32.93 58.09 -8.64
C SER A 957 -31.76 57.76 -7.71
N ILE A 958 -31.96 57.87 -6.39
CA ILE A 958 -30.87 57.53 -5.50
C ILE A 958 -30.73 56.02 -5.37
N LEU A 959 -31.81 55.25 -5.57
CA LEU A 959 -31.65 53.81 -5.60
C LEU A 959 -30.90 53.37 -6.85
N ARG A 960 -31.08 54.08 -7.96
CA ARG A 960 -30.28 53.85 -9.14
C ARG A 960 -28.80 54.11 -8.86
N ARG A 961 -28.48 55.29 -8.38
CA ARG A 961 -27.07 55.64 -8.22
C ARG A 961 -26.48 55.12 -6.91
N VAL A 962 -27.11 54.15 -6.25
CA VAL A 962 -26.49 53.40 -5.17
C VAL A 962 -26.29 51.93 -5.56
N PHE A 963 -27.31 51.31 -6.14
CA PHE A 963 -27.25 49.88 -6.45
C PHE A 963 -26.95 49.56 -7.90
N TYR A 964 -27.05 50.52 -8.81
CA TYR A 964 -27.00 50.19 -10.22
C TYR A 964 -25.78 50.77 -10.93
N ARG A 965 -25.18 51.84 -10.41
CA ARG A 965 -23.81 52.16 -10.84
C ARG A 965 -22.81 51.06 -10.48
N PRO A 966 -22.64 50.63 -9.22
CA PRO A 966 -21.50 49.75 -8.93
C PRO A 966 -21.66 48.35 -9.48
N TYR A 967 -22.90 47.89 -9.65
CA TYR A 967 -23.12 46.58 -10.23
C TYR A 967 -22.65 46.54 -11.67
N LEU A 968 -22.87 47.61 -12.42
CA LEU A 968 -22.30 47.66 -13.74
C LEU A 968 -20.82 48.02 -13.72
N GLN A 969 -20.29 48.50 -12.59
CA GLN A 969 -18.85 48.75 -12.56
C GLN A 969 -18.03 47.48 -12.51
N ILE A 970 -18.57 46.38 -11.99
CA ILE A 970 -17.77 45.17 -11.97
C ILE A 970 -17.75 44.45 -13.31
N PHE A 971 -18.57 44.89 -14.27
CA PHE A 971 -18.54 44.31 -15.61
C PHE A 971 -17.87 45.23 -16.62
N GLY A 972 -17.06 46.18 -16.17
CA GLY A 972 -16.29 47.01 -17.06
C GLY A 972 -16.94 48.30 -17.49
N GLN A 973 -18.12 48.61 -16.99
CA GLN A 973 -18.81 49.86 -17.31
C GLN A 973 -18.59 50.82 -16.16
N ILE A 974 -17.59 51.68 -16.29
CA ILE A 974 -17.21 52.62 -15.23
C ILE A 974 -17.53 54.04 -15.66
N PRO A 975 -18.45 54.73 -15.00
CA PRO A 975 -18.67 56.14 -15.31
C PRO A 975 -17.68 57.02 -14.55
N GLN A 976 -16.90 57.79 -15.28
CA GLN A 976 -15.93 58.66 -14.63
C GLN A 976 -16.39 60.10 -14.59
N GLU A 977 -17.18 60.52 -15.56
CA GLU A 977 -17.61 61.91 -15.67
C GLU A 977 -18.69 62.28 -14.68
N GLU A 978 -19.16 61.33 -13.90
CA GLU A 978 -20.27 61.55 -13.00
C GLU A 978 -19.86 61.66 -11.54
N MET A 979 -18.59 61.39 -11.23
CA MET A 979 -18.14 61.47 -9.84
C MET A 979 -16.72 61.97 -9.69
N ASP A 980 -16.26 62.88 -10.57
CA ASP A 980 -14.88 63.35 -10.46
C ASP A 980 -14.82 64.80 -10.90
N VAL A 981 -14.25 65.66 -10.04
CA VAL A 981 -14.21 67.11 -10.30
C VAL A 981 -13.37 67.44 -11.53
N ALA A 982 -12.23 66.78 -11.70
CA ALA A 982 -11.33 67.10 -12.80
C ALA A 982 -11.91 66.74 -14.17
N LEU A 983 -12.99 65.98 -14.22
CA LEU A 983 -13.67 65.70 -15.48
C LEU A 983 -14.99 66.45 -15.62
N MET A 984 -15.42 67.15 -14.59
CA MET A 984 -16.63 67.96 -14.63
C MET A 984 -16.27 69.42 -14.84
N ILE A 985 -17.27 70.19 -15.23
CA ILE A 985 -17.11 71.64 -15.36
C ILE A 985 -17.68 72.28 -14.09
N PRO A 986 -16.96 73.19 -13.46
CA PRO A 986 -17.42 73.77 -12.19
C PRO A 986 -18.49 74.83 -12.46
N GLY A 987 -18.97 75.42 -11.38
CA GLY A 987 -20.02 76.42 -11.50
C GLY A 987 -20.80 76.56 -10.21
N ASN A 988 -21.51 77.67 -10.13
CA ASN A 988 -22.29 78.02 -8.93
C ASN A 988 -23.75 77.60 -9.17
N CYS A 989 -23.93 76.29 -9.28
CA CYS A 989 -25.20 75.73 -9.70
C CYS A 989 -26.14 75.44 -8.53
N SER A 990 -25.72 75.69 -7.29
CA SER A 990 -26.53 75.43 -6.12
C SER A 990 -26.79 76.75 -5.38
N MET A 991 -27.55 76.64 -4.29
CA MET A 991 -27.86 77.76 -3.42
C MET A 991 -27.59 77.37 -1.96
N GLU A 992 -26.40 76.81 -1.73
CA GLU A 992 -26.01 76.37 -0.39
C GLU A 992 -24.53 76.68 -0.24
N ARG A 993 -24.07 76.71 1.01
CA ARG A 993 -22.68 76.98 1.32
C ARG A 993 -21.77 75.89 0.77
N GLY A 994 -20.72 76.31 0.07
CA GLY A 994 -19.69 75.40 -0.40
C GLY A 994 -19.43 75.54 -1.88
N SER A 995 -18.56 74.66 -2.37
CA SER A 995 -18.19 74.60 -3.77
C SER A 995 -18.93 73.45 -4.43
N TRP A 996 -19.19 73.58 -5.73
CA TRP A 996 -20.02 72.62 -6.46
C TRP A 996 -19.47 72.39 -7.85
N ALA A 997 -20.12 71.48 -8.57
CA ALA A 997 -19.75 71.13 -9.93
C ALA A 997 -20.99 70.73 -10.70
N HIS A 998 -20.80 70.39 -11.97
CA HIS A 998 -21.92 70.09 -12.85
C HIS A 998 -21.67 68.80 -13.61
N PRO A 999 -22.27 67.68 -13.23
CA PRO A 999 -21.97 66.41 -13.90
C PRO A 999 -22.64 66.29 -15.25
N GLU A 1000 -22.27 65.23 -15.95
CA GLU A 1000 -22.77 64.93 -17.28
C GLU A 1000 -23.70 63.73 -17.23
N GLY A 1001 -24.86 63.84 -17.86
CA GLY A 1001 -25.81 62.76 -17.87
C GLY A 1001 -27.04 63.08 -17.06
N PRO A 1002 -28.21 62.66 -17.53
CA PRO A 1002 -29.47 63.02 -16.85
C PRO A 1002 -29.77 62.23 -15.60
N VAL A 1003 -28.86 61.39 -15.10
CA VAL A 1003 -29.13 60.54 -13.95
C VAL A 1003 -28.18 60.79 -12.79
N ALA A 1004 -27.09 61.50 -13.00
CA ALA A 1004 -26.13 61.73 -11.94
C ALA A 1004 -26.44 62.95 -11.10
N GLY A 1005 -27.68 63.45 -11.13
CA GLY A 1005 -28.01 64.68 -10.46
C GLY A 1005 -27.60 65.88 -11.27
N SER A 1006 -27.92 67.05 -10.75
CA SER A 1006 -27.58 68.30 -11.41
C SER A 1006 -26.35 68.96 -10.85
N CYS A 1007 -26.05 68.76 -9.57
CA CYS A 1007 -24.88 69.35 -8.94
C CYS A 1007 -24.24 68.31 -8.04
N VAL A 1008 -22.94 68.44 -7.83
CA VAL A 1008 -22.14 67.49 -7.06
C VAL A 1008 -21.14 68.29 -6.25
N SER A 1009 -21.03 67.98 -4.96
CA SER A 1009 -20.11 68.69 -4.09
C SER A 1009 -18.67 68.38 -4.45
N GLN A 1010 -17.81 69.41 -4.40
CA GLN A 1010 -16.40 69.23 -4.71
C GLN A 1010 -15.57 68.87 -3.50
N TYR A 1011 -16.19 68.65 -2.35
CA TYR A 1011 -15.43 68.49 -1.12
C TYR A 1011 -14.90 67.08 -1.01
N ALA A 1012 -13.58 66.96 -0.86
CA ALA A 1012 -12.87 65.71 -0.62
C ALA A 1012 -13.14 64.68 -1.72
N ASN A 1013 -13.00 65.11 -2.96
CA ASN A 1013 -13.30 64.21 -4.07
C ASN A 1013 -12.17 63.21 -4.31
N TRP A 1014 -10.99 63.43 -3.73
CA TRP A 1014 -9.96 62.41 -3.74
C TRP A 1014 -10.38 61.17 -2.99
N LEU A 1015 -11.22 61.31 -1.97
CA LEU A 1015 -11.68 60.15 -1.23
C LEU A 1015 -12.64 59.30 -2.05
N VAL A 1016 -13.40 59.92 -2.95
CA VAL A 1016 -14.26 59.14 -3.84
C VAL A 1016 -13.41 58.39 -4.86
N VAL A 1017 -12.30 58.99 -5.29
CA VAL A 1017 -11.39 58.29 -6.19
C VAL A 1017 -10.75 57.09 -5.48
N LEU A 1018 -10.46 57.22 -4.18
CA LEU A 1018 -9.94 56.07 -3.45
C LEU A 1018 -10.99 55.01 -3.21
N LEU A 1019 -12.24 55.37 -2.98
CA LEU A 1019 -13.26 54.34 -2.84
C LEU A 1019 -13.53 53.62 -4.15
N LEU A 1020 -13.29 54.29 -5.27
CA LEU A 1020 -13.42 53.60 -6.55
C LEU A 1020 -12.29 52.59 -6.74
N ILE A 1021 -11.09 52.93 -6.28
CA ILE A 1021 -9.96 52.01 -6.42
C ILE A 1021 -10.13 50.79 -5.52
N VAL A 1022 -10.54 51.01 -4.28
CA VAL A 1022 -10.74 49.89 -3.34
C VAL A 1022 -11.91 49.02 -3.77
N PHE A 1023 -12.94 49.60 -4.39
CA PHE A 1023 -14.04 48.79 -4.89
C PHE A 1023 -13.61 47.92 -6.05
N LEU A 1024 -12.85 48.47 -6.98
CA LEU A 1024 -12.42 47.66 -8.12
C LEU A 1024 -11.43 46.58 -7.72
N LEU A 1025 -10.66 46.81 -6.67
CA LEU A 1025 -9.77 45.79 -6.15
C LEU A 1025 -10.55 44.62 -5.55
N VAL A 1026 -11.47 44.91 -4.62
CA VAL A 1026 -12.16 43.85 -3.91
C VAL A 1026 -13.14 43.11 -4.83
N ALA A 1027 -13.78 43.82 -5.74
CA ALA A 1027 -14.75 43.16 -6.61
C ALA A 1027 -14.08 42.42 -7.75
N ASN A 1028 -13.35 43.14 -8.60
CA ASN A 1028 -12.71 42.52 -9.76
C ASN A 1028 -11.67 41.44 -9.46
N ILE A 1029 -10.80 41.65 -8.47
CA ILE A 1029 -9.78 40.66 -8.18
C ILE A 1029 -10.08 39.67 -7.05
N LEU A 1030 -10.51 40.18 -5.89
CA LEU A 1030 -10.81 39.34 -4.74
C LEU A 1030 -11.99 38.37 -4.82
N LEU A 1031 -13.09 38.81 -5.41
CA LEU A 1031 -14.30 38.00 -5.46
C LEU A 1031 -14.41 37.15 -6.71
N LEU A 1032 -14.13 37.72 -7.88
CA LEU A 1032 -14.24 36.94 -9.10
C LEU A 1032 -13.17 35.87 -9.19
N ASN A 1033 -11.95 36.14 -8.74
CA ASN A 1033 -10.96 35.07 -8.83
C ASN A 1033 -11.13 34.05 -7.72
N LEU A 1034 -11.70 34.45 -6.58
CA LEU A 1034 -12.07 33.45 -5.58
C LEU A 1034 -13.21 32.58 -6.06
N LEU A 1035 -14.10 33.14 -6.87
CA LEU A 1035 -15.24 32.36 -7.35
C LEU A 1035 -14.80 31.33 -8.37
N ILE A 1036 -13.78 31.63 -9.18
CA ILE A 1036 -13.24 30.63 -10.08
C ILE A 1036 -12.55 29.51 -9.28
N ALA A 1037 -11.98 29.86 -8.12
CA ALA A 1037 -11.38 28.83 -7.28
C ALA A 1037 -12.41 27.89 -6.69
N MET A 1038 -13.56 28.40 -6.27
CA MET A 1038 -14.57 27.52 -5.69
C MET A 1038 -15.29 26.69 -6.74
N PHE A 1039 -15.43 27.19 -7.96
CA PHE A 1039 -16.00 26.35 -9.00
C PHE A 1039 -15.06 25.24 -9.41
N SER A 1040 -13.75 25.49 -9.41
CA SER A 1040 -12.81 24.44 -9.78
C SER A 1040 -12.76 23.35 -8.73
N TYR A 1041 -12.86 23.73 -7.45
CA TYR A 1041 -12.82 22.74 -6.39
C TYR A 1041 -14.11 21.92 -6.35
N THR A 1042 -15.25 22.57 -6.50
CA THR A 1042 -16.52 21.84 -6.40
C THR A 1042 -16.71 20.92 -7.60
N PHE A 1043 -16.32 21.36 -8.80
CA PHE A 1043 -16.50 20.56 -9.99
C PHE A 1043 -15.62 19.32 -9.96
N SER A 1044 -14.39 19.47 -9.49
CA SER A 1044 -13.54 18.29 -9.35
C SER A 1044 -13.98 17.38 -8.23
N LYS A 1045 -14.84 17.84 -7.33
CA LYS A 1045 -15.31 16.99 -6.25
C LYS A 1045 -16.59 16.23 -6.61
N VAL A 1046 -17.52 16.85 -7.34
CA VAL A 1046 -18.82 16.25 -7.59
C VAL A 1046 -18.96 15.67 -8.98
N HIS A 1047 -17.87 15.59 -9.75
CA HIS A 1047 -17.98 15.08 -11.11
C HIS A 1047 -18.30 13.59 -11.13
N GLY A 1048 -17.74 12.82 -10.21
CA GLY A 1048 -17.98 11.40 -10.20
C GLY A 1048 -19.39 11.02 -9.74
N ASN A 1049 -19.90 11.73 -8.74
CA ASN A 1049 -21.25 11.45 -8.27
C ASN A 1049 -22.29 11.88 -9.29
N SER A 1050 -22.03 12.93 -10.06
CA SER A 1050 -23.02 13.32 -11.04
C SER A 1050 -23.01 12.42 -12.26
N ASP A 1051 -21.94 11.65 -12.49
CA ASP A 1051 -22.05 10.64 -13.53
C ASP A 1051 -22.76 9.40 -13.04
N LEU A 1052 -22.60 9.04 -11.77
CA LEU A 1052 -23.39 7.92 -11.26
C LEU A 1052 -24.86 8.27 -11.23
N TYR A 1053 -25.18 9.51 -10.89
CA TYR A 1053 -26.58 9.90 -10.85
C TYR A 1053 -27.18 10.02 -12.24
N TRP A 1054 -26.39 10.46 -13.22
CA TRP A 1054 -26.94 10.60 -14.56
C TRP A 1054 -27.16 9.26 -15.22
N LYS A 1055 -26.24 8.31 -15.04
CA LYS A 1055 -26.37 7.02 -15.68
C LYS A 1055 -27.53 6.22 -15.10
N ALA A 1056 -27.91 6.50 -13.86
CA ALA A 1056 -29.10 5.87 -13.31
C ALA A 1056 -30.37 6.50 -13.89
N GLN A 1057 -30.39 7.83 -14.02
CA GLN A 1057 -31.59 8.48 -14.53
C GLN A 1057 -31.78 8.31 -16.03
N ARG A 1058 -30.76 7.81 -16.73
CA ARG A 1058 -30.81 7.72 -18.18
C ARG A 1058 -31.79 6.64 -18.64
N TYR A 1059 -32.01 5.63 -17.80
CA TYR A 1059 -33.03 4.62 -18.10
C TYR A 1059 -34.43 5.20 -18.08
N SER A 1060 -34.79 5.89 -17.00
CA SER A 1060 -36.15 6.40 -16.87
C SER A 1060 -36.47 7.46 -17.90
N LEU A 1061 -35.47 8.17 -18.40
CA LEU A 1061 -35.71 9.11 -19.50
C LEU A 1061 -36.02 8.38 -20.79
N ILE A 1062 -35.27 7.31 -21.09
CA ILE A 1062 -35.52 6.52 -22.29
C ILE A 1062 -36.87 5.85 -22.25
N ARG A 1063 -37.27 5.37 -21.06
CA ARG A 1063 -38.58 4.73 -20.91
C ARG A 1063 -39.71 5.73 -21.10
N GLU A 1064 -39.47 7.00 -20.76
CA GLU A 1064 -40.47 8.04 -21.00
C GLU A 1064 -40.71 8.24 -22.49
N PHE A 1065 -39.65 8.31 -23.30
CA PHE A 1065 -39.86 8.46 -24.74
C PHE A 1065 -40.37 7.18 -25.38
N HIS A 1066 -40.17 6.04 -24.73
CA HIS A 1066 -40.63 4.79 -25.31
C HIS A 1066 -42.13 4.61 -25.12
N SER A 1067 -42.70 5.19 -24.07
CA SER A 1067 -44.12 5.05 -23.79
C SER A 1067 -44.93 6.30 -24.13
N ARG A 1068 -44.59 6.97 -25.23
CA ARG A 1068 -45.22 8.17 -25.78
C ARG A 1068 -45.90 7.87 -27.10
N PRO A 1069 -47.12 8.38 -27.34
CA PRO A 1069 -47.76 8.22 -28.65
C PRO A 1069 -46.99 8.94 -29.75
N ALA A 1070 -46.46 8.17 -30.70
CA ALA A 1070 -45.45 8.66 -31.65
C ALA A 1070 -46.14 9.56 -32.68
N LEU A 1071 -46.40 10.78 -32.25
CA LEU A 1071 -47.08 11.77 -33.06
C LEU A 1071 -46.71 13.13 -32.50
N ALA A 1072 -46.67 14.14 -33.36
CA ALA A 1072 -46.21 15.45 -32.95
C ALA A 1072 -47.27 16.18 -32.13
N PRO A 1073 -46.86 17.04 -31.21
CA PRO A 1073 -47.82 17.87 -30.43
C PRO A 1073 -48.68 18.82 -31.25
N PRO A 1074 -48.27 19.33 -32.46
CA PRO A 1074 -49.29 19.98 -33.29
C PRO A 1074 -50.26 19.00 -33.94
N LEU A 1075 -49.98 17.69 -33.88
CA LEU A 1075 -50.86 16.68 -34.43
C LEU A 1075 -51.40 15.72 -33.38
N ILE A 1076 -51.16 15.99 -32.09
CA ILE A 1076 -51.40 14.98 -31.06
C ILE A 1076 -52.87 14.89 -30.67
N ILE A 1077 -53.74 15.69 -31.29
CA ILE A 1077 -55.16 15.58 -31.00
C ILE A 1077 -55.77 14.30 -31.55
N ILE A 1078 -55.08 13.64 -32.48
CA ILE A 1078 -55.53 12.32 -32.96
C ILE A 1078 -55.49 11.31 -31.83
N SER A 1079 -54.39 11.29 -31.08
CA SER A 1079 -54.26 10.36 -29.97
C SER A 1079 -55.20 10.69 -28.83
N HIS A 1080 -55.49 11.97 -28.60
CA HIS A 1080 -56.44 12.33 -27.56
C HIS A 1080 -57.88 12.03 -27.98
N VAL A 1081 -58.17 12.07 -29.28
CA VAL A 1081 -59.48 11.62 -29.75
C VAL A 1081 -59.66 10.13 -29.49
N ARG A 1082 -58.68 9.33 -29.91
CA ARG A 1082 -58.83 7.88 -29.86
C ARG A 1082 -58.82 7.36 -28.43
N LEU A 1083 -58.06 8.02 -27.55
CA LEU A 1083 -58.10 7.61 -26.15
C LEU A 1083 -59.31 8.16 -25.42
N LEU A 1084 -59.96 9.22 -25.92
CA LEU A 1084 -61.20 9.62 -25.28
C LEU A 1084 -62.36 8.72 -25.72
N ILE A 1085 -62.28 8.16 -26.93
CA ILE A 1085 -63.23 7.13 -27.35
C ILE A 1085 -63.09 5.89 -26.48
N LYS A 1086 -61.85 5.45 -26.26
CA LYS A 1086 -61.63 4.29 -25.39
C LYS A 1086 -61.89 4.60 -23.93
N TRP A 1087 -61.96 5.87 -23.55
CA TRP A 1087 -62.41 6.19 -22.21
C TRP A 1087 -63.93 6.20 -22.10
N LEU A 1088 -64.63 6.50 -23.19
CA LEU A 1088 -66.10 6.44 -23.14
C LEU A 1088 -66.62 5.01 -23.24
N ARG A 1089 -65.78 4.07 -23.66
CA ARG A 1089 -66.15 2.67 -23.53
C ARG A 1089 -65.91 2.13 -22.12
N ARG A 1090 -65.16 2.86 -21.29
CA ARG A 1090 -64.91 2.46 -19.91
C ARG A 1090 -65.31 3.58 -18.95
N LEU A 1112 -40.82 -15.06 -23.20
CA LEU A 1112 -40.02 -16.19 -23.63
C LEU A 1112 -40.74 -17.50 -23.37
N SER A 1113 -40.44 -18.51 -24.19
CA SER A 1113 -41.03 -19.83 -24.04
C SER A 1113 -40.40 -20.55 -22.85
N LYS A 1114 -40.89 -21.76 -22.58
CA LYS A 1114 -40.40 -22.50 -21.43
C LYS A 1114 -39.00 -23.05 -21.65
N GLU A 1115 -38.75 -23.68 -22.80
CA GLU A 1115 -37.41 -24.18 -23.07
C GLU A 1115 -36.42 -23.05 -23.32
N ALA A 1116 -36.91 -21.87 -23.70
CA ALA A 1116 -36.04 -20.71 -23.73
C ALA A 1116 -35.61 -20.30 -22.32
N GLU A 1117 -36.53 -20.34 -21.36
CA GLU A 1117 -36.18 -20.04 -19.98
C GLU A 1117 -35.25 -21.09 -19.38
N ARG A 1118 -35.46 -22.36 -19.71
CA ARG A 1118 -34.60 -23.40 -19.16
C ARG A 1118 -33.19 -23.31 -19.72
N LYS A 1119 -33.06 -23.07 -21.03
CA LYS A 1119 -31.73 -22.94 -21.61
C LYS A 1119 -31.02 -21.68 -21.13
N LEU A 1120 -31.78 -20.61 -20.90
CA LEU A 1120 -31.18 -19.37 -20.41
C LEU A 1120 -30.74 -19.50 -18.96
N LEU A 1121 -31.59 -20.07 -18.10
CA LEU A 1121 -31.26 -20.13 -16.69
C LEU A 1121 -30.19 -21.16 -16.38
N THR A 1122 -30.07 -22.21 -17.19
CA THR A 1122 -28.93 -23.10 -17.01
C THR A 1122 -27.65 -22.46 -17.51
N TRP A 1123 -27.72 -21.63 -18.55
CA TRP A 1123 -26.57 -20.84 -18.97
C TRP A 1123 -26.13 -19.87 -17.88
N GLU A 1124 -27.11 -19.26 -17.21
CA GLU A 1124 -26.83 -18.35 -16.10
C GLU A 1124 -26.20 -19.08 -14.93
N SER A 1125 -26.67 -20.28 -14.63
CA SER A 1125 -26.13 -21.00 -13.49
C SER A 1125 -24.74 -21.56 -13.76
N VAL A 1126 -24.41 -21.81 -15.03
CA VAL A 1126 -23.04 -22.23 -15.37
C VAL A 1126 -22.05 -21.11 -15.09
N HIS A 1127 -22.37 -19.89 -15.54
CA HIS A 1127 -21.46 -18.77 -15.25
C HIS A 1127 -21.47 -18.37 -13.80
N LYS A 1128 -22.53 -18.67 -13.06
CA LYS A 1128 -22.51 -18.47 -11.63
C LYS A 1128 -21.51 -19.39 -10.94
N GLU A 1129 -21.45 -20.65 -11.39
CA GLU A 1129 -20.55 -21.61 -10.75
C GLU A 1129 -19.09 -21.28 -11.04
N ASN A 1130 -18.79 -20.84 -12.26
CA ASN A 1130 -17.41 -20.46 -12.58
C ASN A 1130 -17.00 -19.20 -11.82
N PHE A 1131 -17.94 -18.30 -11.56
CA PHE A 1131 -17.63 -17.12 -10.76
C PHE A 1131 -17.29 -17.47 -9.32
N LEU A 1132 -18.03 -18.41 -8.73
CA LEU A 1132 -17.76 -18.74 -7.33
C LEU A 1132 -16.47 -19.52 -7.17
N LEU A 1133 -16.07 -20.33 -8.15
CA LEU A 1133 -14.80 -21.01 -8.06
C LEU A 1133 -13.64 -20.02 -8.18
N ALA A 1134 -13.79 -19.01 -9.04
CA ALA A 1134 -12.73 -18.02 -9.19
C ALA A 1134 -12.58 -17.16 -7.94
N GLN A 1135 -13.69 -16.85 -7.27
CA GLN A 1135 -13.63 -16.08 -6.04
C GLN A 1135 -12.94 -16.86 -4.94
N ALA A 1136 -13.26 -18.15 -4.80
CA ALA A 1136 -12.66 -18.94 -3.73
C ALA A 1136 -11.17 -19.18 -3.97
N ARG A 1137 -10.76 -19.29 -5.24
CA ARG A 1137 -9.33 -19.47 -5.50
C ARG A 1137 -8.55 -18.19 -5.24
N ASP A 1138 -9.12 -17.04 -5.58
CA ASP A 1138 -8.40 -15.79 -5.33
C ASP A 1138 -8.36 -15.48 -3.85
N LYS A 1139 -9.37 -15.91 -3.09
CA LYS A 1139 -9.31 -15.74 -1.65
C LYS A 1139 -8.31 -16.68 -1.01
N ARG A 1140 -8.24 -17.93 -1.47
CA ARG A 1140 -7.38 -18.94 -0.86
C ARG A 1140 -5.91 -18.61 -1.03
N ASP A 1141 -5.54 -17.99 -2.14
CA ASP A 1141 -4.15 -17.68 -2.39
C ASP A 1141 -3.78 -16.25 -2.03
N SER A 1142 -4.54 -15.59 -1.17
CA SER A 1142 -4.07 -14.33 -0.62
C SER A 1142 -3.03 -14.61 0.45
N ASP A 1143 -2.30 -13.57 0.82
CA ASP A 1143 -1.18 -13.76 1.74
C ASP A 1143 -1.65 -13.94 3.18
N SER A 1144 -2.77 -13.30 3.53
CA SER A 1144 -3.27 -13.43 4.89
C SER A 1144 -3.85 -14.83 5.15
N GLU A 1145 -4.45 -15.43 4.13
CA GLU A 1145 -4.94 -16.79 4.30
C GLU A 1145 -3.80 -17.79 4.37
N ARG A 1146 -2.73 -17.57 3.60
CA ARG A 1146 -1.53 -18.38 3.76
C ARG A 1146 -0.91 -18.21 5.13
N LEU A 1147 -0.98 -17.00 5.68
CA LEU A 1147 -0.37 -16.76 6.97
C LEU A 1147 -1.19 -17.39 8.10
N LYS A 1148 -2.51 -17.48 7.92
CA LYS A 1148 -3.35 -18.21 8.85
C LYS A 1148 -2.98 -19.69 8.86
N ARG A 1149 -2.90 -20.30 7.68
CA ARG A 1149 -2.77 -21.75 7.60
C ARG A 1149 -1.40 -22.21 8.06
N THR A 1150 -0.35 -21.41 7.79
CA THR A 1150 0.94 -21.76 8.33
C THR A 1150 1.00 -21.59 9.83
N SER A 1151 0.27 -20.59 10.37
CA SER A 1151 0.22 -20.43 11.82
C SER A 1151 -0.44 -21.64 12.48
N GLN A 1152 -1.48 -22.17 11.85
CA GLN A 1152 -2.13 -23.36 12.39
C GLN A 1152 -1.25 -24.58 12.25
N LYS A 1153 -0.46 -24.67 11.17
CA LYS A 1153 0.34 -25.87 10.94
C LYS A 1153 1.54 -25.92 11.89
N VAL A 1154 2.13 -24.76 12.18
CA VAL A 1154 3.18 -24.73 13.20
C VAL A 1154 2.58 -25.00 14.57
N ASP A 1155 1.34 -24.56 14.79
CA ASP A 1155 0.66 -24.76 16.07
C ASP A 1155 0.43 -26.24 16.34
N THR A 1156 -0.04 -26.98 15.34
CA THR A 1156 -0.15 -28.42 15.48
C THR A 1156 1.21 -29.12 15.44
N ALA A 1157 2.24 -28.46 14.89
CA ALA A 1157 3.57 -29.04 14.96
C ALA A 1157 4.12 -28.98 16.37
N LEU A 1158 3.82 -27.91 17.11
CA LEU A 1158 4.19 -27.89 18.52
C LEU A 1158 3.30 -28.81 19.34
N LYS A 1159 2.09 -29.09 18.84
CA LYS A 1159 1.32 -30.16 19.44
C LYS A 1159 1.96 -31.53 19.23
N GLN A 1160 2.71 -31.71 18.15
CA GLN A 1160 3.46 -32.95 17.99
C GLN A 1160 4.68 -32.97 18.90
N LEU A 1161 5.32 -31.83 19.11
CA LEU A 1161 6.59 -31.81 19.83
C LEU A 1161 6.42 -31.92 21.34
N GLY A 1162 5.19 -31.86 21.85
CA GLY A 1162 4.97 -32.29 23.22
C GLY A 1162 5.24 -33.76 23.41
N GLN A 1163 4.96 -34.56 22.37
CA GLN A 1163 5.26 -35.99 22.43
C GLN A 1163 6.75 -36.26 22.34
N ILE A 1164 7.50 -35.40 21.64
CA ILE A 1164 8.94 -35.56 21.59
C ILE A 1164 9.57 -35.25 22.95
N ARG A 1165 8.99 -34.31 23.68
CA ARG A 1165 9.46 -34.04 25.04
C ARG A 1165 9.10 -35.16 25.99
N GLU A 1166 7.92 -35.74 25.81
CA GLU A 1166 7.43 -36.74 26.75
C GLU A 1166 8.07 -38.10 26.52
N TYR A 1167 8.47 -38.39 25.28
CA TYR A 1167 9.05 -39.70 24.99
C TYR A 1167 10.51 -39.78 25.39
N ASP A 1168 11.22 -38.65 25.41
CA ASP A 1168 12.66 -38.67 25.64
C ASP A 1168 12.99 -39.08 27.05
N ARG A 1169 12.25 -38.55 28.03
CA ARG A 1169 12.42 -39.00 29.40
C ARG A 1169 11.89 -40.42 29.57
N ARG A 1170 10.86 -40.79 28.80
CA ARG A 1170 10.34 -42.15 28.86
C ARG A 1170 11.25 -43.14 28.18
N LEU A 1171 11.98 -42.71 27.14
CA LEU A 1171 12.97 -43.59 26.54
C LEU A 1171 14.22 -43.67 27.38
N ARG A 1172 14.54 -42.60 28.11
CA ARG A 1172 15.73 -42.59 28.97
C ARG A 1172 15.58 -43.58 30.10
N GLY A 1173 14.37 -43.71 30.64
CA GLY A 1173 14.10 -44.77 31.60
C GLY A 1173 14.12 -46.13 30.93
N LEU A 1174 13.56 -46.22 29.72
CA LEU A 1174 13.39 -47.52 29.09
C LEU A 1174 14.70 -48.03 28.50
N GLU A 1175 15.61 -47.14 28.13
CA GLU A 1175 16.91 -47.58 27.67
C GLU A 1175 17.73 -48.13 28.82
N ARG A 1176 17.68 -47.46 29.97
CA ARG A 1176 18.40 -47.95 31.14
C ARG A 1176 17.69 -49.13 31.80
N GLU A 1177 16.40 -49.32 31.54
CA GLU A 1177 15.68 -50.43 32.14
C GLU A 1177 16.13 -51.77 31.57
N VAL A 1178 16.28 -51.84 30.25
CA VAL A 1178 16.90 -53.02 29.66
C VAL A 1178 18.39 -53.06 29.98
N GLN A 1179 19.03 -51.90 30.10
CA GLN A 1179 20.44 -51.85 30.48
C GLN A 1179 20.66 -52.23 31.94
N HIS A 1180 19.74 -51.90 32.84
CA HIS A 1180 19.80 -52.46 34.18
C HIS A 1180 19.58 -53.96 34.15
N CYS A 1181 18.68 -54.42 33.28
CA CYS A 1181 18.56 -55.84 33.03
C CYS A 1181 19.78 -56.40 32.30
N SER A 1182 20.42 -55.59 31.45
CA SER A 1182 21.72 -55.97 30.90
C SER A 1182 22.83 -55.83 31.93
N ARG A 1183 22.68 -54.94 32.90
CA ARG A 1183 23.55 -55.00 34.07
C ARG A 1183 23.19 -56.19 34.95
N VAL A 1184 21.90 -56.53 35.03
CA VAL A 1184 21.52 -57.77 35.68
C VAL A 1184 21.95 -58.98 34.86
N LEU A 1185 21.94 -58.86 33.53
CA LEU A 1185 22.54 -59.90 32.69
C LEU A 1185 24.05 -59.95 32.90
N THR A 1186 24.67 -58.79 33.10
CA THR A 1186 26.07 -58.77 33.53
C THR A 1186 26.21 -59.31 34.94
N TRP A 1187 25.21 -59.06 35.80
CA TRP A 1187 25.18 -59.72 37.10
C TRP A 1187 24.87 -61.20 36.97
N MET A 1188 24.07 -61.58 35.97
CA MET A 1188 23.91 -63.00 35.66
C MET A 1188 25.18 -63.60 35.09
N ALA A 1189 25.94 -62.82 34.32
CA ALA A 1189 27.29 -63.24 33.93
C ALA A 1189 28.23 -63.21 35.11
N GLU A 1190 28.00 -62.32 36.06
CA GLU A 1190 28.77 -62.34 37.30
C GLU A 1190 28.33 -63.50 38.19
N ALA A 1191 27.05 -63.87 38.15
CA ALA A 1191 26.60 -65.08 38.82
C ALA A 1191 26.93 -66.35 38.03
N LEU A 1192 27.44 -66.22 36.81
CA LEU A 1192 27.86 -67.37 36.01
C LEU A 1192 29.27 -67.84 36.33
N SER A 1193 29.92 -67.23 37.32
CA SER A 1193 31.29 -67.59 37.66
C SER A 1193 31.33 -68.94 38.39
N PRO B 12 -32.36 -34.60 -28.75
CA PRO B 12 -31.19 -35.44 -28.48
C PRO B 12 -31.58 -36.72 -27.77
N LYS B 13 -32.70 -37.30 -28.22
CA LYS B 13 -33.30 -38.45 -27.55
C LYS B 13 -33.73 -39.55 -28.50
N ILE B 14 -33.97 -39.23 -29.77
CA ILE B 14 -34.52 -40.24 -30.68
C ILE B 14 -33.43 -41.18 -31.15
N PHE B 15 -32.23 -40.67 -31.41
CA PHE B 15 -31.16 -41.54 -31.88
C PHE B 15 -30.63 -42.42 -30.75
N ARG B 16 -30.63 -41.91 -29.51
CA ARG B 16 -30.27 -42.75 -28.37
C ARG B 16 -31.43 -43.61 -27.93
N LYS B 17 -32.61 -43.45 -28.54
CA LYS B 17 -33.62 -44.49 -28.47
C LYS B 17 -33.37 -45.57 -29.50
N LYS B 18 -32.94 -45.18 -30.71
CA LYS B 18 -32.96 -46.12 -31.83
C LYS B 18 -31.72 -47.00 -31.89
N VAL B 19 -30.53 -46.38 -31.87
CA VAL B 19 -29.32 -47.07 -32.33
C VAL B 19 -28.91 -48.14 -31.34
N CYS B 20 -28.89 -47.81 -30.06
CA CYS B 20 -28.76 -48.84 -29.05
C CYS B 20 -30.05 -49.65 -28.98
N THR B 21 -29.94 -50.89 -28.51
CA THR B 21 -31.08 -51.80 -28.51
C THR B 21 -31.29 -52.40 -27.12
N THR B 22 -32.42 -53.10 -26.98
CA THR B 22 -32.80 -53.84 -25.77
C THR B 22 -33.50 -55.12 -26.18
N PHE B 23 -33.07 -56.25 -25.61
CA PHE B 23 -33.73 -57.52 -25.88
C PHE B 23 -34.28 -58.11 -24.60
N ILE B 24 -35.39 -58.84 -24.73
CA ILE B 24 -36.10 -59.39 -23.58
C ILE B 24 -35.91 -60.90 -23.52
N THR B 68 -36.52 -64.53 -27.71
CA THR B 68 -36.11 -63.18 -27.37
C THR B 68 -36.15 -62.31 -28.62
N THR B 69 -36.74 -61.13 -28.51
CA THR B 69 -36.78 -60.18 -29.61
C THR B 69 -35.97 -58.94 -29.25
N GLU B 70 -35.20 -58.44 -30.21
CA GLU B 70 -34.36 -57.26 -30.03
C GLU B 70 -35.19 -56.01 -30.36
N LYS B 71 -35.29 -55.09 -29.41
CA LYS B 71 -36.09 -53.89 -29.53
C LYS B 71 -35.26 -52.65 -29.23
N PRO B 72 -35.64 -51.49 -29.78
CA PRO B 72 -35.00 -50.24 -29.37
C PRO B 72 -35.26 -49.89 -27.92
N THR B 73 -34.35 -49.08 -27.37
CA THR B 73 -34.31 -48.79 -25.95
C THR B 73 -35.45 -47.87 -25.52
N ASP B 74 -35.68 -47.81 -24.21
CA ASP B 74 -36.68 -46.91 -23.67
C ASP B 74 -36.25 -46.17 -22.41
N ALA B 75 -35.10 -46.48 -21.82
CA ALA B 75 -34.67 -45.88 -20.56
C ALA B 75 -33.30 -45.24 -20.77
N TYR B 76 -33.25 -43.93 -20.61
CA TYR B 76 -32.07 -43.12 -20.89
C TYR B 76 -32.31 -41.73 -20.31
N GLY B 77 -31.36 -40.84 -20.54
CA GLY B 77 -31.52 -39.44 -20.22
C GLY B 77 -30.97 -39.07 -18.86
N ASP B 78 -31.47 -37.97 -18.32
CA ASP B 78 -31.05 -37.52 -17.00
C ASP B 78 -31.62 -38.41 -15.91
N LEU B 79 -31.14 -38.18 -14.70
CA LEU B 79 -31.55 -38.96 -13.53
C LEU B 79 -31.28 -38.11 -12.31
N ASP B 80 -32.33 -37.61 -11.69
CA ASP B 80 -32.16 -36.88 -10.44
C ASP B 80 -32.50 -37.78 -9.26
N PHE B 81 -31.97 -37.40 -8.11
CA PHE B 81 -32.29 -38.00 -6.83
C PHE B 81 -32.96 -36.96 -5.96
N THR B 82 -33.38 -37.38 -4.77
CA THR B 82 -34.03 -36.45 -3.86
C THR B 82 -33.04 -35.45 -3.28
N TYR B 83 -31.76 -35.77 -3.27
CA TYR B 83 -30.75 -34.95 -2.65
C TYR B 83 -30.46 -33.72 -3.49
N SER B 84 -30.33 -32.58 -2.83
CA SER B 84 -30.25 -31.29 -3.50
C SER B 84 -28.84 -30.72 -3.42
N GLY B 85 -28.51 -29.90 -4.42
CA GLY B 85 -27.18 -29.35 -4.57
C GLY B 85 -26.35 -29.98 -5.67
N ARG B 86 -26.89 -30.95 -6.39
CA ARG B 86 -26.15 -31.74 -7.35
C ARG B 86 -26.78 -31.66 -8.73
N LYS B 87 -26.03 -32.13 -9.74
CA LYS B 87 -26.51 -32.14 -11.11
C LYS B 87 -27.38 -33.37 -11.36
N HIS B 88 -27.67 -33.61 -12.63
CA HIS B 88 -28.38 -34.81 -13.04
C HIS B 88 -27.40 -35.86 -13.52
N SER B 89 -27.54 -37.06 -12.99
CA SER B 89 -26.78 -38.21 -13.47
C SER B 89 -27.37 -38.71 -14.77
N ASN B 90 -26.59 -39.48 -15.52
CA ASN B 90 -27.00 -40.01 -16.80
C ASN B 90 -26.98 -41.53 -16.78
N PHE B 91 -28.03 -42.14 -17.32
CA PHE B 91 -28.11 -43.58 -17.40
C PHE B 91 -28.54 -43.99 -18.80
N LEU B 92 -28.58 -45.30 -19.02
CA LEU B 92 -28.96 -45.88 -20.30
C LEU B 92 -29.32 -47.33 -20.11
N ARG B 93 -30.46 -47.74 -20.67
CA ARG B 93 -30.80 -49.16 -20.78
C ARG B 93 -30.18 -49.66 -22.07
N LEU B 94 -29.43 -50.76 -21.99
CA LEU B 94 -28.63 -51.21 -23.11
C LEU B 94 -28.71 -52.73 -23.26
N SER B 95 -28.62 -53.20 -24.49
CA SER B 95 -28.48 -54.61 -24.77
C SER B 95 -27.14 -55.15 -24.25
N ASP B 96 -27.07 -56.46 -24.07
CA ASP B 96 -25.80 -57.07 -23.72
C ASP B 96 -25.01 -57.46 -24.97
N ARG B 97 -25.70 -57.94 -26.00
CA ARG B 97 -25.04 -58.38 -27.23
C ARG B 97 -24.93 -57.21 -28.19
N THR B 98 -24.08 -56.25 -27.81
CA THR B 98 -23.85 -55.05 -28.58
C THR B 98 -22.37 -54.68 -28.49
N ASP B 99 -21.99 -53.64 -29.24
CA ASP B 99 -20.57 -53.30 -29.27
C ASP B 99 -20.32 -52.02 -28.49
N PRO B 100 -19.21 -51.94 -27.74
CA PRO B 100 -18.94 -50.75 -26.92
C PRO B 100 -18.39 -49.56 -27.68
N ALA B 101 -18.22 -49.66 -29.00
CA ALA B 101 -17.74 -48.51 -29.76
C ALA B 101 -18.81 -47.42 -29.82
N THR B 102 -20.08 -47.81 -29.95
CA THR B 102 -21.14 -46.84 -29.85
C THR B 102 -21.39 -46.41 -28.41
N VAL B 103 -20.92 -47.19 -27.43
CA VAL B 103 -20.98 -46.75 -26.04
C VAL B 103 -19.95 -45.65 -25.80
N TYR B 104 -18.75 -45.82 -26.37
CA TYR B 104 -17.72 -44.80 -26.24
C TYR B 104 -18.11 -43.53 -26.97
N SER B 105 -18.77 -43.65 -28.12
CA SER B 105 -19.23 -42.46 -28.81
C SER B 105 -20.37 -41.80 -28.06
N LEU B 106 -21.21 -42.58 -27.38
CA LEU B 106 -22.35 -41.99 -26.68
C LEU B 106 -21.88 -41.22 -25.46
N VAL B 107 -20.91 -41.77 -24.72
CA VAL B 107 -20.42 -41.10 -23.52
C VAL B 107 -19.54 -39.91 -23.88
N THR B 108 -18.51 -40.13 -24.71
CA THR B 108 -17.54 -39.09 -24.96
C THR B 108 -18.04 -38.01 -25.92
N ARG B 109 -19.14 -38.23 -26.63
CA ARG B 109 -19.63 -37.16 -27.49
C ARG B 109 -20.99 -36.64 -27.05
N SER B 110 -21.98 -37.53 -26.91
CA SER B 110 -23.36 -37.10 -26.75
C SER B 110 -23.65 -36.54 -25.37
N TRP B 111 -23.16 -37.20 -24.32
CA TRP B 111 -23.31 -36.64 -22.98
C TRP B 111 -22.32 -35.52 -22.74
N GLY B 112 -21.06 -35.76 -23.10
CA GLY B 112 -19.99 -34.82 -22.84
C GLY B 112 -19.10 -35.30 -21.71
N PHE B 113 -17.99 -35.94 -22.07
CA PHE B 113 -16.99 -36.38 -21.13
C PHE B 113 -15.63 -36.36 -21.83
N ARG B 114 -14.59 -36.06 -21.07
CA ARG B 114 -13.27 -36.02 -21.65
C ARG B 114 -12.74 -37.42 -21.91
N ALA B 115 -11.65 -37.48 -22.64
CA ALA B 115 -10.95 -38.75 -22.80
C ALA B 115 -10.20 -39.08 -21.52
N PRO B 116 -10.22 -40.34 -21.09
CA PRO B 116 -9.54 -40.70 -19.84
C PRO B 116 -8.03 -40.70 -20.01
N ASN B 117 -7.34 -40.69 -18.88
CA ASN B 117 -5.90 -40.90 -18.85
C ASN B 117 -5.52 -42.14 -18.08
N LEU B 118 -6.48 -42.79 -17.43
CA LEU B 118 -6.28 -43.96 -16.59
C LEU B 118 -7.65 -44.56 -16.33
N VAL B 119 -7.73 -45.89 -16.34
CA VAL B 119 -8.97 -46.60 -16.02
C VAL B 119 -8.66 -47.59 -14.91
N VAL B 120 -9.35 -47.46 -13.78
CA VAL B 120 -9.17 -48.34 -12.64
C VAL B 120 -10.51 -48.97 -12.32
N SER B 121 -10.58 -50.30 -12.39
CA SER B 121 -11.77 -51.04 -12.03
C SER B 121 -11.54 -51.73 -10.68
N VAL B 122 -12.45 -51.51 -9.75
CA VAL B 122 -12.29 -51.95 -8.37
C VAL B 122 -13.22 -53.13 -8.11
N LEU B 123 -12.64 -54.25 -7.70
CA LEU B 123 -13.39 -55.47 -7.43
C LEU B 123 -13.10 -55.95 -6.01
N GLY B 124 -14.03 -56.70 -5.47
CA GLY B 124 -13.91 -57.21 -4.12
C GLY B 124 -15.26 -57.14 -3.42
N GLY B 125 -15.23 -57.21 -2.09
CA GLY B 125 -16.45 -56.98 -1.35
C GLY B 125 -17.03 -58.16 -0.59
N SER B 126 -16.18 -59.02 -0.03
CA SER B 126 -16.65 -60.09 0.86
C SER B 126 -17.27 -59.54 2.13
N GLY B 127 -16.82 -58.39 2.60
CA GLY B 127 -17.45 -57.73 3.72
C GLY B 127 -18.63 -56.89 3.27
N GLY B 128 -19.84 -57.41 3.46
CA GLY B 128 -21.05 -56.76 3.04
C GLY B 128 -21.38 -55.48 3.79
N PRO B 129 -21.74 -55.59 5.08
CA PRO B 129 -22.12 -54.38 5.83
C PRO B 129 -20.96 -53.43 6.14
N VAL B 130 -19.86 -53.93 6.67
CA VAL B 130 -18.76 -53.07 7.12
C VAL B 130 -17.47 -53.60 6.51
N LEU B 131 -16.66 -52.71 5.96
CA LEU B 131 -15.29 -53.00 5.58
C LEU B 131 -14.36 -52.35 6.60
N GLN B 132 -13.10 -52.82 6.62
CA GLN B 132 -12.14 -52.33 7.58
C GLN B 132 -11.77 -50.87 7.35
N THR B 133 -11.29 -50.23 8.42
CA THR B 133 -10.92 -48.82 8.36
C THR B 133 -9.61 -48.60 7.64
N TRP B 134 -8.76 -49.62 7.57
CA TRP B 134 -7.50 -49.52 6.84
C TRP B 134 -7.75 -49.38 5.34
N LEU B 135 -8.52 -50.31 4.78
CA LEU B 135 -8.93 -50.21 3.39
C LEU B 135 -9.84 -49.01 3.14
N GLN B 136 -10.58 -48.56 4.15
CA GLN B 136 -11.39 -47.36 3.99
C GLN B 136 -10.51 -46.12 3.90
N ASP B 137 -9.35 -46.15 4.56
CA ASP B 137 -8.38 -45.07 4.39
C ASP B 137 -7.75 -45.10 3.00
N LEU B 138 -7.52 -46.31 2.46
CA LEU B 138 -6.99 -46.43 1.11
C LEU B 138 -8.00 -45.97 0.07
N LEU B 139 -9.25 -46.40 0.19
CA LEU B 139 -10.26 -46.02 -0.79
C LEU B 139 -10.65 -44.56 -0.69
N ARG B 140 -10.60 -43.96 0.51
CA ARG B 140 -10.86 -42.53 0.62
C ARG B 140 -9.75 -41.72 -0.02
N ARG B 141 -8.51 -41.92 0.44
CA ARG B 141 -7.44 -41.06 -0.06
C ARG B 141 -6.76 -41.64 -1.31
N GLY B 142 -6.13 -42.79 -1.18
CA GLY B 142 -5.09 -43.18 -2.13
C GLY B 142 -5.61 -43.62 -3.49
N LEU B 143 -6.91 -43.86 -3.61
CA LEU B 143 -7.45 -44.12 -4.94
C LEU B 143 -8.00 -42.85 -5.56
N VAL B 144 -8.70 -42.04 -4.77
CA VAL B 144 -9.42 -40.91 -5.33
C VAL B 144 -8.47 -39.74 -5.60
N ARG B 145 -7.40 -39.55 -4.81
CA ARG B 145 -6.46 -38.48 -5.10
C ARG B 145 -5.69 -38.76 -6.39
N ALA B 146 -5.45 -40.02 -6.73
CA ALA B 146 -4.76 -40.32 -7.98
C ALA B 146 -5.72 -40.22 -9.15
N ALA B 147 -6.98 -40.61 -8.95
CA ALA B 147 -7.96 -40.49 -10.02
C ALA B 147 -8.38 -39.04 -10.23
N GLN B 148 -8.08 -38.17 -9.27
CA GLN B 148 -8.42 -36.76 -9.44
C GLN B 148 -7.21 -35.95 -9.89
N SER B 149 -5.99 -36.40 -9.59
CA SER B 149 -4.83 -35.69 -10.10
C SER B 149 -4.55 -36.05 -11.54
N THR B 150 -4.53 -37.34 -11.86
CA THR B 150 -4.24 -37.76 -13.24
C THR B 150 -5.42 -37.50 -14.16
N GLY B 151 -6.63 -37.66 -13.67
CA GLY B 151 -7.81 -37.55 -14.49
C GLY B 151 -8.14 -38.95 -14.96
N ALA B 152 -9.13 -39.56 -14.34
CA ALA B 152 -9.30 -41.00 -14.54
C ALA B 152 -10.77 -41.36 -14.38
N TRP B 153 -11.10 -42.55 -14.86
CA TRP B 153 -12.42 -43.12 -14.69
C TRP B 153 -12.32 -44.33 -13.76
N ILE B 154 -13.04 -44.29 -12.65
CA ILE B 154 -13.14 -45.42 -11.75
C ILE B 154 -14.41 -46.18 -12.10
N VAL B 155 -14.26 -47.38 -12.63
CA VAL B 155 -15.39 -48.19 -13.09
C VAL B 155 -15.69 -49.21 -12.00
N THR B 156 -16.92 -49.19 -11.49
CA THR B 156 -17.31 -50.07 -10.40
C THR B 156 -18.72 -50.57 -10.74
N GLY B 157 -19.29 -51.41 -9.89
CA GLY B 157 -20.70 -51.72 -10.00
C GLY B 157 -21.54 -50.58 -9.43
N GLY B 158 -22.58 -50.22 -10.16
CA GLY B 158 -23.41 -49.08 -9.79
C GLY B 158 -24.39 -49.31 -8.67
N LEU B 159 -24.41 -50.51 -8.08
CA LEU B 159 -25.32 -50.79 -6.99
C LEU B 159 -24.58 -50.73 -5.65
N HIS B 160 -25.35 -50.81 -4.57
CA HIS B 160 -24.76 -50.65 -3.24
C HIS B 160 -23.94 -51.85 -2.80
N THR B 161 -24.29 -53.04 -3.27
CA THR B 161 -23.76 -54.27 -2.69
C THR B 161 -22.27 -54.44 -2.98
N GLY B 162 -21.57 -55.06 -2.03
CA GLY B 162 -20.13 -55.16 -2.10
C GLY B 162 -19.45 -53.84 -1.77
N ILE B 163 -18.42 -53.51 -2.53
CA ILE B 163 -17.65 -52.29 -2.33
C ILE B 163 -18.23 -51.12 -3.11
N GLY B 164 -19.46 -51.24 -3.61
CA GLY B 164 -20.10 -50.11 -4.26
C GLY B 164 -20.39 -48.99 -3.28
N ARG B 165 -20.74 -49.34 -2.04
CA ARG B 165 -20.96 -48.30 -1.04
C ARG B 165 -19.65 -47.65 -0.63
N HIS B 166 -18.59 -48.45 -0.42
CA HIS B 166 -17.37 -47.88 0.12
C HIS B 166 -16.66 -47.01 -0.90
N VAL B 167 -16.83 -47.30 -2.18
CA VAL B 167 -16.35 -46.38 -3.22
C VAL B 167 -17.19 -45.11 -3.23
N GLY B 168 -18.52 -45.26 -3.17
CA GLY B 168 -19.39 -44.09 -3.22
C GLY B 168 -19.26 -43.18 -2.01
N VAL B 169 -19.07 -43.77 -0.82
CA VAL B 169 -18.82 -42.98 0.37
C VAL B 169 -17.45 -42.32 0.30
N ALA B 170 -16.48 -42.99 -0.32
CA ALA B 170 -15.15 -42.39 -0.47
C ALA B 170 -15.16 -41.19 -1.42
N VAL B 171 -15.97 -41.27 -2.49
CA VAL B 171 -16.07 -40.15 -3.40
C VAL B 171 -16.81 -38.99 -2.75
N ARG B 172 -17.85 -39.29 -1.95
CA ARG B 172 -18.56 -38.25 -1.22
C ARG B 172 -17.69 -37.61 -0.15
N ASP B 173 -16.85 -38.42 0.51
CA ASP B 173 -15.92 -37.89 1.49
C ASP B 173 -14.88 -36.98 0.84
N HIS B 174 -14.33 -37.39 -0.31
CA HIS B 174 -13.32 -36.56 -0.94
C HIS B 174 -13.90 -35.30 -1.55
N GLN B 175 -15.12 -35.37 -2.08
CA GLN B 175 -15.77 -34.20 -2.62
C GLN B 175 -16.15 -33.20 -1.53
N THR B 176 -16.39 -33.68 -0.31
CA THR B 176 -16.67 -32.81 0.82
C THR B 176 -15.41 -32.26 1.46
N ALA B 177 -14.36 -33.08 1.57
CA ALA B 177 -13.17 -32.73 2.32
C ALA B 177 -12.30 -31.69 1.63
N SER B 178 -12.56 -31.36 0.36
CA SER B 178 -11.75 -30.38 -0.33
C SER B 178 -12.62 -29.53 -1.23
N THR B 179 -12.12 -28.35 -1.54
CA THR B 179 -12.67 -27.49 -2.58
C THR B 179 -11.87 -27.78 -3.84
N GLY B 180 -12.02 -29.01 -4.33
CA GLY B 180 -11.32 -29.45 -5.51
C GLY B 180 -11.93 -28.95 -6.79
N SER B 181 -13.16 -28.42 -6.74
CA SER B 181 -13.90 -27.81 -7.85
C SER B 181 -14.12 -28.77 -9.01
N SER B 182 -14.12 -30.07 -8.73
CA SER B 182 -14.34 -31.11 -9.72
C SER B 182 -14.69 -32.40 -8.97
N LYS B 183 -15.17 -33.39 -9.72
CA LYS B 183 -15.52 -34.68 -9.15
C LYS B 183 -14.90 -35.76 -10.02
N VAL B 184 -14.52 -36.86 -9.37
CA VAL B 184 -13.96 -38.00 -10.06
C VAL B 184 -15.08 -38.70 -10.80
N VAL B 185 -14.87 -38.93 -12.10
CA VAL B 185 -15.92 -39.51 -12.93
C VAL B 185 -15.96 -40.99 -12.60
N ALA B 186 -16.79 -41.36 -11.64
CA ALA B 186 -16.93 -42.74 -11.21
C ALA B 186 -18.10 -43.35 -11.95
N MET B 187 -17.79 -44.20 -12.93
CA MET B 187 -18.82 -44.78 -13.77
C MET B 187 -19.23 -46.13 -13.21
N GLY B 188 -20.49 -46.48 -13.45
CA GLY B 188 -21.02 -47.71 -12.92
C GLY B 188 -21.80 -48.51 -13.94
N VAL B 189 -21.56 -49.81 -14.00
CA VAL B 189 -22.38 -50.73 -14.78
C VAL B 189 -23.24 -51.52 -13.81
N ALA B 190 -24.42 -51.93 -14.29
CA ALA B 190 -25.34 -52.69 -13.47
C ALA B 190 -26.25 -53.47 -14.38
N PRO B 191 -26.61 -54.71 -14.02
CA PRO B 191 -27.62 -55.43 -14.80
C PRO B 191 -28.98 -54.78 -14.64
N TRP B 192 -29.82 -54.93 -15.66
CA TRP B 192 -31.14 -54.32 -15.59
C TRP B 192 -32.04 -55.03 -14.60
N GLY B 193 -31.84 -56.33 -14.40
CA GLY B 193 -32.78 -57.12 -13.64
C GLY B 193 -32.79 -56.90 -12.14
N VAL B 194 -31.74 -56.31 -11.59
CA VAL B 194 -31.54 -56.28 -10.15
C VAL B 194 -31.73 -54.86 -9.58
N VAL B 195 -32.25 -53.94 -10.38
CA VAL B 195 -32.57 -52.61 -9.88
C VAL B 195 -33.87 -52.67 -9.08
N ARG B 196 -33.88 -52.03 -7.91
CA ARG B 196 -35.03 -52.03 -6.99
C ARG B 196 -36.28 -51.40 -7.57
N ASN B 197 -36.24 -50.11 -7.89
CA ASN B 197 -37.40 -49.40 -8.44
C ASN B 197 -37.01 -48.90 -9.83
N ARG B 198 -37.15 -49.78 -10.80
CA ARG B 198 -36.84 -49.40 -12.18
C ARG B 198 -38.07 -48.87 -12.91
N ASP B 199 -39.25 -48.95 -12.30
CA ASP B 199 -40.49 -48.56 -12.97
C ASP B 199 -40.64 -47.05 -13.09
N MET B 200 -39.81 -46.27 -12.40
CA MET B 200 -39.74 -44.83 -12.59
C MET B 200 -38.74 -44.43 -13.66
N LEU B 201 -38.34 -45.38 -14.52
CA LEU B 201 -37.32 -45.15 -15.52
C LEU B 201 -37.76 -45.60 -16.90
N ILE B 202 -38.92 -46.26 -17.01
CA ILE B 202 -39.30 -46.99 -18.20
C ILE B 202 -39.60 -46.10 -19.41
N ASN B 203 -40.14 -44.89 -19.19
CA ASN B 203 -40.79 -44.06 -20.22
C ASN B 203 -39.85 -43.66 -21.36
N PRO B 204 -40.25 -43.87 -22.62
CA PRO B 204 -39.32 -43.68 -23.74
C PRO B 204 -39.32 -42.28 -24.31
N LYS B 205 -39.79 -41.30 -23.53
CA LYS B 205 -40.08 -39.97 -24.06
C LYS B 205 -38.81 -39.20 -24.41
N GLY B 206 -37.96 -38.92 -23.42
CA GLY B 206 -36.64 -38.43 -23.74
C GLY B 206 -36.15 -37.16 -23.07
N SER B 207 -34.88 -37.17 -22.65
CA SER B 207 -34.15 -36.04 -22.08
C SER B 207 -34.87 -35.48 -20.84
N PHE B 208 -34.93 -36.33 -19.81
CA PHE B 208 -35.85 -36.11 -18.72
C PHE B 208 -35.23 -36.47 -17.39
N PRO B 209 -35.52 -35.72 -16.33
CA PRO B 209 -35.13 -36.13 -14.98
C PRO B 209 -36.12 -37.12 -14.38
N ALA B 210 -35.71 -38.37 -14.27
CA ALA B 210 -36.58 -39.41 -13.72
C ALA B 210 -36.37 -39.52 -12.21
N ARG B 211 -37.39 -39.16 -11.45
CA ARG B 211 -37.26 -38.97 -10.00
C ARG B 211 -37.26 -40.32 -9.29
N TYR B 212 -36.06 -40.85 -9.08
CA TYR B 212 -35.93 -42.10 -8.35
C TYR B 212 -36.25 -41.89 -6.87
N ARG B 213 -36.68 -42.96 -6.20
CA ARG B 213 -37.17 -42.90 -4.83
C ARG B 213 -36.46 -43.97 -4.01
N TRP B 214 -36.05 -43.63 -2.79
CA TRP B 214 -35.56 -44.61 -1.83
C TRP B 214 -36.61 -44.76 -0.74
N ARG B 215 -37.30 -45.90 -0.72
CA ARG B 215 -38.09 -46.23 0.46
C ARG B 215 -37.19 -46.61 1.63
N GLY B 216 -35.95 -47.00 1.34
CA GLY B 216 -35.01 -47.39 2.36
C GLY B 216 -35.25 -48.84 2.73
N ASP B 217 -35.71 -49.61 1.75
CA ASP B 217 -36.10 -50.99 1.97
C ASP B 217 -34.86 -51.85 2.18
N PRO B 218 -34.91 -52.77 3.14
CA PRO B 218 -33.77 -53.66 3.37
C PRO B 218 -33.56 -54.63 2.22
N GLU B 219 -32.38 -55.25 2.21
CA GLU B 219 -31.92 -56.03 1.07
C GLU B 219 -32.59 -57.40 1.03
N ASP B 220 -33.23 -57.67 -0.08
CA ASP B 220 -33.50 -59.04 -0.49
C ASP B 220 -32.57 -59.44 -1.62
N GLY B 221 -32.39 -60.74 -1.81
CA GLY B 221 -31.51 -61.24 -2.85
C GLY B 221 -32.09 -61.23 -4.25
N VAL B 222 -33.04 -60.35 -4.50
CA VAL B 222 -33.73 -60.26 -5.78
C VAL B 222 -33.44 -58.94 -6.48
N GLU B 223 -33.63 -57.81 -5.80
CA GLU B 223 -33.41 -56.49 -6.38
C GLU B 223 -32.68 -55.59 -5.40
N PHE B 224 -31.87 -54.67 -5.93
CA PHE B 224 -31.00 -53.77 -5.18
C PHE B 224 -31.27 -52.32 -5.59
N PRO B 225 -31.08 -51.36 -4.69
CA PRO B 225 -31.20 -49.95 -5.08
C PRO B 225 -29.93 -49.41 -5.72
N LEU B 226 -30.06 -48.23 -6.31
CA LEU B 226 -28.97 -47.59 -7.02
C LEU B 226 -28.04 -46.85 -6.06
N ASP B 227 -26.81 -46.61 -6.50
CA ASP B 227 -25.91 -45.73 -5.79
C ASP B 227 -26.33 -44.27 -6.02
N TYR B 228 -25.71 -43.35 -5.27
CA TYR B 228 -26.00 -41.93 -5.46
C TYR B 228 -24.75 -41.06 -5.47
N ASN B 229 -23.57 -41.63 -5.66
CA ASN B 229 -22.35 -40.84 -5.78
C ASN B 229 -21.63 -41.06 -7.10
N TYR B 230 -22.28 -41.72 -8.05
CA TYR B 230 -21.64 -42.00 -9.33
C TYR B 230 -22.08 -40.97 -10.37
N SER B 231 -21.18 -40.67 -11.30
CA SER B 231 -21.42 -39.65 -12.29
C SER B 231 -22.26 -40.14 -13.45
N ALA B 232 -22.23 -41.45 -13.73
CA ALA B 232 -23.05 -42.05 -14.76
C ALA B 232 -23.30 -43.50 -14.39
N PHE B 233 -24.43 -44.04 -14.83
CA PHE B 233 -24.79 -45.42 -14.58
C PHE B 233 -25.05 -46.12 -15.91
N PHE B 234 -24.70 -47.39 -15.98
CA PHE B 234 -25.02 -48.21 -17.14
C PHE B 234 -25.95 -49.33 -16.72
N LEU B 235 -27.04 -49.48 -17.44
CA LEU B 235 -28.00 -50.56 -17.20
C LEU B 235 -28.01 -51.45 -18.42
N VAL B 236 -27.58 -52.69 -18.25
CA VAL B 236 -27.45 -53.64 -19.35
C VAL B 236 -28.55 -54.68 -19.23
N ASP B 237 -29.37 -54.76 -20.27
CA ASP B 237 -30.56 -55.60 -20.31
C ASP B 237 -30.16 -57.00 -20.76
N ASP B 238 -30.15 -57.93 -19.81
CA ASP B 238 -29.86 -59.32 -20.13
C ASP B 238 -31.13 -60.13 -20.34
N GLY B 239 -32.18 -59.85 -19.57
CA GLY B 239 -33.45 -60.51 -19.72
C GLY B 239 -33.71 -61.65 -18.76
N THR B 240 -32.98 -61.73 -17.65
CA THR B 240 -33.14 -62.80 -16.69
C THR B 240 -33.87 -62.40 -15.43
N TYR B 241 -33.59 -61.19 -14.91
CA TYR B 241 -34.15 -60.63 -13.68
C TYR B 241 -33.85 -61.46 -12.43
N GLY B 242 -32.87 -62.37 -12.49
CA GLY B 242 -32.75 -63.33 -11.41
C GLY B 242 -31.43 -63.41 -10.66
N ARG B 243 -30.32 -63.08 -11.32
CA ARG B 243 -29.03 -63.37 -10.69
C ARG B 243 -27.96 -62.43 -11.23
N LEU B 244 -27.11 -61.94 -10.33
CA LEU B 244 -25.95 -61.17 -10.72
C LEU B 244 -24.93 -62.08 -11.41
N GLY B 245 -24.22 -61.53 -12.38
CA GLY B 245 -23.16 -62.28 -13.03
C GLY B 245 -23.10 -62.12 -14.53
N GLY B 246 -24.25 -61.91 -15.17
CA GLY B 246 -24.30 -61.71 -16.61
C GLY B 246 -24.12 -60.25 -16.98
N GLU B 247 -23.04 -59.66 -16.47
CA GLU B 247 -22.75 -58.25 -16.70
C GLU B 247 -21.30 -58.06 -17.13
N ASN B 248 -20.43 -58.98 -16.69
CA ASN B 248 -18.99 -58.79 -16.85
C ASN B 248 -18.52 -58.98 -18.28
N ARG B 249 -19.37 -59.54 -19.14
CA ARG B 249 -19.04 -59.63 -20.56
C ARG B 249 -18.95 -58.25 -21.18
N PHE B 250 -19.94 -57.40 -20.93
CA PHE B 250 -19.91 -56.02 -21.40
C PHE B 250 -18.85 -55.22 -20.69
N ARG B 251 -18.60 -55.51 -19.41
CA ARG B 251 -17.61 -54.79 -18.64
C ARG B 251 -16.20 -55.01 -19.19
N LEU B 252 -15.84 -56.27 -19.41
CA LEU B 252 -14.49 -56.58 -19.86
C LEU B 252 -14.29 -56.20 -21.32
N ARG B 253 -15.35 -56.23 -22.12
CA ARG B 253 -15.23 -55.78 -23.51
C ARG B 253 -15.05 -54.27 -23.59
N PHE B 254 -15.77 -53.53 -22.74
CA PHE B 254 -15.62 -52.08 -22.70
C PHE B 254 -14.26 -51.67 -22.15
N GLU B 255 -13.68 -52.48 -21.27
CA GLU B 255 -12.34 -52.19 -20.77
C GLU B 255 -11.29 -52.37 -21.87
N SER B 256 -11.34 -53.48 -22.62
CA SER B 256 -10.34 -53.70 -23.64
C SER B 256 -10.53 -52.77 -24.84
N TYR B 257 -11.74 -52.27 -25.04
CA TYR B 257 -11.93 -51.29 -26.10
C TYR B 257 -11.42 -49.91 -25.71
N VAL B 258 -11.54 -49.54 -24.43
CA VAL B 258 -10.92 -48.30 -23.97
C VAL B 258 -9.40 -48.41 -24.00
N ALA B 259 -8.88 -49.57 -23.58
CA ALA B 259 -7.44 -49.81 -23.63
C ALA B 259 -6.90 -49.89 -25.06
N GLN B 260 -7.76 -50.20 -26.03
CA GLN B 260 -7.32 -50.26 -27.41
C GLN B 260 -7.06 -48.87 -27.97
N GLN B 261 -7.82 -47.87 -27.52
CA GLN B 261 -7.65 -46.51 -28.02
C GLN B 261 -6.57 -45.76 -27.23
N LYS B 262 -6.33 -44.51 -27.61
CA LYS B 262 -5.15 -43.78 -27.17
C LYS B 262 -5.51 -42.34 -26.82
N THR B 263 -4.59 -41.70 -26.10
CA THR B 263 -4.79 -40.40 -25.46
C THR B 263 -4.17 -39.28 -26.30
N GLY B 264 -4.93 -38.20 -26.47
CA GLY B 264 -4.42 -37.04 -27.17
C GLY B 264 -5.54 -36.12 -27.58
N VAL B 265 -5.19 -35.12 -28.39
CA VAL B 265 -6.18 -34.20 -28.94
C VAL B 265 -6.50 -34.56 -30.38
N GLY B 266 -5.47 -34.72 -31.20
CA GLY B 266 -5.63 -35.30 -32.52
C GLY B 266 -5.34 -36.79 -32.47
N GLY B 267 -5.26 -37.31 -31.26
CA GLY B 267 -4.82 -38.66 -31.02
C GLY B 267 -3.34 -38.64 -30.70
N THR B 268 -2.65 -39.69 -31.17
CA THR B 268 -1.19 -39.77 -31.23
C THR B 268 -0.57 -39.61 -29.84
N GLY B 269 -0.82 -40.63 -29.03
CA GLY B 269 -0.23 -40.68 -27.71
C GLY B 269 -0.07 -42.11 -27.28
N ILE B 270 0.12 -42.29 -25.97
CA ILE B 270 0.11 -43.62 -25.38
C ILE B 270 -1.28 -44.21 -25.48
N ASP B 271 -1.34 -45.54 -25.52
CA ASP B 271 -2.59 -46.22 -25.30
C ASP B 271 -2.94 -46.14 -23.82
N ILE B 272 -4.23 -46.04 -23.53
CA ILE B 272 -4.72 -45.72 -22.18
C ILE B 272 -4.44 -46.90 -21.25
N PRO B 273 -3.72 -46.69 -20.15
CA PRO B 273 -3.43 -47.80 -19.24
C PRO B 273 -4.63 -48.13 -18.37
N VAL B 274 -4.98 -49.41 -18.33
CA VAL B 274 -6.14 -49.90 -17.59
C VAL B 274 -5.65 -50.89 -16.54
N LEU B 275 -6.00 -50.64 -15.29
CA LEU B 275 -5.52 -51.43 -14.15
C LEU B 275 -6.70 -51.97 -13.37
N LEU B 276 -6.53 -53.17 -12.80
CA LEU B 276 -7.55 -53.80 -11.98
C LEU B 276 -7.13 -53.82 -10.51
N LEU B 277 -8.05 -53.41 -9.64
CA LEU B 277 -7.85 -53.42 -8.20
C LEU B 277 -8.75 -54.50 -7.59
N LEU B 278 -8.15 -55.43 -6.87
CA LEU B 278 -8.88 -56.52 -6.23
C LEU B 278 -8.86 -56.34 -4.72
N ILE B 279 -10.03 -56.46 -4.11
CA ILE B 279 -10.20 -56.42 -2.66
C ILE B 279 -10.83 -57.78 -2.37
N ASP B 280 -11.33 -57.99 -1.14
CA ASP B 280 -11.61 -59.27 -0.50
C ASP B 280 -12.29 -60.31 -1.38
N GLY B 281 -13.52 -60.04 -1.83
CA GLY B 281 -14.16 -60.85 -2.86
C GLY B 281 -14.48 -62.28 -2.46
N ASP B 282 -14.87 -63.06 -3.46
CA ASP B 282 -15.36 -64.42 -3.24
C ASP B 282 -14.75 -65.42 -4.20
N GLU B 283 -15.36 -66.61 -4.26
CA GLU B 283 -14.97 -67.65 -5.21
C GLU B 283 -15.27 -67.26 -6.65
N LYS B 284 -16.23 -66.37 -6.87
CA LYS B 284 -16.67 -66.02 -8.21
C LYS B 284 -15.68 -65.14 -8.96
N MET B 285 -14.74 -64.51 -8.27
CA MET B 285 -13.89 -63.53 -8.92
C MET B 285 -12.71 -64.14 -9.66
N LEU B 286 -12.40 -65.42 -9.43
CA LEU B 286 -11.25 -66.03 -10.09
C LEU B 286 -11.50 -66.27 -11.57
N LYS B 287 -12.77 -66.49 -11.95
CA LYS B 287 -13.14 -66.46 -13.35
C LYS B 287 -12.88 -65.10 -13.97
N ARG B 288 -13.11 -64.03 -13.21
CA ARG B 288 -12.92 -62.68 -13.73
C ARG B 288 -11.46 -62.32 -13.83
N ILE B 289 -10.62 -62.80 -12.90
CA ILE B 289 -9.19 -62.55 -12.95
C ILE B 289 -8.58 -63.25 -14.15
N GLU B 290 -8.93 -64.51 -14.37
CA GLU B 290 -8.32 -65.26 -15.46
C GLU B 290 -8.82 -64.80 -16.82
N ASP B 291 -10.10 -64.39 -16.91
CA ASP B 291 -10.58 -63.82 -18.16
C ASP B 291 -10.02 -62.41 -18.36
N ALA B 292 -9.63 -61.72 -17.29
CA ALA B 292 -8.97 -60.43 -17.45
C ALA B 292 -7.55 -60.61 -17.96
N THR B 293 -6.75 -61.43 -17.27
CA THR B 293 -5.34 -61.58 -17.61
C THR B 293 -5.15 -62.32 -18.92
N GLN B 294 -6.16 -63.03 -19.41
CA GLN B 294 -6.14 -63.51 -20.79
C GLN B 294 -6.19 -62.35 -21.76
N ALA B 295 -6.91 -61.29 -21.42
CA ALA B 295 -7.17 -60.19 -22.35
C ALA B 295 -6.08 -59.13 -22.34
N GLN B 296 -4.95 -59.42 -21.70
CA GLN B 296 -3.77 -58.54 -21.60
C GLN B 296 -4.14 -57.22 -20.92
N LEU B 297 -4.54 -57.36 -19.67
CA LEU B 297 -4.79 -56.26 -18.76
C LEU B 297 -4.06 -56.56 -17.47
N PRO B 298 -3.21 -55.66 -16.98
CA PRO B 298 -2.47 -55.93 -15.74
C PRO B 298 -3.38 -55.84 -14.53
N CYS B 299 -2.81 -56.24 -13.39
CA CYS B 299 -3.59 -56.29 -12.17
C CYS B 299 -2.72 -55.85 -11.00
N LEU B 300 -3.39 -55.59 -9.88
CA LEU B 300 -2.74 -55.22 -8.64
C LEU B 300 -3.53 -55.86 -7.52
N LEU B 301 -2.84 -56.21 -6.44
CA LEU B 301 -3.45 -56.91 -5.32
C LEU B 301 -3.16 -56.16 -4.03
N VAL B 302 -4.23 -55.83 -3.31
CA VAL B 302 -4.11 -55.30 -1.97
C VAL B 302 -3.85 -56.48 -1.04
N ALA B 303 -3.44 -56.19 0.20
CA ALA B 303 -3.34 -57.22 1.22
C ALA B 303 -4.72 -57.79 1.51
N GLY B 304 -5.62 -56.96 2.04
CA GLY B 304 -7.03 -57.27 2.20
C GLY B 304 -7.33 -58.48 3.05
N SER B 305 -8.07 -59.42 2.48
CA SER B 305 -8.39 -60.67 3.17
C SER B 305 -8.26 -61.80 2.16
N GLY B 306 -8.84 -62.95 2.50
CA GLY B 306 -8.40 -64.22 1.95
C GLY B 306 -8.70 -64.48 0.49
N GLY B 307 -9.69 -63.80 -0.08
CA GLY B 307 -9.98 -64.04 -1.49
C GLY B 307 -8.90 -63.52 -2.41
N ALA B 308 -8.35 -62.35 -2.09
CA ALA B 308 -7.19 -61.83 -2.81
C ALA B 308 -5.87 -62.29 -2.22
N ALA B 309 -5.85 -62.63 -0.93
CA ALA B 309 -4.68 -63.22 -0.32
C ALA B 309 -4.40 -64.62 -0.84
N ASP B 310 -5.42 -65.28 -1.43
CA ASP B 310 -5.21 -66.52 -2.16
C ASP B 310 -4.21 -66.32 -3.29
N CYS B 311 -4.41 -65.28 -4.09
CA CYS B 311 -3.44 -64.97 -5.13
C CYS B 311 -2.15 -64.40 -4.56
N LEU B 312 -2.20 -63.76 -3.38
CA LEU B 312 -0.97 -63.26 -2.76
C LEU B 312 -0.06 -64.39 -2.33
N VAL B 313 -0.61 -65.39 -1.64
CA VAL B 313 0.16 -66.54 -1.20
C VAL B 313 0.68 -67.34 -2.39
N GLU B 314 -0.13 -67.45 -3.45
CA GLU B 314 0.33 -68.15 -4.64
C GLU B 314 1.38 -67.38 -5.44
N THR B 315 1.51 -66.07 -5.22
CA THR B 315 2.63 -65.33 -5.79
C THR B 315 3.87 -65.32 -4.92
N LEU B 316 3.70 -65.41 -3.59
CA LEU B 316 4.85 -65.41 -2.69
C LEU B 316 5.67 -66.70 -2.83
N GLU B 317 5.04 -67.79 -3.23
CA GLU B 317 5.75 -69.06 -3.40
C GLU B 317 5.95 -69.38 -4.88
N GLU B 331 -0.09 -81.80 -1.29
CA GLU B 331 0.18 -80.42 -1.66
C GLU B 331 -0.50 -79.43 -0.73
N ALA B 332 0.24 -78.38 -0.34
CA ALA B 332 -0.32 -77.28 0.44
C ALA B 332 -1.23 -76.38 -0.40
N ARG B 333 -1.23 -76.57 -1.72
CA ARG B 333 -2.18 -75.90 -2.59
C ARG B 333 -3.61 -76.30 -2.25
N ASP B 334 -3.86 -77.61 -2.13
CA ASP B 334 -5.18 -78.12 -1.79
C ASP B 334 -5.63 -77.67 -0.41
N ARG B 335 -4.66 -77.48 0.50
CA ARG B 335 -4.92 -76.82 1.77
C ARG B 335 -5.44 -75.40 1.56
N ILE B 336 -4.70 -74.61 0.77
CA ILE B 336 -5.04 -73.21 0.49
C ILE B 336 -6.40 -73.09 -0.19
N ARG B 337 -6.68 -73.97 -1.14
CA ARG B 337 -7.99 -74.03 -1.79
C ARG B 337 -9.06 -74.63 -0.91
N ARG B 338 -8.74 -75.09 0.31
CA ARG B 338 -9.75 -75.56 1.24
C ARG B 338 -9.67 -74.89 2.61
N TYR B 339 -9.05 -73.71 2.73
CA TYR B 339 -9.39 -72.82 3.85
C TYR B 339 -9.67 -71.39 3.45
N PHE B 340 -9.26 -70.94 2.27
CA PHE B 340 -9.80 -69.64 1.84
C PHE B 340 -11.22 -69.81 1.28
N PRO B 341 -11.49 -70.66 0.22
CA PRO B 341 -12.85 -70.64 -0.34
C PRO B 341 -13.84 -71.44 0.48
N LYS B 342 -13.39 -72.59 0.99
CA LYS B 342 -14.20 -73.64 1.61
C LYS B 342 -15.32 -74.09 0.65
N GLY B 343 -14.89 -74.70 -0.44
CA GLY B 343 -15.77 -75.24 -1.46
C GLY B 343 -15.11 -75.28 -2.82
N ASP B 344 -15.34 -76.41 -3.53
CA ASP B 344 -14.80 -76.75 -4.86
C ASP B 344 -13.28 -76.61 -4.94
N PRO B 345 -12.52 -77.54 -4.35
CA PRO B 345 -11.05 -77.38 -4.32
C PRO B 345 -10.33 -77.46 -5.66
N GLU B 346 -10.54 -78.54 -6.43
CA GLU B 346 -9.63 -78.88 -7.51
C GLU B 346 -9.86 -78.05 -8.77
N VAL B 347 -11.11 -77.64 -9.02
CA VAL B 347 -11.38 -76.72 -10.13
C VAL B 347 -10.72 -75.37 -9.87
N LEU B 348 -10.81 -74.89 -8.62
CA LEU B 348 -10.15 -73.66 -8.25
C LEU B 348 -8.63 -73.81 -8.25
N GLN B 349 -8.12 -75.04 -8.06
CA GLN B 349 -6.69 -75.23 -8.16
C GLN B 349 -6.19 -75.11 -9.59
N ALA B 350 -6.97 -75.61 -10.57
CA ALA B 350 -6.62 -75.42 -11.96
C ALA B 350 -6.70 -73.96 -12.38
N GLN B 351 -7.69 -73.22 -11.87
CA GLN B 351 -7.85 -71.82 -12.26
C GLN B 351 -6.75 -70.95 -11.66
N VAL B 352 -6.37 -71.20 -10.41
CA VAL B 352 -5.34 -70.37 -9.81
C VAL B 352 -3.96 -70.71 -10.39
N GLU B 353 -3.75 -71.96 -10.84
CA GLU B 353 -2.51 -72.23 -11.57
C GLU B 353 -2.53 -71.64 -12.98
N ARG B 354 -3.71 -71.44 -13.56
CA ARG B 354 -3.81 -70.63 -14.77
C ARG B 354 -3.38 -69.19 -14.51
N ILE B 355 -3.74 -68.64 -13.34
CA ILE B 355 -3.24 -67.33 -12.93
C ILE B 355 -1.72 -67.35 -12.81
N MET B 356 -1.15 -68.43 -12.29
CA MET B 356 0.30 -68.49 -12.16
C MET B 356 1.02 -68.77 -13.47
N THR B 357 0.31 -69.02 -14.56
CA THR B 357 0.96 -68.95 -15.86
C THR B 357 1.35 -67.52 -16.22
N ARG B 358 0.59 -66.54 -15.74
CA ARG B 358 0.73 -65.15 -16.19
C ARG B 358 1.11 -64.24 -15.04
N LYS B 359 2.10 -64.63 -14.23
CA LYS B 359 2.54 -63.84 -13.09
C LYS B 359 3.29 -62.58 -13.48
N GLU B 360 3.56 -62.37 -14.78
CA GLU B 360 4.09 -61.09 -15.24
C GLU B 360 3.13 -59.95 -14.93
N LEU B 361 1.85 -60.16 -15.11
CA LEU B 361 0.84 -59.11 -14.96
C LEU B 361 0.24 -59.10 -13.55
N LEU B 362 1.08 -59.11 -12.51
CA LEU B 362 0.58 -59.21 -11.15
C LEU B 362 1.55 -58.52 -10.20
N THR B 363 1.02 -57.62 -9.37
CA THR B 363 1.80 -56.91 -8.36
C THR B 363 1.13 -57.07 -7.00
N VAL B 364 1.83 -56.64 -5.97
CA VAL B 364 1.42 -56.82 -4.57
C VAL B 364 1.49 -55.46 -3.88
N TYR B 365 0.41 -55.10 -3.17
CA TYR B 365 0.36 -53.87 -2.39
C TYR B 365 0.15 -54.24 -0.93
N SER B 366 1.24 -54.61 -0.24
CA SER B 366 1.18 -54.91 1.19
C SER B 366 2.17 -54.09 2.01
N SER B 367 3.43 -54.03 1.61
CA SER B 367 4.49 -53.40 2.41
C SER B 367 4.62 -51.92 2.05
N GLU B 368 3.50 -51.22 2.07
CA GLU B 368 3.42 -49.88 1.53
C GLU B 368 2.97 -48.90 2.61
N ASP B 369 3.02 -47.61 2.27
CA ASP B 369 2.68 -46.57 3.23
C ASP B 369 1.18 -46.52 3.48
N GLY B 370 0.39 -46.82 2.47
CA GLY B 370 -1.06 -46.81 2.62
C GLY B 370 -1.65 -45.46 2.28
N SER B 371 -2.56 -45.46 1.28
CA SER B 371 -3.27 -44.28 0.79
C SER B 371 -2.34 -43.17 0.30
N GLU B 372 -1.14 -43.54 -0.15
CA GLU B 372 -0.08 -42.60 -0.47
C GLU B 372 0.90 -43.31 -1.38
N GLU B 373 1.56 -42.53 -2.25
CA GLU B 373 2.55 -43.01 -3.22
C GLU B 373 1.95 -44.03 -4.18
N PHE B 374 0.64 -43.92 -4.41
CA PHE B 374 -0.08 -44.92 -5.19
C PHE B 374 0.26 -44.81 -6.67
N GLU B 375 0.61 -43.61 -7.12
CA GLU B 375 0.80 -43.36 -8.54
C GLU B 375 2.08 -44.03 -9.06
N THR B 376 3.14 -44.04 -8.25
CA THR B 376 4.36 -44.73 -8.64
C THR B 376 4.17 -46.24 -8.63
N ILE B 377 3.27 -46.74 -7.78
CA ILE B 377 2.97 -48.16 -7.78
C ILE B 377 2.16 -48.55 -9.02
N VAL B 378 1.32 -47.62 -9.51
CA VAL B 378 0.65 -47.84 -10.79
C VAL B 378 1.68 -47.95 -11.92
N LEU B 379 2.68 -47.06 -11.91
CA LEU B 379 3.75 -47.18 -12.89
C LEU B 379 4.59 -48.43 -12.67
N ARG B 380 4.70 -48.87 -11.42
CA ARG B 380 5.40 -50.13 -11.14
C ARG B 380 4.64 -51.31 -11.74
N ALA B 381 3.31 -51.24 -11.75
CA ALA B 381 2.52 -52.30 -12.36
C ALA B 381 2.62 -52.29 -13.86
N LEU B 382 2.69 -51.10 -14.46
CA LEU B 382 2.83 -51.02 -15.91
C LEU B 382 4.25 -51.36 -16.36
N VAL B 383 5.24 -51.18 -15.48
CA VAL B 383 6.60 -51.60 -15.78
C VAL B 383 6.76 -53.10 -15.66
N LYS B 384 6.13 -53.71 -14.65
CA LYS B 384 6.19 -55.17 -14.53
C LYS B 384 5.39 -55.84 -15.64
N ALA B 385 4.29 -55.23 -16.07
CA ALA B 385 3.54 -55.74 -17.20
C ALA B 385 4.07 -55.24 -18.55
N CYS B 386 5.18 -54.52 -18.56
CA CYS B 386 5.81 -54.15 -19.83
C CYS B 386 6.56 -55.34 -20.37
N ASP B 396 8.58 -46.01 -22.19
CA ASP B 396 7.43 -45.20 -22.59
C ASP B 396 6.86 -44.45 -21.39
N GLU B 397 7.50 -44.60 -20.23
CA GLU B 397 6.98 -44.05 -18.99
C GLU B 397 7.03 -42.53 -18.95
N LEU B 398 7.91 -41.91 -19.75
CA LEU B 398 7.98 -40.46 -19.78
C LEU B 398 6.76 -39.89 -20.48
N ARG B 399 6.22 -40.63 -21.46
CA ARG B 399 5.00 -40.22 -22.15
C ARG B 399 3.79 -40.31 -21.24
N LEU B 400 3.77 -41.27 -20.33
CA LEU B 400 2.69 -41.34 -19.34
C LEU B 400 2.77 -40.20 -18.36
N ALA B 401 3.98 -39.75 -18.03
CA ALA B 401 4.12 -38.60 -17.15
C ALA B 401 3.63 -37.32 -17.81
N VAL B 402 3.77 -37.22 -19.13
CA VAL B 402 3.26 -36.05 -19.84
C VAL B 402 1.74 -36.10 -19.95
N ALA B 403 1.20 -37.29 -20.21
CA ALA B 403 -0.25 -37.42 -20.39
C ALA B 403 -1.01 -37.20 -19.10
N TRP B 404 -0.41 -37.51 -17.96
CA TRP B 404 -1.03 -37.26 -16.67
C TRP B 404 -0.87 -35.83 -16.20
N ASN B 405 -0.03 -35.04 -16.90
CA ASN B 405 0.31 -33.66 -16.55
C ASN B 405 0.83 -33.56 -15.12
N ARG B 406 1.71 -34.50 -14.78
CA ARG B 406 2.35 -34.52 -13.48
C ARG B 406 3.85 -34.38 -13.66
N VAL B 407 4.39 -33.26 -13.21
CA VAL B 407 5.78 -32.93 -13.47
C VAL B 407 6.74 -33.78 -12.64
N ASP B 408 6.33 -34.15 -11.42
CA ASP B 408 7.24 -34.78 -10.47
C ASP B 408 7.69 -36.17 -10.91
N ILE B 409 6.84 -36.88 -11.66
CA ILE B 409 7.22 -38.21 -12.13
C ILE B 409 8.31 -38.10 -13.18
N ALA B 410 8.11 -37.24 -14.19
CA ALA B 410 9.10 -37.09 -15.26
C ALA B 410 10.38 -36.48 -14.75
N GLN B 411 10.25 -35.57 -13.78
CA GLN B 411 11.40 -34.96 -13.15
C GLN B 411 12.25 -36.01 -12.43
N SER B 412 11.60 -36.83 -11.59
CA SER B 412 12.32 -37.87 -10.85
C SER B 412 12.86 -38.94 -11.77
N GLU B 413 12.14 -39.29 -12.83
CA GLU B 413 12.63 -40.29 -13.77
C GLU B 413 13.79 -39.79 -14.62
N LEU B 414 13.96 -38.48 -14.76
CA LEU B 414 15.17 -37.95 -15.36
C LEU B 414 16.31 -37.83 -14.35
N PHE B 415 16.02 -37.84 -13.06
CA PHE B 415 17.12 -37.89 -12.10
C PHE B 415 17.64 -39.30 -11.85
N ARG B 416 17.01 -40.33 -12.41
CA ARG B 416 17.49 -41.70 -12.21
C ARG B 416 18.63 -41.97 -13.19
N GLY B 417 19.83 -42.15 -12.66
CA GLY B 417 21.03 -42.27 -13.46
C GLY B 417 21.33 -43.66 -13.97
N ASP B 418 20.34 -44.53 -14.09
CA ASP B 418 20.61 -45.90 -14.54
C ASP B 418 20.31 -46.10 -16.01
N ILE B 419 19.33 -45.39 -16.56
CA ILE B 419 18.67 -45.79 -17.80
C ILE B 419 19.51 -45.47 -19.03
N GLN B 420 20.26 -44.35 -18.98
CA GLN B 420 20.89 -43.71 -20.15
C GLN B 420 19.82 -43.38 -21.20
N TRP B 421 19.00 -42.38 -20.85
CA TRP B 421 17.91 -41.91 -21.70
C TRP B 421 18.37 -41.54 -23.09
N ARG B 422 17.72 -42.13 -24.10
CA ARG B 422 18.07 -41.90 -25.48
C ARG B 422 17.22 -40.76 -26.03
N SER B 423 17.66 -40.19 -27.16
CA SER B 423 17.12 -38.91 -27.60
C SER B 423 15.74 -39.06 -28.23
N PHE B 424 15.50 -40.19 -28.90
CA PHE B 424 14.23 -40.37 -29.60
C PHE B 424 13.06 -40.53 -28.63
N HIS B 425 13.30 -41.04 -27.42
CA HIS B 425 12.27 -41.03 -26.40
C HIS B 425 11.97 -39.60 -25.95
N LEU B 426 13.02 -38.77 -25.86
CA LEU B 426 12.82 -37.38 -25.48
C LEU B 426 12.10 -36.61 -26.56
N GLU B 427 12.30 -36.95 -27.82
CA GLU B 427 11.62 -36.25 -28.89
C GLU B 427 10.16 -36.68 -28.97
N ALA B 428 9.89 -37.95 -28.65
CA ALA B 428 8.51 -38.41 -28.63
C ALA B 428 7.73 -37.73 -27.50
N SER B 429 8.30 -37.69 -26.29
CA SER B 429 7.64 -37.02 -25.19
C SER B 429 7.57 -35.52 -25.38
N LEU B 430 8.47 -34.96 -26.18
CA LEU B 430 8.39 -33.54 -26.50
C LEU B 430 7.19 -33.23 -27.37
N MET B 431 6.88 -34.09 -28.35
CA MET B 431 5.67 -33.91 -29.14
C MET B 431 4.42 -34.11 -28.30
N ASP B 432 4.50 -34.95 -27.27
CA ASP B 432 3.39 -35.04 -26.33
C ASP B 432 3.26 -33.77 -25.49
N ALA B 433 4.37 -33.07 -25.26
CA ALA B 433 4.29 -31.84 -24.48
C ALA B 433 3.97 -30.62 -25.33
N LEU B 434 4.23 -30.67 -26.63
CA LEU B 434 3.97 -29.53 -27.49
C LEU B 434 2.58 -29.56 -28.09
N LEU B 435 2.06 -30.74 -28.44
CA LEU B 435 0.70 -30.81 -28.96
C LEU B 435 -0.32 -30.45 -27.90
N ASN B 436 -0.20 -31.04 -26.72
CA ASN B 436 -0.99 -30.63 -25.59
C ASN B 436 -0.40 -29.35 -25.01
N ASP B 437 -1.14 -28.70 -24.12
CA ASP B 437 -0.68 -27.46 -23.51
C ASP B 437 -0.03 -27.75 -22.18
N ARG B 438 1.22 -28.20 -22.23
CA ARG B 438 2.04 -28.42 -21.04
C ARG B 438 3.35 -27.70 -21.27
N PRO B 439 3.46 -26.46 -20.82
CA PRO B 439 4.69 -25.68 -21.07
C PRO B 439 5.82 -26.11 -20.16
N GLU B 440 5.47 -26.62 -18.98
CA GLU B 440 6.47 -26.93 -17.97
C GLU B 440 7.28 -28.15 -18.36
N PHE B 441 6.69 -29.07 -19.12
CA PHE B 441 7.46 -30.18 -19.63
C PHE B 441 8.36 -29.76 -20.78
N VAL B 442 7.97 -28.72 -21.52
CA VAL B 442 8.81 -28.25 -22.61
C VAL B 442 10.08 -27.61 -22.06
N ARG B 443 9.93 -26.83 -20.99
CA ARG B 443 11.08 -26.24 -20.32
C ARG B 443 11.97 -27.31 -19.69
N LEU B 444 11.35 -28.34 -19.12
CA LEU B 444 12.14 -29.38 -18.47
C LEU B 444 12.90 -30.23 -19.47
N LEU B 445 12.24 -30.67 -20.54
CA LEU B 445 12.88 -31.55 -21.50
C LEU B 445 13.94 -30.86 -22.34
N ILE B 446 13.76 -29.57 -22.65
CA ILE B 446 14.81 -28.87 -23.36
C ILE B 446 16.01 -28.61 -22.45
N SER B 447 15.78 -28.34 -21.17
CA SER B 447 16.88 -28.15 -20.22
C SER B 447 17.66 -29.42 -19.95
N HIS B 448 17.12 -30.59 -20.31
CA HIS B 448 17.91 -31.81 -20.24
C HIS B 448 18.95 -31.89 -21.35
N GLY B 449 18.68 -31.27 -22.49
CA GLY B 449 19.58 -31.36 -23.61
C GLY B 449 18.97 -32.13 -24.76
N LEU B 450 18.61 -31.43 -25.82
CA LEU B 450 17.89 -32.04 -26.93
C LEU B 450 18.06 -31.18 -28.18
N SER B 451 18.37 -31.82 -29.30
CA SER B 451 18.55 -31.11 -30.56
C SER B 451 17.21 -30.68 -31.13
N LEU B 452 17.21 -29.64 -31.96
CA LEU B 452 15.99 -29.14 -32.56
C LEU B 452 15.99 -29.18 -34.08
N GLY B 453 17.15 -29.03 -34.72
CA GLY B 453 17.19 -29.20 -36.16
C GLY B 453 16.94 -30.64 -36.57
N HIS B 454 17.44 -31.58 -35.77
CA HIS B 454 17.12 -32.99 -35.93
C HIS B 454 15.71 -33.31 -35.46
N PHE B 455 15.08 -32.41 -34.70
CA PHE B 455 13.72 -32.62 -34.23
C PHE B 455 12.69 -32.24 -35.30
N LEU B 456 12.67 -30.97 -35.72
CA LEU B 456 11.61 -30.47 -36.58
C LEU B 456 11.77 -31.00 -38.00
N THR B 457 11.23 -32.17 -38.22
CA THR B 457 10.92 -32.62 -39.56
C THR B 457 9.78 -31.75 -40.10
N PRO B 458 9.65 -31.65 -41.42
CA PRO B 458 8.42 -31.08 -41.97
C PRO B 458 7.19 -31.92 -41.69
N VAL B 459 7.36 -33.20 -41.35
CA VAL B 459 6.22 -34.02 -40.95
C VAL B 459 5.71 -33.59 -39.57
N ARG B 460 6.61 -33.51 -38.58
CA ARG B 460 6.20 -33.07 -37.25
C ARG B 460 5.76 -31.62 -37.25
N LEU B 461 6.39 -30.80 -38.09
CA LEU B 461 5.94 -29.41 -38.25
C LEU B 461 4.57 -29.35 -38.89
N ALA B 462 4.23 -30.31 -39.74
CA ALA B 462 2.86 -30.40 -40.24
C ALA B 462 1.90 -30.84 -39.16
N GLN B 463 2.36 -31.70 -38.24
CA GLN B 463 1.48 -32.19 -37.18
C GLN B 463 1.14 -31.11 -36.16
N LEU B 464 2.05 -30.14 -35.95
CA LEU B 464 1.84 -29.13 -34.93
C LEU B 464 0.74 -28.16 -35.32
N TYR B 465 0.43 -28.06 -36.60
CA TYR B 465 -0.70 -27.26 -37.03
C TYR B 465 -1.98 -28.05 -37.16
N SER B 466 -2.01 -29.29 -36.66
CA SER B 466 -3.23 -30.09 -36.68
C SER B 466 -3.85 -30.22 -35.30
N ALA B 467 -3.26 -29.59 -34.28
CA ALA B 467 -3.86 -29.52 -32.96
C ALA B 467 -4.61 -28.20 -32.80
N VAL B 468 -5.55 -27.99 -33.71
CA VAL B 468 -6.29 -26.74 -33.80
C VAL B 468 -7.75 -27.04 -33.47
N SER B 469 -8.33 -26.23 -32.60
CA SER B 469 -9.76 -26.29 -32.34
C SER B 469 -10.52 -25.95 -33.61
N PRO B 470 -11.48 -26.77 -34.05
CA PRO B 470 -12.01 -26.64 -35.41
C PRO B 470 -12.96 -25.48 -35.61
N ASN B 471 -13.12 -24.58 -34.65
CA ASN B 471 -13.96 -23.40 -34.79
C ASN B 471 -13.23 -22.13 -34.40
N SER B 472 -11.92 -22.09 -34.64
CA SER B 472 -11.10 -20.95 -34.29
C SER B 472 -10.80 -20.11 -35.54
N LEU B 473 -10.02 -19.05 -35.36
CA LEU B 473 -9.66 -18.16 -36.46
C LEU B 473 -8.55 -18.73 -37.32
N ILE B 474 -7.55 -19.34 -36.70
CA ILE B 474 -6.42 -19.90 -37.44
C ILE B 474 -6.86 -21.07 -38.32
N ARG B 475 -7.90 -21.79 -37.92
CA ARG B 475 -8.42 -22.88 -38.74
C ARG B 475 -9.05 -22.33 -40.02
N ASN B 476 -9.78 -21.22 -39.91
CA ASN B 476 -10.33 -20.57 -41.10
C ASN B 476 -9.23 -20.01 -42.00
N LEU B 477 -8.16 -19.46 -41.39
CA LEU B 477 -7.09 -18.88 -42.19
C LEU B 477 -6.30 -19.93 -42.93
N LEU B 478 -6.03 -21.07 -42.30
CA LEU B 478 -5.29 -22.13 -42.97
C LEU B 478 -6.13 -22.81 -44.03
N ASP B 479 -7.46 -22.84 -43.88
CA ASP B 479 -8.30 -23.36 -44.94
C ASP B 479 -8.36 -22.39 -46.13
N GLN B 480 -8.46 -21.09 -45.86
CA GLN B 480 -8.45 -20.11 -46.95
C GLN B 480 -7.09 -19.99 -47.60
N ALA B 481 -6.01 -20.19 -46.85
CA ALA B 481 -4.69 -20.17 -47.46
C ALA B 481 -4.46 -21.39 -48.34
N SER B 482 -4.97 -22.55 -47.92
CA SER B 482 -4.90 -23.71 -48.79
C SER B 482 -5.85 -23.61 -49.97
N HIS B 483 -6.84 -22.71 -49.91
CA HIS B 483 -7.81 -22.55 -50.98
C HIS B 483 -7.17 -21.97 -52.24
N ALA B 484 -6.23 -21.04 -52.08
CA ALA B 484 -5.57 -20.42 -53.22
C ALA B 484 -4.24 -21.12 -53.53
N PRO B 501 1.32 -26.00 -43.69
CA PRO B 501 2.61 -25.84 -44.39
C PRO B 501 2.54 -24.73 -45.44
N ASN B 502 1.64 -23.77 -45.20
CA ASN B 502 1.52 -22.58 -46.02
C ASN B 502 1.55 -21.31 -45.18
N VAL B 503 2.46 -21.24 -44.22
CA VAL B 503 2.49 -20.11 -43.28
C VAL B 503 2.98 -18.83 -43.93
N GLY B 504 3.77 -18.91 -45.00
CA GLY B 504 4.21 -17.69 -45.68
C GLY B 504 3.06 -17.01 -46.39
N GLN B 505 2.08 -17.79 -46.83
CA GLN B 505 0.86 -17.23 -47.38
C GLN B 505 -0.02 -16.63 -46.29
N VAL B 506 -0.06 -17.26 -45.11
CA VAL B 506 -0.87 -16.75 -44.01
C VAL B 506 -0.31 -15.45 -43.49
N LEU B 507 1.01 -15.39 -43.30
CA LEU B 507 1.64 -14.16 -42.87
C LEU B 507 1.58 -13.08 -43.93
N ARG B 508 1.50 -13.46 -45.21
CA ARG B 508 1.30 -12.46 -46.24
C ARG B 508 -0.12 -11.91 -46.19
N THR B 509 -1.11 -12.73 -45.83
CA THR B 509 -2.45 -12.21 -45.63
C THR B 509 -2.56 -11.29 -44.41
N LEU B 510 -1.66 -11.41 -43.44
CA LEU B 510 -1.71 -10.49 -42.31
C LEU B 510 -0.70 -9.35 -42.46
N LEU B 511 0.58 -9.68 -42.61
CA LEU B 511 1.60 -8.64 -42.73
C LEU B 511 1.66 -8.11 -44.15
N GLN B 556 20.88 -23.59 -38.21
CA GLN B 556 19.72 -24.29 -37.69
C GLN B 556 19.37 -23.82 -36.28
N ALA B 557 18.81 -22.60 -36.21
CA ALA B 557 18.22 -22.05 -34.99
C ALA B 557 16.71 -21.95 -35.22
N PRO B 558 15.96 -23.02 -35.00
CA PRO B 558 14.56 -23.04 -35.43
C PRO B 558 13.59 -22.50 -34.41
N TRP B 559 14.09 -21.73 -33.44
CA TRP B 559 13.24 -21.21 -32.39
C TRP B 559 12.20 -20.24 -32.91
N SER B 560 12.49 -19.55 -34.01
CA SER B 560 11.56 -18.56 -34.54
C SER B 560 10.32 -19.20 -35.13
N ASP B 561 10.44 -20.41 -35.68
CA ASP B 561 9.26 -21.10 -36.20
C ASP B 561 8.34 -21.54 -35.08
N LEU B 562 8.92 -21.94 -33.95
CA LEU B 562 8.12 -22.25 -32.78
C LEU B 562 7.51 -21.02 -32.15
N LEU B 563 8.18 -19.86 -32.27
CA LEU B 563 7.59 -18.62 -31.76
C LEU B 563 6.34 -18.24 -32.55
N ILE B 564 6.42 -18.29 -33.88
CA ILE B 564 5.26 -17.98 -34.72
C ILE B 564 4.17 -19.02 -34.51
N TRP B 565 4.55 -20.29 -34.33
CA TRP B 565 3.59 -21.36 -34.05
C TRP B 565 2.83 -21.11 -32.77
N ALA B 566 3.52 -20.69 -31.71
CA ALA B 566 2.84 -20.47 -30.45
C ALA B 566 1.99 -19.20 -30.48
N LEU B 567 2.37 -18.22 -31.29
CA LEU B 567 1.58 -16.99 -31.36
C LEU B 567 0.28 -17.20 -32.13
N LEU B 568 0.29 -18.07 -33.14
CA LEU B 568 -0.94 -18.26 -33.91
C LEU B 568 -1.98 -19.03 -33.13
N LEU B 569 -1.57 -20.04 -32.35
CA LEU B 569 -2.52 -20.86 -31.62
C LEU B 569 -2.88 -20.29 -30.27
N ASN B 570 -2.35 -19.11 -29.93
CA ASN B 570 -2.66 -18.36 -28.71
C ASN B 570 -2.30 -19.15 -27.45
N ARG B 571 -1.03 -19.51 -27.35
CA ARG B 571 -0.45 -20.00 -26.11
C ARG B 571 0.38 -18.87 -25.51
N ALA B 572 0.30 -18.69 -24.20
CA ALA B 572 1.05 -17.61 -23.58
C ALA B 572 2.42 -18.08 -23.12
N GLN B 573 2.46 -19.18 -22.35
CA GLN B 573 3.71 -19.62 -21.76
C GLN B 573 4.62 -20.25 -22.80
N MET B 574 4.05 -20.83 -23.86
CA MET B 574 4.87 -21.33 -24.95
C MET B 574 5.58 -20.19 -25.67
N ALA B 575 4.84 -19.11 -25.95
CA ALA B 575 5.42 -18.04 -26.75
C ALA B 575 6.41 -17.21 -25.96
N ILE B 576 6.21 -17.06 -24.66
CA ILE B 576 7.18 -16.33 -23.85
C ILE B 576 8.48 -17.12 -23.75
N TYR B 577 8.38 -18.43 -23.52
CA TYR B 577 9.59 -19.25 -23.41
C TYR B 577 10.34 -19.32 -24.74
N PHE B 578 9.62 -19.43 -25.85
CA PHE B 578 10.28 -19.47 -27.15
C PHE B 578 10.87 -18.13 -27.52
N TRP B 579 10.35 -17.04 -26.96
CA TRP B 579 11.02 -15.76 -27.11
C TRP B 579 12.33 -15.74 -26.34
N GLU B 580 12.33 -16.30 -25.14
CA GLU B 580 13.48 -16.20 -24.25
C GLU B 580 14.64 -17.07 -24.67
N LYS B 581 14.45 -17.98 -25.62
CA LYS B 581 15.58 -18.74 -26.12
C LYS B 581 16.13 -18.21 -27.44
N GLY B 582 15.26 -17.70 -28.31
CA GLY B 582 15.69 -17.29 -29.63
C GLY B 582 16.48 -16.00 -29.61
N SER B 583 17.18 -15.75 -30.71
CA SER B 583 17.95 -14.54 -30.90
C SER B 583 17.10 -13.52 -31.64
N ASN B 584 17.71 -12.36 -31.93
CA ASN B 584 17.09 -11.23 -32.61
C ASN B 584 15.81 -10.80 -31.87
N SER B 585 16.00 -10.35 -30.65
CA SER B 585 14.90 -10.35 -29.69
C SER B 585 14.02 -9.10 -29.74
N VAL B 586 14.59 -7.93 -30.00
CA VAL B 586 13.80 -6.70 -29.95
C VAL B 586 12.83 -6.64 -31.12
N ALA B 587 13.32 -6.94 -32.32
CA ALA B 587 12.46 -6.92 -33.50
C ALA B 587 11.43 -8.04 -33.47
N SER B 588 11.78 -9.19 -32.90
CA SER B 588 10.82 -10.27 -32.79
C SER B 588 9.72 -9.97 -31.79
N ALA B 589 10.02 -9.23 -30.72
CA ALA B 589 8.97 -8.83 -29.80
C ALA B 589 8.04 -7.81 -30.43
N LEU B 590 8.57 -6.89 -31.25
CA LEU B 590 7.69 -5.92 -31.90
C LEU B 590 6.84 -6.57 -32.98
N GLY B 591 7.39 -7.53 -33.71
CA GLY B 591 6.58 -8.29 -34.64
C GLY B 591 5.53 -9.14 -33.96
N ALA B 592 5.82 -9.59 -32.74
CA ALA B 592 4.83 -10.35 -31.98
C ALA B 592 3.67 -9.47 -31.55
N CYS B 593 3.97 -8.24 -31.14
CA CYS B 593 2.90 -7.34 -30.70
C CYS B 593 2.03 -6.91 -31.86
N LEU B 594 2.65 -6.70 -33.03
CA LEU B 594 1.90 -6.39 -34.24
C LEU B 594 0.99 -7.54 -34.64
N LEU B 595 1.51 -8.77 -34.60
CA LEU B 595 0.76 -9.90 -35.12
C LEU B 595 -0.41 -10.27 -34.21
N LEU B 596 -0.25 -10.08 -32.91
CA LEU B 596 -1.34 -10.42 -32.01
C LEU B 596 -2.47 -9.39 -32.06
N ARG B 597 -2.14 -8.12 -32.24
CA ARG B 597 -3.22 -7.13 -32.33
C ARG B 597 -3.96 -7.22 -33.66
N VAL B 598 -3.26 -7.52 -34.74
CA VAL B 598 -3.91 -7.71 -36.03
C VAL B 598 -4.84 -8.91 -36.00
N MET B 599 -4.43 -9.99 -35.34
CA MET B 599 -5.36 -11.10 -35.18
C MET B 599 -6.40 -10.84 -34.11
N ALA B 600 -6.22 -9.81 -33.28
CA ALA B 600 -7.24 -9.52 -32.28
C ALA B 600 -8.41 -8.76 -32.88
N ARG B 601 -8.15 -7.87 -33.84
CA ARG B 601 -9.24 -7.14 -34.48
C ARG B 601 -10.06 -8.04 -35.39
N LEU B 602 -9.48 -9.13 -35.87
CA LEU B 602 -10.13 -10.03 -36.82
C LEU B 602 -10.85 -11.17 -36.10
N GLU B 603 -10.87 -11.13 -34.78
CA GLU B 603 -11.32 -12.24 -33.95
C GLU B 603 -12.81 -12.14 -33.69
N SER B 604 -13.48 -13.30 -33.59
CA SER B 604 -14.90 -13.34 -33.32
C SER B 604 -15.24 -13.17 -31.84
N GLU B 605 -14.75 -14.09 -31.00
CA GLU B 605 -15.17 -14.15 -29.61
C GLU B 605 -14.55 -13.00 -28.83
N ALA B 606 -15.31 -12.45 -27.87
CA ALA B 606 -14.77 -11.40 -27.02
C ALA B 606 -13.71 -11.92 -26.07
N GLU B 607 -13.83 -13.18 -25.67
CA GLU B 607 -12.93 -13.73 -24.66
C GLU B 607 -11.54 -14.03 -25.24
N GLU B 608 -11.49 -14.64 -26.42
CA GLU B 608 -10.20 -14.93 -27.05
C GLU B 608 -9.53 -13.66 -27.56
N ALA B 609 -10.30 -12.69 -28.01
CA ALA B 609 -9.72 -11.41 -28.40
C ALA B 609 -9.15 -10.67 -27.21
N ALA B 610 -9.82 -10.73 -26.06
CA ALA B 610 -9.28 -10.06 -24.87
C ALA B 610 -8.03 -10.75 -24.36
N ARG B 611 -7.97 -12.07 -24.49
CA ARG B 611 -6.79 -12.80 -24.04
C ARG B 611 -5.58 -12.53 -24.94
N ARG B 612 -5.82 -12.39 -26.25
CA ARG B 612 -4.73 -12.01 -27.15
C ARG B 612 -4.25 -10.59 -26.93
N LYS B 613 -5.13 -9.69 -26.51
CA LYS B 613 -4.68 -8.34 -26.21
C LYS B 613 -3.81 -8.28 -24.96
N ASP B 614 -4.04 -9.17 -24.00
CA ASP B 614 -3.19 -9.20 -22.82
C ASP B 614 -1.82 -9.79 -23.14
N LEU B 615 -1.76 -10.76 -24.06
CA LEU B 615 -0.46 -11.28 -24.47
C LEU B 615 0.32 -10.25 -25.26
N ALA B 616 -0.36 -9.48 -26.12
CA ALA B 616 0.32 -8.45 -26.88
C ALA B 616 0.84 -7.33 -25.99
N ALA B 617 0.17 -7.07 -24.88
CA ALA B 617 0.71 -6.10 -23.93
C ALA B 617 1.91 -6.65 -23.18
N THR B 618 1.98 -7.98 -23.01
CA THR B 618 3.14 -8.57 -22.37
C THR B 618 4.38 -8.42 -23.24
N PHE B 619 4.26 -8.74 -24.53
CA PHE B 619 5.41 -8.62 -25.42
C PHE B 619 5.82 -7.18 -25.66
N GLU B 620 4.88 -6.24 -25.59
CA GLU B 620 5.26 -4.83 -25.70
C GLU B 620 6.09 -4.40 -24.51
N SER B 621 5.76 -4.91 -23.32
CA SER B 621 6.53 -4.57 -22.13
C SER B 621 7.93 -5.17 -22.15
N MET B 622 8.09 -6.37 -22.70
CA MET B 622 9.43 -6.96 -22.73
C MET B 622 10.34 -6.30 -23.74
N SER B 623 9.80 -5.83 -24.87
CA SER B 623 10.62 -5.07 -25.80
C SER B 623 11.06 -3.74 -25.20
N VAL B 624 10.20 -3.12 -24.37
CA VAL B 624 10.56 -1.89 -23.67
C VAL B 624 11.73 -2.12 -22.74
N ASP B 625 11.68 -3.17 -21.92
CA ASP B 625 12.70 -3.37 -20.89
C ASP B 625 14.02 -3.84 -21.48
N LEU B 626 13.98 -4.66 -22.53
CA LEU B 626 15.20 -5.13 -23.16
C LEU B 626 15.95 -3.99 -23.83
N PHE B 627 15.23 -3.13 -24.57
CA PHE B 627 15.90 -1.98 -25.16
C PHE B 627 16.32 -0.97 -24.10
N GLY B 628 15.67 -0.99 -22.93
CA GLY B 628 16.10 -0.14 -21.85
C GLY B 628 17.50 -0.45 -21.39
N GLU B 629 17.81 -1.74 -21.19
CA GLU B 629 19.17 -2.08 -20.76
C GLU B 629 20.17 -2.02 -21.90
N CYS B 630 19.76 -2.30 -23.13
CA CYS B 630 20.70 -2.18 -24.25
C CYS B 630 21.07 -0.73 -24.51
N TYR B 631 20.14 0.20 -24.35
CA TYR B 631 20.48 1.60 -24.49
C TYR B 631 21.27 2.11 -23.30
N HIS B 632 20.99 1.57 -22.11
CA HIS B 632 21.67 2.03 -20.90
C HIS B 632 23.13 1.63 -20.88
N ASN B 633 23.53 0.60 -21.63
CA ASN B 633 24.95 0.32 -21.76
C ASN B 633 25.60 1.23 -22.78
N SER B 634 25.17 1.14 -24.03
CA SER B 634 25.91 1.73 -25.14
C SER B 634 24.96 2.43 -26.08
N GLU B 635 25.12 3.74 -26.22
CA GLU B 635 24.18 4.53 -26.99
C GLU B 635 24.34 4.35 -28.49
N GLU B 636 25.59 4.31 -28.98
CA GLU B 636 25.79 4.14 -30.42
C GLU B 636 25.37 2.76 -30.89
N ARG B 637 25.58 1.75 -30.07
CA ARG B 637 25.33 0.39 -30.53
C ARG B 637 23.84 0.08 -30.48
N ALA B 638 23.11 0.67 -29.54
CA ALA B 638 21.65 0.57 -29.55
C ALA B 638 21.06 1.39 -30.68
N ALA B 639 21.68 2.53 -31.00
CA ALA B 639 21.24 3.33 -32.14
C ALA B 639 21.38 2.56 -33.44
N ARG B 640 22.42 1.72 -33.55
CA ARG B 640 22.53 0.87 -34.71
C ARG B 640 21.63 -0.35 -34.60
N LEU B 641 21.07 -0.62 -33.43
CA LEU B 641 20.19 -1.76 -33.29
C LEU B 641 18.79 -1.46 -33.82
N LEU B 642 18.28 -0.24 -33.59
CA LEU B 642 16.94 0.06 -34.08
C LEU B 642 16.94 0.32 -35.58
N LEU B 643 17.96 0.99 -36.09
CA LEU B 643 17.98 1.47 -37.47
C LEU B 643 18.55 0.44 -38.44
N ARG B 644 18.44 -0.84 -38.11
CA ARG B 644 19.00 -1.90 -38.92
C ARG B 644 17.98 -2.36 -39.95
N ARG B 645 18.42 -2.55 -41.18
CA ARG B 645 17.51 -2.80 -42.28
C ARG B 645 17.04 -4.24 -42.29
N CYS B 646 15.73 -4.43 -42.54
CA CYS B 646 14.98 -5.67 -42.70
C CYS B 646 15.28 -6.77 -41.69
N PRO B 647 14.84 -6.65 -40.43
CA PRO B 647 15.00 -7.77 -39.50
C PRO B 647 13.92 -8.84 -39.62
N LEU B 648 12.70 -8.45 -39.99
CA LEU B 648 11.58 -9.38 -40.09
C LEU B 648 10.64 -8.93 -41.19
N TRP B 649 10.36 -9.85 -42.12
CA TRP B 649 9.34 -9.71 -43.17
C TRP B 649 9.61 -8.48 -44.03
N GLY B 650 10.72 -8.55 -44.75
CA GLY B 650 11.05 -7.51 -45.71
C GLY B 650 11.58 -6.28 -45.02
N GLU B 651 11.73 -5.22 -45.82
CA GLU B 651 12.40 -4.01 -45.39
C GLU B 651 11.44 -3.19 -44.53
N ALA B 652 11.52 -3.41 -43.22
CA ALA B 652 10.76 -2.63 -42.25
C ALA B 652 11.54 -2.64 -40.96
N THR B 653 12.10 -1.50 -40.58
CA THR B 653 12.93 -1.41 -39.38
C THR B 653 12.07 -1.49 -38.13
N CYS B 654 12.73 -1.45 -36.97
CA CYS B 654 12.03 -1.65 -35.71
C CYS B 654 11.13 -0.47 -35.37
N LEU B 655 11.42 0.70 -35.92
CA LEU B 655 10.54 1.83 -35.68
C LEU B 655 9.25 1.71 -36.46
N GLN B 656 9.30 1.20 -37.70
CA GLN B 656 8.06 1.03 -38.43
C GLN B 656 7.25 -0.15 -37.93
N LEU B 657 7.91 -1.15 -37.36
CA LEU B 657 7.20 -2.20 -36.65
C LEU B 657 6.48 -1.63 -35.43
N ALA B 658 7.14 -0.73 -34.69
CA ALA B 658 6.47 -0.09 -33.57
C ALA B 658 5.43 0.90 -34.04
N MET B 659 5.59 1.42 -35.25
CA MET B 659 4.63 2.37 -35.82
C MET B 659 3.30 1.69 -36.10
N GLN B 660 3.34 0.54 -36.78
CA GLN B 660 2.09 -0.07 -37.21
C GLN B 660 1.37 -0.78 -36.07
N ALA B 661 2.07 -1.03 -34.96
CA ALA B 661 1.51 -1.87 -33.92
C ALA B 661 0.79 -1.09 -32.83
N ASP B 662 0.66 0.23 -32.97
CA ASP B 662 0.18 1.14 -31.93
C ASP B 662 0.96 0.98 -30.64
N ALA B 663 2.28 0.90 -30.76
CA ALA B 663 3.14 0.68 -29.61
C ALA B 663 3.49 2.03 -29.03
N ARG B 664 2.50 2.70 -28.44
CA ARG B 664 2.71 4.03 -27.91
C ARG B 664 3.58 4.04 -26.67
N ALA B 665 3.68 2.93 -25.96
CA ALA B 665 4.56 2.87 -24.80
C ALA B 665 5.99 2.51 -25.15
N PHE B 666 6.27 2.22 -26.42
CA PHE B 666 7.65 2.01 -26.83
C PHE B 666 8.33 3.29 -27.26
N PHE B 667 7.63 4.16 -27.97
CA PHE B 667 8.17 5.46 -28.34
C PHE B 667 8.26 6.41 -27.17
N ALA B 668 7.66 6.09 -26.03
CA ALA B 668 7.63 6.97 -24.89
C ALA B 668 8.86 6.88 -24.02
N GLN B 669 9.93 6.25 -24.47
CA GLN B 669 11.10 6.10 -23.62
C GLN B 669 11.96 7.35 -23.66
N ASP B 670 13.14 7.23 -23.08
CA ASP B 670 14.14 8.28 -23.17
C ASP B 670 15.08 8.05 -24.34
N GLY B 671 15.46 6.81 -24.58
CA GLY B 671 16.43 6.54 -25.63
C GLY B 671 15.84 6.69 -27.01
N VAL B 672 14.57 6.32 -27.18
CA VAL B 672 13.94 6.41 -28.49
C VAL B 672 13.70 7.87 -28.85
N GLN B 673 13.30 8.69 -27.87
CA GLN B 673 13.16 10.12 -28.13
C GLN B 673 14.50 10.79 -28.36
N SER B 674 15.57 10.27 -27.76
CA SER B 674 16.88 10.78 -28.10
C SER B 674 17.28 10.41 -29.52
N LEU B 675 16.89 9.23 -29.98
CA LEU B 675 17.28 8.84 -31.32
C LEU B 675 16.46 9.54 -32.38
N LEU B 676 15.21 9.88 -32.06
CA LEU B 676 14.45 10.71 -32.98
C LEU B 676 15.00 12.12 -33.03
N THR B 677 15.59 12.59 -31.93
CA THR B 677 16.24 13.90 -31.97
C THR B 677 17.49 13.87 -32.83
N GLN B 678 18.32 12.84 -32.68
CA GLN B 678 19.55 12.74 -33.48
C GLN B 678 19.25 12.50 -34.94
N LYS B 679 18.12 11.85 -35.24
CA LYS B 679 17.69 11.73 -36.62
C LYS B 679 17.18 13.06 -37.14
N TRP B 680 16.61 13.88 -36.27
CA TRP B 680 16.03 15.15 -36.69
C TRP B 680 17.11 16.18 -37.02
N TRP B 681 18.22 16.15 -36.32
CA TRP B 681 19.28 17.11 -36.61
C TRP B 681 20.19 16.69 -37.73
N GLY B 682 19.94 15.55 -38.37
CA GLY B 682 20.78 15.13 -39.49
C GLY B 682 22.15 14.71 -39.01
N GLU B 683 23.19 15.33 -39.58
CA GLU B 683 24.57 15.03 -39.22
C GLU B 683 25.21 16.18 -38.48
N MET B 684 24.43 16.97 -37.77
CA MET B 684 24.96 18.00 -36.91
C MET B 684 25.09 17.43 -35.51
N ASP B 685 25.47 18.27 -34.56
CA ASP B 685 25.35 17.89 -33.16
C ASP B 685 23.99 18.36 -32.66
N SER B 686 23.34 17.52 -31.87
CA SER B 686 22.01 17.84 -31.37
C SER B 686 22.02 18.81 -30.21
N THR B 687 23.16 19.40 -29.89
CA THR B 687 23.28 20.41 -28.85
C THR B 687 23.43 21.81 -29.40
N THR B 688 23.34 21.98 -30.72
CA THR B 688 23.43 23.31 -31.29
C THR B 688 22.15 24.07 -30.97
N PRO B 689 22.23 25.32 -30.53
CA PRO B 689 21.03 26.10 -30.30
C PRO B 689 20.41 26.54 -31.63
N ILE B 690 19.16 27.01 -31.54
CA ILE B 690 18.37 27.29 -32.73
C ILE B 690 18.86 28.56 -33.43
N TRP B 691 19.34 29.55 -32.65
CA TRP B 691 19.75 30.81 -33.24
C TRP B 691 20.99 30.67 -34.10
N ALA B 692 21.88 29.73 -33.77
CA ALA B 692 23.03 29.48 -34.62
C ALA B 692 22.62 28.84 -35.94
N LEU B 693 21.56 28.04 -35.92
CA LEU B 693 21.01 27.48 -37.15
C LEU B 693 20.40 28.56 -38.03
N LEU B 694 19.73 29.55 -37.43
CA LEU B 694 19.18 30.63 -38.23
C LEU B 694 20.27 31.51 -38.83
N LEU B 695 21.31 31.81 -38.03
CA LEU B 695 22.37 32.68 -38.52
C LEU B 695 23.18 32.02 -39.63
N ALA B 696 23.34 30.70 -39.56
CA ALA B 696 23.98 30.02 -40.68
C ALA B 696 23.03 29.84 -41.85
N PHE B 697 21.72 29.89 -41.60
CA PHE B 697 20.78 29.72 -42.70
C PHE B 697 20.71 30.97 -43.56
N PHE B 698 20.86 32.14 -42.95
CA PHE B 698 20.89 33.38 -43.71
C PHE B 698 22.31 33.81 -44.05
N CYS B 699 23.31 33.00 -43.72
CA CYS B 699 24.68 33.22 -44.20
C CYS B 699 25.25 31.89 -44.66
N PRO B 700 24.98 31.49 -45.90
CA PRO B 700 25.58 30.26 -46.47
C PRO B 700 27.10 30.24 -46.53
N PRO B 701 27.83 31.38 -46.59
CA PRO B 701 29.26 31.28 -46.32
C PRO B 701 29.65 31.07 -44.86
N LEU B 702 28.70 31.10 -43.92
CA LEU B 702 29.07 30.87 -42.54
C LEU B 702 28.83 29.43 -42.12
N ILE B 703 28.65 28.53 -43.08
CA ILE B 703 28.67 27.10 -42.79
C ILE B 703 30.06 26.67 -42.34
N TYR B 704 31.08 27.13 -43.03
CA TYR B 704 32.45 26.67 -42.81
C TYR B 704 33.13 27.39 -41.65
N THR B 705 32.49 27.47 -40.49
CA THR B 705 33.10 28.06 -39.31
C THR B 705 32.88 27.17 -38.09
N ASN B 706 33.25 27.66 -36.92
CA ASN B 706 33.06 26.91 -35.68
C ASN B 706 31.82 27.40 -34.94
N LEU B 707 30.66 27.23 -35.56
CA LEU B 707 29.38 27.42 -34.89
C LEU B 707 28.48 26.21 -34.97
N ILE B 708 28.65 25.37 -35.97
CA ILE B 708 27.87 24.14 -36.09
C ILE B 708 28.86 22.99 -36.02
N VAL B 709 28.94 22.37 -34.85
CA VAL B 709 29.82 21.24 -34.65
C VAL B 709 29.19 20.00 -35.25
N PHE B 710 29.94 19.29 -36.07
CA PHE B 710 29.41 18.12 -36.77
C PHE B 710 29.74 16.85 -35.99
N ARG B 711 29.48 15.70 -36.61
CA ARG B 711 29.76 14.36 -36.11
C ARG B 711 29.04 14.11 -34.77
N LYS B 712 27.72 14.14 -34.86
CA LYS B 712 26.79 13.76 -33.80
C LYS B 712 26.98 14.48 -32.46
N SER B 765 33.10 20.30 -50.52
CA SER B 765 31.74 20.01 -50.96
C SER B 765 31.09 18.96 -50.07
N LYS B 766 31.60 18.83 -48.85
CA LYS B 766 31.04 17.89 -47.88
C LYS B 766 30.12 18.56 -46.88
N ARG B 767 30.58 19.64 -46.23
CA ARG B 767 29.76 20.36 -45.25
C ARG B 767 28.58 21.06 -45.89
N TRP B 768 28.61 21.30 -47.19
CA TRP B 768 27.44 21.81 -47.89
C TRP B 768 26.29 20.80 -47.84
N SER B 769 26.56 19.56 -48.24
CA SER B 769 25.53 18.54 -48.12
C SER B 769 25.30 18.09 -46.70
N ASP B 770 26.21 18.39 -45.77
CA ASP B 770 25.97 18.09 -44.37
C ASP B 770 24.97 19.03 -43.74
N PHE B 771 25.11 20.34 -43.99
CA PHE B 771 24.16 21.32 -43.48
C PHE B 771 22.81 21.21 -44.19
N TRP B 772 22.81 21.21 -45.51
CA TRP B 772 21.56 21.26 -46.26
C TRP B 772 20.88 19.91 -46.39
N GLY B 773 21.40 18.86 -45.77
CA GLY B 773 20.78 17.57 -45.89
C GLY B 773 19.94 17.22 -44.67
N ALA B 774 20.17 17.94 -43.58
CA ALA B 774 19.51 17.65 -42.32
C ALA B 774 18.03 18.02 -42.42
N PRO B 775 17.16 17.30 -41.69
CA PRO B 775 15.74 17.62 -41.75
C PRO B 775 15.36 18.94 -41.10
N VAL B 776 16.20 19.52 -40.24
CA VAL B 776 15.86 20.82 -39.68
C VAL B 776 15.96 21.90 -40.75
N THR B 777 16.83 21.74 -41.73
CA THR B 777 16.94 22.76 -42.77
C THR B 777 15.94 22.55 -43.88
N ALA B 778 15.44 21.34 -44.09
CA ALA B 778 14.32 21.17 -44.98
C ALA B 778 13.06 21.75 -44.38
N PHE B 779 12.89 21.59 -43.06
CA PHE B 779 11.77 22.19 -42.35
C PHE B 779 11.88 23.71 -42.33
N LEU B 780 13.09 24.22 -42.13
CA LEU B 780 13.27 25.66 -42.05
C LEU B 780 13.06 26.30 -43.42
N GLY B 781 13.42 25.59 -44.49
CA GLY B 781 13.10 26.07 -45.81
C GLY B 781 11.62 26.04 -46.12
N ASN B 782 10.89 25.08 -45.53
CA ASN B 782 9.44 25.03 -45.69
C ASN B 782 8.77 26.23 -45.04
N VAL B 783 9.19 26.58 -43.82
CA VAL B 783 8.52 27.65 -43.09
C VAL B 783 8.82 29.00 -43.72
N VAL B 784 10.07 29.24 -44.13
CA VAL B 784 10.43 30.52 -44.73
C VAL B 784 9.72 30.72 -46.07
N SER B 785 9.64 29.66 -46.87
CA SER B 785 8.93 29.79 -48.15
C SER B 785 7.43 29.94 -47.96
N TYR B 786 6.88 29.40 -46.89
CA TYR B 786 5.44 29.48 -46.70
C TYR B 786 5.02 30.83 -46.13
N LEU B 787 5.86 31.43 -45.29
CA LEU B 787 5.57 32.79 -44.84
C LEU B 787 5.71 33.80 -45.96
N LEU B 788 6.64 33.58 -46.89
CA LEU B 788 6.74 34.48 -48.03
C LEU B 788 5.58 34.28 -48.99
N PHE B 789 4.97 33.09 -48.99
CA PHE B 789 3.74 32.91 -49.74
C PHE B 789 2.60 33.72 -49.14
N LEU B 790 2.50 33.75 -47.80
CA LEU B 790 1.42 34.51 -47.19
C LEU B 790 1.63 36.00 -47.32
N LEU B 791 2.89 36.45 -47.31
CA LEU B 791 3.17 37.86 -47.55
C LEU B 791 2.83 38.26 -48.98
N LEU B 792 3.11 37.38 -49.95
CA LEU B 792 2.76 37.71 -51.33
C LEU B 792 1.27 37.73 -51.53
N PHE B 793 0.56 36.81 -50.87
CA PHE B 793 -0.88 36.76 -50.96
C PHE B 793 -1.51 37.99 -50.32
N ALA B 794 -0.86 38.53 -49.28
CA ALA B 794 -1.37 39.71 -48.61
C ALA B 794 -1.09 40.97 -49.40
N HIS B 795 0.07 41.05 -50.08
CA HIS B 795 0.37 42.21 -50.90
C HIS B 795 -0.54 42.27 -52.12
N VAL B 796 -0.87 41.12 -52.69
CA VAL B 796 -1.80 41.10 -53.81
C VAL B 796 -3.21 41.46 -53.35
N LEU B 797 -3.63 40.94 -52.21
CA LEU B 797 -5.02 41.09 -51.81
C LEU B 797 -5.34 42.46 -51.24
N LEU B 798 -4.38 43.08 -50.54
CA LEU B 798 -4.66 44.34 -49.85
C LEU B 798 -4.31 45.58 -50.65
N VAL B 799 -3.16 45.60 -51.33
CA VAL B 799 -2.58 46.84 -51.83
C VAL B 799 -2.90 47.04 -53.31
N ASP B 800 -2.40 46.17 -54.17
CA ASP B 800 -2.65 46.30 -55.61
C ASP B 800 -3.50 45.13 -56.08
N PHE B 801 -4.79 45.39 -56.27
CA PHE B 801 -5.71 44.41 -56.84
C PHE B 801 -6.52 45.15 -57.89
N GLN B 802 -6.01 45.21 -59.12
CA GLN B 802 -6.68 45.95 -60.18
C GLN B 802 -7.95 45.23 -60.63
N PRO B 803 -9.02 45.97 -60.94
CA PRO B 803 -10.27 45.32 -61.30
C PRO B 803 -10.28 44.73 -62.71
N THR B 804 -9.50 45.35 -63.60
CA THR B 804 -9.53 44.97 -65.01
C THR B 804 -8.64 43.76 -65.31
N LYS B 805 -7.34 43.91 -65.08
CA LYS B 805 -6.37 42.93 -65.52
C LYS B 805 -5.50 42.51 -64.33
N PRO B 806 -5.16 41.23 -64.23
CA PRO B 806 -4.20 40.81 -63.20
C PRO B 806 -2.83 41.42 -63.45
N SER B 807 -2.20 41.86 -62.38
CA SER B 807 -0.90 42.52 -62.47
C SER B 807 0.21 41.48 -62.60
N VAL B 808 1.44 41.92 -62.44
CA VAL B 808 2.58 41.00 -62.46
C VAL B 808 2.54 40.09 -61.24
N SER B 809 2.28 40.66 -60.07
CA SER B 809 2.40 39.93 -58.81
C SER B 809 1.30 38.89 -58.65
N GLU B 810 0.11 39.17 -59.17
CA GLU B 810 -0.96 38.16 -59.12
C GLU B 810 -0.64 36.98 -60.04
N LEU B 811 0.13 37.21 -61.10
CA LEU B 811 0.53 36.11 -61.96
C LEU B 811 1.65 35.29 -61.32
N LEU B 812 2.53 35.93 -60.55
CA LEU B 812 3.46 35.15 -59.73
C LEU B 812 2.71 34.32 -58.70
N LEU B 813 1.60 34.85 -58.19
CA LEU B 813 0.80 34.12 -57.21
C LEU B 813 0.12 32.90 -57.83
N TYR B 814 -0.45 33.05 -59.03
CA TYR B 814 -1.10 31.92 -59.69
C TYR B 814 -0.09 30.85 -60.08
N PHE B 815 1.14 31.25 -60.37
CA PHE B 815 2.19 30.27 -60.61
C PHE B 815 2.53 29.52 -59.33
N TRP B 816 2.46 30.21 -58.19
CA TRP B 816 2.82 29.60 -56.92
C TRP B 816 1.82 28.52 -56.53
N ALA B 817 0.52 28.84 -56.57
CA ALA B 817 -0.51 27.88 -56.21
C ALA B 817 -0.61 26.74 -57.21
N PHE B 818 -0.15 26.96 -58.44
CA PHE B 818 0.02 25.85 -59.37
C PHE B 818 1.05 24.85 -58.87
N THR B 819 2.17 25.34 -58.32
CA THR B 819 3.18 24.42 -57.80
C THR B 819 2.71 23.70 -56.55
N LEU B 820 1.99 24.38 -55.66
CA LEU B 820 1.48 23.71 -54.47
C LEU B 820 0.42 22.68 -54.81
N LEU B 821 -0.34 22.90 -55.89
CA LEU B 821 -1.31 21.91 -56.33
C LEU B 821 -0.62 20.64 -56.80
N CYS B 822 0.49 20.78 -57.54
CA CYS B 822 1.26 19.61 -57.97
C CYS B 822 1.92 18.91 -56.79
N GLU B 823 2.18 19.65 -55.71
CA GLU B 823 2.75 19.03 -54.52
C GLU B 823 1.75 18.11 -53.83
N GLU B 824 0.49 18.53 -53.73
CA GLU B 824 -0.49 17.67 -53.08
C GLU B 824 -0.92 16.50 -53.94
N LEU B 825 -0.89 16.64 -55.26
CA LEU B 825 -1.07 15.48 -56.12
C LEU B 825 0.10 14.50 -55.99
N ARG B 826 1.30 14.99 -55.73
CA ARG B 826 2.42 14.08 -55.52
C ARG B 826 2.31 13.39 -54.17
N GLN B 827 1.80 14.05 -53.15
CA GLN B 827 1.58 13.36 -51.89
C GLN B 827 0.25 12.63 -51.84
N GLY B 828 -0.48 12.54 -52.95
CA GLY B 828 -1.64 11.67 -53.03
C GLY B 828 -1.40 10.49 -53.94
N LEU B 829 -0.46 10.63 -54.87
CA LEU B 829 -0.19 9.60 -55.87
C LEU B 829 1.22 9.04 -55.79
N GLY B 830 2.15 9.76 -55.18
CA GLY B 830 3.51 9.24 -55.03
C GLY B 830 3.89 8.98 -53.59
N LEU B 848 -3.69 1.79 -57.58
CA LEU B 848 -3.43 3.22 -57.50
C LEU B 848 -4.66 4.01 -57.07
N ARG B 849 -5.74 3.29 -56.77
CA ARG B 849 -6.95 3.90 -56.24
C ARG B 849 -7.04 3.80 -54.73
N HIS B 850 -6.40 2.77 -54.15
CA HIS B 850 -6.28 2.66 -52.70
C HIS B 850 -5.49 3.83 -52.14
N ARG B 851 -4.55 4.37 -52.91
CA ARG B 851 -3.79 5.54 -52.49
C ARG B 851 -4.67 6.77 -52.38
N LEU B 852 -5.70 6.87 -53.22
CA LEU B 852 -6.64 7.99 -53.08
C LEU B 852 -7.46 7.87 -51.81
N HIS B 853 -7.74 6.64 -51.36
CA HIS B 853 -8.30 6.51 -50.02
C HIS B 853 -7.28 6.87 -48.94
N LEU B 854 -5.99 6.65 -49.23
CA LEU B 854 -4.95 7.01 -48.26
C LEU B 854 -4.76 8.51 -48.17
N TYR B 855 -5.11 9.25 -49.23
CA TYR B 855 -5.08 10.70 -49.17
C TYR B 855 -6.33 11.23 -48.48
N LEU B 856 -7.51 10.76 -48.89
CA LEU B 856 -8.80 11.22 -48.41
C LEU B 856 -9.05 10.94 -46.93
N SER B 857 -8.33 9.98 -46.34
CA SER B 857 -8.66 9.57 -44.98
C SER B 857 -8.25 10.62 -43.95
N ASP B 858 -7.16 11.34 -44.19
CA ASP B 858 -6.65 12.28 -43.21
C ASP B 858 -7.46 13.58 -43.24
N THR B 859 -7.06 14.54 -42.39
CA THR B 859 -7.79 15.79 -42.26
C THR B 859 -7.03 17.02 -42.74
N TRP B 860 -5.70 16.94 -42.87
CA TRP B 860 -4.92 18.06 -43.37
C TRP B 860 -4.51 17.91 -44.82
N ASN B 861 -4.55 16.70 -45.36
CA ASN B 861 -4.65 16.55 -46.80
C ASN B 861 -6.00 17.05 -47.30
N GLN B 862 -7.07 16.79 -46.54
CA GLN B 862 -8.39 17.34 -46.88
C GLN B 862 -8.43 18.86 -46.73
N CYS B 863 -7.78 19.40 -45.69
CA CYS B 863 -7.83 20.84 -45.48
C CYS B 863 -7.01 21.59 -46.52
N ASP B 864 -5.83 21.09 -46.90
CA ASP B 864 -5.05 21.74 -47.95
C ASP B 864 -5.74 21.59 -49.30
N LEU B 865 -6.45 20.48 -49.50
CA LEU B 865 -7.34 20.35 -50.63
C LEU B 865 -8.43 21.42 -50.60
N LEU B 866 -8.95 21.74 -49.41
CA LEU B 866 -10.01 22.74 -49.28
C LEU B 866 -9.51 24.14 -49.61
N ALA B 867 -8.28 24.46 -49.19
CA ALA B 867 -7.73 25.78 -49.49
C ALA B 867 -7.47 25.95 -50.98
N LEU B 868 -7.07 24.87 -51.66
CA LEU B 868 -6.83 24.99 -53.10
C LEU B 868 -8.13 25.02 -53.90
N THR B 869 -9.17 24.31 -53.44
CA THR B 869 -10.45 24.37 -54.15
C THR B 869 -11.11 25.75 -54.01
N CYS B 870 -10.97 26.38 -52.84
CA CYS B 870 -11.47 27.74 -52.72
C CYS B 870 -10.61 28.72 -53.49
N PHE B 871 -9.34 28.38 -53.75
CA PHE B 871 -8.52 29.25 -54.58
C PHE B 871 -8.96 29.19 -56.03
N LEU B 872 -9.26 27.99 -56.53
CA LEU B 872 -9.73 27.85 -57.90
C LEU B 872 -11.09 28.51 -58.10
N LEU B 873 -11.95 28.41 -57.08
CA LEU B 873 -13.24 29.08 -57.16
C LEU B 873 -13.07 30.59 -57.12
N GLY B 874 -12.06 31.09 -56.41
CA GLY B 874 -11.83 32.53 -56.37
C GLY B 874 -11.31 33.07 -57.68
N VAL B 875 -10.45 32.31 -58.37
CA VAL B 875 -9.94 32.75 -59.66
C VAL B 875 -11.03 32.71 -60.71
N GLY B 876 -11.76 31.59 -60.79
CA GLY B 876 -12.80 31.44 -61.79
C GLY B 876 -13.97 32.38 -61.60
N CYS B 877 -14.21 32.81 -60.36
CA CYS B 877 -15.22 33.84 -60.16
C CYS B 877 -14.66 35.23 -60.45
N ARG B 878 -13.35 35.43 -60.33
CA ARG B 878 -12.81 36.76 -60.60
C ARG B 878 -12.78 37.04 -62.10
N LEU B 879 -12.48 36.03 -62.92
CA LEU B 879 -12.19 36.30 -64.32
C LEU B 879 -13.44 36.60 -65.14
N THR B 880 -14.62 36.13 -64.71
CA THR B 880 -15.86 36.59 -65.32
C THR B 880 -16.09 38.05 -64.94
N PRO B 881 -16.59 38.87 -65.87
CA PRO B 881 -16.56 40.33 -65.63
C PRO B 881 -17.60 40.81 -64.63
N GLY B 882 -18.70 40.09 -64.46
CA GLY B 882 -19.74 40.56 -63.58
C GLY B 882 -19.66 40.07 -62.15
N LEU B 883 -18.65 39.27 -61.81
CA LEU B 883 -18.56 38.62 -60.51
C LEU B 883 -17.25 38.98 -59.83
N PHE B 884 -16.83 40.23 -59.95
CA PHE B 884 -15.54 40.66 -59.41
C PHE B 884 -15.55 40.68 -57.89
N ASP B 885 -16.58 41.26 -57.28
CA ASP B 885 -16.61 41.35 -55.83
C ASP B 885 -16.84 40.00 -55.17
N LEU B 886 -17.40 39.03 -55.90
CA LEU B 886 -17.54 37.69 -55.37
C LEU B 886 -16.18 37.03 -55.17
N GLY B 887 -15.31 37.10 -56.17
CA GLY B 887 -13.96 36.61 -56.01
C GLY B 887 -13.15 37.43 -55.02
N ARG B 888 -13.48 38.71 -54.88
CA ARG B 888 -12.80 39.57 -53.92
C ARG B 888 -13.06 39.12 -52.49
N THR B 889 -14.20 38.50 -52.22
CA THR B 889 -14.45 37.99 -50.87
C THR B 889 -14.05 36.54 -50.69
N VAL B 890 -14.10 35.73 -51.75
CA VAL B 890 -13.74 34.33 -51.61
C VAL B 890 -12.24 34.19 -51.38
N LEU B 891 -11.42 35.06 -51.97
CA LEU B 891 -10.00 35.02 -51.66
C LEU B 891 -9.68 35.47 -50.24
N CYS B 892 -10.56 36.25 -49.61
CA CYS B 892 -10.33 36.63 -48.22
C CYS B 892 -10.59 35.46 -47.28
N LEU B 893 -11.69 34.74 -47.48
CA LEU B 893 -11.91 33.51 -46.72
C LEU B 893 -10.84 32.47 -47.03
N ASP B 894 -10.30 32.48 -48.25
CA ASP B 894 -9.24 31.55 -48.59
C ASP B 894 -7.93 31.90 -47.86
N PHE B 895 -7.68 33.19 -47.63
CA PHE B 895 -6.48 33.55 -46.88
C PHE B 895 -6.56 33.11 -45.44
N MET B 896 -7.77 33.03 -44.88
CA MET B 896 -7.89 32.42 -43.56
C MET B 896 -7.52 30.95 -43.58
N ILE B 897 -7.96 30.22 -44.61
CA ILE B 897 -7.72 28.78 -44.62
C ILE B 897 -6.25 28.47 -44.92
N PHE B 898 -5.55 29.35 -45.64
CA PHE B 898 -4.11 29.14 -45.79
C PHE B 898 -3.34 29.44 -44.51
N THR B 899 -3.81 30.38 -43.70
CA THR B 899 -3.08 30.69 -42.47
C THR B 899 -3.38 29.77 -41.32
N LEU B 900 -4.43 28.96 -41.40
CA LEU B 900 -4.63 27.93 -40.40
C LEU B 900 -3.87 26.64 -40.74
N ARG B 901 -3.05 26.73 -41.77
CA ARG B 901 -2.12 25.67 -42.14
C ARG B 901 -0.95 25.63 -41.13
N LEU B 902 -0.50 26.81 -40.69
CA LEU B 902 0.65 26.94 -39.82
C LEU B 902 0.47 26.24 -38.48
N LEU B 903 -0.76 25.92 -38.09
CA LEU B 903 -0.93 25.16 -36.86
C LEU B 903 -0.54 23.70 -37.04
N HIS B 904 -0.66 23.17 -38.26
CA HIS B 904 -0.27 21.80 -38.51
C HIS B 904 1.21 21.67 -38.82
N ILE B 905 1.82 22.72 -39.36
CA ILE B 905 3.25 22.65 -39.66
C ILE B 905 4.07 22.58 -38.39
N PHE B 906 3.69 23.31 -37.36
CA PHE B 906 4.48 23.39 -36.15
C PHE B 906 4.11 22.33 -35.12
N THR B 907 3.51 21.20 -35.52
CA THR B 907 3.36 20.15 -34.52
C THR B 907 4.63 19.33 -34.37
N VAL B 908 5.60 19.53 -35.26
CA VAL B 908 6.85 18.79 -35.20
C VAL B 908 7.71 19.26 -34.04
N ASN B 909 7.53 20.52 -33.64
CA ASN B 909 8.44 21.21 -32.73
C ASN B 909 8.37 20.62 -31.33
N LYS B 910 9.40 20.88 -30.54
CA LYS B 910 9.54 20.25 -29.24
C LYS B 910 8.69 20.92 -28.17
N GLN B 911 8.67 22.26 -28.13
CA GLN B 911 7.89 22.96 -27.13
C GLN B 911 6.46 23.25 -27.56
N LEU B 912 6.24 23.67 -28.80
CA LEU B 912 4.88 23.96 -29.23
C LEU B 912 4.14 22.72 -29.68
N GLY B 913 4.75 21.56 -29.60
CA GLY B 913 4.15 20.34 -30.09
C GLY B 913 2.91 19.86 -29.37
N PRO B 914 3.05 19.40 -28.12
CA PRO B 914 1.89 18.82 -27.43
C PRO B 914 0.81 19.82 -27.11
N LYS B 915 1.16 21.10 -26.99
CA LYS B 915 0.15 22.10 -26.65
C LYS B 915 -0.72 22.42 -27.85
N ILE B 916 -0.24 22.18 -29.08
CA ILE B 916 -1.11 22.30 -30.23
C ILE B 916 -2.01 21.08 -30.35
N VAL B 917 -1.51 19.91 -29.96
CA VAL B 917 -2.30 18.68 -30.07
C VAL B 917 -3.49 18.70 -29.10
N ILE B 918 -3.32 19.29 -27.92
CA ILE B 918 -4.34 19.26 -26.88
C ILE B 918 -5.60 20.06 -27.23
N VAL B 919 -5.46 21.14 -28.00
CA VAL B 919 -6.52 22.13 -28.22
C VAL B 919 -7.76 21.50 -28.87
N SER B 920 -7.57 20.53 -29.74
CA SER B 920 -8.70 19.87 -30.38
C SER B 920 -9.50 18.98 -29.42
N LYS B 921 -8.92 18.55 -28.31
CA LYS B 921 -9.66 17.76 -27.34
C LYS B 921 -10.41 18.61 -26.33
N MET B 922 -10.46 19.91 -26.52
CA MET B 922 -11.20 20.79 -25.63
C MET B 922 -12.50 21.25 -26.25
N MET B 923 -12.74 20.90 -27.51
CA MET B 923 -13.84 21.45 -28.28
C MET B 923 -15.19 20.88 -27.91
N LYS B 924 -15.27 19.91 -27.01
CA LYS B 924 -16.56 19.47 -26.55
C LYS B 924 -17.16 20.42 -25.52
N ASP B 925 -16.31 21.07 -24.73
CA ASP B 925 -16.79 21.97 -23.70
C ASP B 925 -17.18 23.32 -24.28
N VAL B 926 -16.53 23.73 -25.38
CA VAL B 926 -16.96 24.93 -26.08
C VAL B 926 -18.31 24.71 -26.73
N PHE B 927 -18.56 23.50 -27.21
CA PHE B 927 -19.85 23.19 -27.81
C PHE B 927 -20.96 23.13 -26.77
N PHE B 928 -20.65 22.68 -25.56
CA PHE B 928 -21.62 22.81 -24.49
C PHE B 928 -21.91 24.27 -24.16
N PHE B 929 -20.87 25.10 -24.14
CA PHE B 929 -21.07 26.52 -23.81
C PHE B 929 -21.89 27.22 -24.87
N LEU B 930 -21.69 26.89 -26.14
CA LEU B 930 -22.52 27.46 -27.20
C LEU B 930 -23.96 27.00 -27.09
N PHE B 931 -24.18 25.79 -26.60
CA PHE B 931 -25.54 25.32 -26.38
C PHE B 931 -26.25 26.16 -25.33
N PHE B 932 -25.63 26.29 -24.15
CA PHE B 932 -26.30 26.97 -23.05
C PHE B 932 -26.42 28.45 -23.33
N LEU B 933 -25.48 29.00 -24.09
CA LEU B 933 -25.54 30.41 -24.43
C LEU B 933 -26.66 30.70 -25.41
N CYS B 934 -26.85 29.83 -26.41
CA CYS B 934 -27.90 30.10 -27.40
C CYS B 934 -29.30 29.95 -26.81
N VAL B 935 -29.48 29.03 -25.86
CA VAL B 935 -30.75 28.94 -25.14
C VAL B 935 -31.02 30.22 -24.37
N TRP B 936 -30.01 30.70 -23.64
CA TRP B 936 -30.19 31.89 -22.84
C TRP B 936 -30.21 33.17 -23.67
N LEU B 937 -29.62 33.16 -24.86
CA LEU B 937 -29.56 34.36 -25.69
C LEU B 937 -30.91 34.60 -26.35
N VAL B 938 -31.56 33.52 -26.78
CA VAL B 938 -32.93 33.62 -27.31
C VAL B 938 -33.89 34.04 -26.21
N ALA B 939 -33.77 33.43 -25.03
CA ALA B 939 -34.67 33.69 -23.91
C ALA B 939 -34.61 35.15 -23.46
N TYR B 940 -33.40 35.69 -23.33
CA TYR B 940 -33.26 37.10 -22.98
C TYR B 940 -33.69 38.01 -24.11
N GLY B 941 -33.32 37.67 -25.35
CA GLY B 941 -33.42 38.62 -26.43
C GLY B 941 -34.84 38.92 -26.83
N VAL B 942 -35.67 37.88 -26.98
CA VAL B 942 -37.03 38.10 -27.43
C VAL B 942 -37.86 38.71 -26.30
N ALA B 943 -37.48 38.49 -25.05
CA ALA B 943 -38.20 39.08 -23.94
C ALA B 943 -38.01 40.59 -23.89
N THR B 944 -36.76 41.08 -23.98
CA THR B 944 -36.56 42.52 -24.02
C THR B 944 -37.04 43.13 -25.32
N GLU B 945 -37.14 42.33 -26.37
CA GLU B 945 -37.67 42.86 -27.62
C GLU B 945 -39.17 42.98 -27.57
N GLY B 946 -39.83 42.08 -26.85
CA GLY B 946 -41.28 42.16 -26.74
C GLY B 946 -41.76 43.21 -25.76
N ILE B 947 -41.03 43.36 -24.65
CA ILE B 947 -41.42 44.28 -23.58
C ILE B 947 -41.43 45.71 -24.07
N LEU B 948 -40.39 46.07 -24.80
CA LEU B 948 -40.32 47.39 -25.39
C LEU B 948 -40.35 47.04 -26.86
N ARG B 949 -41.34 47.56 -27.58
CA ARG B 949 -41.44 47.23 -28.97
C ARG B 949 -41.03 48.42 -29.80
N PRO B 950 -39.99 48.26 -30.62
CA PRO B 950 -39.60 49.41 -31.42
C PRO B 950 -40.53 49.57 -32.61
N GLN B 951 -40.36 50.65 -33.37
CA GLN B 951 -41.22 50.93 -34.50
C GLN B 951 -40.60 50.59 -35.84
N ASP B 952 -39.29 50.45 -35.91
CA ASP B 952 -38.60 50.08 -37.14
C ASP B 952 -38.45 48.57 -37.14
N ARG B 953 -39.32 47.89 -37.87
CA ARG B 953 -39.47 46.44 -37.73
C ARG B 953 -39.07 45.66 -38.98
N SER B 954 -37.97 46.02 -39.61
CA SER B 954 -37.44 45.18 -40.66
C SER B 954 -36.94 43.87 -40.08
N LEU B 955 -36.94 42.83 -40.91
CA LEU B 955 -36.48 41.52 -40.44
C LEU B 955 -35.01 41.46 -40.04
N PRO B 956 -34.04 42.00 -40.82
CA PRO B 956 -32.66 41.96 -40.31
C PRO B 956 -32.42 42.89 -39.14
N SER B 957 -33.27 43.90 -38.95
CA SER B 957 -33.06 44.80 -37.83
C SER B 957 -33.47 44.14 -36.52
N ILE B 958 -34.57 43.38 -36.52
CA ILE B 958 -34.95 42.73 -35.28
C ILE B 958 -34.07 41.52 -35.01
N LEU B 959 -33.51 40.89 -36.05
CA LEU B 959 -32.54 39.83 -35.80
C LEU B 959 -31.25 40.38 -35.23
N ARG B 960 -30.88 41.60 -35.63
CA ARG B 960 -29.75 42.27 -35.01
C ARG B 960 -30.02 42.53 -33.54
N ARG B 961 -31.13 43.18 -33.22
CA ARG B 961 -31.36 43.57 -31.83
C ARG B 961 -31.98 42.44 -31.00
N VAL B 962 -31.92 41.19 -31.46
CA VAL B 962 -32.22 40.03 -30.63
C VAL B 962 -30.97 39.19 -30.39
N PHE B 963 -30.20 38.92 -31.45
CA PHE B 963 -29.05 38.02 -31.33
C PHE B 963 -27.71 38.73 -31.25
N TYR B 964 -27.63 40.02 -31.55
CA TYR B 964 -26.34 40.66 -31.70
C TYR B 964 -26.07 41.73 -30.65
N ARG B 965 -27.11 42.32 -30.05
CA ARG B 965 -26.88 43.04 -28.79
C ARG B 965 -26.38 42.14 -27.67
N PRO B 966 -27.05 41.03 -27.28
CA PRO B 966 -26.62 40.37 -26.05
C PRO B 966 -25.32 39.61 -26.20
N TYR B 967 -24.99 39.17 -27.41
CA TYR B 967 -23.72 38.50 -27.62
C TYR B 967 -22.56 39.43 -27.39
N LEU B 968 -22.69 40.69 -27.79
CA LEU B 968 -21.66 41.65 -27.44
C LEU B 968 -21.79 42.14 -26.00
N GLN B 969 -22.92 41.88 -25.34
CA GLN B 969 -23.01 42.26 -23.94
C GLN B 969 -22.17 41.40 -23.04
N ILE B 970 -21.90 40.14 -23.42
CA ILE B 970 -21.07 39.32 -22.53
C ILE B 970 -19.59 39.62 -22.68
N PHE B 971 -19.19 40.43 -23.66
CA PHE B 971 -17.80 40.83 -23.81
C PHE B 971 -17.57 42.27 -23.38
N GLY B 972 -18.46 42.83 -22.57
CA GLY B 972 -18.25 44.14 -22.00
C GLY B 972 -18.79 45.30 -22.80
N GLN B 973 -19.47 45.05 -23.90
CA GLN B 973 -20.07 46.10 -24.72
C GLN B 973 -21.56 46.15 -24.40
N ILE B 974 -21.93 47.04 -23.49
CA ILE B 974 -23.30 47.15 -23.01
C ILE B 974 -23.91 48.47 -23.49
N PRO B 975 -24.93 48.44 -24.34
CA PRO B 975 -25.62 49.68 -24.71
C PRO B 975 -26.69 50.02 -23.68
N GLN B 976 -26.56 51.20 -23.08
CA GLN B 976 -27.53 51.60 -22.08
C GLN B 976 -28.52 52.61 -22.62
N GLU B 977 -28.11 53.41 -23.58
CA GLU B 977 -28.94 54.47 -24.11
C GLU B 977 -30.01 53.98 -25.06
N GLU B 978 -30.05 52.68 -25.33
CA GLU B 978 -30.97 52.13 -26.30
C GLU B 978 -32.12 51.36 -25.66
N MET B 979 -32.09 51.16 -24.35
CA MET B 979 -33.16 50.41 -23.71
C MET B 979 -33.49 50.93 -22.30
N ASP B 980 -33.37 52.24 -22.06
CA ASP B 980 -33.64 52.74 -20.72
C ASP B 980 -34.23 54.14 -20.83
N VAL B 981 -35.39 54.36 -20.19
CA VAL B 981 -36.11 55.63 -20.29
C VAL B 981 -35.32 56.77 -19.68
N ALA B 982 -34.69 56.56 -18.53
CA ALA B 982 -33.98 57.63 -17.84
C ALA B 982 -32.75 58.11 -18.60
N LEU B 983 -32.30 57.41 -19.63
CA LEU B 983 -31.21 57.87 -20.47
C LEU B 983 -31.68 58.32 -21.85
N MET B 984 -32.96 58.15 -22.15
CA MET B 984 -33.53 58.61 -23.41
C MET B 984 -34.27 59.91 -23.19
N ILE B 985 -34.55 60.60 -24.29
CA ILE B 985 -35.37 61.80 -24.27
C ILE B 985 -36.79 61.42 -24.67
N PRO B 986 -37.80 61.82 -23.92
CA PRO B 986 -39.17 61.41 -24.22
C PRO B 986 -39.73 62.23 -25.38
N GLY B 987 -40.97 61.93 -25.73
CA GLY B 987 -41.60 62.61 -26.85
C GLY B 987 -42.73 61.79 -27.43
N ASN B 988 -43.57 62.48 -28.19
CA ASN B 988 -44.76 61.89 -28.79
C ASN B 988 -44.42 61.48 -30.23
N CYS B 989 -43.52 60.53 -30.35
CA CYS B 989 -42.94 60.15 -31.63
C CYS B 989 -43.71 59.06 -32.34
N SER B 990 -44.78 58.54 -31.74
CA SER B 990 -45.59 57.50 -32.35
C SER B 990 -47.01 57.99 -32.59
N MET B 991 -47.83 57.11 -33.14
CA MET B 991 -49.24 57.37 -33.39
C MET B 991 -50.09 56.22 -32.87
N GLU B 992 -49.81 55.82 -31.63
CA GLU B 992 -50.53 54.72 -31.01
C GLU B 992 -50.73 55.08 -29.55
N ARG B 993 -51.67 54.40 -28.90
CA ARG B 993 -51.97 54.62 -27.49
C ARG B 993 -50.78 54.27 -26.60
N GLY B 994 -50.43 55.20 -25.71
CA GLY B 994 -49.42 54.94 -24.70
C GLY B 994 -48.34 56.02 -24.70
N SER B 995 -47.36 55.78 -23.85
CA SER B 995 -46.20 56.67 -23.71
C SER B 995 -45.02 56.08 -24.46
N TRP B 996 -44.13 56.96 -24.93
CA TRP B 996 -43.03 56.55 -25.79
C TRP B 996 -41.78 57.33 -25.45
N ALA B 997 -40.69 56.98 -26.15
CA ALA B 997 -39.40 57.62 -25.96
C ALA B 997 -38.65 57.60 -27.28
N HIS B 998 -37.44 58.17 -27.28
CA HIS B 998 -36.67 58.31 -28.50
C HIS B 998 -35.23 57.84 -28.28
N PRO B 999 -34.86 56.66 -28.74
CA PRO B 999 -33.52 56.15 -28.45
C PRO B 999 -32.45 56.79 -29.32
N GLU B 1000 -31.21 56.48 -28.99
CA GLU B 1000 -30.04 57.01 -29.67
C GLU B 1000 -29.39 55.90 -30.49
N GLY B 1001 -29.07 56.21 -31.74
CA GLY B 1001 -28.43 55.24 -32.61
C GLY B 1001 -29.36 54.79 -33.72
N PRO B 1002 -28.82 54.59 -34.92
CA PRO B 1002 -29.67 54.24 -36.06
C PRO B 1002 -30.14 52.80 -36.12
N VAL B 1003 -29.92 51.99 -35.08
CA VAL B 1003 -30.26 50.58 -35.10
C VAL B 1003 -31.24 50.19 -34.01
N ALA B 1004 -31.45 51.04 -33.01
CA ALA B 1004 -32.34 50.69 -31.91
C ALA B 1004 -33.79 51.07 -32.19
N GLY B 1005 -34.17 51.28 -33.43
CA GLY B 1005 -35.50 51.74 -33.74
C GLY B 1005 -35.61 53.23 -33.55
N SER B 1006 -36.79 53.75 -33.87
CA SER B 1006 -37.06 55.18 -33.73
C SER B 1006 -37.82 55.53 -32.46
N CYS B 1007 -38.63 54.61 -31.95
CA CYS B 1007 -39.41 54.85 -30.75
C CYS B 1007 -39.38 53.59 -29.91
N VAL B 1008 -39.53 53.76 -28.59
CA VAL B 1008 -39.44 52.68 -27.62
C VAL B 1008 -40.51 52.93 -26.56
N SER B 1009 -41.29 51.91 -26.23
CA SER B 1009 -42.34 52.05 -25.23
C SER B 1009 -41.75 52.26 -23.85
N GLN B 1010 -42.37 53.14 -23.07
CA GLN B 1010 -41.92 53.42 -21.72
C GLN B 1010 -42.55 52.51 -20.69
N TYR B 1011 -43.33 51.53 -21.09
CA TYR B 1011 -44.12 50.77 -20.14
C TYR B 1011 -43.25 49.69 -19.51
N ALA B 1012 -43.19 49.71 -18.17
CA ALA B 1012 -42.52 48.71 -17.35
C ALA B 1012 -41.04 48.56 -17.72
N ASN B 1013 -40.35 49.71 -17.80
CA ASN B 1013 -38.96 49.66 -18.20
C ASN B 1013 -38.05 49.21 -17.07
N TRP B 1014 -38.54 49.21 -15.83
CA TRP B 1014 -37.80 48.59 -14.74
C TRP B 1014 -37.61 47.10 -14.95
N LEU B 1015 -38.54 46.44 -15.63
CA LEU B 1015 -38.41 45.02 -15.89
C LEU B 1015 -37.32 44.73 -16.91
N VAL B 1016 -37.07 45.66 -17.84
CA VAL B 1016 -35.97 45.49 -18.76
C VAL B 1016 -34.64 45.69 -18.04
N VAL B 1017 -34.60 46.58 -17.06
CA VAL B 1017 -33.40 46.74 -16.25
C VAL B 1017 -33.12 45.48 -15.42
N LEU B 1018 -34.18 44.82 -14.95
CA LEU B 1018 -33.96 43.56 -14.23
C LEU B 1018 -33.55 42.42 -15.16
N LEU B 1019 -34.05 42.38 -16.39
CA LEU B 1019 -33.59 41.33 -17.28
C LEU B 1019 -32.15 41.56 -17.71
N LEU B 1020 -31.69 42.81 -17.70
CA LEU B 1020 -30.28 43.06 -17.99
C LEU B 1020 -29.40 42.58 -16.83
N ILE B 1021 -29.89 42.74 -15.60
CA ILE B 1021 -29.09 42.30 -14.44
C ILE B 1021 -29.02 40.78 -14.39
N VAL B 1022 -30.15 40.10 -14.61
CA VAL B 1022 -30.16 38.64 -14.57
C VAL B 1022 -29.36 38.05 -15.73
N PHE B 1023 -29.33 38.73 -16.88
CA PHE B 1023 -28.52 38.25 -18.00
C PHE B 1023 -27.04 38.36 -17.70
N LEU B 1024 -26.62 39.49 -17.12
CA LEU B 1024 -25.20 39.66 -16.83
C LEU B 1024 -24.75 38.72 -15.73
N LEU B 1025 -25.65 38.36 -14.81
CA LEU B 1025 -25.31 37.39 -13.78
C LEU B 1025 -25.08 36.01 -14.37
N VAL B 1026 -26.04 35.51 -15.15
CA VAL B 1026 -25.96 34.15 -15.64
C VAL B 1026 -24.87 34.00 -16.70
N ALA B 1027 -24.68 35.02 -17.53
CA ALA B 1027 -23.67 34.90 -18.57
C ALA B 1027 -22.26 35.16 -18.04
N ASN B 1028 -22.00 36.35 -17.50
CA ASN B 1028 -20.64 36.71 -17.13
C ASN B 1028 -20.13 36.06 -15.86
N ILE B 1029 -20.95 35.34 -15.10
CA ILE B 1029 -20.51 34.78 -13.83
C ILE B 1029 -20.70 33.27 -13.78
N LEU B 1030 -21.92 32.78 -14.01
CA LEU B 1030 -22.14 31.34 -14.07
C LEU B 1030 -21.39 30.69 -15.21
N LEU B 1031 -21.67 31.09 -16.45
CA LEU B 1031 -21.21 30.30 -17.58
C LEU B 1031 -19.71 30.42 -17.82
N LEU B 1032 -19.16 31.62 -17.78
CA LEU B 1032 -17.74 31.77 -18.04
C LEU B 1032 -16.89 31.17 -16.92
N ASN B 1033 -17.33 31.28 -15.66
CA ASN B 1033 -16.50 30.69 -14.62
C ASN B 1033 -16.70 29.19 -14.55
N LEU B 1034 -17.87 28.69 -14.96
CA LEU B 1034 -18.03 27.25 -15.09
C LEU B 1034 -17.20 26.71 -16.23
N LEU B 1035 -17.00 27.51 -17.29
CA LEU B 1035 -16.23 27.02 -18.41
C LEU B 1035 -14.74 26.94 -18.08
N ILE B 1036 -14.25 27.83 -17.23
CA ILE B 1036 -12.87 27.71 -16.75
C ILE B 1036 -12.72 26.47 -15.88
N ALA B 1037 -13.78 26.10 -15.16
CA ALA B 1037 -13.73 24.88 -14.36
C ALA B 1037 -13.65 23.62 -15.22
N MET B 1038 -14.39 23.58 -16.32
CA MET B 1038 -14.35 22.38 -17.16
C MET B 1038 -13.07 22.30 -17.98
N PHE B 1039 -12.47 23.43 -18.35
CA PHE B 1039 -11.18 23.34 -19.01
C PHE B 1039 -10.08 22.89 -18.07
N SER B 1040 -10.14 23.28 -16.80
CA SER B 1040 -9.11 22.85 -15.86
C SER B 1040 -9.22 21.36 -15.56
N TYR B 1041 -10.44 20.85 -15.49
CA TYR B 1041 -10.62 19.43 -15.22
C TYR B 1041 -10.23 18.58 -16.41
N THR B 1042 -10.61 19.00 -17.62
CA THR B 1042 -10.32 18.19 -18.80
C THR B 1042 -8.84 18.19 -19.11
N PHE B 1043 -8.18 19.34 -18.95
CA PHE B 1043 -6.75 19.45 -19.25
C PHE B 1043 -5.92 18.61 -18.30
N SER B 1044 -6.27 18.62 -17.02
CA SER B 1044 -5.56 17.77 -16.08
C SER B 1044 -5.87 16.30 -16.28
N LYS B 1045 -6.92 15.96 -17.01
CA LYS B 1045 -7.23 14.56 -17.24
C LYS B 1045 -6.59 14.01 -18.51
N VAL B 1046 -6.49 14.80 -19.59
CA VAL B 1046 -6.02 14.29 -20.87
C VAL B 1046 -4.59 14.70 -21.18
N HIS B 1047 -3.87 15.28 -20.23
CA HIS B 1047 -2.50 15.72 -20.52
C HIS B 1047 -1.56 14.55 -20.73
N GLY B 1048 -1.74 13.47 -19.98
CA GLY B 1048 -0.84 12.33 -20.12
C GLY B 1048 -1.06 11.55 -21.40
N ASN B 1049 -2.33 11.37 -21.78
CA ASN B 1049 -2.61 10.68 -23.03
C ASN B 1049 -2.20 11.48 -24.25
N SER B 1050 -2.25 12.80 -24.17
CA SER B 1050 -1.82 13.56 -25.34
C SER B 1050 -0.31 13.63 -25.46
N ASP B 1051 0.44 13.36 -24.39
CA ASP B 1051 1.87 13.21 -24.59
C ASP B 1051 2.24 11.84 -25.12
N LEU B 1052 1.50 10.79 -24.74
CA LEU B 1052 1.76 9.50 -25.36
C LEU B 1052 1.41 9.52 -26.83
N TYR B 1053 0.34 10.21 -27.19
CA TYR B 1053 -0.06 10.27 -28.58
C TYR B 1053 0.89 11.14 -29.39
N TRP B 1054 1.42 12.21 -28.80
CA TRP B 1054 2.30 13.07 -29.56
C TRP B 1054 3.65 12.43 -29.79
N LYS B 1055 4.18 11.72 -28.78
CA LYS B 1055 5.51 11.12 -28.93
C LYS B 1055 5.48 9.96 -29.92
N ALA B 1056 4.32 9.34 -30.13
CA ALA B 1056 4.21 8.34 -31.17
C ALA B 1056 4.16 8.98 -32.55
N GLN B 1057 3.41 10.08 -32.69
CA GLN B 1057 3.28 10.71 -34.00
C GLN B 1057 4.52 11.49 -34.40
N ARG B 1058 5.45 11.69 -33.47
CA ARG B 1058 6.62 12.52 -33.75
C ARG B 1058 7.58 11.84 -34.70
N TYR B 1059 7.58 10.51 -34.73
CA TYR B 1059 8.37 9.76 -35.70
C TYR B 1059 7.88 9.98 -37.12
N SER B 1060 6.58 9.78 -37.35
CA SER B 1060 6.06 9.88 -38.71
C SER B 1060 6.14 11.29 -39.27
N LEU B 1061 6.13 12.30 -38.41
CA LEU B 1061 6.36 13.66 -38.88
C LEU B 1061 7.80 13.86 -39.34
N ILE B 1062 8.76 13.34 -38.57
CA ILE B 1062 10.17 13.46 -38.94
C ILE B 1062 10.45 12.70 -40.23
N ARG B 1063 9.83 11.54 -40.40
CA ARG B 1063 10.02 10.75 -41.61
C ARG B 1063 9.44 11.45 -42.84
N GLU B 1064 8.39 12.26 -42.63
CA GLU B 1064 7.84 13.05 -43.72
C GLU B 1064 8.82 14.10 -44.22
N PHE B 1065 9.47 14.82 -43.30
CA PHE B 1065 10.46 15.80 -43.74
C PHE B 1065 11.74 15.15 -44.25
N HIS B 1066 11.99 13.89 -43.87
CA HIS B 1066 13.19 13.23 -44.34
C HIS B 1066 13.05 12.75 -45.78
N SER B 1067 11.83 12.45 -46.21
CA SER B 1067 11.58 11.95 -47.56
C SER B 1067 10.99 13.00 -48.48
N ARG B 1068 11.43 14.25 -48.38
CA ARG B 1068 11.02 15.41 -49.17
C ARG B 1068 12.19 15.90 -50.03
N PRO B 1069 11.94 16.24 -51.30
CA PRO B 1069 13.00 16.84 -52.12
C PRO B 1069 13.44 18.20 -51.59
N ALA B 1070 14.70 18.29 -51.17
CA ALA B 1070 15.21 19.42 -50.36
C ALA B 1070 15.35 20.64 -51.25
N LEU B 1071 14.22 21.26 -51.53
CA LEU B 1071 14.16 22.42 -52.40
C LEU B 1071 12.88 23.17 -52.05
N ALA B 1072 12.91 24.49 -52.21
CA ALA B 1072 11.79 25.31 -51.77
C ALA B 1072 10.60 25.19 -52.75
N PRO B 1073 9.38 25.34 -52.26
CA PRO B 1073 8.18 25.34 -53.13
C PRO B 1073 8.15 26.44 -54.19
N PRO B 1074 8.77 27.65 -53.99
CA PRO B 1074 8.91 28.51 -55.18
C PRO B 1074 9.96 28.02 -56.18
N LEU B 1075 10.77 27.02 -55.80
CA LEU B 1075 11.78 26.46 -56.68
C LEU B 1075 11.54 24.98 -56.98
N ILE B 1076 10.40 24.42 -56.56
CA ILE B 1076 10.24 22.96 -56.56
C ILE B 1076 9.89 22.42 -57.94
N ILE B 1077 9.79 23.29 -58.95
CA ILE B 1077 9.52 22.80 -60.29
C ILE B 1077 10.71 22.08 -60.89
N ILE B 1078 11.91 22.25 -60.31
CA ILE B 1078 13.08 21.49 -60.74
C ILE B 1078 12.88 20.00 -60.46
N SER B 1079 12.38 19.69 -59.26
CA SER B 1079 12.14 18.30 -58.88
C SER B 1079 10.98 17.69 -59.65
N HIS B 1080 9.96 18.50 -59.99
CA HIS B 1080 8.87 17.98 -60.80
C HIS B 1080 9.28 17.78 -62.25
N VAL B 1081 10.22 18.59 -62.75
CA VAL B 1081 10.77 18.33 -64.08
C VAL B 1081 11.51 17.01 -64.11
N ARG B 1082 12.42 16.80 -63.16
CA ARG B 1082 13.30 15.64 -63.20
C ARG B 1082 12.53 14.35 -62.93
N LEU B 1083 11.50 14.41 -62.09
CA LEU B 1083 10.68 13.23 -61.88
C LEU B 1083 9.68 13.00 -63.00
N LEU B 1084 9.34 14.02 -63.78
CA LEU B 1084 8.49 13.73 -64.94
C LEU B 1084 9.32 13.16 -66.08
N ILE B 1085 10.61 13.49 -66.15
CA ILE B 1085 11.51 12.82 -67.08
C ILE B 1085 11.65 11.35 -66.72
N LYS B 1086 11.87 11.05 -65.44
CA LYS B 1086 11.95 9.66 -65.00
C LYS B 1086 10.62 8.95 -65.05
N TRP B 1087 9.52 9.67 -65.15
CA TRP B 1087 8.24 9.01 -65.40
C TRP B 1087 8.04 8.72 -66.88
N LEU B 1088 8.63 9.52 -67.77
CA LEU B 1088 8.51 9.22 -69.20
C LEU B 1088 9.46 8.11 -69.63
N ARG B 1089 10.45 7.78 -68.80
CA ARG B 1089 11.22 6.56 -69.05
C ARG B 1089 10.51 5.32 -68.55
N ARG B 1090 9.46 5.47 -67.73
CA ARG B 1090 8.69 4.34 -67.24
C ARG B 1090 7.20 4.52 -67.56
N LEU B 1112 24.26 -3.31 -42.81
CA LEU B 1112 25.37 -3.79 -42.01
C LEU B 1112 25.96 -5.06 -42.59
N SER B 1113 27.25 -5.28 -42.35
CA SER B 1113 27.93 -6.47 -42.82
C SER B 1113 27.54 -7.67 -41.96
N LYS B 1114 28.07 -8.84 -42.31
CA LYS B 1114 27.69 -10.06 -41.60
C LYS B 1114 28.32 -10.12 -40.22
N GLU B 1115 29.63 -9.84 -40.11
CA GLU B 1115 30.25 -9.86 -38.80
C GLU B 1115 29.80 -8.68 -37.93
N ALA B 1116 29.30 -7.61 -38.55
CA ALA B 1116 28.63 -6.57 -37.79
C ALA B 1116 27.34 -7.07 -37.18
N GLU B 1117 26.56 -7.85 -37.93
CA GLU B 1117 25.34 -8.42 -37.38
C GLU B 1117 25.63 -9.46 -36.31
N ARG B 1118 26.68 -10.26 -36.48
CA ARG B 1118 26.99 -11.27 -35.47
C ARG B 1118 27.47 -10.63 -34.17
N LYS B 1119 28.31 -9.61 -34.26
CA LYS B 1119 28.79 -8.94 -33.05
C LYS B 1119 27.66 -8.17 -32.37
N LEU B 1120 26.75 -7.60 -33.16
CA LEU B 1120 25.63 -6.87 -32.57
C LEU B 1120 24.63 -7.81 -31.91
N LEU B 1121 24.28 -8.91 -32.57
CA LEU B 1121 23.25 -9.78 -32.01
C LEU B 1121 23.77 -10.60 -30.84
N THR B 1122 25.07 -10.89 -30.78
CA THR B 1122 25.59 -11.50 -29.56
C THR B 1122 25.65 -10.50 -28.42
N TRP B 1123 25.91 -9.23 -28.73
CA TRP B 1123 25.82 -8.20 -27.71
C TRP B 1123 24.40 -8.06 -27.18
N GLU B 1124 23.42 -8.16 -28.07
CA GLU B 1124 22.01 -8.11 -27.68
C GLU B 1124 21.62 -9.30 -26.83
N SER B 1125 22.13 -10.49 -27.16
CA SER B 1125 21.76 -11.67 -26.39
C SER B 1125 22.44 -11.71 -25.03
N VAL B 1126 23.59 -11.05 -24.89
CA VAL B 1126 24.22 -10.95 -23.57
C VAL B 1126 23.36 -10.13 -22.63
N HIS B 1127 22.91 -8.96 -23.09
CA HIS B 1127 22.05 -8.15 -22.24
C HIS B 1127 20.67 -8.75 -22.03
N LYS B 1128 20.22 -9.59 -22.95
CA LYS B 1128 18.99 -10.34 -22.72
C LYS B 1128 19.15 -11.31 -21.56
N GLU B 1129 20.29 -11.99 -21.48
CA GLU B 1129 20.48 -12.98 -20.43
C GLU B 1129 20.61 -12.32 -19.06
N ASN B 1130 21.28 -11.18 -18.98
CA ASN B 1130 21.38 -10.49 -17.70
C ASN B 1130 20.03 -9.93 -17.26
N PHE B 1131 19.19 -9.54 -18.22
CA PHE B 1131 17.86 -9.09 -17.87
C PHE B 1131 16.99 -10.21 -17.29
N LEU B 1132 17.08 -11.41 -17.85
CA LEU B 1132 16.26 -12.49 -17.34
C LEU B 1132 16.72 -13.00 -15.98
N LEU B 1133 18.03 -12.93 -15.70
CA LEU B 1133 18.49 -13.32 -14.38
C LEU B 1133 18.05 -12.31 -13.33
N ALA B 1134 18.03 -11.02 -13.68
CA ALA B 1134 17.60 -10.01 -12.73
C ALA B 1134 16.11 -10.10 -12.45
N GLN B 1135 15.31 -10.46 -13.46
CA GLN B 1135 13.87 -10.63 -13.25
C GLN B 1135 13.58 -11.81 -12.34
N ALA B 1136 14.28 -12.93 -12.55
CA ALA B 1136 14.02 -14.12 -11.74
C ALA B 1136 14.47 -13.91 -10.30
N ARG B 1137 15.54 -13.15 -10.07
CA ARG B 1137 15.96 -12.90 -8.70
C ARG B 1137 15.01 -11.97 -7.98
N ASP B 1138 14.49 -10.95 -8.67
CA ASP B 1138 13.55 -10.05 -8.02
C ASP B 1138 12.22 -10.72 -7.76
N LYS B 1139 11.84 -11.68 -8.60
CA LYS B 1139 10.63 -12.45 -8.33
C LYS B 1139 10.82 -13.42 -7.18
N ARG B 1140 11.99 -14.08 -7.10
CA ARG B 1140 12.23 -15.09 -6.08
C ARG B 1140 12.26 -14.52 -4.68
N ASP B 1141 12.74 -13.28 -4.54
CA ASP B 1141 12.84 -12.67 -3.23
C ASP B 1141 11.68 -11.74 -2.90
N SER B 1142 10.54 -11.90 -3.57
CA SER B 1142 9.36 -11.21 -3.11
C SER B 1142 8.79 -11.93 -1.90
N ASP B 1143 7.90 -11.24 -1.18
CA ASP B 1143 7.41 -11.80 0.08
C ASP B 1143 6.39 -12.90 -0.16
N SER B 1144 5.61 -12.81 -1.24
CA SER B 1144 4.62 -13.84 -1.51
C SER B 1144 5.27 -15.14 -1.94
N GLU B 1145 6.39 -15.07 -2.66
CA GLU B 1145 7.11 -16.29 -3.02
C GLU B 1145 7.77 -16.93 -1.82
N ARG B 1146 8.29 -16.12 -0.90
CA ARG B 1146 8.79 -16.65 0.37
C ARG B 1146 7.68 -17.29 1.18
N LEU B 1147 6.48 -16.71 1.11
CA LEU B 1147 5.38 -17.23 1.89
C LEU B 1147 4.86 -18.55 1.32
N LYS B 1148 4.95 -18.70 -0.01
CA LYS B 1148 4.65 -19.98 -0.64
C LYS B 1148 5.61 -21.07 -0.17
N ARG B 1149 6.91 -20.78 -0.24
CA ARG B 1149 7.91 -21.82 -0.01
C ARG B 1149 7.95 -22.24 1.45
N THR B 1150 7.73 -21.31 2.37
CA THR B 1150 7.64 -21.71 3.76
C THR B 1150 6.38 -22.51 4.04
N SER B 1151 5.29 -22.20 3.34
CA SER B 1151 4.07 -22.99 3.50
C SER B 1151 4.28 -24.42 3.04
N GLN B 1152 5.03 -24.60 1.96
CA GLN B 1152 5.33 -25.94 1.48
C GLN B 1152 6.28 -26.65 2.42
N LYS B 1153 7.23 -25.92 3.02
CA LYS B 1153 8.22 -26.58 3.86
C LYS B 1153 7.62 -27.02 5.19
N VAL B 1154 6.71 -26.23 5.75
CA VAL B 1154 6.00 -26.69 6.93
C VAL B 1154 5.07 -27.84 6.58
N ASP B 1155 4.52 -27.82 5.35
CA ASP B 1155 3.62 -28.88 4.91
C ASP B 1155 4.34 -30.23 4.82
N THR B 1156 5.55 -30.24 4.25
CA THR B 1156 6.35 -31.45 4.27
C THR B 1156 6.92 -31.75 5.65
N ALA B 1157 7.01 -30.74 6.53
CA ALA B 1157 7.44 -31.02 7.89
C ALA B 1157 6.35 -31.78 8.66
N LEU B 1158 5.08 -31.46 8.41
CA LEU B 1158 4.03 -32.27 8.99
C LEU B 1158 3.91 -33.62 8.30
N LYS B 1159 4.39 -33.71 7.06
CA LYS B 1159 4.55 -35.03 6.46
C LYS B 1159 5.63 -35.85 7.15
N GLN B 1160 6.63 -35.20 7.73
CA GLN B 1160 7.61 -35.93 8.53
C GLN B 1160 7.02 -36.33 9.88
N LEU B 1161 6.17 -35.47 10.47
CA LEU B 1161 5.71 -35.71 11.83
C LEU B 1161 4.62 -36.78 11.91
N GLY B 1162 4.09 -37.24 10.78
CA GLY B 1162 3.29 -38.44 10.80
C GLY B 1162 4.11 -39.66 11.19
N GLN B 1163 5.40 -39.66 10.82
CA GLN B 1163 6.29 -40.74 11.22
C GLN B 1163 6.65 -40.67 12.69
N ILE B 1164 6.69 -39.45 13.26
CA ILE B 1164 6.94 -39.33 14.69
C ILE B 1164 5.76 -39.84 15.50
N ARG B 1165 4.54 -39.68 14.98
CA ARG B 1165 3.37 -40.23 15.63
C ARG B 1165 3.33 -41.74 15.50
N GLU B 1166 3.75 -42.26 14.35
CA GLU B 1166 3.63 -43.69 14.09
C GLU B 1166 4.73 -44.48 14.79
N TYR B 1167 5.90 -43.87 15.00
CA TYR B 1167 7.00 -44.60 15.61
C TYR B 1167 6.85 -44.69 17.12
N ASP B 1168 6.17 -43.72 17.75
CA ASP B 1168 6.13 -43.66 19.20
C ASP B 1168 5.32 -44.82 19.78
N ARG B 1169 4.18 -45.13 19.17
CA ARG B 1169 3.44 -46.31 19.57
C ARG B 1169 4.17 -47.58 19.18
N ARG B 1170 4.92 -47.54 18.09
CA ARG B 1170 5.70 -48.71 17.67
C ARG B 1170 6.93 -48.89 18.53
N LEU B 1171 7.50 -47.81 19.05
CA LEU B 1171 8.61 -47.95 19.99
C LEU B 1171 8.10 -48.35 21.36
N ARG B 1172 6.89 -47.92 21.72
CA ARG B 1172 6.31 -48.27 23.02
C ARG B 1172 6.08 -49.77 23.13
N GLY B 1173 5.65 -50.38 22.02
CA GLY B 1173 5.57 -51.83 21.98
C GLY B 1173 6.96 -52.46 21.99
N LEU B 1174 7.90 -51.87 21.26
CA LEU B 1174 9.20 -52.48 21.08
C LEU B 1174 10.08 -52.32 22.32
N GLU B 1175 9.86 -51.25 23.08
CA GLU B 1175 10.59 -51.10 24.33
C GLU B 1175 10.13 -52.11 25.36
N ARG B 1176 8.81 -52.33 25.44
CA ARG B 1176 8.29 -53.33 26.36
C ARG B 1176 8.49 -54.74 25.85
N GLU B 1177 8.71 -54.93 24.55
CA GLU B 1177 8.90 -56.27 24.01
C GLU B 1177 10.23 -56.87 24.46
N VAL B 1178 11.30 -56.07 24.42
CA VAL B 1178 12.55 -56.50 25.02
C VAL B 1178 12.45 -56.51 26.53
N GLN B 1179 11.66 -55.60 27.10
CA GLN B 1179 11.45 -55.59 28.54
C GLN B 1179 10.60 -56.75 29.02
N HIS B 1180 9.62 -57.20 28.23
CA HIS B 1180 8.95 -58.46 28.54
C HIS B 1180 9.92 -59.63 28.42
N CYS B 1181 10.82 -59.57 27.43
CA CYS B 1181 11.92 -60.53 27.38
C CYS B 1181 12.91 -60.30 28.50
N SER B 1182 13.10 -59.05 28.94
CA SER B 1182 13.85 -58.80 30.16
C SER B 1182 13.08 -59.17 31.41
N ARG B 1183 11.74 -59.11 31.35
CA ARG B 1183 10.95 -59.76 32.40
C ARG B 1183 11.01 -61.27 32.26
N VAL B 1184 11.08 -61.78 31.03
CA VAL B 1184 11.34 -63.20 30.84
C VAL B 1184 12.78 -63.54 31.22
N LEU B 1185 13.71 -62.61 31.00
CA LEU B 1185 15.06 -62.80 31.53
C LEU B 1185 15.05 -62.75 33.05
N THR B 1186 14.21 -61.88 33.61
CA THR B 1186 13.98 -61.92 35.05
C THR B 1186 13.25 -63.19 35.44
N TRP B 1187 12.36 -63.69 34.59
CA TRP B 1187 11.78 -65.01 34.81
C TRP B 1187 12.80 -66.11 34.58
N MET B 1188 13.75 -65.90 33.67
CA MET B 1188 14.88 -66.81 33.55
C MET B 1188 15.80 -66.72 34.77
N ALA B 1189 15.95 -65.53 35.34
CA ALA B 1189 16.63 -65.40 36.62
C ALA B 1189 15.78 -65.97 37.75
N GLU B 1190 14.45 -65.91 37.61
CA GLU B 1190 13.58 -66.59 38.55
C GLU B 1190 13.61 -68.10 38.35
N ALA B 1191 13.78 -68.56 37.11
CA ALA B 1191 14.01 -69.97 36.85
C ALA B 1191 15.44 -70.39 37.13
N LEU B 1192 16.34 -69.46 37.44
CA LEU B 1192 17.71 -69.78 37.80
C LEU B 1192 17.88 -70.11 39.28
N SER B 1193 16.79 -70.17 40.03
CA SER B 1193 16.86 -70.45 41.46
C SER B 1193 17.17 -71.92 41.71
N PRO C 12 41.64 -13.48 -33.99
CA PRO C 12 42.06 -14.11 -32.73
C PRO C 12 42.32 -15.59 -32.92
N LYS C 13 42.94 -15.94 -34.05
CA LYS C 13 43.11 -17.32 -34.45
C LYS C 13 44.52 -17.64 -34.95
N ILE C 14 45.27 -16.64 -35.41
CA ILE C 14 46.57 -16.92 -36.02
C ILE C 14 47.61 -17.18 -34.95
N PHE C 15 47.57 -16.43 -33.85
CA PHE C 15 48.57 -16.66 -32.80
C PHE C 15 48.31 -17.96 -32.05
N ARG C 16 47.04 -18.33 -31.88
CA ARG C 16 46.73 -19.62 -31.29
C ARG C 16 46.85 -20.75 -32.30
N LYS C 17 47.13 -20.43 -33.57
CA LYS C 17 47.66 -21.42 -34.49
C LYS C 17 49.17 -21.56 -34.33
N LYS C 18 49.86 -20.45 -34.13
CA LYS C 18 51.33 -20.47 -34.26
C LYS C 18 52.03 -20.91 -32.98
N VAL C 19 51.71 -20.27 -31.85
CA VAL C 19 52.59 -20.31 -30.69
C VAL C 19 52.56 -21.69 -30.04
N CYS C 20 51.36 -22.24 -29.85
CA CYS C 20 51.25 -23.64 -29.48
C CYS C 20 51.62 -24.49 -30.69
N THR C 21 52.07 -25.72 -30.43
CA THR C 21 52.55 -26.60 -31.49
C THR C 21 51.87 -27.96 -31.43
N THR C 22 52.11 -28.76 -32.48
CA THR C 22 51.64 -30.13 -32.61
C THR C 22 52.71 -30.98 -33.28
N PHE C 23 53.03 -32.13 -32.68
CA PHE C 23 54.01 -33.02 -33.28
C PHE C 23 53.35 -34.37 -33.60
N ILE C 24 53.83 -35.01 -34.65
CA ILE C 24 53.26 -36.26 -35.14
C ILE C 24 54.19 -37.43 -34.83
N THR C 68 59.68 -37.69 -35.83
CA THR C 68 58.59 -36.79 -35.48
C THR C 68 58.98 -35.36 -35.77
N THR C 69 58.09 -34.61 -36.42
CA THR C 69 58.32 -33.20 -36.70
C THR C 69 57.31 -32.35 -35.94
N GLU C 70 57.79 -31.25 -35.36
CA GLU C 70 56.96 -30.33 -34.59
C GLU C 70 56.36 -29.31 -35.53
N LYS C 71 55.03 -29.21 -35.54
CA LYS C 71 54.29 -28.33 -36.44
C LYS C 71 53.33 -27.43 -35.66
N PRO C 72 52.99 -26.27 -36.21
CA PRO C 72 51.92 -25.46 -35.59
C PRO C 72 50.57 -26.15 -35.64
N THR C 73 49.70 -25.73 -34.72
CA THR C 73 48.43 -26.39 -34.48
C THR C 73 47.42 -26.13 -35.60
N ASP C 74 46.37 -26.93 -35.62
CA ASP C 74 45.30 -26.74 -36.58
C ASP C 74 43.89 -26.89 -36.01
N ALA C 75 43.73 -27.33 -34.77
CA ALA C 75 42.42 -27.58 -34.18
C ALA C 75 42.28 -26.76 -32.91
N TYR C 76 41.31 -25.85 -32.93
CA TYR C 76 41.10 -24.86 -31.87
C TYR C 76 39.76 -24.21 -32.11
N GLY C 77 39.43 -23.23 -31.28
CA GLY C 77 38.27 -22.38 -31.48
C GLY C 77 37.05 -22.87 -30.74
N ASP C 78 35.89 -22.43 -31.23
CA ASP C 78 34.62 -22.84 -30.65
C ASP C 78 34.31 -24.30 -30.97
N LEU C 79 33.28 -24.81 -30.32
CA LEU C 79 32.86 -26.19 -30.49
C LEU C 79 31.39 -26.27 -30.10
N ASP C 80 30.52 -26.43 -31.06
CA ASP C 80 29.11 -26.63 -30.76
C ASP C 80 28.76 -28.11 -30.85
N PHE C 81 27.68 -28.46 -30.17
CA PHE C 81 27.06 -29.76 -30.25
C PHE C 81 25.67 -29.61 -30.83
N THR C 82 25.00 -30.74 -31.03
CA THR C 82 23.67 -30.69 -31.59
C THR C 82 22.65 -30.15 -30.60
N TYR C 83 22.95 -30.20 -29.31
CA TYR C 83 22.02 -29.81 -28.27
C TYR C 83 21.91 -28.28 -28.20
N SER C 84 20.68 -27.81 -28.06
CA SER C 84 20.38 -26.40 -28.17
C SER C 84 20.06 -25.78 -26.81
N GLY C 85 20.32 -24.49 -26.69
CA GLY C 85 20.19 -23.76 -25.46
C GLY C 85 21.50 -23.44 -24.77
N ARG C 86 22.63 -23.81 -25.36
CA ARG C 86 23.93 -23.71 -24.70
C ARG C 86 24.88 -22.87 -25.54
N LYS C 87 26.00 -22.49 -24.93
CA LYS C 87 27.02 -21.72 -25.62
C LYS C 87 27.94 -22.64 -26.44
N HIS C 88 29.04 -22.07 -26.90
CA HIS C 88 30.07 -22.83 -27.58
C HIS C 88 31.19 -23.19 -26.61
N SER C 89 31.54 -24.47 -26.59
CA SER C 89 32.70 -24.94 -25.84
C SER C 89 33.97 -24.59 -26.60
N ASN C 90 35.08 -24.60 -25.88
CA ASN C 90 36.37 -24.26 -26.45
C ASN C 90 37.33 -25.43 -26.33
N PHE C 91 38.05 -25.72 -27.40
CA PHE C 91 39.04 -26.80 -27.39
C PHE C 91 40.33 -26.31 -28.01
N LEU C 92 41.34 -27.17 -27.98
CA LEU C 92 42.66 -26.86 -28.52
C LEU C 92 43.41 -28.16 -28.75
N ARG C 93 44.02 -28.30 -29.92
CA ARG C 93 44.98 -29.37 -30.18
C ARG C 93 46.35 -28.85 -29.74
N LEU C 94 47.04 -29.62 -28.91
CA LEU C 94 48.24 -29.14 -28.27
C LEU C 94 49.31 -30.22 -28.27
N SER C 95 50.58 -29.80 -28.33
CA SER C 95 51.70 -30.70 -28.14
C SER C 95 51.75 -31.21 -26.71
N ASP C 96 52.45 -32.33 -26.51
CA ASP C 96 52.68 -32.82 -25.16
C ASP C 96 53.93 -32.21 -24.56
N ARG C 97 54.99 -32.04 -25.36
CA ARG C 97 56.25 -31.52 -24.87
C ARG C 97 56.25 -30.00 -25.00
N THR C 98 55.40 -29.38 -24.18
CA THR C 98 55.25 -27.93 -24.15
C THR C 98 55.06 -27.49 -22.71
N ASP C 99 54.99 -26.16 -22.52
CA ASP C 99 54.90 -25.65 -21.15
C ASP C 99 53.50 -25.13 -20.86
N PRO C 100 52.97 -25.36 -19.66
CA PRO C 100 51.60 -24.94 -19.35
C PRO C 100 51.46 -23.46 -19.01
N ALA C 101 52.55 -22.68 -19.04
CA ALA C 101 52.44 -21.25 -18.78
C ALA C 101 51.70 -20.54 -19.91
N THR C 102 51.95 -20.97 -21.15
CA THR C 102 51.17 -20.44 -22.25
C THR C 102 49.78 -21.05 -22.30
N VAL C 103 49.56 -22.18 -21.63
CA VAL C 103 48.22 -22.73 -21.50
C VAL C 103 47.42 -21.88 -20.53
N TYR C 104 48.05 -21.46 -19.43
CA TYR C 104 47.37 -20.61 -18.46
C TYR C 104 47.09 -19.24 -19.04
N SER C 105 47.99 -18.72 -19.86
CA SER C 105 47.72 -17.44 -20.51
C SER C 105 46.64 -17.57 -21.56
N LEU C 106 46.56 -18.73 -22.23
CA LEU C 106 45.56 -18.90 -23.28
C LEU C 106 44.16 -18.99 -22.67
N VAL C 107 44.03 -19.72 -21.57
CA VAL C 107 42.73 -19.89 -20.94
C VAL C 107 42.31 -18.62 -20.22
N THR C 108 43.16 -18.11 -19.32
CA THR C 108 42.76 -17.01 -18.47
C THR C 108 42.77 -15.66 -19.19
N ARG C 109 43.36 -15.55 -20.38
CA ARG C 109 43.30 -14.27 -21.06
C ARG C 109 42.52 -14.36 -22.37
N SER C 110 42.91 -15.28 -23.26
CA SER C 110 42.40 -15.26 -24.63
C SER C 110 40.97 -15.74 -24.74
N TRP C 111 40.62 -16.83 -24.04
CA TRP C 111 39.24 -17.26 -24.01
C TRP C 111 38.42 -16.40 -23.07
N GLY C 112 38.93 -16.16 -21.89
CA GLY C 112 38.21 -15.44 -20.86
C GLY C 112 37.72 -16.37 -19.77
N PHE C 113 38.50 -16.47 -18.69
CA PHE C 113 38.15 -17.24 -17.52
C PHE C 113 38.76 -16.58 -16.30
N ARG C 114 38.07 -16.67 -15.18
CA ARG C 114 38.59 -16.07 -13.96
C ARG C 114 39.72 -16.90 -13.38
N ALA C 115 40.41 -16.32 -12.41
CA ALA C 115 41.38 -17.08 -11.67
C ALA C 115 40.68 -18.02 -10.70
N PRO C 116 41.15 -19.26 -10.56
CA PRO C 116 40.48 -20.20 -9.68
C PRO C 116 40.72 -19.88 -8.22
N ASN C 117 39.91 -20.47 -7.36
CA ASN C 117 40.13 -20.42 -5.93
C ASN C 117 40.37 -21.80 -5.33
N LEU C 118 40.21 -22.85 -6.13
CA LEU C 118 40.33 -24.24 -5.74
C LEU C 118 40.41 -25.08 -7.00
N VAL C 119 41.26 -26.10 -6.99
CA VAL C 119 41.39 -27.03 -8.10
C VAL C 119 41.19 -28.44 -7.56
N VAL C 120 40.18 -29.14 -8.07
CA VAL C 120 39.89 -30.51 -7.66
C VAL C 120 39.94 -31.40 -8.88
N SER C 121 40.83 -32.37 -8.86
CA SER C 121 40.95 -33.36 -9.93
C SER C 121 40.38 -34.68 -9.45
N VAL C 122 39.45 -35.24 -10.22
CA VAL C 122 38.69 -36.42 -9.81
C VAL C 122 39.17 -37.62 -10.60
N LEU C 123 39.63 -38.65 -9.89
CA LEU C 123 40.14 -39.87 -10.50
C LEU C 123 39.39 -41.07 -9.96
N GLY C 124 39.37 -42.13 -10.73
CA GLY C 124 38.68 -43.35 -10.37
C GLY C 124 38.00 -43.93 -11.60
N GLY C 125 37.03 -44.81 -11.35
CA GLY C 125 36.22 -45.29 -12.45
C GLY C 125 36.36 -46.76 -12.82
N SER C 126 36.54 -47.63 -11.83
CA SER C 126 36.50 -49.08 -12.09
C SER C 126 35.13 -49.56 -12.55
N GLY C 127 34.07 -48.89 -12.11
CA GLY C 127 32.74 -49.19 -12.60
C GLY C 127 32.46 -48.44 -13.88
N GLY C 128 32.55 -49.15 -15.00
CA GLY C 128 32.36 -48.57 -16.31
C GLY C 128 30.94 -48.11 -16.61
N PRO C 129 30.00 -49.06 -16.75
CA PRO C 129 28.63 -48.65 -17.09
C PRO C 129 27.88 -47.93 -15.99
N VAL C 130 27.87 -48.48 -14.76
CA VAL C 130 27.06 -47.94 -13.67
C VAL C 130 27.97 -47.77 -12.46
N LEU C 131 27.89 -46.61 -11.81
CA LEU C 131 28.47 -46.39 -10.50
C LEU C 131 27.34 -46.39 -9.46
N GLN C 132 27.71 -46.56 -8.20
CA GLN C 132 26.75 -46.64 -7.12
C GLN C 132 26.01 -45.33 -6.90
N THR C 133 24.82 -45.43 -6.31
CA THR C 133 23.99 -44.26 -6.06
C THR C 133 24.51 -43.44 -4.88
N TRP C 134 25.27 -44.05 -3.99
CA TRP C 134 25.87 -43.32 -2.87
C TRP C 134 26.91 -42.31 -3.35
N LEU C 135 27.87 -42.79 -4.15
CA LEU C 135 28.84 -41.91 -4.78
C LEU C 135 28.20 -40.97 -5.79
N GLN C 136 27.08 -41.37 -6.39
CA GLN C 136 26.37 -40.48 -7.30
C GLN C 136 25.71 -39.34 -6.54
N ASP C 137 25.32 -39.59 -5.29
CA ASP C 137 24.83 -38.52 -4.44
C ASP C 137 25.96 -37.57 -4.03
N LEU C 138 27.16 -38.13 -3.80
CA LEU C 138 28.32 -37.30 -3.49
C LEU C 138 28.74 -36.44 -4.67
N LEU C 139 28.82 -37.05 -5.86
CA LEU C 139 29.26 -36.31 -7.03
C LEU C 139 28.21 -35.29 -7.49
N ARG C 140 26.93 -35.59 -7.31
CA ARG C 140 25.91 -34.60 -7.65
C ARG C 140 25.95 -33.41 -6.70
N ARG C 141 25.83 -33.65 -5.40
CA ARG C 141 25.74 -32.52 -4.48
C ARG C 141 27.12 -32.08 -3.97
N GLY C 142 27.80 -32.95 -3.25
CA GLY C 142 28.86 -32.50 -2.35
C GLY C 142 30.14 -32.06 -3.04
N LEU C 143 30.29 -32.36 -4.31
CA LEU C 143 31.42 -31.82 -5.05
C LEU C 143 31.05 -30.54 -5.77
N VAL C 144 29.87 -30.52 -6.39
CA VAL C 144 29.52 -29.41 -7.26
C VAL C 144 29.06 -28.20 -6.46
N ARG C 145 28.42 -28.40 -5.30
CA ARG C 145 28.03 -27.25 -4.49
C ARG C 145 29.25 -26.53 -3.91
N ALA C 146 30.33 -27.25 -3.64
CA ALA C 146 31.53 -26.60 -3.14
C ALA C 146 32.29 -25.93 -4.27
N ALA C 147 32.30 -26.56 -5.45
CA ALA C 147 32.96 -25.94 -6.59
C ALA C 147 32.16 -24.78 -7.15
N GLN C 148 30.89 -24.65 -6.77
CA GLN C 148 30.09 -23.52 -7.21
C GLN C 148 30.01 -22.44 -6.15
N SER C 149 30.18 -22.78 -4.88
CA SER C 149 30.19 -21.74 -3.85
C SER C 149 31.55 -21.07 -3.78
N THR C 150 32.62 -21.86 -3.72
CA THR C 150 33.96 -21.27 -3.63
C THR C 150 34.40 -20.68 -4.95
N GLY C 151 34.04 -21.30 -6.06
CA GLY C 151 34.51 -20.88 -7.35
C GLY C 151 35.73 -21.70 -7.66
N ALA C 152 35.59 -22.72 -8.50
CA ALA C 152 36.64 -23.72 -8.59
C ALA C 152 36.63 -24.32 -9.98
N TRP C 153 37.73 -24.98 -10.30
CA TRP C 153 37.86 -25.73 -11.54
C TRP C 153 37.94 -27.21 -11.21
N ILE C 154 37.01 -27.99 -11.76
CA ILE C 154 37.04 -29.44 -11.62
C ILE C 154 37.70 -29.99 -12.88
N VAL C 155 38.88 -30.55 -12.73
CA VAL C 155 39.66 -31.07 -13.85
C VAL C 155 39.45 -32.57 -13.91
N THR C 156 38.95 -33.06 -15.04
CA THR C 156 38.65 -34.48 -15.21
C THR C 156 39.12 -34.86 -16.61
N GLY C 157 38.97 -36.13 -16.97
CA GLY C 157 39.15 -36.51 -18.36
C GLY C 157 37.92 -36.12 -19.18
N GLY C 158 38.17 -35.55 -20.35
CA GLY C 158 37.09 -35.03 -21.19
C GLY C 158 36.31 -36.07 -21.96
N LEU C 159 36.61 -37.35 -21.80
CA LEU C 159 35.89 -38.39 -22.51
C LEU C 159 34.88 -39.06 -21.57
N HIS C 160 34.05 -39.92 -22.15
CA HIS C 160 32.97 -40.54 -21.37
C HIS C 160 33.47 -41.61 -20.42
N THR C 161 34.58 -42.28 -20.75
CA THR C 161 34.95 -43.50 -20.05
C THR C 161 35.40 -43.22 -18.62
N GLY C 162 35.11 -44.18 -17.74
CA GLY C 162 35.34 -43.99 -16.32
C GLY C 162 34.30 -43.09 -15.69
N ILE C 163 34.76 -42.19 -14.82
CA ILE C 163 33.87 -41.28 -14.12
C ILE C 163 33.68 -39.97 -14.89
N GLY C 164 34.05 -39.94 -16.17
CA GLY C 164 33.77 -38.77 -16.98
C GLY C 164 32.29 -38.57 -17.19
N ARG C 165 31.53 -39.65 -17.33
CA ARG C 165 30.09 -39.53 -17.45
C ARG C 165 29.45 -39.09 -16.14
N HIS C 166 29.88 -39.67 -15.01
CA HIS C 166 29.21 -39.38 -13.76
C HIS C 166 29.48 -37.96 -13.28
N VAL C 167 30.64 -37.42 -13.63
CA VAL C 167 30.88 -35.99 -13.38
C VAL C 167 30.01 -35.15 -14.31
N GLY C 168 29.96 -35.49 -15.59
CA GLY C 168 29.18 -34.71 -16.53
C GLY C 168 27.68 -34.75 -16.28
N VAL C 169 27.17 -35.90 -15.87
CA VAL C 169 25.76 -36.01 -15.50
C VAL C 169 25.50 -35.24 -14.21
N ALA C 170 26.49 -35.21 -13.30
CA ALA C 170 26.32 -34.47 -12.05
C ALA C 170 26.29 -32.96 -12.30
N VAL C 171 27.08 -32.48 -13.25
CA VAL C 171 27.06 -31.06 -13.57
C VAL C 171 25.75 -30.69 -14.28
N ARG C 172 25.26 -31.58 -15.16
CA ARG C 172 23.98 -31.35 -15.82
C ARG C 172 22.82 -31.40 -14.83
N ASP C 173 22.90 -32.30 -13.85
CA ASP C 173 21.88 -32.36 -12.82
C ASP C 173 21.88 -31.11 -11.95
N HIS C 174 23.06 -30.61 -11.57
CA HIS C 174 23.08 -29.43 -10.72
C HIS C 174 22.70 -28.17 -11.48
N GLN C 175 23.07 -28.09 -12.76
CA GLN C 175 22.68 -26.95 -13.57
C GLN C 175 21.18 -26.93 -13.84
N THR C 176 20.53 -28.09 -13.85
CA THR C 176 19.08 -28.17 -14.02
C THR C 176 18.34 -27.96 -12.70
N ALA C 177 18.86 -28.49 -11.60
CA ALA C 177 18.15 -28.51 -10.33
C ALA C 177 18.08 -27.15 -9.65
N SER C 178 18.82 -26.15 -10.13
CA SER C 178 18.79 -24.84 -9.51
C SER C 178 18.86 -23.77 -10.58
N THR C 179 18.38 -22.58 -10.20
CA THR C 179 18.59 -21.36 -10.97
C THR C 179 19.81 -20.67 -10.36
N GLY C 180 20.95 -21.33 -10.50
CA GLY C 180 22.20 -20.82 -9.97
C GLY C 180 22.81 -19.73 -10.80
N SER C 181 22.33 -19.55 -12.04
CA SER C 181 22.72 -18.51 -12.98
C SER C 181 24.22 -18.54 -13.33
N SER C 182 24.83 -19.71 -13.19
CA SER C 182 26.24 -19.93 -13.49
C SER C 182 26.46 -21.43 -13.63
N LYS C 183 27.64 -21.80 -14.14
CA LYS C 183 27.99 -23.20 -14.31
C LYS C 183 29.41 -23.39 -13.76
N VAL C 184 29.64 -24.57 -13.22
CA VAL C 184 30.94 -24.94 -12.67
C VAL C 184 31.87 -25.16 -13.85
N VAL C 185 33.02 -24.52 -13.84
CA VAL C 185 33.94 -24.60 -14.96
C VAL C 185 34.64 -25.94 -14.84
N ALA C 186 34.07 -26.95 -15.49
CA ALA C 186 34.63 -28.30 -15.46
C ALA C 186 35.49 -28.48 -16.68
N MET C 187 36.79 -28.47 -16.49
CA MET C 187 37.74 -28.55 -17.58
C MET C 187 38.13 -30.01 -17.81
N GLY C 188 38.45 -30.31 -19.06
CA GLY C 188 38.80 -31.66 -19.41
C GLY C 188 40.03 -31.75 -20.29
N VAL C 189 40.92 -32.68 -19.97
CA VAL C 189 42.03 -33.02 -20.83
C VAL C 189 41.75 -34.37 -21.48
N ALA C 190 42.28 -34.56 -22.68
CA ALA C 190 42.06 -35.80 -23.41
C ALA C 190 43.20 -35.97 -24.40
N PRO C 191 43.68 -37.20 -24.61
CA PRO C 191 44.66 -37.42 -25.68
C PRO C 191 44.02 -37.23 -27.04
N TRP C 192 44.83 -36.83 -28.02
CA TRP C 192 44.29 -36.61 -29.35
C TRP C 192 43.91 -37.91 -30.03
N GLY C 193 44.60 -39.01 -29.70
CA GLY C 193 44.46 -40.22 -30.47
C GLY C 193 43.17 -40.99 -30.25
N VAL C 194 42.45 -40.72 -29.16
CA VAL C 194 41.34 -41.58 -28.75
C VAL C 194 39.99 -40.87 -28.95
N VAL C 195 39.98 -39.73 -29.65
CA VAL C 195 38.71 -39.08 -29.98
C VAL C 195 38.04 -39.82 -31.14
N ARG C 196 36.73 -40.07 -31.01
CA ARG C 196 35.94 -40.82 -31.98
C ARG C 196 35.89 -40.17 -33.36
N ASN C 197 35.32 -38.97 -33.46
CA ASN C 197 35.18 -38.27 -34.73
C ASN C 197 35.96 -36.96 -34.60
N ARG C 198 37.27 -37.04 -34.82
CA ARG C 198 38.10 -35.85 -34.77
C ARG C 198 38.23 -35.18 -36.13
N ASP C 199 37.72 -35.80 -37.20
CA ASP C 199 37.87 -35.26 -38.54
C ASP C 199 36.99 -34.06 -38.82
N MET C 200 36.03 -33.77 -37.94
CA MET C 200 35.26 -32.53 -38.00
C MET C 200 35.90 -31.41 -37.21
N LEU C 201 37.19 -31.54 -36.89
CA LEU C 201 37.89 -30.59 -36.05
C LEU C 201 39.21 -30.13 -36.68
N ILE C 202 39.61 -30.75 -37.79
CA ILE C 202 40.98 -30.61 -38.30
C ILE C 202 41.29 -29.22 -38.85
N ASN C 203 40.32 -28.52 -39.43
CA ASN C 203 40.52 -27.35 -40.28
C ASN C 203 41.21 -26.18 -39.58
N PRO C 204 42.29 -25.62 -40.15
CA PRO C 204 43.09 -24.63 -39.43
C PRO C 204 42.62 -23.20 -39.61
N LYS C 205 41.36 -23.01 -40.01
CA LYS C 205 40.89 -21.71 -40.48
C LYS C 205 40.77 -20.69 -39.33
N GLY C 206 39.90 -20.98 -38.36
CA GLY C 206 39.93 -20.19 -37.14
C GLY C 206 38.64 -19.57 -36.65
N SER C 207 38.44 -19.65 -35.33
CA SER C 207 37.32 -19.02 -34.59
C SER C 207 35.97 -19.48 -35.15
N PHE C 208 35.72 -20.77 -34.99
CA PHE C 208 34.66 -21.43 -35.75
C PHE C 208 33.93 -22.45 -34.90
N PRO C 209 32.62 -22.57 -35.07
CA PRO C 209 31.88 -23.68 -34.44
C PRO C 209 31.98 -24.95 -35.26
N ALA C 210 32.73 -25.92 -34.75
CA ALA C 210 32.90 -27.19 -35.45
C ALA C 210 31.84 -28.18 -35.00
N ARG C 211 30.94 -28.55 -35.92
CA ARG C 211 29.72 -29.28 -35.56
C ARG C 211 30.05 -30.75 -35.36
N TYR C 212 30.30 -31.12 -34.11
CA TYR C 212 30.56 -32.52 -33.77
C TYR C 212 29.28 -33.33 -33.88
N ARG C 213 29.41 -34.63 -34.12
CA ARG C 213 28.29 -35.51 -34.39
C ARG C 213 28.40 -36.73 -33.48
N TRP C 214 27.28 -37.16 -32.91
CA TRP C 214 27.22 -38.45 -32.23
C TRP C 214 26.39 -39.40 -33.07
N ARG C 215 27.05 -40.40 -33.67
CA ARG C 215 26.30 -41.51 -34.24
C ARG C 215 25.72 -42.39 -33.14
N GLY C 216 26.28 -42.32 -31.94
CA GLY C 216 25.82 -43.13 -30.83
C GLY C 216 26.45 -44.49 -30.91
N ASP C 217 27.65 -44.54 -31.47
CA ASP C 217 28.34 -45.79 -31.71
C ASP C 217 28.84 -46.40 -30.40
N PRO C 218 28.67 -47.70 -30.22
CA PRO C 218 29.16 -48.35 -29.01
C PRO C 218 30.67 -48.34 -28.92
N GLU C 219 31.16 -48.64 -27.72
CA GLU C 219 32.57 -48.44 -27.38
C GLU C 219 33.43 -49.57 -27.96
N ASP C 220 34.41 -49.18 -28.74
CA ASP C 220 35.57 -50.02 -28.98
C ASP C 220 36.76 -49.47 -28.20
N GLY C 221 37.76 -50.33 -27.97
CA GLY C 221 38.94 -49.92 -27.22
C GLY C 221 39.96 -49.14 -28.03
N VAL C 222 39.51 -48.44 -29.07
CA VAL C 222 40.38 -47.68 -29.95
C VAL C 222 40.10 -46.19 -29.87
N GLU C 223 38.83 -45.78 -30.03
CA GLU C 223 38.45 -44.37 -29.99
C GLU C 223 37.18 -44.19 -29.18
N PHE C 224 37.07 -43.03 -28.53
CA PHE C 224 35.98 -42.66 -27.62
C PHE C 224 35.35 -41.35 -28.04
N PRO C 225 34.06 -41.14 -27.78
CA PRO C 225 33.45 -39.84 -28.06
C PRO C 225 33.68 -38.84 -26.94
N LEU C 226 33.37 -37.58 -27.25
CA LEU C 226 33.59 -36.47 -26.33
C LEU C 226 32.45 -36.38 -25.32
N ASP C 227 32.73 -35.72 -24.19
CA ASP C 227 31.69 -35.35 -23.25
C ASP C 227 30.90 -34.16 -23.80
N TYR C 228 29.79 -33.82 -23.15
CA TYR C 228 29.01 -32.66 -23.55
C TYR C 228 28.55 -31.80 -22.39
N ASN C 229 29.15 -31.94 -21.21
CA ASN C 229 28.84 -31.08 -20.09
C ASN C 229 30.04 -30.30 -19.58
N TYR C 230 31.15 -30.31 -20.30
CA TYR C 230 32.35 -29.63 -19.85
C TYR C 230 32.45 -28.26 -20.53
N SER C 231 33.04 -27.32 -19.81
CA SER C 231 33.12 -25.95 -20.27
C SER C 231 34.27 -25.72 -21.24
N ALA C 232 35.30 -26.55 -21.17
CA ALA C 232 36.42 -26.50 -22.11
C ALA C 232 37.04 -27.87 -22.18
N PHE C 233 37.64 -28.18 -23.33
CA PHE C 233 38.32 -29.45 -23.55
C PHE C 233 39.74 -29.20 -23.96
N PHE C 234 40.65 -30.07 -23.54
CA PHE C 234 42.03 -30.02 -23.98
C PHE C 234 42.36 -31.29 -24.75
N LEU C 235 42.92 -31.12 -25.94
CA LEU C 235 43.34 -32.24 -26.77
C LEU C 235 44.86 -32.16 -26.91
N VAL C 236 45.54 -33.15 -26.37
CA VAL C 236 47.00 -33.17 -26.34
C VAL C 236 47.49 -34.21 -27.34
N ASP C 237 48.29 -33.75 -28.30
CA ASP C 237 48.76 -34.55 -29.44
C ASP C 237 50.03 -35.29 -29.00
N ASP C 238 49.89 -36.59 -28.78
CA ASP C 238 51.06 -37.40 -28.44
C ASP C 238 51.63 -38.09 -29.68
N GLY C 239 50.78 -38.51 -30.60
CA GLY C 239 51.23 -39.12 -31.84
C GLY C 239 51.20 -40.63 -31.86
N THR C 240 50.45 -41.27 -30.96
CA THR C 240 50.39 -42.73 -30.90
C THR C 240 49.12 -43.32 -31.46
N TYR C 241 47.97 -42.67 -31.18
CA TYR C 241 46.62 -43.09 -31.58
C TYR C 241 46.22 -44.46 -31.02
N GLY C 242 46.93 -44.97 -30.01
CA GLY C 242 46.73 -46.35 -29.65
C GLY C 242 46.31 -46.69 -28.23
N ARG C 243 46.68 -45.86 -27.25
CA ARG C 243 46.49 -46.27 -25.87
C ARG C 243 46.39 -45.05 -24.97
N LEU C 244 45.44 -45.11 -24.03
CA LEU C 244 45.34 -44.11 -22.98
C LEU C 244 46.52 -44.22 -22.04
N GLY C 245 46.97 -43.07 -21.52
CA GLY C 245 48.03 -43.09 -20.53
C GLY C 245 49.08 -42.01 -20.72
N GLY C 246 49.35 -41.63 -21.96
CA GLY C 246 50.31 -40.58 -22.25
C GLY C 246 49.68 -39.21 -22.23
N GLU C 247 49.00 -38.89 -21.13
CA GLU C 247 48.29 -37.63 -20.99
C GLU C 247 48.61 -37.01 -19.63
N ASN C 248 48.93 -37.85 -18.64
CA ASN C 248 49.04 -37.38 -17.27
C ASN C 248 50.29 -36.56 -17.02
N ARG C 249 51.24 -36.59 -17.95
CA ARG C 249 52.41 -35.72 -17.84
C ARG C 249 52.01 -34.26 -17.93
N PHE C 250 51.20 -33.92 -18.94
CA PHE C 250 50.69 -32.55 -19.07
C PHE C 250 49.70 -32.22 -17.97
N ARG C 251 48.93 -33.21 -17.50
CA ARG C 251 47.96 -32.99 -16.45
C ARG C 251 48.63 -32.60 -15.15
N LEU C 252 49.63 -33.37 -14.74
CA LEU C 252 50.27 -33.12 -13.45
C LEU C 252 51.17 -31.88 -13.51
N ARG C 253 51.71 -31.57 -14.68
CA ARG C 253 52.49 -30.35 -14.81
C ARG C 253 51.61 -29.10 -14.75
N PHE C 254 50.43 -29.18 -15.37
CA PHE C 254 49.48 -28.07 -15.33
C PHE C 254 48.90 -27.89 -13.93
N GLU C 255 48.79 -28.97 -13.16
CA GLU C 255 48.34 -28.85 -11.77
C GLU C 255 49.37 -28.15 -10.90
N SER C 256 50.63 -28.54 -11.00
CA SER C 256 51.64 -27.91 -10.15
C SER C 256 51.94 -26.49 -10.59
N TYR C 257 51.69 -26.16 -11.86
CA TYR C 257 51.86 -24.77 -12.28
C TYR C 257 50.72 -23.89 -11.81
N VAL C 258 49.49 -24.42 -11.75
CA VAL C 258 48.39 -23.65 -11.16
C VAL C 258 48.61 -23.50 -9.66
N ALA C 259 49.07 -24.57 -8.99
CA ALA C 259 49.37 -24.49 -7.57
C ALA C 259 50.55 -23.59 -7.26
N GLN C 260 51.42 -23.35 -8.23
CA GLN C 260 52.55 -22.46 -8.00
C GLN C 260 52.12 -21.00 -7.95
N GLN C 261 51.08 -20.64 -8.69
CA GLN C 261 50.60 -19.26 -8.69
C GLN C 261 49.60 -19.02 -7.56
N LYS C 262 49.11 -17.79 -7.47
CA LYS C 262 48.40 -17.31 -6.30
C LYS C 262 47.17 -16.50 -6.69
N THR C 263 46.28 -16.31 -5.72
CA THR C 263 44.95 -15.74 -5.90
C THR C 263 44.92 -14.27 -5.51
N GLY C 264 44.31 -13.45 -6.35
CA GLY C 264 44.13 -12.05 -6.04
C GLY C 264 43.78 -11.26 -7.27
N VAL C 265 43.79 -9.94 -7.12
CA VAL C 265 43.54 -9.04 -8.24
C VAL C 265 44.85 -8.47 -8.76
N GLY C 266 45.66 -7.92 -7.86
CA GLY C 266 47.03 -7.56 -8.19
C GLY C 266 47.96 -8.68 -7.80
N GLY C 267 47.38 -9.83 -7.49
CA GLY C 267 48.09 -10.95 -6.92
C GLY C 267 47.94 -10.90 -5.41
N THR C 268 49.02 -11.30 -4.74
CA THR C 268 49.24 -11.09 -3.30
C THR C 268 48.13 -11.75 -2.48
N GLY C 269 48.13 -13.08 -2.52
CA GLY C 269 47.19 -13.85 -1.74
C GLY C 269 47.79 -15.20 -1.42
N ILE C 270 46.93 -16.11 -1.00
CA ILE C 270 47.33 -17.50 -0.84
C ILE C 270 47.68 -18.11 -2.18
N ASP C 271 48.54 -19.10 -2.15
CA ASP C 271 48.71 -19.96 -3.31
C ASP C 271 47.52 -20.88 -3.42
N ILE C 272 47.12 -21.19 -4.65
CA ILE C 272 45.86 -21.86 -4.94
C ILE C 272 45.91 -23.30 -4.44
N PRO C 273 45.00 -23.71 -3.58
CA PRO C 273 45.03 -25.09 -3.07
C PRO C 273 44.48 -26.08 -4.10
N VAL C 274 45.25 -27.13 -4.34
CA VAL C 274 44.91 -28.15 -5.34
C VAL C 274 44.77 -29.47 -4.61
N LEU C 275 43.62 -30.13 -4.78
CA LEU C 275 43.31 -31.36 -4.08
C LEU C 275 42.96 -32.46 -5.08
N LEU C 276 43.29 -33.69 -4.74
CA LEU C 276 43.00 -34.85 -5.58
C LEU C 276 41.93 -35.72 -4.93
N LEU C 277 40.93 -36.09 -5.73
CA LEU C 277 39.85 -36.97 -5.30
C LEU C 277 40.00 -38.30 -6.02
N LEU C 278 40.10 -39.38 -5.25
CA LEU C 278 40.24 -40.72 -5.80
C LEU C 278 38.98 -41.53 -5.55
N ILE C 279 38.49 -42.18 -6.60
CA ILE C 279 37.33 -43.08 -6.54
C ILE C 279 37.94 -44.40 -7.02
N ASP C 280 37.10 -45.40 -7.31
CA ASP C 280 37.40 -46.83 -7.41
C ASP C 280 38.69 -47.19 -8.14
N GLY C 281 38.77 -46.88 -9.44
CA GLY C 281 40.03 -46.95 -10.17
C GLY C 281 40.61 -48.35 -10.32
N ASP C 282 41.85 -48.39 -10.81
CA ASP C 282 42.51 -49.63 -11.16
C ASP C 282 43.94 -49.70 -10.64
N GLU C 283 44.69 -50.68 -11.17
CA GLU C 283 46.10 -50.82 -10.86
C GLU C 283 46.94 -49.67 -11.40
N LYS C 284 46.46 -48.99 -12.45
CA LYS C 284 47.23 -47.95 -13.12
C LYS C 284 47.32 -46.66 -12.33
N MET C 285 46.46 -46.47 -11.33
CA MET C 285 46.39 -45.18 -10.66
C MET C 285 47.44 -45.00 -9.58
N LEU C 286 48.11 -46.08 -9.14
CA LEU C 286 49.09 -45.96 -8.07
C LEU C 286 50.36 -45.26 -8.54
N LYS C 287 50.69 -45.39 -9.83
CA LYS C 287 51.72 -44.54 -10.43
C LYS C 287 51.34 -43.07 -10.35
N ARG C 288 50.06 -42.77 -10.53
CA ARG C 288 49.61 -41.38 -10.53
C ARG C 288 49.56 -40.82 -9.12
N ILE C 289 49.22 -41.64 -8.13
CA ILE C 289 49.21 -41.19 -6.73
C ILE C 289 50.62 -40.88 -6.27
N GLU C 290 51.58 -41.76 -6.57
CA GLU C 290 52.93 -41.57 -6.08
C GLU C 290 53.64 -40.44 -6.83
N ASP C 291 53.35 -40.27 -8.12
CA ASP C 291 53.90 -39.12 -8.82
C ASP C 291 53.21 -37.83 -8.41
N ALA C 292 51.96 -37.92 -7.91
CA ALA C 292 51.32 -36.73 -7.38
C ALA C 292 51.93 -36.33 -6.04
N THR C 293 51.98 -37.26 -5.08
CA THR C 293 52.45 -36.95 -3.75
C THR C 293 53.95 -36.67 -3.70
N GLN C 294 54.70 -37.06 -4.74
CA GLN C 294 56.06 -36.56 -4.89
C GLN C 294 56.07 -35.08 -5.17
N ALA C 295 55.06 -34.58 -5.90
CA ALA C 295 55.04 -33.21 -6.39
C ALA C 295 54.44 -32.23 -5.38
N GLN C 296 54.23 -32.67 -4.14
CA GLN C 296 53.68 -31.89 -3.02
C GLN C 296 52.29 -31.36 -3.38
N LEU C 297 51.39 -32.32 -3.57
CA LEU C 297 49.97 -32.07 -3.75
C LEU C 297 49.22 -33.00 -2.80
N PRO C 298 48.34 -32.48 -1.95
CA PRO C 298 47.63 -33.35 -1.01
C PRO C 298 46.57 -34.17 -1.72
N CYS C 299 46.00 -35.10 -0.96
CA CYS C 299 45.04 -36.03 -1.52
C CYS C 299 43.93 -36.29 -0.52
N LEU C 300 42.86 -36.89 -1.02
CA LEU C 300 41.73 -37.28 -0.22
C LEU C 300 41.21 -38.60 -0.78
N LEU C 301 40.66 -39.43 0.10
CA LEU C 301 40.21 -40.76 -0.27
C LEU C 301 38.77 -40.94 0.15
N VAL C 302 37.92 -41.31 -0.79
CA VAL C 302 36.57 -41.72 -0.51
C VAL C 302 36.62 -43.16 -0.02
N ALA C 303 35.53 -43.65 0.55
CA ALA C 303 35.42 -45.06 0.88
C ALA C 303 35.45 -45.90 -0.40
N GLY C 304 34.43 -45.73 -1.26
CA GLY C 304 34.41 -46.28 -2.59
C GLY C 304 34.51 -47.78 -2.67
N SER C 305 35.50 -48.27 -3.43
CA SER C 305 35.75 -49.70 -3.55
C SER C 305 37.24 -49.91 -3.50
N GLY C 306 37.68 -51.10 -3.94
CA GLY C 306 38.94 -51.67 -3.50
C GLY C 306 40.19 -50.99 -4.01
N GLY C 307 40.14 -50.27 -5.12
CA GLY C 307 41.33 -49.61 -5.61
C GLY C 307 41.79 -48.47 -4.73
N ALA C 308 40.84 -47.70 -4.21
CA ALA C 308 41.16 -46.67 -3.23
C ALA C 308 41.09 -47.19 -1.80
N ALA C 309 40.32 -48.25 -1.56
CA ALA C 309 40.32 -48.90 -0.26
C ALA C 309 41.65 -49.61 0.02
N ASP C 310 42.43 -49.90 -1.02
CA ASP C 310 43.80 -50.37 -0.84
C ASP C 310 44.61 -49.35 -0.05
N CYS C 311 44.55 -48.08 -0.45
CA CYS C 311 45.22 -47.05 0.32
C CYS C 311 44.52 -46.77 1.65
N LEU C 312 43.20 -47.02 1.73
CA LEU C 312 42.50 -46.84 3.00
C LEU C 312 42.97 -47.83 4.05
N VAL C 313 43.04 -49.12 3.69
CA VAL C 313 43.49 -50.16 4.61
C VAL C 313 44.96 -49.94 4.99
N GLU C 314 45.78 -49.49 4.02
CA GLU C 314 47.17 -49.22 4.33
C GLU C 314 47.36 -47.97 5.20
N THR C 315 46.37 -47.08 5.26
CA THR C 315 46.42 -45.97 6.22
C THR C 315 45.85 -46.34 7.58
N LEU C 316 44.86 -47.25 7.63
CA LEU C 316 44.27 -47.64 8.91
C LEU C 316 45.26 -48.41 9.78
N GLU C 317 46.22 -49.09 9.17
CA GLU C 317 47.22 -49.85 9.92
C GLU C 317 48.57 -49.14 9.93
N GLU C 331 53.29 -61.82 5.40
CA GLU C 331 52.72 -60.49 5.51
C GLU C 331 51.32 -60.41 4.92
N ALA C 332 50.41 -59.75 5.63
CA ALA C 332 49.08 -59.47 5.11
C ALA C 332 49.07 -58.41 4.04
N ARG C 333 50.20 -57.71 3.84
CA ARG C 333 50.36 -56.81 2.72
C ARG C 333 50.24 -57.55 1.39
N ASP C 334 50.96 -58.66 1.26
CA ASP C 334 50.94 -59.47 0.04
C ASP C 334 49.56 -60.06 -0.20
N ARG C 335 48.82 -60.33 0.87
CA ARG C 335 47.40 -60.67 0.77
C ARG C 335 46.62 -59.53 0.13
N ILE C 336 46.77 -58.31 0.67
CA ILE C 336 46.06 -57.11 0.19
C ILE C 336 46.41 -56.81 -1.26
N ARG C 337 47.68 -56.93 -1.63
CA ARG C 337 48.11 -56.76 -3.00
C ARG C 337 47.73 -57.95 -3.88
N ARG C 338 47.12 -59.00 -3.33
CA ARG C 338 46.63 -60.11 -4.16
C ARG C 338 45.16 -60.44 -3.91
N TYR C 339 44.36 -59.52 -3.36
CA TYR C 339 42.92 -59.58 -3.58
C TYR C 339 42.28 -58.27 -4.02
N PHE C 340 42.92 -57.12 -3.83
CA PHE C 340 42.38 -55.96 -4.52
C PHE C 340 42.82 -55.95 -5.99
N PRO C 341 44.14 -55.98 -6.37
CA PRO C 341 44.45 -55.83 -7.80
C PRO C 341 44.26 -57.11 -8.60
N LYS C 342 44.65 -58.23 -7.99
CA LYS C 342 44.78 -59.55 -8.62
C LYS C 342 45.72 -59.47 -9.83
N GLY C 343 46.97 -59.18 -9.54
CA GLY C 343 48.03 -59.10 -10.54
C GLY C 343 49.16 -58.17 -10.10
N ASP C 344 50.40 -58.63 -10.35
CA ASP C 344 51.67 -57.97 -10.00
C ASP C 344 51.77 -57.59 -8.54
N PRO C 345 51.96 -58.55 -7.62
CA PRO C 345 51.96 -58.23 -6.18
C PRO C 345 53.09 -57.34 -5.68
N GLU C 346 54.34 -57.72 -5.94
CA GLU C 346 55.45 -57.16 -5.17
C GLU C 346 55.87 -55.78 -5.66
N VAL C 347 55.71 -55.50 -6.96
CA VAL C 347 55.95 -54.14 -7.47
C VAL C 347 54.94 -53.17 -6.87
N LEU C 348 53.67 -53.60 -6.80
CA LEU C 348 52.65 -52.78 -6.17
C LEU C 348 52.86 -52.66 -4.66
N GLN C 349 53.54 -53.64 -4.05
CA GLN C 349 53.86 -53.52 -2.63
C GLN C 349 54.91 -52.43 -2.39
N ALA C 350 55.90 -52.35 -3.27
CA ALA C 350 56.89 -51.27 -3.16
C ALA C 350 56.27 -49.90 -3.40
N GLN C 351 55.33 -49.81 -4.35
CA GLN C 351 54.71 -48.52 -4.66
C GLN C 351 53.79 -48.05 -3.54
N VAL C 352 53.02 -48.97 -2.96
CA VAL C 352 52.11 -48.55 -1.90
C VAL C 352 52.88 -48.24 -0.62
N GLU C 353 54.04 -48.88 -0.39
CA GLU C 353 54.86 -48.44 0.73
C GLU C 353 55.55 -47.11 0.46
N ARG C 354 55.78 -46.78 -0.82
CA ARG C 354 56.19 -45.42 -1.16
C ARG C 354 55.10 -44.42 -0.80
N ILE C 355 53.82 -44.78 -1.01
CA ILE C 355 52.71 -43.95 -0.54
C ILE C 355 52.74 -43.81 0.98
N MET C 356 53.08 -44.88 1.69
CA MET C 356 53.12 -44.79 3.15
C MET C 356 54.36 -44.07 3.68
N THR C 357 55.31 -43.69 2.81
CA THR C 357 56.32 -42.72 3.26
C THR C 357 55.70 -41.34 3.48
N ARG C 358 54.65 -41.00 2.73
CA ARG C 358 54.11 -39.65 2.71
C ARG C 358 52.68 -39.61 3.20
N LYS C 359 52.40 -40.26 4.33
CA LYS C 359 51.05 -40.29 4.89
C LYS C 359 50.60 -38.96 5.48
N GLU C 360 51.47 -37.95 5.53
CA GLU C 360 51.05 -36.61 5.89
C GLU C 360 50.01 -36.08 4.91
N LEU C 361 50.19 -36.33 3.63
CA LEU C 361 49.32 -35.77 2.59
C LEU C 361 48.19 -36.72 2.22
N LEU C 362 47.47 -37.25 3.21
CA LEU C 362 46.44 -38.26 2.95
C LEU C 362 45.36 -38.18 4.00
N THR C 363 44.10 -38.08 3.55
CA THR C 363 42.93 -38.06 4.42
C THR C 363 41.95 -39.13 3.98
N VAL C 364 40.93 -39.35 4.82
CA VAL C 364 39.95 -40.40 4.64
C VAL C 364 38.56 -39.79 4.72
N TYR C 365 37.70 -40.13 3.75
CA TYR C 365 36.32 -39.67 3.72
C TYR C 365 35.41 -40.91 3.77
N SER C 366 35.21 -41.46 4.98
CA SER C 366 34.31 -42.58 5.17
C SER C 366 33.23 -42.32 6.21
N SER C 367 33.60 -41.82 7.40
CA SER C 367 32.65 -41.68 8.51
C SER C 367 32.00 -40.30 8.49
N GLU C 368 31.44 -39.95 7.33
CA GLU C 368 30.99 -38.60 7.08
C GLU C 368 29.51 -38.59 6.74
N ASP C 369 28.94 -37.39 6.65
CA ASP C 369 27.52 -37.25 6.39
C ASP C 369 27.18 -37.60 4.95
N GLY C 370 28.10 -37.30 4.02
CA GLY C 370 27.85 -37.62 2.64
C GLY C 370 27.22 -36.47 1.89
N SER C 371 27.90 -35.98 0.85
CA SER C 371 27.47 -34.88 -0.02
C SER C 371 27.21 -33.58 0.75
N GLU C 372 27.89 -33.40 1.88
CA GLU C 372 27.60 -32.32 2.81
C GLU C 372 28.83 -32.15 3.69
N GLU C 373 29.05 -30.90 4.14
CA GLU C 373 30.17 -30.51 5.00
C GLU C 373 31.52 -30.79 4.33
N PHE C 374 31.51 -30.75 2.99
CA PHE C 374 32.70 -31.14 2.23
C PHE C 374 33.79 -30.09 2.32
N GLU C 375 33.39 -28.83 2.52
CA GLU C 375 34.34 -27.71 2.47
C GLU C 375 35.26 -27.72 3.68
N THR C 376 34.73 -28.06 4.86
CA THR C 376 35.56 -28.16 6.04
C THR C 376 36.51 -29.35 5.97
N ILE C 377 36.10 -30.41 5.25
CA ILE C 377 36.99 -31.54 5.05
C ILE C 377 38.11 -31.19 4.09
N VAL C 378 37.84 -30.30 3.13
CA VAL C 378 38.92 -29.76 2.28
C VAL C 378 39.92 -28.99 3.12
N LEU C 379 39.42 -28.16 4.05
CA LEU C 379 40.33 -27.47 4.96
C LEU C 379 41.02 -28.44 5.91
N ARG C 380 40.37 -29.54 6.24
CA ARG C 380 41.00 -30.57 7.05
C ARG C 380 42.16 -31.22 6.30
N ALA C 381 42.02 -31.36 4.98
CA ALA C 381 43.10 -31.93 4.18
C ALA C 381 44.25 -30.95 4.05
N LEU C 382 43.96 -29.65 3.93
CA LEU C 382 45.03 -28.68 3.85
C LEU C 382 45.70 -28.43 5.19
N VAL C 383 44.98 -28.70 6.28
CA VAL C 383 45.58 -28.61 7.61
C VAL C 383 46.46 -29.82 7.90
N LYS C 384 46.04 -31.01 7.48
CA LYS C 384 46.88 -32.19 7.66
C LYS C 384 48.10 -32.14 6.75
N ALA C 385 47.95 -31.56 5.55
CA ALA C 385 49.09 -31.37 4.67
C ALA C 385 49.84 -30.07 4.94
N CYS C 386 49.47 -29.33 5.98
CA CYS C 386 50.24 -28.16 6.38
C CYS C 386 51.49 -28.63 7.12
N ASP C 396 47.07 -20.02 8.18
CA ASP C 396 46.76 -19.34 6.93
C ASP C 396 45.32 -19.60 6.50
N GLU C 397 44.58 -20.34 7.33
CA GLU C 397 43.23 -20.77 6.96
C GLU C 397 42.24 -19.62 6.91
N LEU C 398 42.53 -18.53 7.60
CA LEU C 398 41.63 -17.38 7.58
C LEU C 398 41.71 -16.69 6.22
N ARG C 399 42.88 -16.73 5.59
CA ARG C 399 43.05 -16.17 4.26
C ARG C 399 42.33 -16.99 3.20
N LEU C 400 42.24 -18.32 3.40
CA LEU C 400 41.45 -19.14 2.49
C LEU C 400 39.97 -18.87 2.64
N ALA C 401 39.52 -18.55 3.86
CA ALA C 401 38.13 -18.19 4.05
C ALA C 401 37.78 -16.87 3.38
N VAL C 402 38.74 -15.95 3.30
CA VAL C 402 38.48 -14.69 2.61
C VAL C 402 38.49 -14.90 1.11
N ALA C 403 39.41 -15.73 0.60
CA ALA C 403 39.52 -15.93 -0.83
C ALA C 403 38.33 -16.68 -1.41
N TRP C 404 37.71 -17.54 -0.60
CA TRP C 404 36.51 -18.25 -1.04
C TRP C 404 35.25 -17.42 -0.90
N ASN C 405 35.34 -16.26 -0.24
CA ASN C 405 34.22 -15.37 0.05
C ASN C 405 33.10 -16.11 0.78
N ARG C 406 33.51 -16.90 1.77
CA ARG C 406 32.57 -17.63 2.61
C ARG C 406 32.74 -17.18 4.04
N VAL C 407 31.71 -16.52 4.57
CA VAL C 407 31.82 -15.89 5.87
C VAL C 407 31.80 -16.91 7.01
N ASP C 408 31.08 -18.03 6.82
CA ASP C 408 30.81 -18.97 7.91
C ASP C 408 32.07 -19.68 8.38
N ILE C 409 33.03 -19.89 7.48
CA ILE C 409 34.27 -20.55 7.87
C ILE C 409 35.10 -19.64 8.78
N ALA C 410 35.31 -18.39 8.35
CA ALA C 410 36.11 -17.44 9.14
C ALA C 410 35.41 -17.10 10.45
N GLN C 411 34.08 -17.03 10.41
CA GLN C 411 33.29 -16.79 11.61
C GLN C 411 33.48 -17.90 12.62
N SER C 412 33.31 -19.15 12.18
CA SER C 412 33.47 -20.30 13.07
C SER C 412 34.90 -20.48 13.53
N GLU C 413 35.89 -20.18 12.68
CA GLU C 413 37.28 -20.29 13.09
C GLU C 413 37.69 -19.19 14.06
N LEU C 414 36.97 -18.08 14.11
CA LEU C 414 37.19 -17.12 15.18
C LEU C 414 36.44 -17.47 16.45
N PHE C 415 35.42 -18.34 16.37
CA PHE C 415 34.81 -18.81 17.61
C PHE C 415 35.57 -19.97 18.26
N ARG C 416 36.60 -20.49 17.62
CA ARG C 416 37.36 -21.59 18.21
C ARG C 416 38.37 -21.02 19.20
N GLY C 417 38.16 -21.31 20.49
CA GLY C 417 38.95 -20.71 21.54
C GLY C 417 40.25 -21.42 21.87
N ASP C 418 40.83 -22.16 20.93
CA ASP C 418 42.06 -22.88 21.23
C ASP C 418 43.31 -22.16 20.71
N ILE C 419 43.19 -21.42 19.61
CA ILE C 419 44.35 -21.06 18.80
C ILE C 419 45.13 -19.91 19.40
N GLN C 420 44.44 -18.97 20.06
CA GLN C 420 44.98 -17.66 20.46
C GLN C 420 45.49 -16.91 19.22
N TRP C 421 44.52 -16.49 18.40
CA TRP C 421 44.78 -15.77 17.15
C TRP C 421 45.65 -14.55 17.37
N ARG C 422 46.74 -14.47 16.61
CA ARG C 422 47.68 -13.36 16.73
C ARG C 422 47.31 -12.28 15.72
N SER C 423 47.84 -11.07 15.94
CA SER C 423 47.32 -9.90 15.26
C SER C 423 47.79 -9.84 13.81
N PHE C 424 49.00 -10.32 13.54
CA PHE C 424 49.56 -10.22 12.18
C PHE C 424 48.83 -11.13 11.19
N HIS C 425 48.25 -12.23 11.66
CA HIS C 425 47.39 -13.02 10.79
C HIS C 425 46.10 -12.26 10.48
N LEU C 426 45.59 -11.52 11.47
CA LEU C 426 44.39 -10.72 11.25
C LEU C 426 44.66 -9.56 10.30
N GLU C 427 45.87 -9.00 10.34
CA GLU C 427 46.18 -7.91 9.44
C GLU C 427 46.41 -8.40 8.02
N ALA C 428 46.95 -9.62 7.89
CA ALA C 428 47.12 -10.21 6.57
C ALA C 428 45.78 -10.50 5.93
N SER C 429 44.87 -11.14 6.68
CA SER C 429 43.54 -11.42 6.15
C SER C 429 42.72 -10.16 5.96
N LEU C 430 43.04 -9.08 6.67
CA LEU C 430 42.37 -7.82 6.44
C LEU C 430 42.75 -7.23 5.10
N MET C 431 44.02 -7.32 4.71
CA MET C 431 44.42 -6.88 3.38
C MET C 431 43.81 -7.75 2.29
N ASP C 432 43.57 -9.02 2.58
CA ASP C 432 42.81 -9.84 1.65
C ASP C 432 41.36 -9.41 1.57
N ALA C 433 40.82 -8.85 2.64
CA ALA C 433 39.43 -8.41 2.61
C ALA C 433 39.27 -6.99 2.07
N LEU C 434 40.32 -6.17 2.13
CA LEU C 434 40.23 -4.81 1.66
C LEU C 434 40.60 -4.67 0.19
N LEU C 435 41.58 -5.43 -0.29
CA LEU C 435 41.92 -5.37 -1.71
C LEU C 435 40.80 -5.92 -2.57
N ASN C 436 40.29 -7.10 -2.23
CA ASN C 436 39.09 -7.60 -2.86
C ASN C 436 37.88 -6.89 -2.28
N ASP C 437 36.73 -7.06 -2.91
CA ASP C 437 35.51 -6.42 -2.45
C ASP C 437 34.72 -7.38 -1.57
N ARG C 438 35.14 -7.50 -0.32
CA ARG C 438 34.44 -8.29 0.69
C ARG C 438 34.25 -7.38 1.89
N PRO C 439 33.12 -6.70 1.98
CA PRO C 439 32.91 -5.77 3.10
C PRO C 439 32.57 -6.48 4.39
N GLU C 440 31.97 -7.67 4.26
CA GLU C 440 31.47 -8.38 5.42
C GLU C 440 32.61 -8.95 6.25
N PHE C 441 33.74 -9.27 5.62
CA PHE C 441 34.90 -9.68 6.38
C PHE C 441 35.58 -8.50 7.04
N VAL C 442 35.45 -7.31 6.48
CA VAL C 442 36.05 -6.13 7.10
C VAL C 442 35.31 -5.79 8.40
N ARG C 443 33.98 -5.89 8.37
CA ARG C 443 33.19 -5.68 9.56
C ARG C 443 33.45 -6.75 10.61
N LEU C 444 33.63 -8.00 10.17
CA LEU C 444 33.86 -9.08 11.11
C LEU C 444 35.23 -8.98 11.76
N LEU C 445 36.28 -8.75 10.97
CA LEU C 445 37.63 -8.74 11.51
C LEU C 445 37.91 -7.51 12.37
N ILE C 446 37.30 -6.37 12.07
CA ILE C 446 37.47 -5.22 12.95
C ILE C 446 36.71 -5.41 14.25
N SER C 447 35.53 -6.05 14.19
CA SER C 447 34.78 -6.31 15.41
C SER C 447 35.44 -7.33 16.32
N HIS C 448 36.42 -8.08 15.81
CA HIS C 448 37.21 -8.95 16.68
C HIS C 448 38.18 -8.15 17.54
N GLY C 449 38.64 -7.01 17.05
CA GLY C 449 39.63 -6.23 17.77
C GLY C 449 40.95 -6.21 17.04
N LEU C 450 41.30 -5.06 16.47
CA LEU C 450 42.48 -4.94 15.63
C LEU C 450 42.89 -3.48 15.54
N SER C 451 44.18 -3.22 15.72
CA SER C 451 44.71 -1.87 15.65
C SER C 451 44.76 -1.39 14.20
N LEU C 452 44.73 -0.07 14.01
CA LEU C 452 44.78 0.50 12.68
C LEU C 452 45.96 1.42 12.44
N GLY C 453 46.45 2.12 13.47
CA GLY C 453 47.67 2.88 13.29
C GLY C 453 48.88 2.00 13.09
N HIS C 454 48.91 0.85 13.77
CA HIS C 454 49.92 -0.17 13.52
C HIS C 454 49.65 -0.92 12.23
N PHE C 455 48.45 -0.80 11.68
CA PHE C 455 48.10 -1.46 10.41
C PHE C 455 48.60 -0.67 9.21
N LEU C 456 48.11 0.56 9.04
CA LEU C 456 48.37 1.33 7.82
C LEU C 456 49.80 1.83 7.80
N THR C 457 50.69 0.98 7.31
CA THR C 457 51.96 1.43 6.82
C THR C 457 51.74 2.26 5.56
N PRO C 458 52.68 3.14 5.21
CA PRO C 458 52.64 3.74 3.87
C PRO C 458 52.86 2.72 2.76
N VAL C 459 53.43 1.56 3.07
CA VAL C 459 53.56 0.50 2.08
C VAL C 459 52.20 -0.10 1.76
N ARG C 460 51.46 -0.52 2.79
CA ARG C 460 50.13 -1.09 2.57
C ARG C 460 49.17 -0.04 2.03
N LEU C 461 49.33 1.22 2.47
CA LEU C 461 48.54 2.30 1.90
C LEU C 461 48.88 2.54 0.44
N ALA C 462 50.12 2.28 0.04
CA ALA C 462 50.46 2.33 -1.37
C ALA C 462 49.84 1.15 -2.12
N GLN C 463 49.71 0.00 -1.47
CA GLN C 463 49.15 -1.17 -2.14
C GLN C 463 47.66 -1.03 -2.38
N LEU C 464 46.95 -0.29 -1.52
CA LEU C 464 45.51 -0.18 -1.63
C LEU C 464 45.09 0.63 -2.85
N TYR C 465 45.98 1.47 -3.36
CA TYR C 465 45.71 2.18 -4.60
C TYR C 465 46.22 1.44 -5.83
N SER C 466 46.63 0.18 -5.69
CA SER C 466 47.06 -0.61 -6.84
C SER C 466 46.04 -1.66 -7.23
N ALA C 467 44.91 -1.72 -6.52
CA ALA C 467 43.80 -2.59 -6.91
C ALA C 467 42.78 -1.79 -7.72
N VAL C 468 43.27 -1.21 -8.81
CA VAL C 468 42.49 -0.31 -9.64
C VAL C 468 42.31 -0.97 -11.00
N SER C 469 41.08 -0.98 -11.49
CA SER C 469 40.82 -1.41 -12.86
C SER C 469 41.51 -0.46 -13.84
N PRO C 470 42.29 -0.97 -14.78
CA PRO C 470 43.21 -0.10 -15.53
C PRO C 470 42.55 0.77 -16.59
N ASN C 471 41.23 0.83 -16.65
CA ASN C 471 40.52 1.69 -17.58
C ASN C 471 39.46 2.53 -16.88
N SER C 472 39.72 2.92 -15.64
CA SER C 472 38.79 3.71 -14.84
C SER C 472 39.23 5.16 -14.81
N LEU C 473 38.47 5.98 -14.09
CA LEU C 473 38.77 7.41 -13.97
C LEU C 473 39.88 7.69 -12.97
N ILE C 474 39.88 6.98 -11.84
CA ILE C 474 40.89 7.19 -10.81
C ILE C 474 42.27 6.77 -11.30
N ARG C 475 42.35 5.80 -12.21
CA ARG C 475 43.63 5.41 -12.78
C ARG C 475 44.20 6.52 -13.63
N ASN C 476 43.36 7.20 -14.41
CA ASN C 476 43.81 8.36 -15.18
C ASN C 476 44.21 9.51 -14.28
N LEU C 477 43.50 9.72 -13.17
CA LEU C 477 43.81 10.83 -12.29
C LEU C 477 45.11 10.62 -11.54
N LEU C 478 45.37 9.38 -11.11
CA LEU C 478 46.62 9.11 -10.41
C LEU C 478 47.82 9.13 -11.35
N ASP C 479 47.60 8.80 -12.63
CA ASP C 479 48.69 8.93 -13.60
C ASP C 479 48.97 10.40 -13.91
N GLN C 480 47.93 11.23 -14.06
CA GLN C 480 48.13 12.65 -14.29
C GLN C 480 48.65 13.37 -13.05
N ALA C 481 48.30 12.90 -11.86
CA ALA C 481 48.85 13.51 -10.66
C ALA C 481 50.31 13.15 -10.48
N SER C 482 50.71 11.93 -10.83
CA SER C 482 52.13 11.59 -10.83
C SER C 482 52.89 12.26 -11.96
N HIS C 483 52.19 12.76 -12.98
CA HIS C 483 52.83 13.41 -14.12
C HIS C 483 53.47 14.73 -13.72
N ALA C 484 52.83 15.49 -12.84
CA ALA C 484 53.36 16.78 -12.40
C ALA C 484 54.14 16.63 -11.10
N PRO C 501 50.16 7.62 -3.74
CA PRO C 501 50.69 8.37 -2.60
C PRO C 501 50.78 9.85 -2.90
N ASN C 502 49.92 10.30 -3.82
CA ASN C 502 49.78 11.71 -4.15
C ASN C 502 48.32 12.17 -4.06
N VAL C 503 47.60 11.75 -3.03
CA VAL C 503 46.18 12.04 -2.94
C VAL C 503 45.88 13.50 -2.64
N GLY C 504 46.81 14.23 -2.02
CA GLY C 504 46.59 15.65 -1.79
C GLY C 504 46.61 16.45 -3.08
N GLN C 505 47.38 15.97 -4.06
CA GLN C 505 47.34 16.56 -5.39
C GLN C 505 46.05 16.21 -6.12
N VAL C 506 45.55 14.98 -5.94
CA VAL C 506 44.32 14.55 -6.59
C VAL C 506 43.12 15.31 -6.04
N LEU C 507 43.05 15.44 -4.73
CA LEU C 507 41.98 16.21 -4.11
C LEU C 507 42.10 17.70 -4.43
N ARG C 508 43.32 18.18 -4.67
CA ARG C 508 43.46 19.57 -5.10
C ARG C 508 42.95 19.74 -6.53
N THR C 509 43.11 18.73 -7.38
CA THR C 509 42.53 18.79 -8.71
C THR C 509 41.01 18.72 -8.70
N LEU C 510 40.41 18.17 -7.66
CA LEU C 510 38.95 18.16 -7.58
C LEU C 510 38.42 19.27 -6.69
N LEU C 511 38.84 19.31 -5.43
CA LEU C 511 38.35 20.34 -4.52
C LEU C 511 39.10 21.65 -4.72
N GLN C 556 45.92 9.03 16.23
CA GLN C 556 45.88 7.99 15.21
C GLN C 556 44.48 7.42 15.05
N ALA C 557 43.60 8.21 14.43
CA ALA C 557 42.27 7.79 14.00
C ALA C 557 42.27 7.78 12.47
N PRO C 558 42.73 6.70 11.84
CA PRO C 558 42.97 6.74 10.40
C PRO C 558 41.76 6.37 9.57
N TRP C 559 40.57 6.43 10.15
CA TRP C 559 39.35 6.04 9.44
C TRP C 559 39.07 6.96 8.26
N SER C 560 39.48 8.21 8.34
CA SER C 560 39.19 9.16 7.27
C SER C 560 39.95 8.84 5.99
N ASP C 561 41.16 8.28 6.11
CA ASP C 561 41.90 7.90 4.92
C ASP C 561 41.26 6.72 4.22
N LEU C 562 40.70 5.79 5.00
CA LEU C 562 39.94 4.71 4.41
C LEU C 562 38.62 5.16 3.83
N LEU C 563 38.02 6.22 4.37
CA LEU C 563 36.80 6.76 3.79
C LEU C 563 37.06 7.35 2.42
N ILE C 564 38.11 8.17 2.29
CA ILE C 564 38.47 8.74 0.99
C ILE C 564 38.89 7.65 0.01
N TRP C 565 39.59 6.63 0.51
CA TRP C 565 39.99 5.49 -0.32
C TRP C 565 38.79 4.76 -0.88
N ALA C 566 37.77 4.52 -0.06
CA ALA C 566 36.61 3.81 -0.55
C ALA C 566 35.76 4.66 -1.47
N LEU C 567 35.78 5.98 -1.31
CA LEU C 567 34.99 6.84 -2.18
C LEU C 567 35.61 6.96 -3.56
N LEU C 568 36.93 6.93 -3.65
CA LEU C 568 37.55 7.07 -4.96
C LEU C 568 37.37 5.84 -5.82
N LEU C 569 37.45 4.65 -5.22
CA LEU C 569 37.35 3.42 -5.99
C LEU C 569 35.92 2.95 -6.16
N ASN C 570 34.94 3.73 -5.67
CA ASN C 570 33.51 3.49 -5.84
C ASN C 570 33.08 2.15 -5.24
N ARG C 571 33.33 2.01 -3.94
CA ARG C 571 32.73 0.95 -3.14
C ARG C 571 31.62 1.56 -2.31
N ALA C 572 30.50 0.87 -2.19
CA ALA C 572 29.39 1.43 -1.43
C ALA C 572 29.44 0.98 0.02
N GLN C 573 29.55 -0.33 0.25
CA GLN C 573 29.50 -0.84 1.61
C GLN C 573 30.76 -0.53 2.39
N MET C 574 31.89 -0.40 1.71
CA MET C 574 33.11 0.02 2.37
C MET C 574 32.99 1.45 2.88
N ALA C 575 32.45 2.34 2.04
CA ALA C 575 32.43 3.75 2.40
C ALA C 575 31.37 4.05 3.45
N ILE C 576 30.25 3.32 3.43
CA ILE C 576 29.25 3.52 4.47
C ILE C 576 29.77 3.05 5.81
N TYR C 577 30.44 1.89 5.85
CA TYR C 577 30.96 1.38 7.12
C TYR C 577 32.08 2.26 7.66
N PHE C 578 32.95 2.76 6.79
CA PHE C 578 34.02 3.64 7.23
C PHE C 578 33.49 4.99 7.66
N TRP C 579 32.33 5.40 7.16
CA TRP C 579 31.67 6.58 7.70
C TRP C 579 31.17 6.32 9.12
N GLU C 580 30.61 5.13 9.34
CA GLU C 580 29.96 4.84 10.61
C GLU C 580 30.92 4.60 11.75
N LYS C 581 32.21 4.47 11.46
CA LYS C 581 33.17 4.37 12.56
C LYS C 581 33.88 5.68 12.85
N GLY C 582 34.15 6.49 11.83
CA GLY C 582 34.93 7.70 12.02
C GLY C 582 34.15 8.79 12.71
N SER C 583 34.89 9.78 13.21
CA SER C 583 34.31 10.94 13.85
C SER C 583 34.17 12.05 12.83
N ASN C 584 33.69 13.22 13.30
CA ASN C 584 33.45 14.41 12.50
C ASN C 584 32.51 14.09 11.34
N SER C 585 31.30 13.69 11.67
CA SER C 585 30.48 12.93 10.74
C SER C 585 29.66 13.78 9.78
N VAL C 586 29.14 14.92 10.22
CA VAL C 586 28.26 15.72 9.37
C VAL C 586 29.05 16.35 8.23
N ALA C 587 30.20 16.94 8.55
CA ALA C 587 31.01 17.56 7.51
C ALA C 587 31.63 16.52 6.58
N SER C 588 31.95 15.34 7.09
CA SER C 588 32.48 14.29 6.23
C SER C 588 31.44 13.74 5.29
N ALA C 589 30.18 13.69 5.71
CA ALA C 589 29.14 13.26 4.79
C ALA C 589 28.89 14.28 3.69
N LEU C 590 28.98 15.58 4.02
CA LEU C 590 28.79 16.60 2.99
C LEU C 590 29.97 16.65 2.02
N GLY C 591 31.19 16.44 2.53
CA GLY C 591 32.32 16.32 1.62
C GLY C 591 32.26 15.08 0.76
N ALA C 592 31.64 14.02 1.27
CA ALA C 592 31.47 12.81 0.48
C ALA C 592 30.49 13.04 -0.66
N CYS C 593 29.41 13.76 -0.40
CA CYS C 593 28.41 14.02 -1.43
C CYS C 593 28.96 14.94 -2.51
N LEU C 594 29.77 15.93 -2.10
CA LEU C 594 30.44 16.81 -3.05
C LEU C 594 31.41 16.04 -3.92
N LEU C 595 32.20 15.15 -3.33
CA LEU C 595 33.27 14.49 -4.07
C LEU C 595 32.72 13.46 -5.04
N LEU C 596 31.61 12.83 -4.71
CA LEU C 596 31.04 11.83 -5.60
C LEU C 596 30.35 12.48 -6.80
N ARG C 597 29.70 13.62 -6.60
CA ARG C 597 29.05 14.27 -7.74
C ARG C 597 30.07 14.91 -8.68
N VAL C 598 31.15 15.47 -8.12
CA VAL C 598 32.20 16.03 -8.96
C VAL C 598 32.87 14.94 -9.79
N MET C 599 33.10 13.77 -9.21
CA MET C 599 33.61 12.68 -10.02
C MET C 599 32.54 12.04 -10.89
N ALA C 600 31.26 12.34 -10.66
CA ALA C 600 30.24 11.78 -11.53
C ALA C 600 30.12 12.56 -12.83
N ARG C 601 30.29 13.88 -12.78
CA ARG C 601 30.25 14.68 -14.01
C ARG C 601 31.45 14.42 -14.90
N LEU C 602 32.57 13.99 -14.33
CA LEU C 602 33.81 13.78 -15.04
C LEU C 602 33.94 12.36 -15.58
N GLU C 603 32.90 11.56 -15.38
CA GLU C 603 32.94 10.12 -15.62
C GLU C 603 32.56 9.81 -17.06
N SER C 604 33.17 8.76 -17.61
CA SER C 604 32.89 8.34 -18.98
C SER C 604 31.62 7.49 -19.08
N GLU C 605 31.61 6.34 -18.42
CA GLU C 605 30.55 5.36 -18.61
C GLU C 605 29.27 5.84 -17.95
N ALA C 606 28.12 5.55 -18.58
CA ALA C 606 26.84 5.91 -18.00
C ALA C 606 26.52 5.07 -16.77
N GLU C 607 27.02 3.84 -16.72
CA GLU C 607 26.66 2.93 -15.64
C GLU C 607 27.41 3.27 -14.36
N GLU C 608 28.70 3.55 -14.44
CA GLU C 608 29.46 3.92 -13.26
C GLU C 608 29.09 5.31 -12.76
N ALA C 609 28.76 6.22 -13.66
CA ALA C 609 28.29 7.54 -13.23
C ALA C 609 26.94 7.45 -12.53
N ALA C 610 26.05 6.58 -13.01
CA ALA C 610 24.77 6.43 -12.35
C ALA C 610 24.90 5.78 -10.98
N ARG C 611 25.85 4.86 -10.84
CA ARG C 611 26.07 4.20 -9.56
C ARG C 611 26.67 5.16 -8.54
N ARG C 612 27.57 6.04 -8.98
CA ARG C 612 28.10 7.05 -8.09
C ARG C 612 27.06 8.07 -7.67
N LYS C 613 26.09 8.37 -8.53
CA LYS C 613 25.04 9.29 -8.13
C LYS C 613 24.11 8.69 -7.08
N ASP C 614 23.92 7.37 -7.11
CA ASP C 614 23.11 6.75 -6.07
C ASP C 614 23.84 6.70 -4.73
N LEU C 615 25.16 6.54 -4.76
CA LEU C 615 25.91 6.60 -3.51
C LEU C 615 25.91 8.01 -2.93
N ALA C 616 26.03 9.02 -3.78
CA ALA C 616 26.00 10.40 -3.31
C ALA C 616 24.64 10.78 -2.74
N ALA C 617 23.57 10.17 -3.24
CA ALA C 617 22.27 10.40 -2.63
C ALA C 617 22.14 9.69 -1.29
N THR C 618 22.86 8.58 -1.10
CA THR C 618 22.84 7.91 0.19
C THR C 618 23.51 8.76 1.26
N PHE C 619 24.69 9.32 0.97
CA PHE C 619 25.38 10.13 1.96
C PHE C 619 24.67 11.45 2.23
N GLU C 620 23.95 11.98 1.24
CA GLU C 620 23.17 13.18 1.50
C GLU C 620 22.04 12.89 2.47
N SER C 621 21.43 11.71 2.37
CA SER C 621 20.37 11.35 3.29
C SER C 621 20.87 11.12 4.70
N MET C 622 22.07 10.56 4.87
CA MET C 622 22.58 10.33 6.21
C MET C 622 23.00 11.61 6.90
N SER C 623 23.51 12.60 6.16
CA SER C 623 23.79 13.88 6.78
C SER C 623 22.52 14.60 7.21
N VAL C 624 21.44 14.42 6.44
CA VAL C 624 20.14 14.98 6.82
C VAL C 624 19.65 14.40 8.15
N ASP C 625 19.71 13.08 8.29
CA ASP C 625 19.12 12.45 9.47
C ASP C 625 19.97 12.64 10.72
N LEU C 626 21.30 12.67 10.56
CA LEU C 626 22.17 12.89 11.71
C LEU C 626 22.01 14.30 12.26
N PHE C 627 21.97 15.30 11.38
CA PHE C 627 21.74 16.65 11.86
C PHE C 627 20.32 16.82 12.36
N GLY C 628 19.39 16.00 11.91
CA GLY C 628 18.04 16.03 12.45
C GLY C 628 18.00 15.72 13.93
N GLU C 629 18.69 14.66 14.35
CA GLU C 629 18.68 14.34 15.77
C GLU C 629 19.60 15.25 16.59
N CYS C 630 20.68 15.74 16.00
CA CYS C 630 21.53 16.67 16.74
C CYS C 630 20.84 18.01 16.97
N TYR C 631 20.05 18.48 16.01
CA TYR C 631 19.29 19.69 16.23
C TYR C 631 18.11 19.44 17.16
N HIS C 632 17.52 18.26 17.11
CA HIS C 632 16.36 17.94 17.93
C HIS C 632 16.72 17.86 19.41
N ASN C 633 17.98 17.59 19.76
CA ASN C 633 18.37 17.68 21.16
C ASN C 633 18.61 19.12 21.57
N SER C 634 19.59 19.77 20.96
CA SER C 634 20.13 21.02 21.48
C SER C 634 20.32 22.00 20.33
N GLU C 635 19.60 23.12 20.38
CA GLU C 635 19.62 24.06 19.27
C GLU C 635 20.89 24.89 19.22
N GLU C 636 21.39 25.34 20.37
CA GLU C 636 22.61 26.15 20.36
C GLU C 636 23.82 25.32 19.96
N ARG C 637 23.86 24.06 20.38
CA ARG C 637 25.05 23.27 20.14
C ARG C 637 25.10 22.78 18.70
N ALA C 638 23.95 22.53 18.10
CA ALA C 638 23.91 22.24 16.67
C ALA C 638 24.20 23.49 15.84
N ALA C 639 23.77 24.66 16.33
CA ALA C 639 24.09 25.91 15.66
C ALA C 639 25.59 26.15 15.65
N ARG C 640 26.29 25.74 16.70
CA ARG C 640 27.74 25.82 16.70
C ARG C 640 28.36 24.69 15.91
N LEU C 641 27.59 23.66 15.57
CA LEU C 641 28.15 22.56 14.79
C LEU C 641 28.25 22.91 13.31
N LEU C 642 27.26 23.62 12.76
CA LEU C 642 27.34 23.95 11.34
C LEU C 642 28.33 25.09 11.09
N LEU C 643 28.36 26.08 11.97
CA LEU C 643 29.11 27.30 11.74
C LEU C 643 30.55 27.21 12.23
N ARG C 644 31.11 26.01 12.26
CA ARG C 644 32.45 25.80 12.76
C ARG C 644 33.45 25.93 11.61
N ARG C 645 34.55 26.62 11.88
CA ARG C 645 35.49 26.98 10.81
C ARG C 645 36.37 25.80 10.45
N CYS C 646 36.59 25.62 9.15
CA CYS C 646 37.45 24.66 8.45
C CYS C 646 37.41 23.21 8.98
N PRO C 647 36.32 22.46 8.75
CA PRO C 647 36.34 21.04 9.13
C PRO C 647 37.04 20.14 8.12
N LEU C 648 36.98 20.47 6.83
CA LEU C 648 37.56 19.65 5.78
C LEU C 648 38.05 20.54 4.65
N TRP C 649 39.32 20.37 4.29
CA TRP C 649 39.96 20.98 3.11
C TRP C 649 39.84 22.50 3.16
N GLY C 650 40.54 23.08 4.14
CA GLY C 650 40.62 24.51 4.24
C GLY C 650 39.35 25.11 4.79
N GLU C 651 39.30 26.44 4.74
CA GLU C 651 38.24 27.21 5.38
C GLU C 651 37.00 27.14 4.52
N ALA C 652 36.14 26.18 4.82
CA ALA C 652 34.84 26.05 4.17
C ALA C 652 33.92 25.35 5.15
N THR C 653 32.93 26.07 5.67
CA THR C 653 32.03 25.53 6.66
C THR C 653 31.06 24.54 6.02
N CYS C 654 30.19 23.96 6.85
CA CYS C 654 29.31 22.91 6.37
C CYS C 654 28.22 23.46 5.46
N LEU C 655 27.91 24.75 5.58
CA LEU C 655 26.94 25.32 4.67
C LEU C 655 27.52 25.53 3.29
N GLN C 656 28.80 25.92 3.18
CA GLN C 656 29.37 26.05 1.84
C GLN C 656 29.67 24.71 1.21
N LEU C 657 29.94 23.69 2.03
CA LEU C 657 29.99 22.34 1.50
C LEU C 657 28.65 21.90 0.95
N ALA C 658 27.57 22.22 1.65
CA ALA C 658 26.24 21.91 1.12
C ALA C 658 25.89 22.81 -0.05
N MET C 659 26.49 23.99 -0.12
CA MET C 659 26.25 24.91 -1.22
C MET C 659 26.80 24.38 -2.53
N GLN C 660 28.05 23.93 -2.52
CA GLN C 660 28.68 23.52 -3.77
C GLN C 660 28.20 22.16 -4.25
N ALA C 661 27.58 21.39 -3.38
CA ALA C 661 27.27 20.01 -3.70
C ALA C 661 25.88 19.81 -4.28
N ASP C 662 25.15 20.89 -4.53
CA ASP C 662 23.72 20.86 -4.91
C ASP C 662 22.89 20.05 -3.92
N ALA C 663 23.14 20.27 -2.64
CA ALA C 663 22.47 19.51 -1.59
C ALA C 663 21.19 20.25 -1.25
N ARG C 664 20.23 20.23 -2.17
CA ARG C 664 18.99 20.96 -1.98
C ARG C 664 18.10 20.32 -0.93
N ALA C 665 18.28 19.03 -0.63
CA ALA C 665 17.49 18.41 0.41
C ALA C 665 18.10 18.56 1.78
N PHE C 666 19.28 19.19 1.88
CA PHE C 666 19.85 19.48 3.19
C PHE C 666 19.40 20.84 3.71
N PHE C 667 19.33 21.85 2.84
CA PHE C 667 18.82 23.15 3.24
C PHE C 667 17.32 23.18 3.43
N ALA C 668 16.62 22.12 3.05
CA ALA C 668 15.17 22.07 3.13
C ALA C 668 14.66 21.64 4.49
N GLN C 669 15.49 21.61 5.52
CA GLN C 669 15.02 21.15 6.81
C GLN C 669 14.33 22.27 7.56
N ASP C 670 14.05 21.99 8.84
CA ASP C 670 13.53 23.00 9.73
C ASP C 670 14.63 23.71 10.49
N GLY C 671 15.65 22.96 10.92
CA GLY C 671 16.70 23.56 11.72
C GLY C 671 17.62 24.45 10.91
N VAL C 672 17.87 24.07 9.66
CA VAL C 672 18.76 24.87 8.83
C VAL C 672 18.10 26.17 8.43
N GLN C 673 16.80 26.13 8.14
CA GLN C 673 16.06 27.36 7.85
C GLN C 673 15.91 28.22 9.10
N SER C 674 15.87 27.61 10.27
CA SER C 674 15.90 28.41 11.50
C SER C 674 17.25 29.07 11.68
N LEU C 675 18.33 28.40 11.30
CA LEU C 675 19.64 29.00 11.51
C LEU C 675 19.94 30.07 10.47
N LEU C 676 19.39 29.94 9.27
CA LEU C 676 19.50 31.03 8.32
C LEU C 676 18.67 32.24 8.76
N THR C 677 17.58 32.00 9.48
CA THR C 677 16.81 33.11 10.03
C THR C 677 17.59 33.83 11.12
N GLN C 678 18.21 33.07 12.04
CA GLN C 678 18.97 33.69 13.12
C GLN C 678 20.22 34.37 12.61
N LYS C 679 20.78 33.88 11.51
CA LYS C 679 21.88 34.59 10.87
C LYS C 679 21.39 35.86 10.20
N TRP C 680 20.14 35.85 9.73
CA TRP C 680 19.61 37.00 8.99
C TRP C 680 19.31 38.15 9.92
N TRP C 681 18.87 37.87 11.14
CA TRP C 681 18.55 38.94 12.06
C TRP C 681 19.76 39.46 12.83
N GLY C 682 20.95 38.95 12.56
CA GLY C 682 22.12 39.46 13.23
C GLY C 682 22.14 39.05 14.68
N GLU C 683 22.26 40.03 15.58
CA GLU C 683 22.29 39.80 17.01
C GLU C 683 21.03 40.31 17.70
N MET C 684 19.92 40.35 16.98
CA MET C 684 18.65 40.69 17.57
C MET C 684 17.94 39.40 17.94
N ASP C 685 16.72 39.49 18.41
CA ASP C 685 15.88 38.32 18.53
C ASP C 685 15.09 38.16 17.24
N SER C 686 14.97 36.92 16.78
CA SER C 686 14.29 36.65 15.53
C SER C 686 12.77 36.67 15.65
N THR C 687 12.23 37.10 16.79
CA THR C 687 10.81 37.24 17.00
C THR C 687 10.35 38.68 16.96
N THR C 688 11.24 39.62 16.66
CA THR C 688 10.83 41.01 16.56
C THR C 688 10.01 41.20 15.29
N PRO C 689 8.88 41.88 15.36
CA PRO C 689 8.11 42.16 14.16
C PRO C 689 8.80 43.22 13.31
N ILE C 690 8.33 43.34 12.06
CA ILE C 690 9.00 44.18 11.08
C ILE C 690 8.76 45.66 11.37
N TRP C 691 7.58 46.00 11.89
CA TRP C 691 7.24 47.40 12.11
C TRP C 691 8.10 48.02 13.21
N ALA C 692 8.50 47.23 14.20
CA ALA C 692 9.41 47.74 15.22
C ALA C 692 10.79 48.02 14.65
N LEU C 693 11.20 47.23 13.66
CA LEU C 693 12.46 47.49 12.97
C LEU C 693 12.40 48.77 12.16
N LEU C 694 11.25 49.05 11.53
CA LEU C 694 11.13 50.30 10.78
C LEU C 694 11.12 51.50 11.70
N LEU C 695 10.40 51.40 12.82
CA LEU C 695 10.29 52.54 13.74
C LEU C 695 11.62 52.85 14.40
N ALA C 696 12.42 51.82 14.67
CA ALA C 696 13.76 52.09 15.16
C ALA C 696 14.71 52.53 14.06
N PHE C 697 14.39 52.23 12.80
CA PHE C 697 15.27 52.63 11.72
C PHE C 697 15.11 54.12 11.43
N PHE C 698 13.92 54.66 11.58
CA PHE C 698 13.69 56.09 11.42
C PHE C 698 13.80 56.85 12.73
N CYS C 699 14.14 56.18 13.83
CA CYS C 699 14.46 56.84 15.08
C CYS C 699 15.71 56.20 15.67
N PRO C 700 16.90 56.64 15.23
CA PRO C 700 18.17 56.14 15.81
C PRO C 700 18.34 56.40 17.30
N PRO C 701 17.71 57.41 17.93
CA PRO C 701 17.68 57.39 19.40
C PRO C 701 16.73 56.37 20.01
N LEU C 702 15.92 55.67 19.23
CA LEU C 702 15.03 54.69 19.83
C LEU C 702 15.62 53.28 19.76
N ILE C 703 16.92 53.17 19.49
CA ILE C 703 17.61 51.90 19.65
C ILE C 703 17.64 51.50 21.13
N TYR C 704 17.96 52.44 22.00
CA TYR C 704 18.19 52.16 23.41
C TYR C 704 16.90 52.09 24.21
N THR C 705 15.91 51.33 23.76
CA THR C 705 14.67 51.14 24.50
C THR C 705 14.29 49.67 24.54
N ASN C 706 13.11 49.36 25.05
CA ASN C 706 12.62 47.98 25.11
C ASN C 706 11.65 47.69 23.97
N LEU C 707 12.15 47.79 22.74
CA LEU C 707 11.42 47.32 21.58
C LEU C 707 12.17 46.30 20.75
N ILE C 708 13.50 46.31 20.83
CA ILE C 708 14.32 45.33 20.13
C ILE C 708 15.07 44.55 21.19
N VAL C 709 14.58 43.36 21.50
CA VAL C 709 15.22 42.50 22.48
C VAL C 709 16.42 41.82 21.85
N PHE C 710 17.57 41.92 22.50
CA PHE C 710 18.80 41.38 21.96
C PHE C 710 19.04 39.97 22.50
N ARG C 711 20.24 39.44 22.22
CA ARG C 711 20.73 38.13 22.67
C ARG C 711 19.81 37.00 22.19
N LYS C 712 19.76 36.88 20.87
CA LYS C 712 19.11 35.78 20.14
C LYS C 712 17.65 35.53 20.50
N SER C 765 28.21 52.19 23.28
CA SER C 765 28.64 52.04 21.90
C SER C 765 28.57 50.59 21.47
N LYS C 766 27.76 49.79 22.17
CA LYS C 766 27.58 48.40 21.84
C LYS C 766 26.31 48.14 21.03
N ARG C 767 25.17 48.63 21.52
CA ARG C 767 23.89 48.44 20.83
C ARG C 767 23.83 49.19 19.50
N TRP C 768 24.69 50.20 19.31
CA TRP C 768 24.81 50.84 18.01
C TRP C 768 25.31 49.86 16.96
N SER C 769 26.43 49.20 17.25
CA SER C 769 26.93 48.19 16.33
C SER C 769 26.10 46.91 16.35
N ASP C 770 25.27 46.70 17.37
CA ASP C 770 24.37 45.56 17.37
C ASP C 770 23.21 45.75 16.41
N PHE C 771 22.58 46.93 16.43
CA PHE C 771 21.50 47.21 15.51
C PHE C 771 22.00 47.37 14.08
N TRP C 772 23.02 48.19 13.87
CA TRP C 772 23.45 48.50 12.52
C TRP C 772 24.37 47.44 11.91
N GLY C 773 24.60 46.34 12.60
CA GLY C 773 25.47 45.32 12.06
C GLY C 773 24.70 44.17 11.45
N ALA C 774 23.42 44.08 11.80
CA ALA C 774 22.59 42.97 11.36
C ALA C 774 22.32 43.07 9.86
N PRO C 775 22.15 41.95 9.18
CA PRO C 775 21.88 42.02 7.74
C PRO C 775 20.51 42.55 7.38
N VAL C 776 19.56 42.59 8.31
CA VAL C 776 18.27 43.19 7.96
C VAL C 776 18.40 44.69 7.81
N THR C 777 19.31 45.32 8.53
CA THR C 777 19.47 46.76 8.41
C THR C 777 20.38 47.15 7.27
N ALA C 778 21.27 46.27 6.83
CA ALA C 778 21.97 46.53 5.58
C ALA C 778 21.04 46.40 4.40
N PHE C 779 20.13 45.42 4.45
CA PHE C 779 19.11 45.27 3.42
C PHE C 779 18.15 46.44 3.43
N LEU C 780 17.75 46.89 4.61
CA LEU C 780 16.78 47.97 4.71
C LEU C 780 17.40 49.29 4.25
N GLY C 781 18.70 49.46 4.47
CA GLY C 781 19.39 50.60 3.92
C GLY C 781 19.53 50.55 2.41
N ASN C 782 19.63 49.34 1.86
CA ASN C 782 19.68 49.18 0.41
C ASN C 782 18.36 49.58 -0.24
N VAL C 783 17.24 49.16 0.34
CA VAL C 783 15.95 49.42 -0.27
C VAL C 783 15.58 50.89 -0.17
N VAL C 784 15.84 51.51 0.97
CA VAL C 784 15.51 52.93 1.15
C VAL C 784 16.35 53.80 0.23
N SER C 785 17.63 53.49 0.09
CA SER C 785 18.48 54.28 -0.81
C SER C 785 18.12 54.05 -2.28
N TYR C 786 17.61 52.87 -2.61
CA TYR C 786 17.30 52.60 -4.00
C TYR C 786 15.97 53.20 -4.42
N LEU C 787 15.00 53.28 -3.50
CA LEU C 787 13.76 53.99 -3.81
C LEU C 787 13.99 55.48 -3.93
N LEU C 788 14.92 56.04 -3.13
CA LEU C 788 15.23 57.46 -3.28
C LEU C 788 15.99 57.73 -4.57
N PHE C 789 16.71 56.73 -5.07
CA PHE C 789 17.29 56.86 -6.40
C PHE C 789 16.23 56.93 -7.48
N LEU C 790 15.18 56.11 -7.37
CA LEU C 790 14.14 56.14 -8.39
C LEU C 790 13.31 57.40 -8.31
N LEU C 791 13.11 57.93 -7.09
CA LEU C 791 12.41 59.20 -6.96
C LEU C 791 13.22 60.34 -7.54
N LEU C 792 14.55 60.32 -7.36
CA LEU C 792 15.37 61.38 -7.94
C LEU C 792 15.39 61.29 -9.45
N PHE C 793 15.43 60.07 -9.97
CA PHE C 793 15.42 59.86 -11.41
C PHE C 793 14.10 60.31 -12.01
N ALA C 794 13.01 60.18 -11.24
CA ALA C 794 11.69 60.58 -11.73
C ALA C 794 11.51 62.09 -11.65
N HIS C 795 12.07 62.74 -10.63
CA HIS C 795 11.98 64.19 -10.54
C HIS C 795 12.80 64.86 -11.63
N VAL C 796 13.95 64.28 -11.97
CA VAL C 796 14.76 64.82 -13.06
C VAL C 796 14.06 64.60 -14.40
N LEU C 797 13.49 63.42 -14.60
CA LEU C 797 12.98 63.08 -15.92
C LEU C 797 11.65 63.72 -16.24
N LEU C 798 10.78 63.90 -15.23
CA LEU C 798 9.43 64.40 -15.49
C LEU C 798 9.28 65.90 -15.35
N VAL C 799 9.87 66.51 -14.33
CA VAL C 799 9.51 67.86 -13.92
C VAL C 799 10.49 68.89 -14.48
N ASP C 800 11.74 68.84 -14.06
CA ASP C 800 12.73 69.80 -14.54
C ASP C 800 13.78 69.07 -15.37
N PHE C 801 13.66 69.19 -16.69
CA PHE C 801 14.65 68.65 -17.62
C PHE C 801 14.92 69.75 -18.64
N GLN C 802 15.86 70.65 -18.33
CA GLN C 802 16.15 71.77 -19.20
C GLN C 802 16.85 71.30 -20.47
N PRO C 803 16.53 71.90 -21.63
CA PRO C 803 17.14 71.43 -22.88
C PRO C 803 18.58 71.87 -23.06
N THR C 804 18.93 73.01 -22.47
CA THR C 804 20.25 73.60 -22.71
C THR C 804 21.32 73.00 -21.79
N LYS C 805 21.16 73.17 -20.49
CA LYS C 805 22.19 72.84 -19.51
C LYS C 805 21.61 71.92 -18.45
N PRO C 806 22.38 70.92 -18.02
CA PRO C 806 21.94 70.11 -16.87
C PRO C 806 21.84 70.94 -15.61
N SER C 807 20.78 70.69 -14.85
CA SER C 807 20.54 71.46 -13.64
C SER C 807 21.39 70.91 -12.49
N VAL C 808 21.08 71.35 -11.27
CA VAL C 808 21.77 70.82 -10.09
C VAL C 808 21.42 69.35 -9.88
N SER C 809 20.13 69.02 -9.98
CA SER C 809 19.65 67.70 -9.62
C SER C 809 20.11 66.64 -10.61
N GLU C 810 20.24 66.98 -11.89
CA GLU C 810 20.76 66.03 -12.85
C GLU C 810 22.23 65.74 -12.61
N LEU C 811 22.96 66.70 -12.03
CA LEU C 811 24.35 66.44 -11.70
C LEU C 811 24.49 65.61 -10.44
N LEU C 812 23.54 65.73 -9.49
CA LEU C 812 23.48 64.77 -8.40
C LEU C 812 23.17 63.39 -8.91
N LEU C 813 22.35 63.29 -9.96
CA LEU C 813 22.01 62.01 -10.55
C LEU C 813 23.22 61.36 -11.22
N TYR C 814 24.00 62.13 -11.98
CA TYR C 814 25.17 61.58 -12.65
C TYR C 814 26.23 61.15 -11.65
N PHE C 815 26.29 61.84 -10.50
CA PHE C 815 27.18 61.39 -9.44
C PHE C 815 26.70 60.08 -8.86
N TRP C 816 25.38 59.88 -8.80
CA TRP C 816 24.84 58.67 -8.20
C TRP C 816 25.16 57.44 -9.05
N ALA C 817 24.89 57.53 -10.36
CA ALA C 817 25.14 56.40 -11.24
C ALA C 817 26.63 56.13 -11.43
N PHE C 818 27.47 57.15 -11.17
CA PHE C 818 28.90 56.90 -11.09
C PHE C 818 29.23 55.98 -9.92
N THR C 819 28.58 56.18 -8.77
CA THR C 819 28.85 55.32 -7.63
C THR C 819 28.33 53.90 -7.83
N LEU C 820 27.15 53.76 -8.45
CA LEU C 820 26.63 52.42 -8.72
C LEU C 820 27.47 51.69 -9.75
N LEU C 821 28.09 52.41 -10.68
CA LEU C 821 28.99 51.78 -11.63
C LEU C 821 30.21 51.21 -10.94
N CYS C 822 30.77 51.95 -9.99
CA CYS C 822 31.91 51.44 -9.21
C CYS C 822 31.49 50.27 -8.32
N GLU C 823 30.22 50.20 -7.95
CA GLU C 823 29.76 49.07 -7.16
C GLU C 823 29.74 47.79 -7.97
N GLU C 824 29.30 47.85 -9.23
CA GLU C 824 29.28 46.63 -10.03
C GLU C 824 30.65 46.21 -10.51
N LEU C 825 31.57 47.16 -10.69
CA LEU C 825 32.96 46.76 -10.93
C LEU C 825 33.57 46.11 -9.69
N ARG C 826 33.14 46.52 -8.49
CA ARG C 826 33.66 45.86 -7.30
C ARG C 826 33.07 44.46 -7.14
N GLN C 827 31.82 44.26 -7.54
CA GLN C 827 31.27 42.91 -7.51
C GLN C 827 31.61 42.10 -8.76
N GLY C 828 32.45 42.62 -9.64
CA GLY C 828 32.98 41.83 -10.73
C GLY C 828 34.45 41.53 -10.56
N LEU C 829 35.14 42.36 -9.79
CA LEU C 829 36.59 42.24 -9.61
C LEU C 829 37.00 41.99 -8.17
N GLY C 830 36.14 42.30 -7.20
CA GLY C 830 36.47 42.01 -5.82
C GLY C 830 35.55 40.97 -5.20
N LEU C 848 42.63 36.80 -12.79
CA LEU C 848 41.68 37.89 -12.61
C LEU C 848 40.75 38.03 -13.82
N ARG C 849 40.89 37.12 -14.79
CA ARG C 849 40.00 37.07 -15.94
C ARG C 849 38.90 36.03 -15.77
N HIS C 850 39.17 34.99 -14.99
CA HIS C 850 38.15 34.02 -14.63
C HIS C 850 37.03 34.67 -13.84
N ARG C 851 37.34 35.73 -13.08
CA ARG C 851 36.33 36.47 -12.35
C ARG C 851 35.39 37.21 -13.28
N LEU C 852 35.89 37.65 -14.44
CA LEU C 852 35.00 38.28 -15.42
C LEU C 852 34.04 37.26 -16.02
N HIS C 853 34.45 36.00 -16.12
CA HIS C 853 33.48 34.98 -16.46
C HIS C 853 32.50 34.74 -15.32
N LEU C 854 32.94 34.94 -14.07
CA LEU C 854 32.07 34.77 -12.93
C LEU C 854 31.05 35.90 -12.82
N TYR C 855 31.37 37.07 -13.40
CA TYR C 855 30.39 38.15 -13.46
C TYR C 855 29.42 37.93 -14.61
N LEU C 856 29.96 37.64 -15.79
CA LEU C 856 29.19 37.51 -17.03
C LEU C 856 28.22 36.33 -17.02
N SER C 857 28.45 35.33 -16.16
CA SER C 857 27.64 34.12 -16.23
C SER C 857 26.21 34.34 -15.75
N ASP C 858 26.02 35.21 -14.76
CA ASP C 858 24.70 35.40 -14.17
C ASP C 858 23.82 36.28 -15.06
N THR C 859 22.60 36.55 -14.60
CA THR C 859 21.64 37.31 -15.40
C THR C 859 21.28 38.67 -14.80
N TRP C 860 21.53 38.90 -13.51
CA TRP C 860 21.26 40.20 -12.90
C TRP C 860 22.50 41.04 -12.71
N ASN C 861 23.68 40.44 -12.75
CA ASN C 861 24.87 41.21 -13.06
C ASN C 861 24.83 41.70 -14.51
N GLN C 862 24.34 40.86 -15.43
CA GLN C 862 24.14 41.29 -16.81
C GLN C 862 23.05 42.35 -16.93
N CYS C 863 21.96 42.23 -16.17
CA CYS C 863 20.87 43.19 -16.28
C CYS C 863 21.25 44.55 -15.70
N ASP C 864 21.95 44.57 -14.56
CA ASP C 864 22.40 45.84 -14.00
C ASP C 864 23.47 46.47 -14.88
N LEU C 865 24.28 45.63 -15.53
CA LEU C 865 25.16 46.10 -16.59
C LEU C 865 24.37 46.74 -17.72
N LEU C 866 23.22 46.16 -18.07
CA LEU C 866 22.41 46.68 -19.16
C LEU C 866 21.79 48.03 -18.82
N ALA C 867 21.36 48.22 -17.57
CA ALA C 867 20.79 49.49 -17.16
C ALA C 867 21.84 50.59 -17.16
N LEU C 868 23.08 50.26 -16.79
CA LEU C 868 24.12 51.27 -16.79
C LEU C 868 24.61 51.59 -18.19
N THR C 869 24.64 50.61 -19.10
CA THR C 869 25.05 50.90 -20.47
C THR C 869 24.00 51.76 -21.20
N CYS C 870 22.72 51.54 -20.92
CA CYS C 870 21.72 52.43 -21.49
C CYS C 870 21.74 53.80 -20.82
N PHE C 871 22.26 53.89 -19.60
CA PHE C 871 22.40 55.20 -18.98
C PHE C 871 23.52 56.00 -19.64
N LEU C 872 24.65 55.34 -19.93
CA LEU C 872 25.75 56.02 -20.59
C LEU C 872 25.37 56.44 -22.01
N LEU C 873 24.59 55.60 -22.69
CA LEU C 873 24.12 55.96 -24.02
C LEU C 873 23.14 57.12 -23.95
N GLY C 874 22.35 57.21 -22.89
CA GLY C 874 21.42 58.32 -22.75
C GLY C 874 22.12 59.65 -22.48
N VAL C 875 23.19 59.61 -21.70
CA VAL C 875 23.93 60.84 -21.42
C VAL C 875 24.69 61.30 -22.65
N GLY C 876 25.41 60.37 -23.31
CA GLY C 876 26.19 60.73 -24.48
C GLY C 876 25.36 61.14 -25.67
N CYS C 877 24.11 60.67 -25.75
CA CYS C 877 23.22 61.18 -26.77
C CYS C 877 22.60 62.51 -26.37
N ARG C 878 22.48 62.79 -25.06
CA ARG C 878 21.89 64.06 -24.67
C ARG C 878 22.85 65.21 -24.90
N LEU C 879 24.14 65.00 -24.66
CA LEU C 879 25.06 66.12 -24.62
C LEU C 879 25.40 66.67 -26.01
N THR C 880 25.29 65.87 -27.05
CA THR C 880 25.36 66.41 -28.40
C THR C 880 24.12 67.25 -28.67
N PRO C 881 24.27 68.39 -29.36
CA PRO C 881 23.15 69.36 -29.40
C PRO C 881 22.01 68.94 -30.30
N GLY C 882 22.25 68.11 -31.31
CA GLY C 882 21.19 67.75 -32.22
C GLY C 882 20.42 66.50 -31.90
N LEU C 883 20.76 65.84 -30.79
CA LEU C 883 20.18 64.54 -30.45
C LEU C 883 19.53 64.59 -29.08
N PHE C 884 18.85 65.69 -28.77
CA PHE C 884 18.26 65.88 -27.45
C PHE C 884 17.08 64.95 -27.21
N ASP C 885 16.17 64.85 -28.18
CA ASP C 885 15.00 64.00 -27.99
C ASP C 885 15.35 62.52 -28.02
N LEU C 886 16.48 62.15 -28.62
CA LEU C 886 16.91 60.77 -28.57
C LEU C 886 17.29 60.35 -27.16
N GLY C 887 18.08 61.17 -26.46
CA GLY C 887 18.37 60.90 -25.07
C GLY C 887 17.16 61.03 -24.18
N ARG C 888 16.21 61.87 -24.58
CA ARG C 888 14.97 62.04 -23.82
C ARG C 888 14.14 60.77 -23.80
N THR C 889 14.24 59.93 -24.85
CA THR C 889 13.52 58.67 -24.86
C THR C 889 14.34 57.51 -24.33
N VAL C 890 15.66 57.54 -24.49
CA VAL C 890 16.48 56.44 -24.00
C VAL C 890 16.51 56.41 -22.48
N LEU C 891 16.47 57.57 -21.83
CA LEU C 891 16.36 57.57 -20.38
C LEU C 891 15.02 57.07 -19.88
N CYS C 892 13.97 57.14 -20.69
CA CYS C 892 12.67 56.60 -20.28
C CYS C 892 12.69 55.08 -20.30
N LEU C 893 13.22 54.49 -21.37
CA LEU C 893 13.41 53.04 -21.37
C LEU C 893 14.40 52.60 -20.30
N ASP C 894 15.36 53.45 -19.96
CA ASP C 894 16.29 53.11 -18.90
C ASP C 894 15.62 53.13 -17.54
N PHE C 895 14.63 54.00 -17.34
CA PHE C 895 13.92 54.00 -16.07
C PHE C 895 13.09 52.75 -15.89
N MET C 896 12.63 52.14 -16.98
CA MET C 896 11.99 50.84 -16.85
C MET C 896 12.99 49.79 -16.38
N ILE C 897 14.20 49.81 -16.93
CA ILE C 897 15.15 48.75 -16.59
C ILE C 897 15.68 48.93 -15.17
N PHE C 898 15.73 50.15 -14.65
CA PHE C 898 16.08 50.30 -13.24
C PHE C 898 14.97 49.86 -12.30
N THR C 899 13.71 49.99 -12.71
CA THR C 899 12.64 49.58 -11.82
C THR C 899 12.32 48.10 -11.88
N LEU C 900 12.82 47.38 -12.86
CA LEU C 900 12.71 45.93 -12.82
C LEU C 900 13.83 45.27 -12.05
N ARG C 901 14.64 46.11 -11.40
CA ARG C 901 15.66 45.68 -10.47
C ARG C 901 15.02 45.18 -9.17
N LEU C 902 13.96 45.88 -8.74
CA LEU C 902 13.30 45.61 -7.46
C LEU C 902 12.70 44.22 -7.39
N LEU C 903 12.53 43.55 -8.51
CA LEU C 903 12.05 42.17 -8.44
C LEU C 903 13.14 41.22 -7.99
N HIS C 904 14.40 41.56 -8.26
CA HIS C 904 15.51 40.72 -7.81
C HIS C 904 15.94 41.04 -6.40
N ILE C 905 15.73 42.29 -5.95
CA ILE C 905 16.12 42.64 -4.59
C ILE C 905 15.25 41.91 -3.57
N PHE C 906 13.96 41.76 -3.85
CA PHE C 906 13.06 41.17 -2.87
C PHE C 906 12.92 39.67 -3.00
N THR C 907 13.89 38.98 -3.57
CA THR C 907 13.78 37.53 -3.49
C THR C 907 14.28 37.00 -2.17
N VAL C 908 14.93 37.85 -1.36
CA VAL C 908 15.45 37.44 -0.08
C VAL C 908 14.32 37.21 0.92
N ASN C 909 13.20 37.90 0.74
CA ASN C 909 12.13 38.01 1.72
C ASN C 909 11.43 36.66 1.90
N LYS C 910 10.74 36.53 3.03
CA LYS C 910 10.16 35.26 3.41
C LYS C 910 8.85 34.98 2.70
N GLN C 911 7.96 35.96 2.58
CA GLN C 911 6.69 35.76 1.93
C GLN C 911 6.71 36.03 0.44
N LEU C 912 7.38 37.09 -0.01
CA LEU C 912 7.42 37.37 -1.43
C LEU C 912 8.51 36.60 -2.15
N GLY C 913 9.24 35.74 -1.46
CA GLY C 913 10.34 35.02 -2.03
C GLY C 913 10.00 34.02 -3.12
N PRO C 914 9.34 32.91 -2.75
CA PRO C 914 9.10 31.85 -3.74
C PRO C 914 8.13 32.25 -4.83
N LYS C 915 7.25 33.21 -4.55
CA LYS C 915 6.28 33.61 -5.55
C LYS C 915 6.92 34.47 -6.63
N ILE C 916 8.05 35.12 -6.33
CA ILE C 916 8.80 35.81 -7.38
C ILE C 916 9.59 34.81 -8.20
N VAL C 917 10.08 33.75 -7.56
CA VAL C 917 10.89 32.75 -8.28
C VAL C 917 10.05 31.98 -9.30
N ILE C 918 8.78 31.72 -8.98
CA ILE C 918 7.91 30.89 -9.83
C ILE C 918 7.59 31.54 -11.17
N VAL C 919 7.49 32.87 -11.23
CA VAL C 919 6.95 33.59 -12.38
C VAL C 919 7.74 33.32 -13.66
N SER C 920 9.05 33.16 -13.54
CA SER C 920 9.88 32.87 -14.71
C SER C 920 9.64 31.48 -15.29
N LYS C 921 9.12 30.55 -14.51
CA LYS C 921 8.83 29.21 -15.03
C LYS C 921 7.45 29.12 -15.66
N MET C 922 6.76 30.23 -15.84
CA MET C 922 5.46 30.22 -16.49
C MET C 922 5.55 30.77 -17.90
N MET C 923 6.71 31.25 -18.31
CA MET C 923 6.86 31.99 -19.55
C MET C 923 6.84 31.11 -20.79
N LYS C 924 6.76 29.80 -20.64
CA LYS C 924 6.60 28.97 -21.83
C LYS C 924 5.16 28.97 -22.31
N ASP C 925 4.20 29.10 -21.40
CA ASP C 925 2.80 29.07 -21.79
C ASP C 925 2.36 30.40 -22.35
N VAL C 926 2.98 31.51 -21.92
CA VAL C 926 2.72 32.80 -22.51
C VAL C 926 3.25 32.83 -23.94
N PHE C 927 4.37 32.17 -24.18
CA PHE C 927 4.93 32.10 -25.52
C PHE C 927 4.09 31.24 -26.44
N PHE C 928 3.47 30.19 -25.92
CA PHE C 928 2.49 29.46 -26.72
C PHE C 928 1.29 30.33 -27.05
N PHE C 929 0.82 31.11 -26.09
CA PHE C 929 -0.35 31.96 -26.33
C PHE C 929 -0.06 33.04 -27.35
N LEU C 930 1.15 33.61 -27.32
CA LEU C 930 1.52 34.57 -28.35
C LEU C 930 1.62 33.94 -29.71
N PHE C 931 2.02 32.66 -29.78
CA PHE C 931 2.04 31.97 -31.05
C PHE C 931 0.64 31.84 -31.64
N PHE C 932 -0.30 31.30 -30.86
CA PHE C 932 -1.62 31.03 -31.40
C PHE C 932 -2.36 32.32 -31.66
N LEU C 933 -2.05 33.36 -30.88
CA LEU C 933 -2.71 34.65 -31.09
C LEU C 933 -2.22 35.31 -32.37
N CYS C 934 -0.93 35.24 -32.67
CA CYS C 934 -0.42 35.90 -33.87
C CYS C 934 -0.88 35.20 -35.14
N VAL C 935 -1.03 33.87 -35.11
CA VAL C 935 -1.62 33.16 -36.24
C VAL C 935 -3.05 33.63 -36.47
N TRP C 936 -3.83 33.69 -35.40
CA TRP C 936 -5.23 34.07 -35.54
C TRP C 936 -5.41 35.57 -35.77
N LEU C 937 -4.45 36.39 -35.38
CA LEU C 937 -4.58 37.84 -35.53
C LEU C 937 -4.33 38.23 -36.98
N VAL C 938 -3.37 37.58 -37.62
CA VAL C 938 -3.13 37.77 -39.05
C VAL C 938 -4.31 37.25 -39.86
N ALA C 939 -4.81 36.07 -39.50
CA ALA C 939 -5.91 35.43 -40.24
C ALA C 939 -7.17 36.28 -40.21
N TYR C 940 -7.52 36.81 -39.04
CA TYR C 940 -8.69 37.67 -38.94
C TYR C 940 -8.44 39.01 -39.61
N GLY C 941 -7.25 39.57 -39.41
CA GLY C 941 -7.03 40.97 -39.74
C GLY C 941 -7.02 41.24 -41.23
N VAL C 942 -6.31 40.41 -41.99
CA VAL C 942 -6.22 40.64 -43.43
C VAL C 942 -7.53 40.28 -44.11
N ALA C 943 -8.31 39.39 -43.52
CA ALA C 943 -9.60 39.04 -44.09
C ALA C 943 -10.58 40.19 -44.01
N THR C 944 -10.73 40.81 -42.83
CA THR C 944 -11.61 41.98 -42.73
C THR C 944 -11.04 43.18 -43.45
N GLU C 945 -9.73 43.21 -43.67
CA GLU C 945 -9.16 44.31 -44.41
C GLU C 945 -9.39 44.14 -45.89
N GLY C 946 -9.42 42.90 -46.38
CA GLY C 946 -9.67 42.67 -47.78
C GLY C 946 -11.12 42.78 -48.18
N ILE C 947 -12.01 42.32 -47.29
CA ILE C 947 -13.45 42.30 -47.57
C ILE C 947 -14.00 43.70 -47.75
N LEU C 948 -13.58 44.60 -46.88
CA LEU C 948 -13.97 45.98 -46.98
C LEU C 948 -12.62 46.63 -47.22
N ARG C 949 -12.49 47.32 -48.34
CA ARG C 949 -11.20 47.92 -48.64
C ARG C 949 -11.31 49.41 -48.45
N PRO C 950 -10.50 49.96 -47.55
CA PRO C 950 -10.58 51.40 -47.37
C PRO C 950 -9.86 52.12 -48.48
N GLN C 951 -9.95 53.45 -48.51
CA GLN C 951 -9.33 54.24 -49.56
C GLN C 951 -8.03 54.91 -49.13
N ASP C 952 -7.80 55.05 -47.84
CA ASP C 952 -6.57 55.63 -47.32
C ASP C 952 -5.59 54.51 -47.07
N ARG C 953 -4.66 54.31 -48.00
CA ARG C 953 -3.85 53.10 -48.02
C ARG C 953 -2.37 53.34 -47.77
N SER C 954 -2.03 54.18 -46.81
CA SER C 954 -0.64 54.27 -46.40
C SER C 954 -0.22 52.97 -45.72
N LEU C 955 1.09 52.70 -45.78
CA LEU C 955 1.60 51.47 -45.16
C LEU C 955 1.44 51.41 -43.64
N PRO C 956 1.76 52.45 -42.85
CA PRO C 956 1.50 52.32 -41.41
C PRO C 956 0.04 52.34 -41.05
N SER C 957 -0.82 52.85 -41.93
CA SER C 957 -2.23 52.88 -41.61
C SER C 957 -2.85 51.50 -41.76
N ILE C 958 -2.45 50.75 -42.79
CA ILE C 958 -3.01 49.41 -42.92
C ILE C 958 -2.37 48.45 -41.93
N LEU C 959 -1.13 48.71 -41.50
CA LEU C 959 -0.57 47.88 -40.43
C LEU C 959 -1.25 48.15 -39.11
N ARG C 960 -1.70 49.39 -38.89
CA ARG C 960 -2.53 49.70 -37.73
C ARG C 960 -3.83 48.93 -37.78
N ARG C 961 -4.59 49.06 -38.88
CA ARG C 961 -5.90 48.45 -38.91
C ARG C 961 -5.87 46.98 -39.31
N VAL C 962 -4.72 46.32 -39.23
CA VAL C 962 -4.63 44.86 -39.32
C VAL C 962 -4.18 44.25 -38.00
N PHE C 963 -3.14 44.83 -37.38
CA PHE C 963 -2.57 44.25 -36.17
C PHE C 963 -2.98 44.94 -34.88
N TYR C 964 -3.56 46.13 -34.94
CA TYR C 964 -3.76 46.91 -33.74
C TYR C 964 -5.23 47.13 -33.39
N ARG C 965 -6.15 47.03 -34.35
CA ARG C 965 -7.55 46.84 -33.97
C ARG C 965 -7.80 45.52 -33.25
N PRO C 966 -7.44 44.33 -33.76
CA PRO C 966 -7.92 43.11 -33.11
C PRO C 966 -7.22 42.83 -31.80
N TYR C 967 -5.98 43.30 -31.63
CA TYR C 967 -5.30 43.11 -30.37
C TYR C 967 -5.98 43.87 -29.26
N LEU C 968 -6.49 45.05 -29.53
CA LEU C 968 -7.30 45.72 -28.53
C LEU C 968 -8.71 45.19 -28.47
N GLN C 969 -9.15 44.40 -29.45
CA GLN C 969 -10.47 43.81 -29.35
C GLN C 969 -10.54 42.70 -28.32
N ILE C 970 -9.43 42.01 -28.03
CA ILE C 970 -9.52 40.97 -27.02
C ILE C 970 -9.49 41.52 -25.61
N PHE C 971 -9.22 42.80 -25.43
CA PHE C 971 -9.25 43.42 -24.11
C PHE C 971 -10.48 44.29 -23.91
N GLY C 972 -11.53 44.08 -24.70
CA GLY C 972 -12.79 44.76 -24.48
C GLY C 972 -12.96 46.06 -25.23
N GLN C 973 -12.01 46.46 -26.06
CA GLN C 973 -12.09 47.68 -26.84
C GLN C 973 -12.50 47.29 -28.27
N ILE C 974 -13.79 47.34 -28.55
CA ILE C 974 -14.33 46.92 -29.83
C ILE C 974 -14.85 48.13 -30.60
N PRO C 975 -14.25 48.49 -31.73
CA PRO C 975 -14.83 49.56 -32.56
C PRO C 975 -15.91 49.01 -33.47
N GLN C 976 -17.11 49.56 -33.32
CA GLN C 976 -18.21 49.10 -34.16
C GLN C 976 -18.51 50.05 -35.29
N GLU C 977 -18.26 51.34 -35.10
CA GLU C 977 -18.60 52.35 -36.07
C GLU C 977 -17.65 52.39 -37.24
N GLU C 978 -16.62 51.57 -37.23
CA GLU C 978 -15.58 51.61 -38.25
C GLU C 978 -15.66 50.45 -39.22
N MET C 979 -16.54 49.47 -38.98
CA MET C 979 -16.65 48.34 -39.88
C MET C 979 -18.07 47.81 -40.03
N ASP C 980 -19.08 48.67 -39.95
CA ASP C 980 -20.46 48.19 -40.04
C ASP C 980 -21.31 49.23 -40.74
N VAL C 981 -22.02 48.82 -41.80
CA VAL C 981 -22.81 49.74 -42.61
C VAL C 981 -23.96 50.37 -41.82
N ALA C 982 -24.64 49.57 -41.00
CA ALA C 982 -25.80 50.08 -40.27
C ALA C 982 -25.44 51.11 -39.21
N LEU C 983 -24.17 51.28 -38.88
CA LEU C 983 -23.73 52.33 -37.97
C LEU C 983 -23.01 53.46 -38.68
N MET C 984 -22.76 53.33 -39.98
CA MET C 984 -22.13 54.38 -40.77
C MET C 984 -23.19 55.13 -41.56
N ILE C 985 -22.81 56.30 -42.05
CA ILE C 985 -23.67 57.07 -42.94
C ILE C 985 -23.22 56.81 -44.37
N PRO C 986 -24.13 56.50 -45.28
CA PRO C 986 -23.74 56.17 -46.65
C PRO C 986 -23.42 57.43 -47.44
N GLY C 987 -23.05 57.23 -48.69
CA GLY C 987 -22.68 58.34 -49.53
C GLY C 987 -21.81 57.90 -50.68
N ASN C 988 -21.72 58.79 -51.68
CA ASN C 988 -20.97 58.52 -52.90
C ASN C 988 -19.59 59.17 -52.77
N CYS C 989 -18.83 58.64 -51.82
CA CYS C 989 -17.56 59.25 -51.44
C CYS C 989 -16.37 58.73 -52.23
N SER C 990 -16.57 57.81 -53.15
CA SER C 990 -15.51 57.26 -53.97
C SER C 990 -15.75 57.57 -55.44
N MET C 991 -14.83 57.11 -56.28
CA MET C 991 -14.91 57.25 -57.73
C MET C 991 -14.64 55.92 -58.40
N GLU C 992 -15.31 54.87 -57.91
CA GLU C 992 -15.14 53.53 -58.44
C GLU C 992 -16.51 52.87 -58.42
N ARG C 993 -16.63 51.79 -59.21
CA ARG C 993 -17.88 51.04 -59.30
C ARG C 993 -18.24 50.40 -57.96
N GLY C 994 -19.48 50.60 -57.54
CA GLY C 994 -20.01 49.94 -56.37
C GLY C 994 -20.63 50.92 -55.39
N SER C 995 -21.05 50.37 -54.25
CA SER C 995 -21.64 51.14 -53.17
C SER C 995 -20.60 51.34 -52.07
N TRP C 996 -20.73 52.43 -51.33
CA TRP C 996 -19.72 52.83 -50.36
C TRP C 996 -20.38 53.40 -49.13
N ALA C 997 -19.55 53.75 -48.14
CA ALA C 997 -20.01 54.32 -46.89
C ALA C 997 -18.92 55.24 -46.34
N HIS C 998 -19.20 55.85 -45.19
CA HIS C 998 -18.29 56.84 -44.64
C HIS C 998 -18.05 56.57 -43.17
N PRO C 999 -16.91 56.01 -42.78
CA PRO C 999 -16.70 55.63 -41.38
C PRO C 999 -16.37 56.84 -40.51
N GLU C 1000 -16.33 56.58 -39.21
CA GLU C 1000 -16.06 57.59 -38.20
C GLU C 1000 -14.67 57.36 -37.60
N GLY C 1001 -13.88 58.42 -37.52
CA GLY C 1001 -12.56 58.33 -36.96
C GLY C 1001 -11.50 58.53 -38.01
N PRO C 1002 -10.40 59.20 -37.65
CA PRO C 1002 -9.37 59.54 -38.64
C PRO C 1002 -8.45 58.39 -39.02
N VAL C 1003 -8.71 57.16 -38.58
CA VAL C 1003 -7.81 56.04 -38.82
C VAL C 1003 -8.46 54.90 -39.59
N ALA C 1004 -9.79 54.90 -39.71
CA ALA C 1004 -10.49 53.81 -40.38
C ALA C 1004 -10.63 54.04 -41.87
N GLY C 1005 -9.83 54.92 -42.45
CA GLY C 1005 -10.00 55.27 -43.85
C GLY C 1005 -11.10 56.28 -44.04
N SER C 1006 -11.28 56.69 -45.28
CA SER C 1006 -12.32 57.65 -45.63
C SER C 1006 -13.57 57.01 -46.20
N CYS C 1007 -13.44 55.86 -46.86
CA CYS C 1007 -14.57 55.17 -47.45
C CYS C 1007 -14.41 53.69 -47.21
N VAL C 1008 -15.53 52.98 -47.16
CA VAL C 1008 -15.57 51.55 -46.85
C VAL C 1008 -16.62 50.93 -47.74
N SER C 1009 -16.28 49.82 -48.39
CA SER C 1009 -17.22 49.14 -49.27
C SER C 1009 -18.37 48.54 -48.49
N GLN C 1010 -19.58 48.62 -49.05
CA GLN C 1010 -20.76 48.06 -48.41
C GLN C 1010 -21.01 46.62 -48.79
N TYR C 1011 -20.13 46.01 -49.57
CA TYR C 1011 -20.43 44.71 -50.14
C TYR C 1011 -20.16 43.62 -49.12
N ALA C 1012 -21.19 42.82 -48.84
CA ALA C 1012 -21.13 41.63 -47.98
C ALA C 1012 -20.64 41.97 -46.58
N ASN C 1013 -21.26 43.00 -45.99
CA ASN C 1013 -20.81 43.44 -44.68
C ASN C 1013 -21.33 42.53 -43.57
N TRP C 1014 -22.30 41.67 -43.87
CA TRP C 1014 -22.68 40.64 -42.92
C TRP C 1014 -21.56 39.66 -42.67
N LEU C 1015 -20.69 39.43 -43.65
CA LEU C 1015 -19.57 38.52 -43.44
C LEU C 1015 -18.53 39.11 -42.51
N VAL C 1016 -18.39 40.43 -42.48
CA VAL C 1016 -17.49 41.05 -41.52
C VAL C 1016 -18.06 40.95 -40.12
N VAL C 1017 -19.38 41.04 -39.99
CA VAL C 1017 -20.01 40.84 -38.70
C VAL C 1017 -19.81 39.40 -38.21
N LEU C 1018 -19.84 38.43 -39.12
CA LEU C 1018 -19.56 37.05 -38.72
C LEU C 1018 -18.11 36.83 -38.37
N LEU C 1019 -17.16 37.48 -39.05
CA LEU C 1019 -15.77 37.31 -38.66
C LEU C 1019 -15.48 37.97 -37.32
N LEU C 1020 -16.25 39.00 -36.96
CA LEU C 1020 -16.09 39.57 -35.64
C LEU C 1020 -16.60 38.63 -34.56
N ILE C 1021 -17.68 37.90 -34.85
CA ILE C 1021 -18.22 36.97 -33.87
C ILE C 1021 -17.29 35.78 -33.66
N VAL C 1022 -16.77 35.22 -34.76
CA VAL C 1022 -15.86 34.08 -34.67
C VAL C 1022 -14.54 34.48 -34.03
N PHE C 1023 -14.09 35.72 -34.24
CA PHE C 1023 -12.87 36.17 -33.58
C PHE C 1023 -13.06 36.30 -32.07
N LEU C 1024 -14.19 36.87 -31.64
CA LEU C 1024 -14.42 37.03 -30.22
C LEU C 1024 -14.62 35.70 -29.53
N LEU C 1025 -15.16 34.71 -30.24
CA LEU C 1025 -15.31 33.37 -29.69
C LEU C 1025 -13.95 32.72 -29.46
N VAL C 1026 -13.11 32.68 -30.50
CA VAL C 1026 -11.85 31.95 -30.40
C VAL C 1026 -10.86 32.67 -29.48
N ALA C 1027 -10.87 34.00 -29.49
CA ALA C 1027 -9.92 34.71 -28.64
C ALA C 1027 -10.39 34.80 -27.20
N ASN C 1028 -11.54 35.40 -26.95
CA ASN C 1028 -11.94 35.66 -25.57
C ASN C 1028 -12.46 34.45 -24.82
N ILE C 1029 -12.65 33.30 -25.46
CA ILE C 1029 -13.23 32.14 -24.79
C ILE C 1029 -12.31 30.93 -24.86
N LEU C 1030 -11.91 30.52 -26.07
CA LEU C 1030 -10.97 29.41 -26.19
C LEU C 1030 -9.61 29.74 -25.58
N LEU C 1031 -8.95 30.76 -26.08
CA LEU C 1031 -7.54 30.95 -25.75
C LEU C 1031 -7.32 31.43 -24.33
N LEU C 1032 -8.08 32.40 -23.86
CA LEU C 1032 -7.87 32.89 -22.51
C LEU C 1032 -8.28 31.86 -21.46
N ASN C 1033 -9.34 31.10 -21.69
CA ASN C 1033 -9.69 30.12 -20.67
C ASN C 1033 -8.80 28.89 -20.76
N LEU C 1034 -8.27 28.58 -21.94
CA LEU C 1034 -7.26 27.54 -22.02
C LEU C 1034 -5.97 27.97 -21.34
N LEU C 1035 -5.66 29.26 -21.37
CA LEU C 1035 -4.43 29.73 -20.75
C LEU C 1035 -4.52 29.67 -19.23
N ILE C 1036 -5.70 29.90 -18.67
CA ILE C 1036 -5.88 29.73 -17.23
C ILE C 1036 -5.75 28.26 -16.86
N ALA C 1037 -6.14 27.36 -17.76
CA ALA C 1037 -5.97 25.93 -17.51
C ALA C 1037 -4.50 25.52 -17.47
N MET C 1038 -3.69 26.06 -18.37
CA MET C 1038 -2.27 25.68 -18.38
C MET C 1038 -1.49 26.32 -17.24
N PHE C 1039 -1.90 27.50 -16.78
CA PHE C 1039 -1.22 28.04 -15.61
C PHE C 1039 -1.58 27.29 -14.35
N SER C 1040 -2.81 26.78 -14.24
CA SER C 1040 -3.17 26.03 -13.05
C SER C 1040 -2.46 24.68 -13.00
N TYR C 1041 -2.28 24.06 -14.16
CA TYR C 1041 -1.58 22.77 -14.20
C TYR C 1041 -0.10 22.93 -13.93
N THR C 1042 0.53 23.94 -14.54
CA THR C 1042 1.97 24.11 -14.38
C THR C 1042 2.32 24.52 -12.95
N PHE C 1043 1.50 25.41 -12.36
CA PHE C 1043 1.79 25.90 -11.02
C PHE C 1043 1.65 24.79 -9.98
N SER C 1044 0.64 23.95 -10.14
CA SER C 1044 0.52 22.81 -9.23
C SER C 1044 1.59 21.77 -9.46
N LYS C 1045 2.29 21.81 -10.59
CA LYS C 1045 3.33 20.83 -10.84
C LYS C 1045 4.71 21.30 -10.36
N VAL C 1046 5.03 22.59 -10.49
CA VAL C 1046 6.37 23.08 -10.18
C VAL C 1046 6.46 23.79 -8.86
N HIS C 1047 5.41 23.77 -8.04
CA HIS C 1047 5.46 24.49 -6.77
C HIS C 1047 6.44 23.87 -5.80
N GLY C 1048 6.55 22.54 -5.78
CA GLY C 1048 7.44 21.89 -4.84
C GLY C 1048 8.91 22.07 -5.21
N ASN C 1049 9.22 21.98 -6.49
CA ASN C 1049 10.60 22.18 -6.92
C ASN C 1049 11.05 23.61 -6.75
N SER C 1050 10.15 24.57 -6.89
CA SER C 1050 10.58 25.95 -6.71
C SER C 1050 10.74 26.31 -5.24
N ASP C 1051 10.16 25.55 -4.32
CA ASP C 1051 10.51 25.78 -2.93
C ASP C 1051 11.82 25.12 -2.55
N LEU C 1052 12.14 23.97 -3.14
CA LEU C 1052 13.48 23.40 -2.89
C LEU C 1052 14.56 24.29 -3.48
N TYR C 1053 14.30 24.87 -4.64
CA TYR C 1053 15.30 25.74 -5.25
C TYR C 1053 15.44 27.05 -4.50
N TRP C 1054 14.34 27.58 -3.97
CA TRP C 1054 14.44 28.85 -3.27
C TRP C 1054 15.13 28.70 -1.92
N LYS C 1055 14.85 27.62 -1.19
CA LYS C 1055 15.46 27.45 0.11
C LYS C 1055 16.96 27.18 0.02
N ALA C 1056 17.41 26.65 -1.11
CA ALA C 1056 18.85 26.52 -1.32
C ALA C 1056 19.48 27.87 -1.63
N GLN C 1057 18.83 28.68 -2.46
CA GLN C 1057 19.42 29.97 -2.83
C GLN C 1057 19.32 31.00 -1.73
N ARG C 1058 18.55 30.72 -0.68
CA ARG C 1058 18.32 31.71 0.37
C ARG C 1058 19.56 31.92 1.21
N TYR C 1059 20.43 30.92 1.30
CA TYR C 1059 21.71 31.08 1.98
C TYR C 1059 22.62 32.05 1.25
N SER C 1060 22.83 31.85 -0.05
CA SER C 1060 23.77 32.70 -0.79
C SER C 1060 23.30 34.14 -0.89
N LEU C 1061 21.99 34.37 -0.82
CA LEU C 1061 21.50 35.74 -0.78
C LEU C 1061 21.84 36.41 0.56
N ILE C 1062 21.65 35.67 1.67
CA ILE C 1062 21.97 36.21 2.98
C ILE C 1062 23.46 36.48 3.11
N ARG C 1063 24.29 35.60 2.55
CA ARG C 1063 25.73 35.78 2.60
C ARG C 1063 26.17 36.99 1.79
N GLU C 1064 25.42 37.32 0.74
CA GLU C 1064 25.72 38.52 -0.04
C GLU C 1064 25.49 39.79 0.79
N PHE C 1065 24.38 39.87 1.52
CA PHE C 1065 24.17 41.05 2.35
C PHE C 1065 25.08 41.05 3.57
N HIS C 1066 25.61 39.91 3.97
CA HIS C 1066 26.49 39.87 5.13
C HIS C 1066 27.87 40.38 4.79
N SER C 1067 28.31 40.24 3.54
CA SER C 1067 29.64 40.65 3.13
C SER C 1067 29.63 41.95 2.33
N ARG C 1068 28.79 42.91 2.69
CA ARG C 1068 28.62 44.21 2.09
C ARG C 1068 29.04 45.31 3.07
N PRO C 1069 29.78 46.33 2.60
CA PRO C 1069 30.11 47.47 3.47
C PRO C 1069 28.87 48.24 3.90
N ALA C 1070 28.58 48.24 5.20
CA ALA C 1070 27.29 48.68 5.73
C ALA C 1070 27.20 50.19 5.66
N LEU C 1071 26.93 50.67 4.45
CA LEU C 1071 26.83 52.09 4.18
C LEU C 1071 25.99 52.25 2.93
N ALA C 1072 25.28 53.36 2.83
CA ALA C 1072 24.33 53.55 1.74
C ALA C 1072 25.06 53.88 0.44
N PRO C 1073 24.50 53.49 -0.70
CA PRO C 1073 25.08 53.87 -2.02
C PRO C 1073 25.17 55.36 -2.30
N PRO C 1074 24.31 56.26 -1.74
CA PRO C 1074 24.67 57.68 -1.84
C PRO C 1074 25.82 58.08 -0.93
N LEU C 1075 26.23 57.22 -0.01
CA LEU C 1075 27.36 57.50 0.88
C LEU C 1075 28.51 56.51 0.71
N ILE C 1076 28.45 55.64 -0.31
CA ILE C 1076 29.38 54.51 -0.37
C ILE C 1076 30.75 54.90 -0.90
N ILE C 1077 30.96 56.18 -1.21
CA ILE C 1077 32.28 56.61 -1.66
C ILE C 1077 33.29 56.60 -0.52
N ILE C 1078 32.83 56.56 0.74
CA ILE C 1078 33.74 56.43 1.87
C ILE C 1078 34.45 55.07 1.81
N SER C 1079 33.69 54.01 1.54
CA SER C 1079 34.28 52.68 1.47
C SER C 1079 35.17 52.52 0.24
N HIS C 1080 34.83 53.18 -0.87
CA HIS C 1080 35.70 53.12 -2.03
C HIS C 1080 36.97 53.95 -1.86
N VAL C 1081 36.91 55.01 -1.06
CA VAL C 1081 38.13 55.74 -0.71
C VAL C 1081 39.06 54.85 0.11
N ARG C 1082 38.53 54.24 1.17
CA ARG C 1082 39.38 53.52 2.11
C ARG C 1082 39.93 52.23 1.49
N LEU C 1083 39.17 51.61 0.60
CA LEU C 1083 39.71 50.44 -0.09
C LEU C 1083 40.64 50.81 -1.24
N LEU C 1084 40.54 52.03 -1.77
CA LEU C 1084 41.55 52.40 -2.76
C LEU C 1084 42.86 52.80 -2.10
N ILE C 1085 42.80 53.29 -0.86
CA ILE C 1085 44.00 53.51 -0.07
C ILE C 1085 44.68 52.17 0.23
N LYS C 1086 43.91 51.18 0.67
CA LYS C 1086 44.48 49.87 0.92
C LYS C 1086 44.86 49.14 -0.35
N TRP C 1087 44.39 49.59 -1.52
CA TRP C 1087 44.90 49.04 -2.76
C TRP C 1087 46.21 49.71 -3.17
N LEU C 1088 46.43 50.97 -2.78
CA LEU C 1088 47.70 51.62 -3.10
C LEU C 1088 48.81 51.18 -2.15
N ARG C 1089 48.47 50.56 -1.03
CA ARG C 1089 49.50 49.90 -0.22
C ARG C 1089 49.85 48.53 -0.76
N ARG C 1090 49.05 47.97 -1.68
CA ARG C 1090 49.34 46.68 -2.28
C ARG C 1090 49.35 46.79 -3.81
N LEU C 1112 36.73 27.94 17.42
CA LEU C 1112 36.50 27.25 18.68
C LEU C 1112 37.82 26.73 19.26
N SER C 1113 37.86 26.62 20.59
CA SER C 1113 39.05 26.09 21.25
C SER C 1113 39.12 24.58 21.08
N LYS C 1114 40.19 23.99 21.63
CA LYS C 1114 40.39 22.56 21.46
C LYS C 1114 39.42 21.74 22.31
N GLU C 1115 39.25 22.09 23.58
CA GLU C 1115 38.31 21.35 24.42
C GLU C 1115 36.87 21.64 24.02
N ALA C 1116 36.62 22.76 23.35
CA ALA C 1116 35.31 22.99 22.75
C ALA C 1116 35.06 22.03 21.60
N GLU C 1117 36.08 21.78 20.77
CA GLU C 1117 35.93 20.81 19.69
C GLU C 1117 35.79 19.39 20.22
N ARG C 1118 36.51 19.04 21.28
CA ARG C 1118 36.42 17.69 21.81
C ARG C 1118 35.06 17.44 22.44
N LYS C 1119 34.54 18.41 23.19
CA LYS C 1119 33.22 18.24 23.80
C LYS C 1119 32.12 18.24 22.75
N LEU C 1120 32.29 19.01 21.68
CA LEU C 1120 31.29 19.03 20.62
C LEU C 1120 31.29 17.74 19.81
N LEU C 1121 32.48 17.27 19.44
CA LEU C 1121 32.54 16.10 18.57
C LEU C 1121 32.20 14.82 19.32
N THR C 1122 32.44 14.75 20.63
CA THR C 1122 31.94 13.61 21.37
C THR C 1122 30.43 13.66 21.55
N TRP C 1123 29.87 14.87 21.67
CA TRP C 1123 28.42 15.01 21.67
C TRP C 1123 27.83 14.56 20.34
N GLU C 1124 28.50 14.90 19.24
CA GLU C 1124 28.06 14.48 17.92
C GLU C 1124 28.13 12.97 17.75
N SER C 1125 29.19 12.35 18.28
CA SER C 1125 29.33 10.91 18.11
C SER C 1125 28.37 10.13 19.00
N VAL C 1126 27.93 10.72 20.11
CA VAL C 1126 26.90 10.07 20.93
C VAL C 1126 25.58 9.99 20.18
N HIS C 1127 25.15 11.10 19.57
CA HIS C 1127 23.92 11.06 18.80
C HIS C 1127 24.04 10.26 17.52
N LYS C 1128 25.25 10.11 16.99
CA LYS C 1128 25.46 9.20 15.87
C LYS C 1128 25.21 7.76 16.27
N GLU C 1129 25.67 7.37 17.45
CA GLU C 1129 25.51 5.98 17.88
C GLU C 1129 24.05 5.65 18.17
N ASN C 1130 23.31 6.58 18.77
CA ASN C 1130 21.89 6.33 19.02
C ASN C 1130 21.10 6.27 17.73
N PHE C 1131 21.52 7.03 16.72
CA PHE C 1131 20.86 6.96 15.43
C PHE C 1131 21.07 5.61 14.75
N LEU C 1132 22.27 5.05 14.83
CA LEU C 1132 22.51 3.78 14.17
C LEU C 1132 21.83 2.62 14.88
N LEU C 1133 21.68 2.69 16.20
CA LEU C 1133 20.95 1.64 16.89
C LEU C 1133 19.47 1.69 16.55
N ALA C 1134 18.91 2.89 16.39
CA ALA C 1134 17.49 3.00 16.05
C ALA C 1134 17.23 2.53 14.63
N GLN C 1135 18.16 2.77 13.71
CA GLN C 1135 18.00 2.28 12.34
C GLN C 1135 18.05 0.77 12.27
N ALA C 1136 18.97 0.15 13.00
CA ALA C 1136 19.09 -1.30 12.96
C ALA C 1136 17.89 -1.98 13.61
N ARG C 1137 17.32 -1.37 14.65
CA ARG C 1137 16.14 -1.97 15.27
C ARG C 1137 14.92 -1.86 14.37
N ASP C 1138 14.76 -0.73 13.68
CA ASP C 1138 13.61 -0.58 12.80
C ASP C 1138 13.74 -1.47 11.58
N LYS C 1139 14.97 -1.74 11.14
CA LYS C 1139 15.16 -2.68 10.04
C LYS C 1139 14.91 -4.11 10.48
N ARG C 1140 15.36 -4.48 11.68
CA ARG C 1140 15.25 -5.86 12.15
C ARG C 1140 13.81 -6.28 12.36
N ASP C 1141 12.95 -5.36 12.77
CA ASP C 1141 11.57 -5.70 13.03
C ASP C 1141 10.64 -5.37 11.87
N SER C 1142 11.16 -5.25 10.66
CA SER C 1142 10.26 -5.18 9.51
C SER C 1142 9.76 -6.58 9.20
N ASP C 1143 8.70 -6.64 8.38
CA ASP C 1143 8.07 -7.93 8.13
C ASP C 1143 8.86 -8.78 7.16
N SER C 1144 9.58 -8.15 6.23
CA SER C 1144 10.37 -8.92 5.28
C SER C 1144 11.59 -9.56 5.95
N GLU C 1145 12.18 -8.88 6.93
CA GLU C 1145 13.28 -9.48 7.66
C GLU C 1145 12.82 -10.62 8.55
N ARG C 1146 11.65 -10.49 9.15
CA ARG C 1146 11.05 -11.61 9.88
C ARG C 1146 10.75 -12.77 8.95
N LEU C 1147 10.35 -12.48 7.72
CA LEU C 1147 9.99 -13.54 6.80
C LEU C 1147 11.24 -14.26 6.29
N LYS C 1148 12.36 -13.54 6.18
CA LYS C 1148 13.63 -14.17 5.87
C LYS C 1148 14.04 -15.14 6.97
N ARG C 1149 14.01 -14.68 8.22
CA ARG C 1149 14.57 -15.47 9.31
C ARG C 1149 13.74 -16.69 9.61
N THR C 1150 12.42 -16.59 9.48
CA THR C 1150 11.60 -17.79 9.63
C THR C 1150 11.80 -18.76 8.49
N SER C 1151 12.05 -18.25 7.28
CA SER C 1151 12.34 -19.15 6.16
C SER C 1151 13.63 -19.92 6.39
N GLN C 1152 14.63 -19.26 6.97
CA GLN C 1152 15.87 -19.95 7.28
C GLN C 1152 15.69 -20.93 8.43
N LYS C 1153 14.83 -20.61 9.40
CA LYS C 1153 14.68 -21.49 10.55
C LYS C 1153 13.90 -22.74 10.21
N VAL C 1154 12.90 -22.63 9.34
CA VAL C 1154 12.23 -23.83 8.85
C VAL C 1154 13.17 -24.62 7.97
N ASP C 1155 14.06 -23.94 7.24
CA ASP C 1155 15.01 -24.60 6.35
C ASP C 1155 15.98 -25.47 7.13
N THR C 1156 16.52 -24.94 8.23
CA THR C 1156 17.34 -25.75 9.12
C THR C 1156 16.52 -26.75 9.92
N ALA C 1157 15.21 -26.52 10.07
CA ALA C 1157 14.37 -27.52 10.72
C ALA C 1157 14.20 -28.74 9.83
N LEU C 1158 14.09 -28.54 8.52
CA LEU C 1158 14.08 -29.69 7.62
C LEU C 1158 15.46 -30.30 7.50
N LYS C 1159 16.50 -29.53 7.77
CA LYS C 1159 17.82 -30.14 7.92
C LYS C 1159 17.89 -31.03 9.16
N GLN C 1160 17.10 -30.74 10.20
CA GLN C 1160 17.03 -31.66 11.33
C GLN C 1160 16.22 -32.89 10.99
N LEU C 1161 15.16 -32.74 10.19
CA LEU C 1161 14.24 -33.84 9.96
C LEU C 1161 14.77 -34.87 8.97
N GLY C 1162 15.90 -34.59 8.32
CA GLY C 1162 16.59 -35.67 7.61
C GLY C 1162 17.12 -36.71 8.57
N GLN C 1163 17.51 -36.28 9.77
CA GLN C 1163 17.97 -37.22 10.79
C GLN C 1163 16.81 -38.03 11.37
N ILE C 1164 15.62 -37.45 11.41
CA ILE C 1164 14.46 -38.21 11.87
C ILE C 1164 14.08 -39.29 10.87
N ARG C 1165 14.28 -39.01 9.58
CA ARG C 1165 14.03 -40.03 8.57
C ARG C 1165 15.10 -41.11 8.61
N GLU C 1166 16.35 -40.72 8.88
CA GLU C 1166 17.45 -41.67 8.83
C GLU C 1166 17.51 -42.55 10.07
N TYR C 1167 17.04 -42.04 11.21
CA TYR C 1167 17.12 -42.81 12.44
C TYR C 1167 16.02 -43.84 12.55
N ASP C 1168 14.87 -43.60 11.91
CA ASP C 1168 13.71 -44.47 12.08
C ASP C 1168 13.95 -45.83 11.47
N ARG C 1169 14.52 -45.86 10.27
CA ARG C 1169 14.91 -47.15 9.68
C ARG C 1169 16.09 -47.76 10.43
N ARG C 1170 16.96 -46.92 10.99
CA ARG C 1170 18.08 -47.43 11.77
C ARG C 1170 17.63 -47.93 13.14
N LEU C 1171 16.59 -47.33 13.70
CA LEU C 1171 16.05 -47.86 14.94
C LEU C 1171 15.21 -49.10 14.70
N ARG C 1172 14.58 -49.18 13.52
CA ARG C 1172 13.76 -50.35 13.19
C ARG C 1172 14.62 -51.60 13.07
N GLY C 1173 15.82 -51.44 12.53
CA GLY C 1173 16.77 -52.54 12.54
C GLY C 1173 17.27 -52.82 13.95
N LEU C 1174 17.52 -51.76 14.72
CA LEU C 1174 18.14 -51.92 16.02
C LEU C 1174 17.17 -52.43 17.07
N GLU C 1175 15.88 -52.13 16.89
CA GLU C 1175 14.89 -52.68 17.81
C GLU C 1175 14.71 -54.17 17.57
N ARG C 1176 14.70 -54.60 16.32
CA ARG C 1176 14.58 -56.00 16.02
C ARG C 1176 15.89 -56.75 16.23
N GLU C 1177 17.02 -56.04 16.25
CA GLU C 1177 18.31 -56.70 16.45
C GLU C 1177 18.45 -57.23 17.87
N VAL C 1178 18.06 -56.44 18.86
CA VAL C 1178 17.97 -56.95 20.21
C VAL C 1178 16.81 -57.92 20.35
N GLN C 1179 15.72 -57.70 19.60
CA GLN C 1179 14.60 -58.62 19.62
C GLN C 1179 14.92 -59.93 18.94
N HIS C 1180 15.74 -59.93 17.88
CA HIS C 1180 16.25 -61.20 17.36
C HIS C 1180 17.16 -61.86 18.38
N CYS C 1181 17.96 -61.08 19.10
CA CYS C 1181 18.69 -61.60 20.24
C CYS C 1181 17.75 -61.97 21.38
N SER C 1182 16.64 -61.26 21.55
CA SER C 1182 15.60 -61.71 22.46
C SER C 1182 14.82 -62.90 21.93
N ARG C 1183 14.73 -63.03 20.59
CA ARG C 1183 14.29 -64.29 20.02
C ARG C 1183 15.35 -65.35 20.17
N VAL C 1184 16.64 -64.97 20.07
CA VAL C 1184 17.71 -65.89 20.40
C VAL C 1184 17.74 -66.17 21.90
N LEU C 1185 17.39 -65.18 22.72
CA LEU C 1185 17.21 -65.45 24.15
C LEU C 1185 16.01 -66.36 24.37
N THR C 1186 14.95 -66.18 23.57
CA THR C 1186 13.86 -67.14 23.57
C THR C 1186 14.32 -68.47 23.01
N TRP C 1187 15.23 -68.46 22.03
CA TRP C 1187 15.86 -69.69 21.58
C TRP C 1187 16.82 -70.24 22.63
N MET C 1188 17.45 -69.37 23.41
CA MET C 1188 18.21 -69.81 24.57
C MET C 1188 17.29 -70.36 25.66
N ALA C 1189 16.10 -69.78 25.81
CA ALA C 1189 15.10 -70.38 26.67
C ALA C 1189 14.53 -71.65 26.05
N GLU C 1190 14.50 -71.72 24.72
CA GLU C 1190 14.15 -72.97 24.05
C GLU C 1190 15.27 -73.99 24.16
N ALA C 1191 16.52 -73.54 24.16
CA ALA C 1191 17.64 -74.42 24.44
C ALA C 1191 17.80 -74.71 25.93
N LEU C 1192 17.04 -74.04 26.80
CA LEU C 1192 17.08 -74.30 28.22
C LEU C 1192 16.17 -75.46 28.64
N SER C 1193 15.55 -76.13 27.69
CA SER C 1193 14.64 -77.24 28.01
C SER C 1193 15.41 -78.47 28.45
N PRO D 12 37.84 17.27 36.53
CA PRO D 12 37.32 16.07 37.19
C PRO D 12 38.43 15.09 37.50
N LYS D 13 39.55 15.63 37.97
CA LYS D 13 40.77 14.84 38.17
C LYS D 13 41.46 15.13 39.49
N ILE D 14 41.23 16.30 40.09
CA ILE D 14 41.99 16.66 41.29
C ILE D 14 41.42 15.95 42.52
N PHE D 15 40.09 15.83 42.60
CA PHE D 15 39.51 15.15 43.75
C PHE D 15 39.74 13.65 43.70
N ARG D 16 39.75 13.07 42.51
CA ARG D 16 40.11 11.66 42.38
C ARG D 16 41.61 11.45 42.42
N LYS D 17 42.38 12.53 42.46
CA LYS D 17 43.78 12.43 42.92
C LYS D 17 43.86 12.45 44.44
N LYS D 18 43.05 13.28 45.08
CA LYS D 18 43.27 13.56 46.50
C LYS D 18 42.63 12.54 47.42
N VAL D 19 41.33 12.27 47.24
CA VAL D 19 40.54 11.65 48.30
C VAL D 19 40.92 10.18 48.46
N CYS D 20 41.03 9.46 47.35
CA CYS D 20 41.64 8.15 47.40
C CYS D 20 43.14 8.30 47.62
N THR D 21 43.76 7.26 48.19
CA THR D 21 45.17 7.33 48.57
C THR D 21 45.94 6.15 47.99
N THR D 22 47.27 6.22 48.11
CA THR D 22 48.22 5.18 47.73
C THR D 22 49.35 5.12 48.73
N PHE D 23 49.65 3.92 49.22
CA PHE D 23 50.77 3.75 50.14
C PHE D 23 51.80 2.82 49.54
N ILE D 24 53.06 3.06 49.91
CA ILE D 24 54.19 2.30 49.35
C ILE D 24 54.77 1.37 50.39
N THR D 68 56.13 2.64 55.65
CA THR D 68 55.21 2.93 54.57
C THR D 68 54.55 4.28 54.81
N THR D 69 54.49 5.11 53.79
CA THR D 69 53.82 6.41 53.89
C THR D 69 52.62 6.43 52.95
N GLU D 70 51.51 6.98 53.43
CA GLU D 70 50.27 7.07 52.67
C GLU D 70 50.29 8.37 51.86
N LYS D 71 50.12 8.24 50.55
CA LYS D 71 50.20 9.36 49.62
C LYS D 71 48.96 9.41 48.74
N PRO D 72 48.61 10.59 48.23
CA PRO D 72 47.53 10.67 47.23
C PRO D 72 47.90 9.97 45.92
N THR D 73 46.87 9.58 45.18
CA THR D 73 47.00 8.72 44.01
C THR D 73 47.61 9.48 42.83
N ASP D 74 48.06 8.71 41.85
CA ASP D 74 48.59 9.29 40.62
C ASP D 74 48.14 8.61 39.34
N ALA D 75 47.45 7.47 39.42
CA ALA D 75 47.07 6.72 38.22
C ALA D 75 45.56 6.53 38.22
N TYR D 76 44.92 7.09 37.20
CA TYR D 76 43.46 7.15 37.11
C TYR D 76 43.12 7.60 35.69
N GLY D 77 41.83 7.78 35.44
CA GLY D 77 41.36 8.38 34.21
C GLY D 77 41.01 7.35 33.15
N ASP D 78 41.01 7.82 31.90
CA ASP D 78 40.73 6.94 30.78
C ASP D 78 41.88 5.98 30.52
N LEU D 79 41.63 5.03 29.64
CA LEU D 79 42.62 4.01 29.29
C LEU D 79 42.25 3.48 27.92
N ASP D 80 43.03 3.84 26.90
CA ASP D 80 42.81 3.27 25.59
C ASP D 80 43.79 2.14 25.32
N PHE D 81 43.41 1.29 24.39
CA PHE D 81 44.25 0.24 23.86
C PHE D 81 44.50 0.51 22.39
N THR D 82 45.32 -0.33 21.77
CA THR D 82 45.62 -0.15 20.36
C THR D 82 44.43 -0.51 19.48
N TYR D 83 43.50 -1.31 19.98
CA TYR D 83 42.38 -1.79 19.20
C TYR D 83 41.35 -0.68 19.01
N SER D 84 40.83 -0.60 17.79
CA SER D 84 39.99 0.51 17.37
C SER D 84 38.54 0.07 17.22
N GLY D 85 37.65 1.04 17.42
CA GLY D 85 36.23 0.80 17.44
C GLY D 85 35.59 0.82 18.80
N ARG D 86 36.36 1.06 19.86
CA ARG D 86 35.90 0.94 21.23
C ARG D 86 36.09 2.25 21.98
N LYS D 87 35.46 2.34 23.15
CA LYS D 87 35.58 3.51 24.00
C LYS D 87 36.85 3.45 24.83
N HIS D 88 36.93 4.35 25.81
CA HIS D 88 38.03 4.35 26.76
C HIS D 88 37.60 3.63 28.04
N SER D 89 38.43 2.70 28.49
CA SER D 89 38.23 2.05 29.77
C SER D 89 38.69 2.97 30.88
N ASN D 90 38.24 2.69 32.09
CA ASN D 90 38.57 3.51 33.25
C ASN D 90 39.28 2.67 34.30
N PHE D 91 40.36 3.24 34.86
CA PHE D 91 41.11 2.56 35.91
C PHE D 91 41.36 3.52 37.05
N LEU D 92 41.98 2.99 38.10
CA LEU D 92 42.30 3.77 39.29
C LEU D 92 43.36 3.03 40.09
N ARG D 93 44.39 3.75 40.51
CA ARG D 93 45.34 3.24 41.50
C ARG D 93 44.78 3.56 42.87
N LEU D 94 44.70 2.57 43.74
CA LEU D 94 44.00 2.71 44.99
C LEU D 94 44.77 2.05 46.12
N SER D 95 44.64 2.61 47.33
CA SER D 95 45.16 1.97 48.53
C SER D 95 44.40 0.68 48.83
N ASP D 96 45.02 -0.18 49.63
CA ASP D 96 44.31 -1.36 50.10
C ASP D 96 43.56 -1.08 51.39
N ARG D 97 44.15 -0.30 52.28
CA ARG D 97 43.54 -0.01 53.58
C ARG D 97 42.66 1.24 53.46
N THR D 98 41.57 1.07 52.71
CA THR D 98 40.61 2.14 52.47
C THR D 98 39.21 1.55 52.47
N ASP D 99 38.21 2.43 52.35
CA ASP D 99 36.85 1.95 52.44
C ASP D 99 36.17 1.97 51.06
N PRO D 100 35.36 0.95 50.75
CA PRO D 100 34.74 0.88 49.41
C PRO D 100 33.53 1.77 49.23
N ALA D 101 33.14 2.55 50.24
CA ALA D 101 32.01 3.46 50.07
C ALA D 101 32.38 4.61 49.13
N THR D 102 33.61 5.09 49.22
CA THR D 102 34.06 6.07 48.23
C THR D 102 34.37 5.42 46.90
N VAL D 103 34.57 4.09 46.87
CA VAL D 103 34.71 3.39 45.60
C VAL D 103 33.36 3.31 44.90
N TYR D 104 32.31 3.05 45.66
CA TYR D 104 30.96 2.98 45.11
C TYR D 104 30.51 4.36 44.63
N SER D 105 30.88 5.41 45.36
CA SER D 105 30.54 6.75 44.90
C SER D 105 31.34 7.14 43.67
N LEU D 106 32.59 6.67 43.57
CA LEU D 106 33.42 7.03 42.43
C LEU D 106 32.91 6.37 41.16
N VAL D 107 32.52 5.10 41.25
CA VAL D 107 32.05 4.39 40.08
C VAL D 107 30.65 4.84 39.69
N THR D 108 29.71 4.80 40.63
CA THR D 108 28.32 5.05 40.30
C THR D 108 28.01 6.53 40.11
N ARG D 109 28.89 7.45 40.50
CA ARG D 109 28.60 8.85 40.24
C ARG D 109 29.59 9.49 39.28
N SER D 110 30.88 9.40 39.59
CA SER D 110 31.88 10.19 38.88
C SER D 110 32.16 9.66 37.48
N TRP D 111 32.30 8.35 37.32
CA TRP D 111 32.45 7.78 35.98
C TRP D 111 31.12 7.74 35.25
N GLY D 112 30.09 7.25 35.94
CA GLY D 112 28.79 7.05 35.34
C GLY D 112 28.51 5.58 35.10
N PHE D 113 27.81 4.96 36.04
CA PHE D 113 27.37 3.57 35.93
C PHE D 113 26.07 3.42 36.67
N ARG D 114 25.21 2.54 36.18
CA ARG D 114 23.94 2.32 36.83
C ARG D 114 24.12 1.49 38.10
N ALA D 115 23.06 1.43 38.90
CA ALA D 115 23.06 0.54 40.02
C ALA D 115 22.86 -0.90 39.54
N PRO D 116 23.58 -1.85 40.11
CA PRO D 116 23.46 -3.24 39.66
C PRO D 116 22.15 -3.86 40.11
N ASN D 117 21.81 -4.98 39.47
CA ASN D 117 20.70 -5.81 39.91
C ASN D 117 21.14 -7.19 40.33
N LEU D 118 22.41 -7.52 40.13
CA LEU D 118 23.00 -8.82 40.40
C LEU D 118 24.51 -8.65 40.34
N VAL D 119 25.22 -9.30 41.26
CA VAL D 119 26.69 -9.31 41.25
C VAL D 119 27.15 -10.76 41.24
N VAL D 120 27.91 -11.13 40.23
CA VAL D 120 28.45 -12.48 40.09
C VAL D 120 29.96 -12.39 40.01
N SER D 121 30.65 -13.02 40.96
CA SER D 121 32.09 -13.08 40.97
C SER D 121 32.54 -14.49 40.58
N VAL D 122 33.40 -14.57 39.58
CA VAL D 122 33.78 -15.85 38.98
C VAL D 122 35.19 -16.20 39.41
N LEU D 123 35.34 -17.36 40.04
CA LEU D 123 36.63 -17.83 40.52
C LEU D 123 36.93 -19.21 39.96
N GLY D 124 38.20 -19.55 39.90
CA GLY D 124 38.65 -20.81 39.35
C GLY D 124 39.90 -20.59 38.52
N GLY D 125 40.19 -21.57 37.66
CA GLY D 125 41.29 -21.37 36.73
C GLY D 125 42.52 -22.24 36.90
N SER D 126 42.34 -23.50 37.30
CA SER D 126 43.46 -24.45 37.32
C SER D 126 43.99 -24.75 35.93
N GLY D 127 43.16 -24.67 34.90
CA GLY D 127 43.62 -24.79 33.54
C GLY D 127 44.10 -23.46 33.01
N GLY D 128 45.42 -23.29 32.98
CA GLY D 128 46.02 -22.05 32.54
C GLY D 128 45.85 -21.73 31.07
N PRO D 129 46.49 -22.51 30.18
CA PRO D 129 46.39 -22.20 28.75
C PRO D 129 45.03 -22.46 28.14
N VAL D 130 44.44 -23.64 28.37
CA VAL D 130 43.21 -24.03 27.70
C VAL D 130 42.24 -24.51 28.77
N LEU D 131 41.00 -24.05 28.71
CA LEU D 131 39.89 -24.61 29.47
C LEU D 131 39.01 -25.42 28.53
N GLN D 132 38.19 -26.29 29.11
CA GLN D 132 37.33 -27.18 28.32
C GLN D 132 36.27 -26.41 27.55
N THR D 133 35.79 -27.05 26.47
CA THR D 133 34.77 -26.44 25.62
C THR D 133 33.40 -26.46 26.26
N TRP D 134 33.16 -27.37 27.19
CA TRP D 134 31.89 -27.42 27.90
C TRP D 134 31.71 -26.19 28.78
N LEU D 135 32.69 -25.91 29.64
CA LEU D 135 32.68 -24.69 30.44
C LEU D 135 32.80 -23.44 29.58
N GLN D 136 33.43 -23.54 28.41
CA GLN D 136 33.50 -22.40 27.51
C GLN D 136 32.14 -22.10 26.89
N ASP D 137 31.31 -23.14 26.72
CA ASP D 137 29.94 -22.91 26.31
C ASP D 137 29.12 -22.27 27.43
N LEU D 138 29.39 -22.66 28.68
CA LEU D 138 28.70 -22.05 29.81
C LEU D 138 29.09 -20.59 29.98
N LEU D 139 30.39 -20.30 29.91
CA LEU D 139 30.85 -18.93 30.11
C LEU D 139 30.48 -18.03 28.95
N ARG D 140 30.42 -18.56 27.72
CA ARG D 140 29.97 -17.75 26.59
C ARG D 140 28.49 -17.43 26.71
N ARG D 141 27.64 -18.45 26.80
CA ARG D 141 26.21 -18.16 26.79
C ARG D 141 25.64 -17.94 28.19
N GLY D 142 25.70 -18.96 29.05
CA GLY D 142 24.81 -18.99 30.20
C GLY D 142 25.15 -18.04 31.32
N LEU D 143 26.33 -17.45 31.28
CA LEU D 143 26.63 -16.41 32.25
C LEU D 143 26.34 -15.03 31.69
N VAL D 144 26.71 -14.81 30.43
CA VAL D 144 26.64 -13.46 29.87
C VAL D 144 25.22 -13.11 29.45
N ARG D 145 24.41 -14.09 29.02
CA ARG D 145 23.02 -13.77 28.69
C ARG D 145 22.21 -13.39 29.92
N ALA D 146 22.55 -13.95 31.09
CA ALA D 146 21.85 -13.57 32.30
C ALA D 146 22.35 -12.25 32.83
N ALA D 147 23.65 -11.98 32.69
CA ALA D 147 24.18 -10.71 33.11
C ALA D 147 23.79 -9.58 32.16
N GLN D 148 23.33 -9.93 30.97
CA GLN D 148 22.88 -8.90 30.04
C GLN D 148 21.36 -8.74 30.05
N SER D 149 20.63 -9.78 30.43
CA SER D 149 19.18 -9.62 30.54
C SER D 149 18.80 -8.94 31.84
N THR D 150 19.34 -9.42 32.97
CA THR D 150 19.00 -8.83 34.25
C THR D 150 19.67 -7.48 34.45
N GLY D 151 20.88 -7.32 33.95
CA GLY D 151 21.64 -6.11 34.18
C GLY D 151 22.50 -6.37 35.40
N ALA D 152 23.78 -6.65 35.19
CA ALA D 152 24.58 -7.19 36.28
C ALA D 152 26.02 -6.78 36.10
N TRP D 153 26.78 -6.92 37.18
CA TRP D 153 28.21 -6.71 37.16
C TRP D 153 28.91 -8.03 37.40
N ILE D 154 29.75 -8.43 36.45
CA ILE D 154 30.58 -9.61 36.58
C ILE D 154 31.95 -9.16 37.06
N VAL D 155 32.29 -9.50 38.31
CA VAL D 155 33.53 -9.07 38.93
C VAL D 155 34.53 -10.22 38.82
N THR D 156 35.67 -9.96 38.18
CA THR D 156 36.67 -10.99 37.96
C THR D 156 38.02 -10.35 38.23
N GLY D 157 39.10 -11.11 38.11
CA GLY D 157 40.42 -10.50 38.08
C GLY D 157 40.71 -9.89 36.73
N GLY D 158 41.25 -8.67 36.74
CA GLY D 158 41.47 -7.93 35.52
C GLY D 158 42.67 -8.35 34.69
N LEU D 159 43.39 -9.39 35.12
CA LEU D 159 44.54 -9.85 34.37
C LEU D 159 44.18 -11.10 33.56
N HIS D 160 45.11 -11.54 32.70
CA HIS D 160 44.81 -12.65 31.81
C HIS D 160 44.81 -13.99 32.52
N THR D 161 45.57 -14.13 33.60
CA THR D 161 45.86 -15.45 34.16
C THR D 161 44.61 -16.05 34.82
N GLY D 162 44.53 -17.39 34.73
CA GLY D 162 43.34 -18.08 35.18
C GLY D 162 42.21 -17.95 34.18
N ILE D 163 41.00 -17.74 34.70
CA ILE D 163 39.81 -17.61 33.89
C ILE D 163 39.54 -16.16 33.49
N GLY D 164 40.53 -15.28 33.64
CA GLY D 164 40.39 -13.92 33.16
C GLY D 164 40.31 -13.86 31.65
N ARG D 165 41.05 -14.72 30.96
CA ARG D 165 40.95 -14.77 29.51
C ARG D 165 39.61 -15.35 29.06
N HIS D 166 39.16 -16.42 29.71
CA HIS D 166 37.96 -17.10 29.22
C HIS D 166 36.71 -16.27 29.46
N VAL D 167 36.71 -15.45 30.51
CA VAL D 167 35.64 -14.48 30.70
C VAL D 167 35.73 -13.39 29.63
N GLY D 168 36.94 -12.85 29.40
CA GLY D 168 37.09 -11.78 28.43
C GLY D 168 36.81 -12.19 27.00
N VAL D 169 37.19 -13.42 26.64
CA VAL D 169 36.87 -13.94 25.32
C VAL D 169 35.37 -14.22 25.22
N ALA D 170 34.73 -14.60 26.32
CA ALA D 170 33.28 -14.84 26.29
C ALA D 170 32.51 -13.53 26.13
N VAL D 171 33.00 -12.45 26.72
CA VAL D 171 32.32 -11.16 26.56
C VAL D 171 32.54 -10.65 25.14
N ARG D 172 33.73 -10.85 24.58
CA ARG D 172 34.00 -10.46 23.19
C ARG D 172 33.18 -11.28 22.21
N ASP D 173 33.01 -12.57 22.50
CA ASP D 173 32.17 -13.42 21.67
C ASP D 173 30.71 -12.99 21.72
N HIS D 174 30.20 -12.68 22.90
CA HIS D 174 28.79 -12.30 22.98
C HIS D 174 28.55 -10.92 22.40
N GLN D 175 29.50 -10.01 22.55
CA GLN D 175 29.36 -8.68 21.96
C GLN D 175 29.44 -8.73 20.44
N THR D 176 30.14 -9.71 19.88
CA THR D 176 30.20 -9.89 18.43
C THR D 176 29.01 -10.66 17.89
N ALA D 177 28.55 -11.68 18.62
CA ALA D 177 27.52 -12.59 18.12
C ALA D 177 26.13 -11.99 18.07
N SER D 178 25.92 -10.81 18.65
CA SER D 178 24.60 -10.20 18.63
C SER D 178 24.73 -8.70 18.46
N THR D 179 23.66 -8.09 17.96
CA THR D 179 23.49 -6.65 17.96
C THR D 179 22.68 -6.32 19.21
N GLY D 180 23.29 -6.57 20.37
CA GLY D 180 22.65 -6.31 21.64
C GLY D 180 22.64 -4.87 22.04
N SER D 181 23.43 -4.03 21.36
CA SER D 181 23.51 -2.57 21.54
C SER D 181 23.92 -2.16 22.94
N SER D 182 24.61 -3.05 23.66
CA SER D 182 25.09 -2.82 25.02
C SER D 182 26.18 -3.85 25.31
N LYS D 183 26.89 -3.62 26.41
CA LYS D 183 27.94 -4.54 26.83
C LYS D 183 27.75 -4.81 28.31
N VAL D 184 28.11 -6.02 28.71
CA VAL D 184 28.03 -6.44 30.11
C VAL D 184 29.16 -5.74 30.85
N VAL D 185 28.81 -5.08 31.95
CA VAL D 185 29.80 -4.29 32.69
C VAL D 185 30.62 -5.29 33.49
N ALA D 186 31.72 -5.75 32.90
CA ALA D 186 32.59 -6.71 33.53
C ALA D 186 33.72 -5.96 34.21
N MET D 187 33.66 -5.88 35.52
CA MET D 187 34.63 -5.12 36.28
C MET D 187 35.76 -6.02 36.74
N GLY D 188 36.94 -5.43 36.87
CA GLY D 188 38.10 -6.19 37.25
C GLY D 188 38.92 -5.53 38.32
N VAL D 189 39.34 -6.30 39.32
CA VAL D 189 40.31 -5.84 40.31
C VAL D 189 41.63 -6.52 40.01
N ALA D 190 42.73 -5.84 40.36
CA ALA D 190 44.05 -6.37 40.11
C ALA D 190 45.01 -5.71 41.09
N PRO D 191 45.98 -6.44 41.63
CA PRO D 191 47.02 -5.79 42.43
C PRO D 191 47.90 -4.89 41.57
N TRP D 192 48.45 -3.86 42.19
CA TRP D 192 49.29 -2.94 41.43
C TRP D 192 50.62 -3.56 41.04
N GLY D 193 51.12 -4.50 41.86
CA GLY D 193 52.47 -4.99 41.67
C GLY D 193 52.69 -5.89 40.49
N VAL D 194 51.63 -6.48 39.94
CA VAL D 194 51.78 -7.56 38.97
C VAL D 194 51.37 -7.11 37.56
N VAL D 195 51.18 -5.80 37.35
CA VAL D 195 50.92 -5.29 36.01
C VAL D 195 52.23 -5.23 35.22
N ARG D 196 52.19 -5.71 33.97
CA ARG D 196 53.34 -5.78 33.09
C ARG D 196 53.97 -4.44 32.77
N ASN D 197 53.24 -3.55 32.11
CA ASN D 197 53.75 -2.23 31.73
C ASN D 197 52.88 -1.20 32.43
N ARG D 198 53.21 -0.92 33.69
CA ARG D 198 52.47 0.09 34.43
C ARG D 198 53.09 1.47 34.30
N ASP D 199 54.26 1.58 33.67
CA ASP D 199 54.97 2.86 33.58
C ASP D 199 54.34 3.82 32.58
N MET D 200 53.40 3.35 31.77
CA MET D 200 52.60 4.21 30.90
C MET D 200 51.34 4.68 31.58
N LEU D 201 51.26 4.57 32.91
CA LEU D 201 50.07 4.89 33.67
C LEU D 201 50.37 5.83 34.84
N ILE D 202 51.64 6.12 35.10
CA ILE D 202 52.05 6.75 36.36
C ILE D 202 51.60 8.20 36.50
N ASN D 203 51.52 8.95 35.39
CA ASN D 203 51.43 10.41 35.38
C ASN D 203 50.20 10.97 36.08
N PRO D 204 50.37 11.92 37.02
CA PRO D 204 49.25 12.35 37.85
C PRO D 204 48.43 13.49 37.28
N LYS D 205 48.53 13.70 35.95
CA LYS D 205 48.00 14.92 35.33
C LYS D 205 46.48 14.95 35.31
N GLY D 206 45.85 14.00 34.63
CA GLY D 206 44.42 13.84 34.81
C GLY D 206 43.54 13.81 33.57
N SER D 207 42.55 12.89 33.57
CA SER D 207 41.52 12.75 32.55
C SER D 207 42.13 12.54 31.17
N PHE D 208 42.82 11.41 31.03
CA PHE D 208 43.73 11.22 29.92
C PHE D 208 43.67 9.79 29.39
N PRO D 209 43.78 9.61 28.08
CA PRO D 209 43.95 8.26 27.53
C PRO D 209 45.41 7.81 27.59
N ALA D 210 45.69 6.86 28.47
CA ALA D 210 47.05 6.35 28.62
C ALA D 210 47.25 5.15 27.71
N ARG D 211 48.12 5.30 26.71
CA ARG D 211 48.22 4.34 25.61
C ARG D 211 49.03 3.14 26.06
N TYR D 212 48.34 2.10 26.54
CA TYR D 212 48.99 0.87 26.94
C TYR D 212 49.48 0.11 25.71
N ARG D 213 50.51 -0.71 25.89
CA ARG D 213 51.19 -1.38 24.81
C ARG D 213 51.29 -2.87 25.15
N TRP D 214 51.04 -3.73 24.16
CA TRP D 214 51.33 -5.15 24.29
C TRP D 214 52.53 -5.48 23.41
N ARG D 215 53.67 -5.77 24.03
CA ARG D 215 54.76 -6.37 23.28
C ARG D 215 54.44 -7.83 22.94
N GLY D 216 53.52 -8.44 23.67
CA GLY D 216 53.14 -9.81 23.45
C GLY D 216 54.13 -10.72 24.15
N ASP D 217 54.68 -10.22 25.25
CA ASP D 217 55.72 -10.93 25.97
C ASP D 217 55.14 -12.13 26.72
N PRO D 218 55.84 -13.26 26.66
CA PRO D 218 55.36 -14.45 27.38
C PRO D 218 55.40 -14.27 28.88
N GLU D 219 54.71 -15.17 29.59
CA GLU D 219 54.43 -15.01 31.01
C GLU D 219 55.66 -15.39 31.83
N ASP D 220 56.09 -14.44 32.66
CA ASP D 220 56.90 -14.76 33.81
C ASP D 220 56.05 -14.65 35.08
N GLY D 221 56.50 -15.29 36.15
CA GLY D 221 55.76 -15.27 37.40
C GLY D 221 55.95 -14.02 38.23
N VAL D 222 56.27 -12.90 37.58
CA VAL D 222 56.53 -11.64 38.24
C VAL D 222 55.48 -10.59 37.87
N GLU D 223 55.25 -10.37 36.58
CA GLU D 223 54.29 -9.37 36.12
C GLU D 223 53.45 -9.93 34.97
N PHE D 224 52.20 -9.47 34.88
CA PHE D 224 51.18 -9.93 33.94
C PHE D 224 50.63 -8.74 33.16
N PRO D 225 50.19 -8.94 31.91
CA PRO D 225 49.52 -7.88 31.18
C PRO D 225 48.04 -7.76 31.52
N LEU D 226 47.46 -6.65 31.07
CA LEU D 226 46.06 -6.36 31.36
C LEU D 226 45.13 -7.08 30.40
N ASP D 227 43.88 -7.23 30.80
CA ASP D 227 42.84 -7.70 29.89
C ASP D 227 42.44 -6.56 28.96
N TYR D 228 41.63 -6.88 27.94
CA TYR D 228 41.14 -5.86 27.03
C TYR D 228 39.66 -6.00 26.70
N ASN D 229 38.90 -6.74 27.48
CA ASN D 229 37.46 -6.83 27.29
C ASN D 229 36.67 -6.38 28.50
N TYR D 230 37.32 -5.77 29.48
CA TYR D 230 36.63 -5.33 30.68
C TYR D 230 36.29 -3.86 30.59
N SER D 231 35.17 -3.49 31.22
CA SER D 231 34.66 -2.14 31.13
C SER D 231 35.34 -1.19 32.10
N ALA D 232 35.90 -1.71 33.19
CA ALA D 232 36.67 -0.92 34.13
C ALA D 232 37.66 -1.83 34.83
N PHE D 233 38.77 -1.25 35.26
CA PHE D 233 39.81 -1.99 35.97
C PHE D 233 40.07 -1.32 37.30
N PHE D 234 40.38 -2.11 38.32
CA PHE D 234 40.80 -1.59 39.60
C PHE D 234 42.23 -2.03 39.90
N LEU D 235 43.06 -1.06 40.25
CA LEU D 235 44.44 -1.34 40.61
C LEU D 235 44.61 -0.97 42.07
N VAL D 236 44.89 -1.96 42.91
CA VAL D 236 45.00 -1.77 44.35
C VAL D 236 46.47 -1.86 44.75
N ASP D 237 46.97 -0.78 45.34
CA ASP D 237 48.38 -0.62 45.69
C ASP D 237 48.62 -1.26 47.06
N ASP D 238 49.28 -2.42 47.05
CA ASP D 238 49.63 -3.08 48.30
C ASP D 238 51.06 -2.74 48.72
N GLY D 239 51.98 -2.61 47.76
CA GLY D 239 53.34 -2.25 48.06
C GLY D 239 54.33 -3.39 48.12
N THR D 240 53.98 -4.56 47.58
CA THR D 240 54.86 -5.72 47.63
C THR D 240 55.56 -6.02 46.31
N TYR D 241 54.85 -5.88 45.19
CA TYR D 241 55.31 -6.16 43.82
C TYR D 241 55.74 -7.61 43.62
N GLY D 242 55.34 -8.53 44.50
CA GLY D 242 55.94 -9.85 44.46
C GLY D 242 55.03 -11.05 44.29
N ARG D 243 53.79 -10.96 44.76
CA ARG D 243 52.98 -12.17 44.81
C ARG D 243 51.50 -11.82 44.76
N LEU D 244 50.74 -12.59 43.98
CA LEU D 244 49.29 -12.50 43.97
C LEU D 244 48.73 -12.99 45.30
N GLY D 245 47.64 -12.37 45.74
CA GLY D 245 46.97 -12.84 46.94
C GLY D 245 46.51 -11.73 47.88
N GLY D 246 47.23 -10.62 47.92
CA GLY D 246 46.87 -9.50 48.76
C GLY D 246 45.93 -8.55 48.04
N GLU D 247 44.83 -9.11 47.52
CA GLU D 247 43.86 -8.34 46.77
C GLU D 247 42.45 -8.65 47.24
N ASN D 248 42.25 -9.86 47.77
CA ASN D 248 40.91 -10.35 48.06
C ASN D 248 40.29 -9.68 49.28
N ARG D 249 41.10 -8.97 50.08
CA ARG D 249 40.54 -8.20 51.18
C ARG D 249 39.65 -7.09 50.67
N PHE D 250 40.14 -6.32 49.69
CA PHE D 250 39.33 -5.28 49.08
C PHE D 250 38.20 -5.86 48.26
N ARG D 251 38.41 -7.02 47.64
CA ARG D 251 37.39 -7.66 46.82
C ARG D 251 36.20 -8.07 47.66
N LEU D 252 36.46 -8.76 48.77
CA LEU D 252 35.37 -9.28 49.59
C LEU D 252 34.69 -8.16 50.38
N ARG D 253 35.42 -7.10 50.71
CA ARG D 253 34.80 -5.96 51.38
C ARG D 253 33.89 -5.19 50.43
N PHE D 254 34.32 -5.03 49.18
CA PHE D 254 33.51 -4.36 48.17
C PHE D 254 32.28 -5.18 47.82
N GLU D 255 32.37 -6.51 47.89
CA GLU D 255 31.20 -7.35 47.66
C GLU D 255 30.17 -7.20 48.76
N SER D 256 30.59 -7.25 50.02
CA SER D 256 29.61 -7.14 51.10
C SER D 256 29.07 -5.73 51.24
N TYR D 257 29.80 -4.72 50.76
CA TYR D 257 29.25 -3.37 50.78
C TYR D 257 28.23 -3.17 49.66
N VAL D 258 28.44 -3.79 48.50
CA VAL D 258 27.42 -3.75 47.46
C VAL D 258 26.19 -4.53 47.89
N ALA D 259 26.39 -5.70 48.52
CA ALA D 259 25.28 -6.48 49.03
C ALA D 259 24.55 -5.80 50.19
N GLN D 260 25.21 -4.88 50.89
CA GLN D 260 24.56 -4.17 51.97
C GLN D 260 23.55 -3.16 51.45
N GLN D 261 23.79 -2.57 50.28
CA GLN D 261 22.88 -1.58 49.73
C GLN D 261 21.79 -2.26 48.89
N LYS D 262 20.89 -1.45 48.34
CA LYS D 262 19.64 -1.92 47.79
C LYS D 262 19.32 -1.24 46.47
N THR D 263 18.38 -1.84 45.73
CA THR D 263 18.06 -1.49 44.35
C THR D 263 16.81 -0.61 44.29
N GLY D 264 16.89 0.44 43.49
CA GLY D 264 15.74 1.30 43.28
C GLY D 264 16.15 2.61 42.67
N VAL D 265 15.19 3.53 42.62
CA VAL D 265 15.46 4.89 42.14
C VAL D 265 15.59 5.85 43.31
N GLY D 266 14.62 5.83 44.21
CA GLY D 266 14.75 6.52 45.48
C GLY D 266 15.23 5.55 46.54
N GLY D 267 15.69 4.40 46.10
CA GLY D 267 16.02 3.29 46.95
C GLY D 267 14.82 2.37 47.05
N THR D 268 14.65 1.80 48.25
CA THR D 268 13.44 1.09 48.67
C THR D 268 13.15 -0.10 47.74
N GLY D 269 14.03 -1.08 47.83
CA GLY D 269 13.85 -2.30 47.09
C GLY D 269 14.51 -3.45 47.83
N ILE D 270 14.71 -4.54 47.09
CA ILE D 270 15.50 -5.64 47.61
C ILE D 270 16.95 -5.22 47.78
N ASP D 271 17.63 -5.86 48.71
CA ASP D 271 19.07 -5.77 48.76
C ASP D 271 19.65 -6.60 47.61
N ILE D 272 20.75 -6.11 47.06
CA ILE D 272 21.30 -6.65 45.81
C ILE D 272 21.86 -8.04 46.04
N PRO D 273 21.38 -9.05 45.30
CA PRO D 273 21.88 -10.41 45.50
C PRO D 273 23.25 -10.61 44.88
N VAL D 274 24.18 -11.15 45.67
CA VAL D 274 25.56 -11.36 45.24
C VAL D 274 25.84 -12.85 45.31
N LEU D 275 26.30 -13.42 44.20
CA LEU D 275 26.53 -14.85 44.08
C LEU D 275 27.96 -15.11 43.65
N LEU D 276 28.52 -16.22 44.12
CA LEU D 276 29.88 -16.63 43.77
C LEU D 276 29.86 -17.86 42.88
N LEU D 277 30.62 -17.80 41.80
CA LEU D 277 30.78 -18.91 40.86
C LEU D 277 32.19 -19.46 40.99
N LEU D 278 32.30 -20.75 41.28
CA LEU D 278 33.58 -21.41 41.42
C LEU D 278 33.80 -22.38 40.27
N ILE D 279 34.99 -22.30 39.67
CA ILE D 279 35.43 -23.19 38.61
C ILE D 279 36.69 -23.82 39.22
N ASP D 280 37.49 -24.53 38.40
CA ASP D 280 38.50 -25.52 38.79
C ASP D 280 39.38 -25.13 39.97
N GLY D 281 40.19 -24.08 39.82
CA GLY D 281 40.89 -23.49 40.96
C GLY D 281 41.96 -24.37 41.60
N ASP D 282 42.43 -23.91 42.74
CA ASP D 282 43.56 -24.54 43.43
C ASP D 282 43.32 -24.70 44.92
N GLU D 283 44.40 -25.00 45.64
CA GLU D 283 44.37 -25.09 47.09
C GLU D 283 44.11 -23.74 47.75
N LYS D 284 44.44 -22.64 47.07
CA LYS D 284 44.35 -21.31 47.66
C LYS D 284 42.93 -20.80 47.78
N MET D 285 41.98 -21.41 47.08
CA MET D 285 40.64 -20.85 47.03
C MET D 285 39.77 -21.24 48.21
N LEU D 286 40.18 -22.22 49.02
CA LEU D 286 39.36 -22.66 50.14
C LEU D 286 39.37 -21.63 51.27
N LYS D 287 40.46 -20.87 51.40
CA LYS D 287 40.46 -19.69 52.26
C LYS D 287 39.43 -18.68 51.80
N ARG D 288 39.28 -18.53 50.49
CA ARG D 288 38.36 -17.54 49.96
C ARG D 288 36.91 -17.99 50.09
N ILE D 289 36.65 -19.29 49.97
CA ILE D 289 35.30 -19.82 50.15
C ILE D 289 34.85 -19.65 51.60
N GLU D 290 35.72 -20.00 52.54
CA GLU D 290 35.33 -19.94 53.95
C GLU D 290 35.24 -18.51 54.45
N ASP D 291 36.09 -17.62 53.95
CA ASP D 291 35.94 -16.21 54.30
C ASP D 291 34.74 -15.59 53.60
N ALA D 292 34.32 -16.15 52.45
CA ALA D 292 33.09 -15.67 51.82
C ALA D 292 31.87 -16.11 52.61
N THR D 293 31.74 -17.41 52.87
CA THR D 293 30.55 -17.94 53.53
C THR D 293 30.46 -17.52 54.99
N GLN D 294 31.56 -17.06 55.59
CA GLN D 294 31.47 -16.38 56.86
C GLN D 294 30.72 -15.06 56.73
N ALA D 295 30.89 -14.38 55.60
CA ALA D 295 30.39 -13.03 55.41
C ALA D 295 28.94 -13.00 54.91
N GLN D 296 28.26 -14.15 54.92
CA GLN D 296 26.86 -14.32 54.51
C GLN D 296 26.69 -13.91 53.04
N LEU D 297 27.38 -14.66 52.19
CA LEU D 297 27.25 -14.58 50.74
C LEU D 297 27.05 -16.00 50.22
N PRO D 298 26.01 -16.27 49.45
CA PRO D 298 25.79 -17.62 48.95
C PRO D 298 26.78 -17.98 47.86
N CYS D 299 26.74 -19.25 47.47
CA CYS D 299 27.69 -19.75 46.50
C CYS D 299 27.00 -20.74 45.58
N LEU D 300 27.68 -21.07 44.50
CA LEU D 300 27.24 -22.03 43.53
C LEU D 300 28.46 -22.78 43.03
N LEU D 301 28.28 -24.04 42.68
CA LEU D 301 29.38 -24.90 42.26
C LEU D 301 29.06 -25.53 40.92
N VAL D 302 29.95 -25.34 39.96
CA VAL D 302 29.89 -26.04 38.71
C VAL D 302 30.44 -27.44 38.94
N ALA D 303 30.23 -28.34 37.98
CA ALA D 303 30.88 -29.64 38.01
C ALA D 303 32.39 -29.48 37.90
N GLY D 304 32.86 -28.97 36.76
CA GLY D 304 34.23 -28.55 36.57
C GLY D 304 35.27 -29.65 36.76
N SER D 305 36.23 -29.39 37.64
CA SER D 305 37.26 -30.37 37.95
C SER D 305 37.46 -30.34 39.46
N GLY D 306 38.59 -30.91 39.90
CA GLY D 306 38.73 -31.43 41.25
C GLY D 306 38.77 -30.41 42.36
N GLY D 307 39.16 -29.17 42.08
CA GLY D 307 39.22 -28.17 43.13
C GLY D 307 37.85 -27.78 43.64
N ALA D 308 36.88 -27.65 42.75
CA ALA D 308 35.49 -27.43 43.13
C ALA D 308 34.73 -28.73 43.32
N ALA D 309 35.16 -29.81 42.68
CA ALA D 309 34.58 -31.12 42.94
C ALA D 309 34.93 -31.64 44.32
N ASP D 310 35.96 -31.09 44.96
CA ASP D 310 36.24 -31.35 46.37
C ASP D 310 35.04 -30.94 47.23
N CYS D 311 34.53 -29.74 47.01
CA CYS D 311 33.33 -29.32 47.71
C CYS D 311 32.09 -30.04 47.22
N LEU D 312 32.08 -30.50 45.96
CA LEU D 312 30.94 -31.25 45.45
C LEU D 312 30.80 -32.60 46.15
N VAL D 313 31.91 -33.34 46.24
CA VAL D 313 31.91 -34.64 46.90
C VAL D 313 31.60 -34.49 48.40
N GLU D 314 32.10 -33.42 49.02
CA GLU D 314 31.80 -33.19 50.43
C GLU D 314 30.37 -32.73 50.67
N THR D 315 29.66 -32.25 49.64
CA THR D 315 28.23 -32.01 49.76
C THR D 315 27.38 -33.21 49.43
N LEU D 316 27.84 -34.09 48.53
CA LEU D 316 27.07 -35.27 48.18
C LEU D 316 26.97 -36.27 49.33
N GLU D 317 27.94 -36.26 50.24
CA GLU D 317 27.93 -37.16 51.38
C GLU D 317 27.58 -36.41 52.67
N GLU D 331 39.52 -42.57 57.48
CA GLU D 331 38.54 -41.71 56.84
C GLU D 331 38.84 -41.50 55.37
N ALA D 332 37.80 -41.57 54.53
CA ALA D 332 37.91 -41.25 53.12
C ALA D 332 38.05 -39.75 52.87
N ARG D 333 37.85 -38.93 53.91
CA ARG D 333 38.14 -37.50 53.83
C ARG D 333 39.62 -37.26 53.55
N ASP D 334 40.50 -37.92 54.33
CA ASP D 334 41.94 -37.79 54.16
C ASP D 334 42.39 -38.30 52.80
N ARG D 335 41.69 -39.29 52.25
CA ARG D 335 41.86 -39.70 50.87
C ARG D 335 41.57 -38.54 49.92
N ILE D 336 40.39 -37.93 50.07
CA ILE D 336 39.92 -36.82 49.22
C ILE D 336 40.87 -35.62 49.30
N ARG D 337 41.34 -35.31 50.51
CA ARG D 337 42.31 -34.25 50.71
C ARG D 337 43.72 -34.66 50.28
N ARG D 338 43.92 -35.90 49.84
CA ARG D 338 45.21 -36.31 49.30
C ARG D 338 45.12 -36.94 47.91
N TYR D 339 44.06 -36.70 47.15
CA TYR D 339 44.16 -36.83 45.69
C TYR D 339 43.60 -35.65 44.91
N PHE D 340 42.78 -34.79 45.50
CA PHE D 340 42.52 -33.55 44.77
C PHE D 340 43.67 -32.56 44.97
N PRO D 341 44.08 -32.15 46.22
CA PRO D 341 45.10 -31.10 46.29
C PRO D 341 46.51 -31.60 46.06
N LYS D 342 46.80 -32.79 46.62
CA LYS D 342 48.14 -33.38 46.74
C LYS D 342 49.08 -32.41 47.46
N GLY D 343 48.77 -32.19 48.73
CA GLY D 343 49.56 -31.34 49.61
C GLY D 343 48.72 -30.74 50.73
N ASP D 344 49.31 -30.73 51.95
CA ASP D 344 48.73 -30.25 53.20
C ASP D 344 47.36 -30.86 53.50
N PRO D 345 47.29 -32.14 53.90
CA PRO D 345 45.98 -32.79 54.09
C PRO D 345 45.12 -32.25 55.23
N GLU D 346 45.66 -32.19 56.45
CA GLU D 346 44.80 -32.07 57.63
C GLU D 346 44.32 -30.65 57.87
N VAL D 347 45.12 -29.64 57.49
CA VAL D 347 44.66 -28.25 57.56
C VAL D 347 43.52 -28.03 56.59
N LEU D 348 43.63 -28.60 55.38
CA LEU D 348 42.54 -28.53 54.41
C LEU D 348 41.33 -29.34 54.86
N GLN D 349 41.54 -30.37 55.69
CA GLN D 349 40.40 -31.11 56.20
C GLN D 349 39.60 -30.29 57.21
N ALA D 350 40.30 -29.50 58.05
CA ALA D 350 39.60 -28.60 58.96
C ALA D 350 38.87 -27.50 58.21
N GLN D 351 39.46 -26.98 57.14
CA GLN D 351 38.82 -25.89 56.39
C GLN D 351 37.60 -26.37 55.63
N VAL D 352 37.69 -27.56 55.02
CA VAL D 352 36.53 -28.03 54.26
C VAL D 352 35.41 -28.48 55.20
N GLU D 353 35.74 -28.93 56.43
CA GLU D 353 34.66 -29.17 57.38
C GLU D 353 34.07 -27.88 57.92
N ARG D 354 34.86 -26.79 57.93
CA ARG D 354 34.28 -25.48 58.18
C ARG D 354 33.28 -25.10 57.10
N ILE D 355 33.57 -25.44 55.83
CA ILE D 355 32.60 -25.27 54.75
C ILE D 355 31.35 -26.10 55.02
N MET D 356 31.51 -27.32 55.53
CA MET D 356 30.34 -28.15 55.81
C MET D 356 29.58 -27.73 57.06
N THR D 357 30.06 -26.76 57.83
CA THR D 357 29.18 -26.15 58.82
C THR D 357 28.09 -25.32 58.15
N ARG D 358 28.36 -24.76 56.99
CA ARG D 358 27.47 -23.79 56.35
C ARG D 358 26.95 -24.28 55.01
N LYS D 359 26.48 -25.53 54.96
CA LYS D 359 25.98 -26.11 53.72
C LYS D 359 24.64 -25.53 53.28
N GLU D 360 24.03 -24.65 54.08
CA GLU D 360 22.85 -23.90 53.63
C GLU D 360 23.17 -23.05 52.42
N LEU D 361 24.34 -22.41 52.41
CA LEU D 361 24.71 -21.48 51.35
C LEU D 361 25.51 -22.15 50.24
N LEU D 362 25.05 -23.28 49.73
CA LEU D 362 25.80 -24.04 48.75
C LEU D 362 24.86 -24.81 47.82
N THR D 363 25.04 -24.63 46.52
CA THR D 363 24.27 -25.34 45.50
C THR D 363 25.22 -26.04 44.54
N VAL D 364 24.64 -26.88 43.68
CA VAL D 364 25.37 -27.73 42.75
C VAL D 364 24.82 -27.52 41.35
N TYR D 365 25.71 -27.31 40.38
CA TYR D 365 25.32 -27.16 38.99
C TYR D 365 26.01 -28.27 38.19
N SER D 366 25.42 -29.47 38.21
CA SER D 366 25.92 -30.59 37.43
C SER D 366 24.87 -31.20 36.51
N SER D 367 23.68 -31.51 37.03
CA SER D 367 22.66 -32.24 36.27
C SER D 367 21.75 -31.27 35.52
N GLU D 368 22.37 -30.37 34.77
CA GLU D 368 21.66 -29.25 34.19
C GLU D 368 21.80 -29.25 32.68
N ASP D 369 21.06 -28.35 32.03
CA ASP D 369 21.05 -28.30 30.57
C ASP D 369 22.35 -27.72 30.04
N GLY D 370 22.94 -26.78 30.77
CA GLY D 370 24.19 -26.19 30.33
C GLY D 370 23.97 -24.93 29.51
N SER D 371 24.51 -23.81 29.99
CA SER D 371 24.44 -22.49 29.36
C SER D 371 23.00 -22.02 29.13
N GLU D 372 22.07 -22.49 29.96
CA GLU D 372 20.65 -22.28 29.75
C GLU D 372 19.96 -22.51 31.09
N GLU D 373 18.83 -21.80 31.29
CA GLU D 373 18.01 -21.87 32.51
C GLU D 373 18.80 -21.46 33.74
N PHE D 374 19.80 -20.60 33.54
CA PHE D 374 20.73 -20.24 34.60
C PHE D 374 20.07 -19.32 35.61
N GLU D 375 19.09 -18.54 35.17
CA GLU D 375 18.48 -17.52 36.03
C GLU D 375 17.63 -18.14 37.12
N THR D 376 16.91 -19.21 36.81
CA THR D 376 16.14 -19.90 37.83
C THR D 376 17.03 -20.62 38.82
N ILE D 377 18.21 -21.04 38.38
CA ILE D 377 19.16 -21.66 39.30
C ILE D 377 19.76 -20.61 40.24
N VAL D 378 19.90 -19.37 39.76
CA VAL D 378 20.29 -18.27 40.64
C VAL D 378 19.23 -18.04 41.71
N LEU D 379 17.96 -18.07 41.31
CA LEU D 379 16.90 -17.97 42.30
C LEU D 379 16.85 -19.19 43.19
N ARG D 380 17.23 -20.35 42.68
CA ARG D 380 17.32 -21.55 43.51
C ARG D 380 18.40 -21.40 44.57
N ALA D 381 19.49 -20.70 44.23
CA ALA D 381 20.55 -20.47 45.21
C ALA D 381 20.12 -19.47 46.27
N LEU D 382 19.36 -18.45 45.86
CA LEU D 382 18.88 -17.48 46.84
C LEU D 382 17.75 -18.03 47.69
N VAL D 383 17.02 -19.02 47.18
CA VAL D 383 15.99 -19.70 47.97
C VAL D 383 16.62 -20.67 48.97
N LYS D 384 17.67 -21.39 48.57
CA LYS D 384 18.36 -22.26 49.50
C LYS D 384 19.11 -21.47 50.56
N ALA D 385 19.65 -20.31 50.17
CA ALA D 385 20.28 -19.43 51.15
C ALA D 385 19.31 -18.49 51.84
N CYS D 386 18.01 -18.64 51.59
CA CYS D 386 17.02 -17.87 52.33
C CYS D 386 16.85 -18.50 53.72
N ASP D 396 10.20 -13.25 48.94
CA ASP D 396 10.69 -11.99 48.39
C ASP D 396 11.07 -12.14 46.93
N GLU D 397 10.86 -13.34 46.38
CA GLU D 397 11.30 -13.64 45.02
C GLU D 397 10.52 -12.89 43.96
N LEU D 398 9.31 -12.43 44.27
CA LEU D 398 8.54 -11.67 43.31
C LEU D 398 9.14 -10.29 43.12
N ARG D 399 9.74 -9.75 44.18
CA ARG D 399 10.41 -8.47 44.11
C ARG D 399 11.69 -8.54 43.28
N LEU D 400 12.38 -9.69 43.32
CA LEU D 400 13.54 -9.87 42.45
C LEU D 400 13.13 -9.99 40.99
N ALA D 401 11.96 -10.57 40.73
CA ALA D 401 11.48 -10.63 39.36
C ALA D 401 11.13 -9.25 38.82
N VAL D 402 10.68 -8.35 39.69
CA VAL D 402 10.37 -6.99 39.25
C VAL D 402 11.66 -6.21 39.04
N ALA D 403 12.65 -6.39 39.91
CA ALA D 403 13.88 -5.63 39.81
C ALA D 403 14.71 -6.04 38.60
N TRP D 404 14.60 -7.29 38.17
CA TRP D 404 15.29 -7.74 36.97
C TRP D 404 14.56 -7.38 35.69
N ASN D 405 13.32 -6.89 35.80
CA ASN D 405 12.44 -6.56 34.69
C ASN D 405 12.26 -7.76 33.75
N ARG D 406 12.05 -8.92 34.36
CA ARG D 406 11.80 -10.15 33.61
C ARG D 406 10.42 -10.66 33.98
N VAL D 407 9.52 -10.65 33.01
CA VAL D 407 8.13 -10.97 33.27
C VAL D 407 7.91 -12.46 33.50
N ASP D 408 8.70 -13.30 32.84
CA ASP D 408 8.45 -14.74 32.81
C ASP D 408 8.65 -15.40 34.17
N ILE D 409 9.55 -14.85 34.99
CA ILE D 409 9.77 -15.41 36.32
C ILE D 409 8.55 -15.15 37.21
N ALA D 410 8.10 -13.90 37.26
CA ALA D 410 6.95 -13.55 38.12
C ALA D 410 5.68 -14.20 37.61
N GLN D 411 5.55 -14.34 36.30
CA GLN D 411 4.42 -15.01 35.69
C GLN D 411 4.38 -16.47 36.11
N SER D 412 5.50 -17.18 35.96
CA SER D 412 5.57 -18.58 36.33
C SER D 412 5.43 -18.79 37.83
N GLU D 413 5.98 -17.89 38.64
CA GLU D 413 5.84 -18.01 40.09
C GLU D 413 4.43 -17.71 40.58
N LEU D 414 3.63 -17.00 39.79
CA LEU D 414 2.21 -16.90 40.10
C LEU D 414 1.41 -18.09 39.58
N PHE D 415 1.94 -18.85 38.64
CA PHE D 415 1.24 -20.07 38.27
C PHE D 415 1.54 -21.25 39.19
N ARG D 416 2.45 -21.10 40.15
CA ARG D 416 2.76 -22.20 41.06
C ARG D 416 1.72 -22.22 42.16
N GLY D 417 0.91 -23.27 42.18
CA GLY D 417 -0.22 -23.36 43.09
C GLY D 417 0.07 -23.90 44.47
N ASP D 418 1.32 -23.79 44.93
CA ASP D 418 1.65 -24.34 46.25
C ASP D 418 1.67 -23.28 47.34
N ILE D 419 2.05 -22.05 47.01
CA ILE D 419 2.52 -21.09 47.99
C ILE D 419 1.38 -20.47 48.79
N GLN D 420 0.22 -20.26 48.15
CA GLN D 420 -0.87 -19.42 48.65
C GLN D 420 -0.37 -17.99 48.91
N TRP D 421 -0.08 -17.31 47.79
CA TRP D 421 0.43 -15.94 47.80
C TRP D 421 -0.46 -15.01 48.62
N ARG D 422 0.16 -14.30 49.56
CA ARG D 422 -0.56 -13.39 50.44
C ARG D 422 -0.51 -11.99 49.84
N SER D 423 -1.40 -11.12 50.31
CA SER D 423 -1.67 -9.87 49.61
C SER D 423 -0.57 -8.85 49.85
N PHE D 424 0.04 -8.86 51.03
CA PHE D 424 1.05 -7.86 51.35
C PHE D 424 2.33 -8.05 50.54
N HIS D 425 2.64 -9.28 50.12
CA HIS D 425 3.74 -9.46 49.18
C HIS D 425 3.39 -8.89 47.82
N LEU D 426 2.12 -9.01 47.41
CA LEU D 426 1.70 -8.44 46.15
C LEU D 426 1.70 -6.92 46.19
N GLU D 427 1.40 -6.34 47.35
CA GLU D 427 1.41 -4.88 47.44
C GLU D 427 2.83 -4.35 47.48
N ALA D 428 3.75 -5.12 48.08
CA ALA D 428 5.15 -4.71 48.07
C ALA D 428 5.73 -4.75 46.66
N SER D 429 5.50 -5.84 45.93
CA SER D 429 5.97 -5.93 44.56
C SER D 429 5.26 -4.97 43.63
N LEU D 430 4.04 -4.54 43.99
CA LEU D 430 3.35 -3.53 43.20
C LEU D 430 4.03 -2.17 43.33
N MET D 431 4.49 -1.81 44.53
CA MET D 431 5.25 -0.58 44.68
C MET D 431 6.59 -0.66 43.97
N ASP D 432 7.16 -1.86 43.86
CA ASP D 432 8.34 -2.02 43.03
C ASP D 432 8.02 -1.86 41.56
N ALA D 433 6.80 -2.18 41.15
CA ALA D 433 6.44 -2.03 39.75
C ALA D 433 5.93 -0.65 39.41
N LEU D 434 5.45 0.11 40.40
CA LEU D 434 4.92 1.44 40.14
C LEU D 434 5.98 2.52 40.26
N LEU D 435 6.92 2.38 41.22
CA LEU D 435 7.98 3.36 41.32
C LEU D 435 8.91 3.32 40.12
N ASN D 436 9.36 2.13 39.74
CA ASN D 436 10.07 1.95 38.50
C ASN D 436 9.08 1.94 37.35
N ASP D 437 9.59 2.02 36.13
CA ASP D 437 8.72 2.05 34.95
C ASP D 437 8.61 0.65 34.38
N ARG D 438 7.76 -0.16 35.00
CA ARG D 438 7.44 -1.50 34.52
C ARG D 438 5.92 -1.59 34.46
N PRO D 439 5.32 -1.29 33.32
CA PRO D 439 3.86 -1.31 33.23
C PRO D 439 3.30 -2.72 33.14
N GLU D 440 4.12 -3.64 32.61
CA GLU D 440 3.64 -4.98 32.35
C GLU D 440 3.46 -5.77 33.64
N PHE D 441 4.24 -5.44 34.67
CA PHE D 441 4.01 -6.05 35.96
C PHE D 441 2.80 -5.46 36.66
N VAL D 442 2.46 -4.22 36.36
CA VAL D 442 1.28 -3.61 36.97
C VAL D 442 0.01 -4.27 36.43
N ARG D 443 0.00 -4.52 35.12
CA ARG D 443 -1.11 -5.23 34.50
C ARG D 443 -1.21 -6.67 35.00
N LEU D 444 -0.06 -7.33 35.20
CA LEU D 444 -0.07 -8.71 35.64
C LEU D 444 -0.52 -8.83 37.09
N LEU D 445 0.01 -8.00 37.97
CA LEU D 445 -0.31 -8.11 39.39
C LEU D 445 -1.73 -7.68 39.71
N ILE D 446 -2.27 -6.71 38.99
CA ILE D 446 -3.66 -6.35 39.23
C ILE D 446 -4.60 -7.42 38.69
N SER D 447 -4.25 -8.05 37.57
CA SER D 447 -5.07 -9.13 37.04
C SER D 447 -5.05 -10.38 37.90
N HIS D 448 -4.11 -10.49 38.84
CA HIS D 448 -4.17 -11.58 39.81
C HIS D 448 -5.25 -11.35 40.85
N GLY D 449 -5.57 -10.10 41.14
CA GLY D 449 -6.54 -9.81 42.18
C GLY D 449 -5.90 -9.14 43.36
N LEU D 450 -6.18 -7.85 43.53
CA LEU D 450 -5.51 -7.05 44.56
C LEU D 450 -6.34 -5.82 44.85
N SER D 451 -6.54 -5.53 46.13
CA SER D 451 -7.32 -4.36 46.55
C SER D 451 -6.51 -3.09 46.35
N LEU D 452 -7.21 -1.97 46.19
CA LEU D 452 -6.54 -0.69 46.00
C LEU D 452 -6.86 0.35 47.06
N GLY D 453 -8.05 0.31 47.65
CA GLY D 453 -8.32 1.19 48.77
C GLY D 453 -7.50 0.83 50.00
N HIS D 454 -7.29 -0.47 50.21
CA HIS D 454 -6.37 -0.94 51.23
C HIS D 454 -4.92 -0.75 50.82
N PHE D 455 -4.66 -0.50 49.53
CA PHE D 455 -3.31 -0.26 49.05
C PHE D 455 -2.85 1.17 49.30
N LEU D 456 -3.55 2.14 48.71
CA LEU D 456 -3.09 3.52 48.71
C LEU D 456 -3.28 4.15 50.09
N THR D 457 -2.29 3.94 50.93
CA THR D 457 -2.10 4.79 52.09
C THR D 457 -1.68 6.17 51.62
N PRO D 458 -1.91 7.20 52.43
CA PRO D 458 -1.27 8.49 52.14
C PRO D 458 0.24 8.44 52.25
N VAL D 459 0.80 7.44 52.95
CA VAL D 459 2.25 7.28 52.98
C VAL D 459 2.77 6.81 51.63
N ARG D 460 2.18 5.72 51.10
CA ARG D 460 2.61 5.23 49.78
C ARG D 460 2.28 6.22 48.68
N LEU D 461 1.17 6.94 48.83
CA LEU D 461 0.84 8.00 47.88
C LEU D 461 1.83 9.14 47.98
N ALA D 462 2.39 9.39 49.15
CA ALA D 462 3.48 10.36 49.25
C ALA D 462 4.75 9.83 48.61
N GLN D 463 4.97 8.52 48.66
CA GLN D 463 6.19 7.96 48.08
C GLN D 463 6.17 7.98 46.56
N LEU D 464 4.99 7.91 45.96
CA LEU D 464 4.89 7.83 44.51
C LEU D 464 5.27 9.16 43.85
N TYR D 465 5.19 10.25 44.59
CA TYR D 465 5.67 11.54 44.08
C TYR D 465 7.12 11.82 44.45
N SER D 466 7.85 10.83 44.95
CA SER D 466 9.26 11.00 45.25
C SER D 466 10.16 10.28 44.26
N ALA D 467 9.57 9.63 43.26
CA ALA D 467 10.34 9.03 42.16
C ALA D 467 10.37 10.00 40.98
N VAL D 468 10.86 11.19 41.25
CA VAL D 468 10.86 12.29 40.29
C VAL D 468 12.31 12.61 39.94
N SER D 469 12.60 12.72 38.65
CA SER D 469 13.90 13.20 38.22
C SER D 469 14.09 14.64 38.67
N PRO D 470 15.20 14.96 39.33
CA PRO D 470 15.30 16.24 40.06
C PRO D 470 15.49 17.46 39.19
N ASN D 471 15.39 17.34 37.86
CA ASN D 471 15.51 18.48 36.96
C ASN D 471 14.35 18.53 35.97
N SER D 472 13.17 18.09 36.40
CA SER D 472 12.00 18.05 35.55
C SER D 472 11.07 19.21 35.89
N LEU D 473 9.93 19.27 35.21
CA LEU D 473 8.96 20.33 35.42
C LEU D 473 8.10 20.10 36.65
N ILE D 474 7.68 18.84 36.87
CA ILE D 474 6.84 18.52 38.01
C ILE D 474 7.59 18.71 39.33
N ARG D 475 8.91 18.55 39.33
CA ARG D 475 9.70 18.80 40.53
C ARG D 475 9.68 20.28 40.89
N ASN D 476 9.78 21.16 39.88
CA ASN D 476 9.66 22.59 40.12
C ASN D 476 8.27 22.97 40.60
N LEU D 477 7.24 22.33 40.05
CA LEU D 477 5.87 22.68 40.41
C LEU D 477 5.55 22.24 41.83
N LEU D 478 6.02 21.06 42.24
CA LEU D 478 5.76 20.61 43.60
C LEU D 478 6.56 21.39 44.62
N ASP D 479 7.73 21.92 44.23
CA ASP D 479 8.46 22.79 45.14
C ASP D 479 7.78 24.15 45.28
N GLN D 480 7.29 24.71 44.17
CA GLN D 480 6.57 25.97 44.23
C GLN D 480 5.21 25.83 44.89
N ALA D 481 4.57 24.68 44.77
CA ALA D 481 3.31 24.47 45.46
C ALA D 481 3.51 24.32 46.95
N SER D 482 4.59 23.65 47.37
CA SER D 482 4.91 23.61 48.78
C SER D 482 5.42 24.95 49.32
N HIS D 483 5.82 25.86 48.42
CA HIS D 483 6.32 27.16 48.85
C HIS D 483 5.23 28.03 49.44
N ALA D 484 4.02 27.96 48.89
CA ALA D 484 2.90 28.76 49.40
C ALA D 484 2.06 27.95 50.38
N PRO D 501 1.88 15.84 48.24
CA PRO D 501 0.56 15.78 48.88
C PRO D 501 -0.14 17.13 48.82
N ASN D 502 0.20 17.91 47.80
CA ASN D 502 -0.46 19.18 47.51
C ASN D 502 -0.92 19.25 46.06
N VAL D 503 -1.51 18.17 45.55
CA VAL D 503 -1.87 18.11 44.13
C VAL D 503 -3.06 19.01 43.79
N GLY D 504 -3.92 19.32 44.76
CA GLY D 504 -5.03 20.23 44.48
C GLY D 504 -4.54 21.65 44.25
N GLN D 505 -3.43 22.01 44.87
CA GLN D 505 -2.79 23.28 44.59
C GLN D 505 -2.11 23.27 43.23
N VAL D 506 -1.50 22.14 42.85
CA VAL D 506 -0.82 22.05 41.56
C VAL D 506 -1.83 22.10 40.41
N LEU D 507 -2.92 21.36 40.54
CA LEU D 507 -3.96 21.41 39.53
C LEU D 507 -4.67 22.76 39.50
N ARG D 508 -4.70 23.47 40.63
CA ARG D 508 -5.24 24.82 40.60
C ARG D 508 -4.30 25.77 39.87
N THR D 509 -2.98 25.55 39.97
CA THR D 509 -2.05 26.34 39.17
C THR D 509 -2.13 26.05 37.69
N LEU D 510 -2.63 24.88 37.30
CA LEU D 510 -2.79 24.61 35.88
C LEU D 510 -4.22 24.83 35.41
N LEU D 511 -5.18 24.13 36.02
CA LEU D 511 -6.58 24.27 35.60
C LEU D 511 -7.20 25.51 36.22
N GLN D 556 -14.63 3.81 47.09
CA GLN D 556 -13.19 3.64 46.97
C GLN D 556 -12.81 3.08 45.60
N ALA D 557 -12.91 3.96 44.59
CA ALA D 557 -12.41 3.70 43.24
C ALA D 557 -11.24 4.63 43.00
N PRO D 558 -10.03 4.28 43.42
CA PRO D 558 -8.94 5.25 43.43
C PRO D 558 -8.15 5.30 42.14
N TRP D 559 -8.73 4.80 41.04
CA TRP D 559 -8.03 4.75 39.78
C TRP D 559 -7.74 6.14 39.23
N SER D 560 -8.57 7.13 39.57
CA SER D 560 -8.38 8.47 39.05
C SER D 560 -7.15 9.14 39.62
N ASP D 561 -6.78 8.83 40.87
CA ASP D 561 -5.57 9.40 41.43
C ASP D 561 -4.33 8.82 40.78
N LEU D 562 -4.38 7.55 40.40
CA LEU D 562 -3.29 6.96 39.64
C LEU D 562 -3.24 7.48 38.22
N LEU D 563 -4.38 7.86 37.65
CA LEU D 563 -4.37 8.45 36.31
C LEU D 563 -3.67 9.80 36.31
N ILE D 564 -4.02 10.66 37.27
CA ILE D 564 -3.37 11.96 37.38
C ILE D 564 -1.90 11.80 37.72
N TRP D 565 -1.56 10.82 38.56
CA TRP D 565 -0.18 10.53 38.90
C TRP D 565 0.63 10.14 37.67
N ALA D 566 0.09 9.29 36.82
CA ALA D 566 0.82 8.87 35.64
C ALA D 566 0.92 9.96 34.60
N LEU D 567 -0.06 10.88 34.56
CA LEU D 567 0.01 11.95 33.58
C LEU D 567 1.02 13.01 33.96
N LEU D 568 1.23 13.24 35.27
CA LEU D 568 2.18 14.27 35.66
C LEU D 568 3.61 13.82 35.43
N LEU D 569 3.93 12.56 35.69
CA LEU D 569 5.29 12.08 35.54
C LEU D 569 5.61 11.61 34.14
N ASN D 570 4.66 11.75 33.21
CA ASN D 570 4.83 11.46 31.78
C ASN D 570 5.19 9.99 31.54
N ARG D 571 4.30 9.10 32.00
CA ARG D 571 4.33 7.70 31.61
C ARG D 571 3.21 7.49 30.61
N ALA D 572 3.48 6.71 29.56
CA ALA D 572 2.46 6.49 28.55
C ALA D 572 1.63 5.25 28.87
N GLN D 573 2.30 4.12 29.10
CA GLN D 573 1.59 2.86 29.29
C GLN D 573 0.89 2.82 30.63
N MET D 574 1.42 3.51 31.64
CA MET D 574 0.74 3.61 32.91
C MET D 574 -0.57 4.36 32.77
N ALA D 575 -0.54 5.49 32.05
CA ALA D 575 -1.72 6.34 31.99
C ALA D 575 -2.80 5.75 31.09
N ILE D 576 -2.41 5.03 30.04
CA ILE D 576 -3.40 4.38 29.20
C ILE D 576 -4.10 3.26 29.96
N TYR D 577 -3.33 2.45 30.70
CA TYR D 577 -3.93 1.36 31.45
C TYR D 577 -4.82 1.86 32.58
N PHE D 578 -4.41 2.93 33.26
CA PHE D 578 -5.23 3.48 34.32
C PHE D 578 -6.46 4.18 33.77
N TRP D 579 -6.43 4.62 32.52
CA TRP D 579 -7.65 5.08 31.89
C TRP D 579 -8.60 3.93 31.64
N GLU D 580 -8.07 2.79 31.19
CA GLU D 580 -8.89 1.68 30.76
C GLU D 580 -9.54 0.93 31.91
N LYS D 581 -9.14 1.20 33.16
CA LYS D 581 -9.84 0.59 34.27
C LYS D 581 -10.85 1.52 34.93
N GLY D 582 -10.56 2.81 34.99
CA GLY D 582 -11.41 3.74 35.70
C GLY D 582 -12.71 4.04 34.96
N SER D 583 -13.65 4.59 35.70
CA SER D 583 -14.94 4.98 35.16
C SER D 583 -14.88 6.45 34.78
N ASN D 584 -16.02 6.97 34.31
CA ASN D 584 -16.20 8.36 33.85
C ASN D 584 -15.16 8.69 32.78
N SER D 585 -15.27 7.99 31.66
CA SER D 585 -14.13 7.86 30.76
C SER D 585 -14.00 8.99 29.74
N VAL D 586 -15.11 9.52 29.22
CA VAL D 586 -15.03 10.52 28.17
C VAL D 586 -14.49 11.83 28.72
N ALA D 587 -15.03 12.27 29.86
CA ALA D 587 -14.57 13.51 30.47
C ALA D 587 -13.15 13.40 30.99
N SER D 588 -12.76 12.22 31.47
CA SER D 588 -11.39 12.03 31.93
C SER D 588 -10.40 12.03 30.79
N ALA D 589 -10.78 11.54 29.61
CA ALA D 589 -9.88 11.63 28.47
C ALA D 589 -9.72 13.06 28.00
N LEU D 590 -10.79 13.86 28.04
CA LEU D 590 -10.67 15.25 27.62
C LEU D 590 -9.88 16.08 28.63
N GLY D 591 -10.03 15.80 29.91
CA GLY D 591 -9.18 16.44 30.91
C GLY D 591 -7.73 16.02 30.79
N ALA D 592 -7.48 14.79 30.34
CA ALA D 592 -6.12 14.34 30.12
C ALA D 592 -5.47 15.07 28.97
N CYS D 593 -6.22 15.29 27.88
CA CYS D 593 -5.67 15.98 26.73
C CYS D 593 -5.40 17.45 27.05
N LEU D 594 -6.27 18.07 27.83
CA LEU D 594 -6.06 19.44 28.28
C LEU D 594 -4.82 19.55 29.16
N LEU D 595 -4.65 18.62 30.09
CA LEU D 595 -3.58 18.73 31.08
C LEU D 595 -2.21 18.48 30.45
N LEU D 596 -2.15 17.60 29.46
CA LEU D 596 -0.87 17.32 28.82
C LEU D 596 -0.42 18.46 27.91
N ARG D 597 -1.36 19.10 27.22
CA ARG D 597 -0.95 20.22 26.36
C ARG D 597 -0.57 21.44 27.17
N VAL D 598 -1.26 21.70 28.28
CA VAL D 598 -0.90 22.81 29.15
C VAL D 598 0.48 22.60 29.75
N MET D 599 0.79 21.36 30.15
CA MET D 599 2.17 21.11 30.59
C MET D 599 3.15 21.01 29.45
N ALA D 600 2.68 20.90 28.21
CA ALA D 600 3.63 20.86 27.10
C ALA D 600 4.11 22.24 26.73
N ARG D 601 3.24 23.25 26.82
CA ARG D 601 3.68 24.62 26.53
C ARG D 601 4.62 25.17 27.59
N LEU D 602 4.54 24.66 28.80
CA LEU D 602 5.31 25.14 29.93
C LEU D 602 6.63 24.38 30.07
N GLU D 603 6.93 23.49 29.13
CA GLU D 603 8.03 22.55 29.23
C GLU D 603 9.30 23.15 28.65
N SER D 604 10.45 22.79 29.24
CA SER D 604 11.74 23.27 28.78
C SER D 604 12.26 22.50 27.57
N GLU D 605 12.48 21.20 27.73
CA GLU D 605 13.17 20.40 26.73
C GLU D 605 12.26 20.17 25.53
N ALA D 606 12.84 20.17 24.33
CA ALA D 606 12.07 19.88 23.13
C ALA D 606 11.63 18.43 23.07
N GLU D 607 12.42 17.53 23.66
CA GLU D 607 12.15 16.10 23.53
C GLU D 607 11.00 15.67 24.45
N GLU D 608 10.99 16.14 25.69
CA GLU D 608 9.91 15.80 26.60
C GLU D 608 8.61 16.48 26.22
N ALA D 609 8.69 17.70 25.68
CA ALA D 609 7.50 18.38 25.20
C ALA D 609 6.91 17.66 23.99
N ALA D 610 7.76 17.16 23.10
CA ALA D 610 7.24 16.44 21.94
C ALA D 610 6.63 15.10 22.34
N ARG D 611 7.19 14.46 23.36
CA ARG D 611 6.65 13.18 23.81
C ARG D 611 5.30 13.37 24.50
N ARG D 612 5.13 14.47 25.25
CA ARG D 612 3.84 14.75 25.85
C ARG D 612 2.79 15.12 24.82
N LYS D 613 3.19 15.75 23.72
CA LYS D 613 2.22 16.05 22.67
C LYS D 613 1.73 14.78 21.97
N ASP D 614 2.57 13.75 21.88
CA ASP D 614 2.12 12.51 21.27
C ASP D 614 1.17 11.75 22.20
N LEU D 615 1.40 11.84 23.51
CA LEU D 615 0.47 11.22 24.45
C LEU D 615 -0.88 11.93 24.44
N ALA D 616 -0.86 13.27 24.35
CA ALA D 616 -2.11 14.02 24.31
C ALA D 616 -2.89 13.74 23.04
N ALA D 617 -2.21 13.43 21.94
CA ALA D 617 -2.93 13.03 20.73
C ALA D 617 -3.50 11.63 20.87
N THR D 618 -2.88 10.77 21.69
CA THR D 618 -3.44 9.45 21.92
C THR D 618 -4.75 9.54 22.68
N PHE D 619 -4.78 10.32 23.77
CA PHE D 619 -6.01 10.44 24.54
C PHE D 619 -7.11 11.17 23.80
N GLU D 620 -6.75 12.07 22.90
CA GLU D 620 -7.78 12.72 22.09
C GLU D 620 -8.43 11.72 21.15
N SER D 621 -7.65 10.78 20.60
CA SER D 621 -8.20 9.77 19.73
C SER D 621 -9.10 8.79 20.46
N MET D 622 -8.77 8.44 21.71
CA MET D 622 -9.62 7.50 22.43
C MET D 622 -10.93 8.12 22.87
N SER D 623 -10.95 9.41 23.19
CA SER D 623 -12.22 10.05 23.48
C SER D 623 -13.11 10.14 22.26
N VAL D 624 -12.50 10.31 21.07
CA VAL D 624 -13.24 10.31 19.82
C VAL D 624 -13.92 8.96 19.59
N ASP D 625 -13.18 7.86 19.75
CA ASP D 625 -13.73 6.56 19.40
C ASP D 625 -14.74 6.06 20.42
N LEU D 626 -14.54 6.38 21.70
CA LEU D 626 -15.49 5.96 22.72
C LEU D 626 -16.82 6.68 22.56
N PHE D 627 -16.78 7.99 22.31
CA PHE D 627 -18.04 8.68 22.06
C PHE D 627 -18.65 8.28 20.74
N GLY D 628 -17.84 7.79 19.81
CA GLY D 628 -18.38 7.28 18.56
C GLY D 628 -19.32 6.11 18.77
N GLU D 629 -18.91 5.14 19.59
CA GLU D 629 -19.80 4.00 19.83
C GLU D 629 -20.93 4.33 20.80
N CYS D 630 -20.72 5.24 21.74
CA CYS D 630 -21.81 5.62 22.63
C CYS D 630 -22.89 6.39 21.89
N TYR D 631 -22.51 7.23 20.94
CA TYR D 631 -23.52 7.90 20.13
C TYR D 631 -24.17 6.96 19.14
N HIS D 632 -23.41 5.99 18.64
CA HIS D 632 -23.93 5.07 17.64
C HIS D 632 -24.98 4.13 18.22
N ASN D 633 -24.97 3.91 19.54
CA ASN D 633 -26.07 3.15 20.13
C ASN D 633 -27.29 4.03 20.34
N SER D 634 -27.16 5.06 21.17
CA SER D 634 -28.31 5.79 21.69
C SER D 634 -28.05 7.27 21.64
N GLU D 635 -28.86 7.99 20.86
CA GLU D 635 -28.60 9.41 20.63
C GLU D 635 -29.00 10.27 21.82
N GLU D 636 -30.14 9.98 22.46
CA GLU D 636 -30.54 10.79 23.61
C GLU D 636 -29.62 10.58 24.80
N ARG D 637 -29.13 9.37 24.98
CA ARG D 637 -28.35 9.09 26.18
C ARG D 637 -26.94 9.62 26.04
N ALA D 638 -26.40 9.63 24.82
CA ALA D 638 -25.12 10.29 24.58
C ALA D 638 -25.27 11.81 24.65
N ALA D 639 -26.42 12.33 24.23
CA ALA D 639 -26.68 13.76 24.35
C ALA D 639 -26.71 14.19 25.81
N ARG D 640 -27.20 13.31 26.70
CA ARG D 640 -27.14 13.60 28.11
C ARG D 640 -25.76 13.32 28.68
N LEU D 641 -24.90 12.64 27.94
CA LEU D 641 -23.57 12.36 28.43
C LEU D 641 -22.64 13.57 28.28
N LEU D 642 -22.76 14.30 27.17
CA LEU D 642 -21.88 15.46 27.01
C LEU D 642 -22.33 16.64 27.86
N LEU D 643 -23.64 16.85 27.96
CA LEU D 643 -24.19 18.05 28.59
C LEU D 643 -24.38 17.89 30.08
N ARG D 644 -23.60 17.03 30.72
CA ARG D 644 -23.74 16.76 32.14
C ARG D 644 -22.87 17.73 32.93
N ARG D 645 -23.43 18.27 34.01
CA ARG D 645 -22.77 19.34 34.74
C ARG D 645 -21.68 18.80 35.65
N CYS D 646 -20.54 19.52 35.66
CA CYS D 646 -19.33 19.34 36.47
C CYS D 646 -18.82 17.90 36.60
N PRO D 647 -18.24 17.30 35.55
CA PRO D 647 -17.62 15.98 35.73
C PRO D 647 -16.21 16.01 36.31
N LEU D 648 -15.46 17.07 36.03
CA LEU D 648 -14.07 17.20 36.50
C LEU D 648 -13.74 18.66 36.74
N TRP D 649 -13.26 18.95 37.95
CA TRP D 649 -12.70 20.25 38.35
C TRP D 649 -13.72 21.37 38.14
N GLY D 650 -14.78 21.29 38.94
CA GLY D 650 -15.77 22.34 38.94
C GLY D 650 -16.68 22.27 37.73
N GLU D 651 -17.49 23.31 37.59
CA GLU D 651 -18.56 23.33 36.59
C GLU D 651 -17.94 23.64 35.23
N ALA D 652 -17.62 22.57 34.50
CA ALA D 652 -17.14 22.69 33.13
C ALA D 652 -17.51 21.40 32.42
N THR D 653 -18.46 21.48 31.48
CA THR D 653 -18.94 20.30 30.79
C THR D 653 -17.89 19.80 29.80
N CYS D 654 -18.22 18.70 29.11
CA CYS D 654 -17.25 18.06 28.23
C CYS D 654 -16.99 18.89 26.99
N LEU D 655 -17.93 19.75 26.62
CA LEU D 655 -17.67 20.61 25.47
C LEU D 655 -16.70 21.72 25.81
N GLN D 656 -16.77 22.28 27.02
CA GLN D 656 -15.80 23.31 27.37
C GLN D 656 -14.43 22.72 27.66
N LEU D 657 -14.38 21.48 28.12
CA LEU D 657 -13.11 20.77 28.19
C LEU D 657 -12.51 20.58 26.81
N ALA D 658 -13.34 20.22 25.83
CA ALA D 658 -12.84 20.11 24.46
C ALA D 658 -12.54 21.47 23.86
N MET D 659 -13.20 22.51 24.37
CA MET D 659 -12.97 23.86 23.89
C MET D 659 -11.58 24.36 24.27
N GLN D 660 -11.19 24.20 25.53
CA GLN D 660 -9.94 24.77 25.99
C GLN D 660 -8.74 23.95 25.53
N ALA D 661 -8.97 22.72 25.10
CA ALA D 661 -7.86 21.82 24.85
C ALA D 661 -7.38 21.82 23.40
N ASP D 662 -7.95 22.69 22.55
CA ASP D 662 -7.75 22.69 21.10
C ASP D 662 -8.05 21.32 20.49
N ALA D 663 -9.15 20.73 20.93
CA ALA D 663 -9.52 19.39 20.48
C ALA D 663 -10.35 19.54 19.22
N ARG D 664 -9.71 19.96 18.14
CA ARG D 664 -10.42 20.20 16.89
C ARG D 664 -10.89 18.93 16.23
N ALA D 665 -10.27 17.79 16.54
CA ALA D 665 -10.74 16.53 15.96
C ALA D 665 -11.83 15.89 16.77
N PHE D 666 -12.22 16.48 17.90
CA PHE D 666 -13.37 15.98 18.64
C PHE D 666 -14.67 16.63 18.20
N PHE D 667 -14.65 17.93 17.93
CA PHE D 667 -15.83 18.61 17.40
C PHE D 667 -16.10 18.28 15.95
N ALA D 668 -15.20 17.59 15.27
CA ALA D 668 -15.34 17.29 13.86
C ALA D 668 -16.15 16.03 13.59
N GLN D 669 -16.85 15.49 14.59
CA GLN D 669 -17.58 14.26 14.36
C GLN D 669 -18.92 14.54 13.71
N ASP D 670 -19.73 13.49 13.66
CA ASP D 670 -21.11 13.63 13.21
C ASP D 670 -22.05 13.86 14.37
N GLY D 671 -21.83 13.19 15.49
CA GLY D 671 -22.74 13.30 16.60
C GLY D 671 -22.61 14.62 17.32
N VAL D 672 -21.40 15.15 17.41
CA VAL D 672 -21.21 16.42 18.10
C VAL D 672 -21.79 17.56 17.30
N GLN D 673 -21.64 17.52 15.96
CA GLN D 673 -22.27 18.52 15.12
C GLN D 673 -23.78 18.39 15.10
N SER D 674 -24.30 17.17 15.30
CA SER D 674 -25.73 17.04 15.46
C SER D 674 -26.19 17.64 16.77
N LEU D 675 -25.39 17.51 17.82
CA LEU D 675 -25.83 18.04 19.10
C LEU D 675 -25.71 19.55 19.16
N LEU D 676 -24.75 20.12 18.44
CA LEU D 676 -24.70 21.57 18.33
C LEU D 676 -25.87 22.09 17.49
N THR D 677 -26.36 21.29 16.56
CA THR D 677 -27.55 21.68 15.80
C THR D 677 -28.78 21.67 16.70
N GLN D 678 -28.95 20.61 17.49
CA GLN D 678 -30.12 20.53 18.38
C GLN D 678 -30.07 21.56 19.49
N LYS D 679 -28.86 21.95 19.90
CA LYS D 679 -28.74 23.06 20.83
C LYS D 679 -29.08 24.38 20.15
N TRP D 680 -28.80 24.48 18.86
CA TRP D 680 -29.02 25.73 18.14
C TRP D 680 -30.50 25.99 17.90
N TRP D 681 -31.28 24.95 17.68
CA TRP D 681 -32.70 25.14 17.44
C TRP D 681 -33.52 25.25 18.71
N GLY D 682 -32.89 25.22 19.88
CA GLY D 682 -33.65 25.36 21.12
C GLY D 682 -34.49 24.13 21.38
N GLU D 683 -35.79 24.35 21.57
CA GLU D 683 -36.74 23.28 21.84
C GLU D 683 -37.68 23.06 20.68
N MET D 684 -37.25 23.36 19.47
CA MET D 684 -38.01 23.06 18.28
C MET D 684 -37.53 21.73 17.74
N ASP D 685 -38.05 21.33 16.59
CA ASP D 685 -37.45 20.22 15.86
C ASP D 685 -36.43 20.78 14.90
N SER D 686 -35.30 20.10 14.80
CA SER D 686 -34.21 20.58 13.94
C SER D 686 -34.44 20.29 12.47
N THR D 687 -35.63 19.81 12.09
CA THR D 687 -35.98 19.58 10.70
C THR D 687 -36.92 20.64 10.15
N THR D 688 -37.21 21.68 10.92
CA THR D 688 -38.06 22.74 10.41
C THR D 688 -37.27 23.56 9.38
N PRO D 689 -37.85 23.86 8.23
CA PRO D 689 -37.16 24.71 7.26
C PRO D 689 -37.14 26.16 7.74
N ILE D 690 -36.29 26.95 7.07
CA ILE D 690 -36.04 28.32 7.52
C ILE D 690 -37.22 29.23 7.23
N TRP D 691 -37.92 28.99 6.12
CA TRP D 691 -39.01 29.88 5.74
C TRP D 691 -40.19 29.79 6.70
N ALA D 692 -40.41 28.63 7.31
CA ALA D 692 -41.45 28.52 8.33
C ALA D 692 -41.08 29.31 9.58
N LEU D 693 -39.79 29.37 9.89
CA LEU D 693 -39.33 30.20 11.00
C LEU D 693 -39.53 31.68 10.73
N LEU D 694 -39.31 32.11 9.49
CA LEU D 694 -39.55 33.51 9.15
C LEU D 694 -41.03 33.86 9.21
N LEU D 695 -41.88 32.98 8.68
CA LEU D 695 -43.31 33.26 8.64
C LEU D 695 -43.91 33.28 10.04
N ALA D 696 -43.40 32.45 10.94
CA ALA D 696 -43.85 32.56 12.31
C ALA D 696 -43.21 33.73 13.04
N PHE D 697 -42.08 34.22 12.55
CA PHE D 697 -41.44 35.35 13.21
C PHE D 697 -42.17 36.64 12.92
N PHE D 698 -42.73 36.77 11.73
CA PHE D 698 -43.53 37.94 11.38
C PHE D 698 -45.02 37.72 11.65
N CYS D 699 -45.41 36.57 12.20
CA CYS D 699 -46.77 36.35 12.67
C CYS D 699 -46.71 35.68 14.04
N PRO D 700 -46.56 36.47 15.11
CA PRO D 700 -46.58 35.92 16.48
C PRO D 700 -47.88 35.21 16.87
N PRO D 701 -49.05 35.50 16.28
CA PRO D 701 -50.17 34.56 16.48
C PRO D 701 -50.06 33.25 15.71
N LEU D 702 -49.08 33.08 14.84
CA LEU D 702 -48.98 31.83 14.12
C LEU D 702 -47.98 30.88 14.78
N ILE D 703 -47.60 31.15 16.04
CA ILE D 703 -46.86 30.18 16.83
C ILE D 703 -47.72 28.96 17.11
N TYR D 704 -48.97 29.19 17.50
CA TYR D 704 -49.85 28.12 17.96
C TYR D 704 -50.53 27.37 16.82
N THR D 705 -49.76 26.93 15.84
CA THR D 705 -50.31 26.13 14.74
C THR D 705 -49.43 24.92 14.48
N ASN D 706 -49.72 24.18 13.41
CA ASN D 706 -48.92 23.01 13.04
C ASN D 706 -47.93 23.37 11.92
N LEU D 707 -47.02 24.28 12.21
CA LEU D 707 -45.88 24.53 11.33
C LEU D 707 -44.54 24.39 12.03
N ILE D 708 -44.50 24.55 13.34
CA ILE D 708 -43.28 24.36 14.10
C ILE D 708 -43.54 23.21 15.07
N VAL D 709 -43.05 22.03 14.71
CA VAL D 709 -43.19 20.86 15.55
C VAL D 709 -42.18 20.92 16.68
N PHE D 710 -42.67 20.76 17.90
CA PHE D 710 -41.81 20.88 19.08
C PHE D 710 -41.29 19.49 19.50
N ARG D 711 -40.65 19.44 20.67
CA ARG D 711 -40.11 18.23 21.30
C ARG D 711 -39.10 17.52 20.40
N LYS D 712 -38.01 18.25 20.15
CA LYS D 712 -36.80 17.77 19.47
C LYS D 712 -37.03 17.12 18.11
N SER D 765 -48.99 29.76 27.81
CA SER D 765 -47.81 30.58 28.03
C SER D 765 -46.55 29.72 28.00
N LYS D 766 -46.65 28.56 27.37
CA LYS D 766 -45.51 27.65 27.23
C LYS D 766 -44.83 27.77 25.87
N ARG D 767 -45.61 27.67 24.78
CA ARG D 767 -45.05 27.76 23.44
C ARG D 767 -44.53 29.15 23.11
N TRP D 768 -44.96 30.18 23.85
CA TRP D 768 -44.37 31.50 23.72
C TRP D 768 -42.90 31.48 24.14
N SER D 769 -42.60 30.97 25.31
CA SER D 769 -41.22 30.84 25.73
C SER D 769 -40.48 29.72 25.01
N ASP D 770 -41.20 28.80 24.37
CA ASP D 770 -40.53 27.79 23.56
C ASP D 770 -40.02 28.36 22.26
N PHE D 771 -40.82 29.15 21.56
CA PHE D 771 -40.38 29.77 20.32
C PHE D 771 -39.35 30.87 20.58
N TRP D 772 -39.64 31.78 21.50
CA TRP D 772 -38.77 32.93 21.69
C TRP D 772 -37.56 32.64 22.57
N GLY D 773 -37.36 31.40 22.99
CA GLY D 773 -36.23 31.09 23.82
C GLY D 773 -35.09 30.48 23.05
N ALA D 774 -35.40 29.98 21.84
CA ALA D 774 -34.41 29.28 21.04
C ALA D 774 -33.36 30.26 20.53
N PRO D 775 -32.13 29.80 20.33
CA PRO D 775 -31.09 30.70 19.84
C PRO D 775 -31.26 31.14 18.39
N VAL D 776 -32.07 30.44 17.59
CA VAL D 776 -32.30 30.91 16.23
C VAL D 776 -33.12 32.18 16.23
N THR D 777 -34.01 32.35 17.21
CA THR D 777 -34.82 33.56 17.25
C THR D 777 -34.12 34.71 17.94
N ALA D 778 -33.16 34.44 18.80
CA ALA D 778 -32.32 35.53 19.29
C ALA D 778 -31.40 36.03 18.18
N PHE D 779 -30.90 35.11 17.36
CA PHE D 779 -30.08 35.49 16.21
C PHE D 779 -30.91 36.22 15.17
N LEU D 780 -32.14 35.76 14.94
CA LEU D 780 -32.97 36.39 13.93
C LEU D 780 -33.41 37.78 14.38
N GLY D 781 -33.60 37.97 15.68
CA GLY D 781 -33.86 39.30 16.20
C GLY D 781 -32.65 40.21 16.10
N ASN D 782 -31.45 39.64 16.20
CA ASN D 782 -30.23 40.44 16.02
C ASN D 782 -30.10 40.96 14.60
N VAL D 783 -30.36 40.09 13.61
CA VAL D 783 -30.15 40.48 12.22
C VAL D 783 -31.20 41.49 11.77
N VAL D 784 -32.46 41.29 12.17
CA VAL D 784 -33.52 42.21 11.78
C VAL D 784 -33.32 43.59 12.41
N SER D 785 -32.91 43.63 13.67
CA SER D 785 -32.66 44.92 14.30
C SER D 785 -31.42 45.60 13.75
N TYR D 786 -30.44 44.83 13.26
CA TYR D 786 -29.23 45.45 12.76
C TYR D 786 -29.41 45.97 11.34
N LEU D 787 -30.22 45.31 10.52
CA LEU D 787 -30.53 45.86 9.20
C LEU D 787 -31.39 47.11 9.31
N LEU D 788 -32.28 47.19 10.31
CA LEU D 788 -33.05 48.41 10.49
C LEU D 788 -32.18 49.53 11.04
N PHE D 789 -31.10 49.19 11.72
CA PHE D 789 -30.13 50.21 12.08
C PHE D 789 -29.42 50.77 10.86
N LEU D 790 -29.07 49.92 9.90
CA LEU D 790 -28.38 50.42 8.73
C LEU D 790 -29.32 51.20 7.82
N LEU D 791 -30.59 50.81 7.77
CA LEU D 791 -31.57 51.61 7.03
C LEU D 791 -31.79 52.97 7.67
N LEU D 792 -31.82 53.04 8.99
CA LEU D 792 -31.98 54.34 9.64
C LEU D 792 -30.76 55.21 9.43
N PHE D 793 -29.58 54.61 9.47
CA PHE D 793 -28.35 55.35 9.24
C PHE D 793 -28.29 55.87 7.81
N ALA D 794 -28.87 55.12 6.87
CA ALA D 794 -28.86 55.53 5.47
C ALA D 794 -29.90 56.62 5.21
N HIS D 795 -31.05 56.55 5.87
CA HIS D 795 -32.05 57.61 5.70
C HIS D 795 -31.59 58.91 6.30
N VAL D 796 -30.86 58.86 7.41
CA VAL D 796 -30.31 60.09 7.99
C VAL D 796 -29.21 60.65 7.11
N LEU D 797 -28.33 59.78 6.60
CA LEU D 797 -27.14 60.26 5.92
C LEU D 797 -27.43 60.74 4.51
N LEU D 798 -28.38 60.13 3.80
CA LEU D 798 -28.60 60.45 2.40
C LEU D 798 -29.68 61.50 2.16
N VAL D 799 -30.81 61.43 2.86
CA VAL D 799 -32.01 62.15 2.48
C VAL D 799 -32.17 63.43 3.29
N ASP D 800 -32.35 63.33 4.59
CA ASP D 800 -32.53 64.51 5.43
C ASP D 800 -31.33 64.63 6.39
N PHE D 801 -30.42 65.53 6.06
CA PHE D 801 -29.29 65.85 6.92
C PHE D 801 -29.18 67.37 6.94
N GLN D 802 -29.92 68.00 7.86
CA GLN D 802 -29.95 69.46 7.94
C GLN D 802 -28.62 69.99 8.45
N PRO D 803 -28.15 71.12 7.92
CA PRO D 803 -26.84 71.64 8.35
C PRO D 803 -26.86 72.31 9.71
N THR D 804 -28.03 72.87 10.08
CA THR D 804 -28.13 73.67 11.30
C THR D 804 -28.36 72.80 12.54
N LYS D 805 -29.47 72.08 12.57
CA LYS D 805 -29.92 71.39 13.76
C LYS D 805 -30.19 69.93 13.43
N PRO D 806 -29.82 69.00 14.31
CA PRO D 806 -30.21 67.60 14.11
C PRO D 806 -31.72 67.43 14.16
N SER D 807 -32.24 66.62 13.26
CA SER D 807 -33.67 66.41 13.14
C SER D 807 -34.13 65.40 14.20
N VAL D 808 -35.36 64.92 14.07
CA VAL D 808 -35.87 63.89 14.96
C VAL D 808 -35.13 62.58 14.76
N SER D 809 -34.93 62.20 13.50
CA SER D 809 -34.40 60.88 13.16
C SER D 809 -32.93 60.76 13.53
N GLU D 810 -32.16 61.84 13.43
CA GLU D 810 -30.77 61.79 13.87
C GLU D 810 -30.67 61.64 15.38
N LEU D 811 -31.66 62.13 16.12
CA LEU D 811 -31.64 61.94 17.55
C LEU D 811 -32.06 60.52 17.94
N LEU D 812 -32.95 59.89 17.16
CA LEU D 812 -33.18 58.46 17.33
C LEU D 812 -31.92 57.67 17.03
N LEU D 813 -31.12 58.13 16.07
CA LEU D 813 -29.87 57.46 15.74
C LEU D 813 -28.85 57.58 16.86
N TYR D 814 -28.70 58.76 17.45
CA TYR D 814 -27.74 58.93 18.55
C TYR D 814 -28.15 58.15 19.78
N PHE D 815 -29.47 57.97 19.97
CA PHE D 815 -29.92 57.10 21.04
C PHE D 815 -29.57 55.64 20.75
N TRP D 816 -29.58 55.26 19.47
CA TRP D 816 -29.31 53.87 19.11
C TRP D 816 -27.86 53.51 19.38
N ALA D 817 -26.93 54.35 18.90
CA ALA D 817 -25.51 54.08 19.09
C ALA D 817 -25.09 54.22 20.55
N PHE D 818 -25.86 54.95 21.34
CA PHE D 818 -25.66 54.93 22.78
C PHE D 818 -25.94 53.55 23.36
N THR D 819 -27.00 52.89 22.88
CA THR D 819 -27.30 51.55 23.38
C THR D 819 -26.28 50.53 22.93
N LEU D 820 -25.81 50.62 21.68
CA LEU D 820 -24.78 49.69 21.22
C LEU D 820 -23.47 49.89 21.93
N LEU D 821 -23.17 51.13 22.35
CA LEU D 821 -21.96 51.38 23.13
C LEU D 821 -22.03 50.68 24.48
N CYS D 822 -23.19 50.75 25.14
CA CYS D 822 -23.36 50.04 26.40
C CYS D 822 -23.33 48.53 26.22
N GLU D 823 -23.68 48.04 25.04
CA GLU D 823 -23.60 46.61 24.78
C GLU D 823 -22.15 46.13 24.72
N GLU D 824 -21.26 46.90 24.08
CA GLU D 824 -19.88 46.47 24.01
C GLU D 824 -19.13 46.66 25.32
N LEU D 825 -19.52 47.63 26.14
CA LEU D 825 -18.99 47.69 27.50
C LEU D 825 -19.47 46.51 28.34
N ARG D 826 -20.67 46.01 28.07
CA ARG D 826 -21.13 44.84 28.82
C ARG D 826 -20.40 43.58 28.35
N GLN D 827 -20.07 43.48 27.07
CA GLN D 827 -19.26 42.34 26.64
C GLN D 827 -17.77 42.56 26.83
N GLY D 828 -17.36 43.64 27.48
CA GLY D 828 -15.98 43.79 27.88
C GLY D 828 -15.81 43.68 29.39
N LEU D 829 -16.88 43.94 30.13
CA LEU D 829 -16.82 43.96 31.59
C LEU D 829 -17.73 42.92 32.23
N GLY D 830 -18.73 42.43 31.52
CA GLY D 830 -19.59 41.39 32.08
C GLY D 830 -19.47 40.07 31.35
N LEU D 848 -10.44 42.69 37.41
CA LEU D 848 -11.34 43.27 36.42
C LEU D 848 -10.58 43.99 35.31
N ARG D 849 -9.25 43.92 35.36
CA ARG D 849 -8.42 44.47 34.30
C ARG D 849 -7.95 43.41 33.32
N HIS D 850 -7.87 42.16 33.79
CA HIS D 850 -7.60 41.04 32.89
C HIS D 850 -8.71 40.87 31.86
N ARG D 851 -9.94 41.25 32.23
CA ARG D 851 -11.06 41.20 31.29
C ARG D 851 -10.89 42.21 30.17
N LEU D 852 -10.25 43.35 30.45
CA LEU D 852 -9.97 44.31 29.38
C LEU D 852 -8.93 43.76 28.41
N HIS D 853 -8.01 42.92 28.88
CA HIS D 853 -7.17 42.20 27.93
C HIS D 853 -7.98 41.15 27.17
N LEU D 854 -9.03 40.60 27.79
CA LEU D 854 -9.86 39.62 27.12
C LEU D 854 -10.73 40.27 26.05
N TYR D 855 -11.03 41.56 26.20
CA TYR D 855 -11.73 42.28 25.15
C TYR D 855 -10.80 42.69 24.03
N LEU D 856 -9.66 43.29 24.39
CA LEU D 856 -8.69 43.84 23.45
C LEU D 856 -8.02 42.78 22.58
N SER D 857 -8.02 41.52 23.00
CA SER D 857 -7.25 40.51 22.28
C SER D 857 -7.88 40.16 20.93
N ASP D 858 -9.20 40.18 20.83
CA ASP D 858 -9.88 39.75 19.62
C ASP D 858 -9.83 40.86 18.56
N THR D 859 -10.45 40.58 17.40
CA THR D 859 -10.40 41.52 16.28
C THR D 859 -11.76 42.14 15.93
N TRP D 860 -12.87 41.54 16.37
CA TRP D 860 -14.19 42.10 16.10
C TRP D 860 -14.78 42.83 17.30
N ASN D 861 -14.27 42.57 18.50
CA ASN D 861 -14.43 43.55 19.57
C ASN D 861 -13.63 44.81 19.27
N GLN D 862 -12.44 44.67 18.69
CA GLN D 862 -11.67 45.83 18.25
C GLN D 862 -12.34 46.56 17.09
N CYS D 863 -12.93 45.81 16.15
CA CYS D 863 -13.54 46.46 14.99
C CYS D 863 -14.83 47.19 15.36
N ASP D 864 -15.66 46.60 16.22
CA ASP D 864 -16.87 47.29 16.67
C ASP D 864 -16.51 48.48 17.55
N LEU D 865 -15.41 48.38 18.29
CA LEU D 865 -14.85 49.53 18.97
C LEU D 865 -14.44 50.61 17.97
N LEU D 866 -13.90 50.20 16.82
CA LEU D 866 -13.45 51.16 15.81
C LEU D 866 -14.62 51.89 15.17
N ALA D 867 -15.74 51.18 14.93
CA ALA D 867 -16.91 51.82 14.34
C ALA D 867 -17.54 52.82 15.30
N LEU D 868 -17.50 52.52 16.61
CA LEU D 868 -18.07 53.46 17.56
C LEU D 868 -17.16 54.66 17.81
N THR D 869 -15.84 54.48 17.75
CA THR D 869 -14.95 55.62 17.91
C THR D 869 -15.02 56.57 16.72
N CYS D 870 -15.19 56.04 15.52
CA CYS D 870 -15.40 56.92 14.38
C CYS D 870 -16.79 57.56 14.41
N PHE D 871 -17.74 56.94 15.11
CA PHE D 871 -19.04 57.57 15.26
C PHE D 871 -18.96 58.77 16.19
N LEU D 872 -18.24 58.62 17.30
CA LEU D 872 -18.08 59.73 18.24
C LEU D 872 -17.28 60.86 17.62
N LEU D 873 -16.28 60.54 16.80
CA LEU D 873 -15.54 61.57 16.11
C LEU D 873 -16.41 62.27 15.07
N GLY D 874 -17.34 61.55 14.45
CA GLY D 874 -18.23 62.17 13.48
C GLY D 874 -19.23 63.12 14.13
N VAL D 875 -19.72 62.77 15.31
CA VAL D 875 -20.65 63.65 16.00
C VAL D 875 -19.95 64.89 16.52
N GLY D 876 -18.81 64.70 17.18
CA GLY D 876 -18.08 65.82 17.74
C GLY D 876 -17.50 66.76 16.71
N CYS D 877 -17.22 66.25 15.51
CA CYS D 877 -16.84 67.15 14.43
C CYS D 877 -18.04 67.81 13.78
N ARG D 878 -19.23 67.19 13.86
CA ARG D 878 -20.39 67.84 13.25
C ARG D 878 -20.87 69.01 14.08
N LEU D 879 -20.82 68.89 15.41
CA LEU D 879 -21.50 69.87 16.24
C LEU D 879 -20.77 71.21 16.33
N THR D 880 -19.46 71.22 16.11
CA THR D 880 -18.76 72.50 15.93
C THR D 880 -19.20 73.13 14.61
N PRO D 881 -19.38 74.45 14.56
CA PRO D 881 -20.06 75.04 13.40
C PRO D 881 -19.19 75.11 12.15
N GLY D 882 -17.87 75.14 12.29
CA GLY D 882 -17.03 75.28 11.13
C GLY D 882 -16.54 73.99 10.51
N LEU D 883 -16.93 72.85 11.06
CA LEU D 883 -16.41 71.55 10.63
C LEU D 883 -17.54 70.64 10.20
N PHE D 884 -18.53 71.19 9.50
CA PHE D 884 -19.71 70.41 9.12
C PHE D 884 -19.38 69.36 8.06
N ASP D 885 -18.66 69.76 7.01
CA ASP D 885 -18.35 68.81 5.95
C ASP D 885 -17.35 67.75 6.39
N LEU D 886 -16.58 68.01 7.44
CA LEU D 886 -15.68 66.99 7.97
C LEU D 886 -16.48 65.84 8.58
N GLY D 887 -17.47 66.16 9.41
CA GLY D 887 -18.33 65.12 9.94
C GLY D 887 -19.20 64.48 8.87
N ARG D 888 -19.51 65.23 7.81
CA ARG D 888 -20.30 64.70 6.71
C ARG D 888 -19.55 63.59 5.98
N THR D 889 -18.21 63.62 5.98
CA THR D 889 -17.46 62.55 5.34
C THR D 889 -17.05 61.45 6.31
N VAL D 890 -16.85 61.78 7.59
CA VAL D 890 -16.45 60.76 8.55
C VAL D 890 -17.59 59.79 8.81
N LEU D 891 -18.84 60.28 8.79
CA LEU D 891 -19.95 59.35 8.93
C LEU D 891 -20.12 58.44 7.71
N CYS D 892 -19.63 58.85 6.54
CA CYS D 892 -19.69 57.98 5.37
C CYS D 892 -18.71 56.83 5.48
N LEU D 893 -17.46 57.12 5.88
CA LEU D 893 -16.52 56.04 6.17
C LEU D 893 -16.99 55.19 7.34
N ASP D 894 -17.71 55.78 8.28
CA ASP D 894 -18.24 54.99 9.39
C ASP D 894 -19.34 54.05 8.94
N PHE D 895 -20.13 54.44 7.93
CA PHE D 895 -21.17 53.54 7.44
C PHE D 895 -20.56 52.34 6.73
N MET D 896 -19.38 52.50 6.15
CA MET D 896 -18.69 51.32 5.64
C MET D 896 -18.30 50.37 6.76
N ILE D 897 -17.79 50.91 7.86
CA ILE D 897 -17.30 50.04 8.93
C ILE D 897 -18.46 49.36 9.67
N PHE D 898 -19.64 49.99 9.70
CA PHE D 898 -20.78 49.28 10.26
C PHE D 898 -21.31 48.18 9.35
N THR D 899 -21.18 48.34 8.03
CA THR D 899 -21.69 47.31 7.14
C THR D 899 -20.72 46.17 6.91
N LEU D 900 -19.46 46.30 7.31
CA LEU D 900 -18.57 45.15 7.30
C LEU D 900 -18.67 44.34 8.58
N ARG D 901 -19.63 44.69 9.41
CA ARG D 901 -19.99 43.94 10.59
C ARG D 901 -20.72 42.65 10.20
N LEU D 902 -21.58 42.75 9.18
CA LEU D 902 -22.44 41.65 8.74
C LEU D 902 -21.65 40.45 8.26
N LEU D 903 -20.36 40.60 7.96
CA LEU D 903 -19.58 39.43 7.59
C LEU D 903 -19.24 38.60 8.81
N HIS D 904 -19.14 39.20 9.99
CA HIS D 904 -18.86 38.46 11.20
C HIS D 904 -20.12 37.89 11.83
N ILE D 905 -21.27 38.53 11.61
CA ILE D 905 -22.51 38.01 12.18
C ILE D 905 -22.88 36.68 11.53
N PHE D 906 -22.72 36.56 10.22
CA PHE D 906 -23.15 35.37 9.52
C PHE D 906 -22.11 34.27 9.45
N THR D 907 -21.12 34.23 10.39
CA THR D 907 -20.26 33.06 10.40
C THR D 907 -20.90 31.90 11.14
N VAL D 908 -22.01 32.14 11.83
CA VAL D 908 -22.70 31.10 12.58
C VAL D 908 -23.40 30.14 11.65
N ASN D 909 -23.77 30.61 10.46
CA ASN D 909 -24.67 29.91 9.56
C ASN D 909 -24.02 28.66 8.98
N LYS D 910 -24.85 27.75 8.49
CA LYS D 910 -24.37 26.44 8.07
C LYS D 910 -23.74 26.48 6.69
N GLN D 911 -24.36 27.17 5.72
CA GLN D 911 -23.82 27.23 4.37
C GLN D 911 -22.85 28.38 4.15
N LEU D 912 -23.15 29.56 4.67
CA LEU D 912 -22.23 30.68 4.46
C LEU D 912 -21.10 30.69 5.47
N GLY D 913 -21.04 29.71 6.36
CA GLY D 913 -20.04 29.69 7.41
C GLY D 913 -18.60 29.56 6.96
N PRO D 914 -18.23 28.37 6.45
CA PRO D 914 -16.81 28.15 6.13
C PRO D 914 -16.31 28.99 4.98
N LYS D 915 -17.19 29.41 4.08
CA LYS D 915 -16.76 30.20 2.95
C LYS D 915 -16.44 31.63 3.35
N ILE D 916 -17.00 32.11 4.46
CA ILE D 916 -16.58 33.41 4.98
C ILE D 916 -15.24 33.27 5.72
N VAL D 917 -15.01 32.13 6.37
CA VAL D 917 -13.77 31.94 7.12
C VAL D 917 -12.57 31.86 6.19
N ILE D 918 -12.74 31.26 5.00
CA ILE D 918 -11.62 31.03 4.07
C ILE D 918 -11.03 32.31 3.49
N VAL D 919 -11.85 33.36 3.29
CA VAL D 919 -11.47 34.55 2.53
C VAL D 919 -10.27 35.26 3.13
N SER D 920 -10.15 35.26 4.46
CA SER D 920 -9.00 35.89 5.10
C SER D 920 -7.70 35.15 4.88
N LYS D 921 -7.73 33.87 4.55
CA LYS D 921 -6.50 33.14 4.27
C LYS D 921 -6.06 33.25 2.82
N MET D 922 -6.69 34.11 2.04
CA MET D 922 -6.30 34.31 0.65
C MET D 922 -5.55 35.62 0.47
N MET D 923 -5.47 36.42 1.53
CA MET D 923 -4.97 37.78 1.43
C MET D 923 -3.47 37.88 1.27
N LYS D 924 -2.74 36.77 1.31
CA LYS D 924 -1.32 36.85 1.03
C LYS D 924 -1.06 36.93 -0.47
N ASP D 925 -1.92 36.33 -1.28
CA ASP D 925 -1.72 36.32 -2.72
C ASP D 925 -2.17 37.63 -3.33
N VAL D 926 -3.15 38.29 -2.73
CA VAL D 926 -3.54 39.63 -3.17
C VAL D 926 -2.44 40.62 -2.87
N PHE D 927 -1.74 40.43 -1.75
CA PHE D 927 -0.62 41.31 -1.41
C PHE D 927 0.56 41.10 -2.33
N PHE D 928 0.79 39.86 -2.78
CA PHE D 928 1.79 39.66 -3.83
C PHE D 928 1.39 40.35 -5.12
N PHE D 929 0.11 40.28 -5.49
CA PHE D 929 -0.33 40.89 -6.73
C PHE D 929 -0.22 42.40 -6.67
N LEU D 930 -0.50 43.01 -5.52
CA LEU D 930 -0.31 44.44 -5.37
C LEU D 930 1.15 44.82 -5.46
N PHE D 931 2.04 43.95 -4.99
CA PHE D 931 3.47 44.21 -5.13
C PHE D 931 3.88 44.27 -6.58
N PHE D 932 3.56 43.23 -7.34
CA PHE D 932 4.04 43.16 -8.72
C PHE D 932 3.35 44.19 -9.58
N LEU D 933 2.13 44.56 -9.23
CA LEU D 933 1.41 45.58 -9.99
C LEU D 933 2.00 46.95 -9.76
N CYS D 934 2.37 47.28 -8.52
CA CYS D 934 2.92 48.61 -8.26
C CYS D 934 4.30 48.80 -8.85
N VAL D 935 5.11 47.74 -8.92
CA VAL D 935 6.39 47.81 -9.63
C VAL D 935 6.15 48.10 -11.10
N TRP D 936 5.23 47.36 -11.70
CA TRP D 936 4.98 47.52 -13.12
C TRP D 936 4.19 48.78 -13.46
N LEU D 937 3.44 49.32 -12.50
CA LEU D 937 2.63 50.51 -12.75
C LEU D 937 3.50 51.74 -12.75
N VAL D 938 4.49 51.79 -11.86
CA VAL D 938 5.47 52.86 -11.87
C VAL D 938 6.33 52.80 -13.11
N ALA D 939 6.78 51.59 -13.48
CA ALA D 939 7.65 51.40 -14.63
C ALA D 939 7.00 51.84 -15.93
N TYR D 940 5.75 51.45 -16.13
CA TYR D 940 5.02 51.88 -17.32
C TYR D 940 4.69 53.36 -17.27
N GLY D 941 4.27 53.85 -16.10
CA GLY D 941 3.65 55.16 -16.04
C GLY D 941 4.62 56.29 -16.28
N VAL D 942 5.79 56.25 -15.64
CA VAL D 942 6.74 57.33 -15.79
C VAL D 942 7.39 57.29 -17.16
N ALA D 943 7.45 56.11 -17.79
CA ALA D 943 8.02 56.00 -19.13
C ALA D 943 7.13 56.68 -20.15
N THR D 944 5.82 56.40 -20.15
CA THR D 944 4.94 57.10 -21.08
C THR D 944 4.76 58.55 -20.72
N GLU D 945 5.01 58.91 -19.47
CA GLU D 945 4.92 60.30 -19.09
C GLU D 945 6.15 61.07 -19.54
N GLY D 946 7.31 60.41 -19.57
CA GLY D 946 8.51 61.08 -20.00
C GLY D 946 8.63 61.20 -21.51
N ILE D 947 8.19 60.15 -22.21
CA ILE D 947 8.29 60.09 -23.67
C ILE D 947 7.49 61.18 -24.33
N LEU D 948 6.28 61.38 -23.84
CA LEU D 948 5.44 62.45 -24.33
C LEU D 948 5.32 63.29 -23.09
N ARG D 949 5.75 64.55 -23.17
CA ARG D 949 5.69 65.40 -22.01
C ARG D 949 4.59 66.41 -22.19
N PRO D 950 3.61 66.39 -21.29
CA PRO D 950 2.54 67.37 -21.44
C PRO D 950 2.98 68.73 -20.95
N GLN D 951 2.15 69.74 -21.14
CA GLN D 951 2.50 71.10 -20.74
C GLN D 951 1.84 71.55 -19.45
N ASP D 952 0.78 70.87 -19.02
CA ASP D 952 0.11 71.19 -17.77
C ASP D 952 0.72 70.32 -16.68
N ARG D 953 1.63 70.89 -15.91
CA ARG D 953 2.48 70.10 -15.03
C ARG D 953 2.26 70.35 -13.55
N SER D 954 1.00 70.45 -13.12
CA SER D 954 0.73 70.47 -11.69
C SER D 954 1.08 69.12 -11.08
N LEU D 955 1.40 69.14 -9.78
CA LEU D 955 1.76 67.90 -9.10
C LEU D 955 0.61 66.88 -9.01
N PRO D 956 -0.63 67.23 -8.64
CA PRO D 956 -1.67 66.19 -8.66
C PRO D 956 -2.06 65.76 -10.06
N SER D 957 -1.79 66.57 -11.07
CA SER D 957 -2.16 66.18 -12.41
C SER D 957 -1.21 65.12 -12.95
N ILE D 958 0.08 65.24 -12.66
CA ILE D 958 1.00 64.22 -13.14
C ILE D 958 0.90 62.96 -12.29
N LEU D 959 0.51 63.08 -11.03
CA LEU D 959 0.26 61.87 -10.24
C LEU D 959 -0.97 61.14 -10.74
N ARG D 960 -1.97 61.88 -11.22
CA ARG D 960 -3.12 61.27 -11.88
C ARG D 960 -2.68 60.51 -13.12
N ARG D 961 -1.99 61.19 -14.04
CA ARG D 961 -1.68 60.53 -15.29
C ARG D 961 -0.43 59.67 -15.23
N VAL D 962 0.03 59.29 -14.04
CA VAL D 962 1.02 58.24 -13.87
C VAL D 962 0.43 57.02 -13.18
N PHE D 963 -0.32 57.22 -12.10
CA PHE D 963 -0.84 56.11 -11.30
C PHE D 963 -2.29 55.78 -11.56
N TYR D 964 -3.05 56.63 -12.22
CA TYR D 964 -4.49 56.45 -12.28
C TYR D 964 -5.00 56.17 -13.68
N ARG D 965 -4.29 56.56 -14.73
CA ARG D 965 -4.55 55.97 -16.04
C ARG D 965 -4.28 54.47 -16.08
N PRO D 966 -3.09 53.94 -15.73
CA PRO D 966 -2.86 52.52 -16.02
C PRO D 966 -3.63 51.59 -15.11
N TYR D 967 -3.95 52.03 -13.90
CA TYR D 967 -4.76 51.21 -13.01
C TYR D 967 -6.14 50.98 -13.55
N LEU D 968 -6.73 51.98 -14.18
CA LEU D 968 -7.98 51.76 -14.86
C LEU D 968 -7.80 51.09 -16.21
N GLN D 969 -6.57 51.04 -16.73
CA GLN D 969 -6.38 50.31 -17.99
C GLN D 969 -6.46 48.82 -17.82
N ILE D 970 -6.16 48.28 -16.63
CA ILE D 970 -6.27 46.83 -16.49
C ILE D 970 -7.70 46.37 -16.27
N PHE D 971 -8.64 47.28 -16.07
CA PHE D 971 -10.05 46.93 -15.94
C PHE D 971 -10.85 47.28 -17.18
N GLY D 972 -10.20 47.45 -18.32
CA GLY D 972 -10.89 47.66 -19.57
C GLY D 972 -11.16 49.09 -19.95
N GLN D 973 -10.71 50.05 -19.16
CA GLN D 973 -10.90 51.46 -19.46
C GLN D 973 -9.59 51.99 -20.05
N ILE D 974 -9.52 52.02 -21.37
CA ILE D 974 -8.30 52.42 -22.08
C ILE D 974 -8.53 53.74 -22.79
N PRO D 975 -7.84 54.82 -22.40
CA PRO D 975 -7.94 56.06 -23.17
C PRO D 975 -6.99 56.05 -24.34
N GLN D 976 -7.53 56.19 -25.55
CA GLN D 976 -6.68 56.19 -26.72
C GLN D 976 -6.45 57.58 -27.27
N GLU D 977 -7.41 58.48 -27.07
CA GLU D 977 -7.34 59.82 -27.63
C GLU D 977 -6.39 60.73 -26.88
N GLU D 978 -5.79 60.24 -25.79
CA GLU D 978 -4.96 61.07 -24.95
C GLU D 978 -3.48 60.78 -25.10
N MET D 979 -3.11 59.75 -25.86
CA MET D 979 -1.70 59.42 -26.03
C MET D 979 -1.36 58.89 -27.42
N ASP D 980 -2.05 59.35 -28.47
CA ASP D 980 -1.77 58.82 -29.80
C ASP D 980 -1.98 59.93 -30.82
N VAL D 981 -0.96 60.17 -31.66
CA VAL D 981 -0.98 61.27 -32.63
C VAL D 981 -2.08 61.08 -33.67
N ALA D 982 -2.26 59.85 -34.16
CA ALA D 982 -3.23 59.61 -35.22
C ALA D 982 -4.68 59.78 -34.77
N LEU D 983 -4.93 59.90 -33.48
CA LEU D 983 -6.26 60.21 -32.98
C LEU D 983 -6.39 61.63 -32.46
N MET D 984 -5.29 62.38 -32.40
CA MET D 984 -5.31 63.76 -31.98
C MET D 984 -5.26 64.67 -33.21
N ILE D 985 -5.61 65.93 -32.98
CA ILE D 985 -5.49 66.94 -34.02
C ILE D 985 -4.19 67.71 -33.79
N PRO D 986 -3.37 67.90 -34.80
CA PRO D 986 -2.08 68.57 -34.62
C PRO D 986 -2.26 70.07 -34.50
N GLY D 987 -1.14 70.75 -34.33
CA GLY D 987 -1.18 72.20 -34.17
C GLY D 987 0.05 72.71 -33.47
N ASN D 988 0.25 74.02 -33.60
CA ASN D 988 1.42 74.69 -33.03
C ASN D 988 1.01 75.32 -31.69
N CYS D 989 0.68 74.44 -30.76
CA CYS D 989 0.09 74.86 -29.49
C CYS D 989 1.12 75.14 -28.40
N SER D 990 2.41 74.98 -28.69
CA SER D 990 3.47 75.23 -27.73
C SER D 990 4.37 76.34 -28.23
N MET D 991 5.37 76.66 -27.42
CA MET D 991 6.39 77.65 -27.74
C MET D 991 7.78 77.09 -27.47
N GLU D 992 8.02 75.89 -27.99
CA GLU D 992 9.30 75.22 -27.81
C GLU D 992 9.60 74.50 -29.11
N ARG D 993 10.88 74.14 -29.29
CA ARG D 993 11.33 73.42 -30.47
C ARG D 993 10.69 72.05 -30.58
N GLY D 994 10.14 71.75 -31.75
CA GLY D 994 9.62 70.43 -32.05
C GLY D 994 8.20 70.48 -32.57
N SER D 995 7.66 69.28 -32.77
CA SER D 995 6.29 69.10 -33.23
C SER D 995 5.40 68.73 -32.05
N TRP D 996 4.12 69.08 -32.12
CA TRP D 996 3.20 68.93 -31.01
C TRP D 996 1.84 68.50 -31.51
N ALA D 997 0.93 68.28 -30.56
CA ALA D 997 -0.43 67.86 -30.85
C ALA D 997 -1.34 68.40 -29.75
N HIS D 998 -2.63 68.10 -29.89
CA HIS D 998 -3.64 68.66 -28.99
C HIS D 998 -4.56 67.56 -28.49
N PRO D 999 -4.40 67.07 -27.27
CA PRO D 999 -5.23 65.95 -26.81
C PRO D 999 -6.63 66.37 -26.44
N GLU D 1000 -7.46 65.37 -26.18
CA GLU D 1000 -8.86 65.54 -25.81
C GLU D 1000 -9.05 65.21 -24.34
N GLY D 1001 -9.74 66.09 -23.62
CA GLY D 1001 -10.00 65.87 -22.23
C GLY D 1001 -9.24 66.85 -21.36
N PRO D 1002 -9.87 67.30 -20.27
CA PRO D 1002 -9.24 68.33 -19.43
C PRO D 1002 -8.15 67.83 -18.50
N VAL D 1003 -7.71 66.57 -18.60
CA VAL D 1003 -6.74 66.01 -17.68
C VAL D 1003 -5.48 65.52 -18.38
N ALA D 1004 -5.49 65.37 -19.69
CA ALA D 1004 -4.34 64.86 -20.40
C ALA D 1004 -3.35 65.95 -20.80
N GLY D 1005 -3.41 67.11 -20.16
CA GLY D 1005 -2.58 68.22 -20.58
C GLY D 1005 -3.17 68.93 -21.76
N SER D 1006 -2.49 70.01 -22.16
CA SER D 1006 -2.92 70.80 -23.31
C SER D 1006 -2.17 70.48 -24.58
N CYS D 1007 -0.93 70.03 -24.47
CA CYS D 1007 -0.12 69.70 -25.64
C CYS D 1007 0.66 68.44 -25.34
N VAL D 1008 0.99 67.69 -26.39
CA VAL D 1008 1.66 66.39 -26.29
C VAL D 1008 2.66 66.32 -27.42
N SER D 1009 3.89 65.92 -27.10
CA SER D 1009 4.93 65.81 -28.13
C SER D 1009 4.63 64.68 -29.10
N GLN D 1010 4.91 64.91 -30.38
CA GLN D 1010 4.68 63.91 -31.40
C GLN D 1010 5.88 63.01 -31.62
N TYR D 1011 6.93 63.15 -30.83
CA TYR D 1011 8.18 62.47 -31.12
C TYR D 1011 8.12 61.04 -30.62
N ALA D 1012 8.34 60.09 -31.54
CA ALA D 1012 8.44 58.66 -31.27
C ALA D 1012 7.18 58.12 -30.59
N ASN D 1013 6.03 58.45 -31.17
CA ASN D 1013 4.78 58.03 -30.55
C ASN D 1013 4.47 56.56 -30.82
N TRP D 1014 5.18 55.94 -31.77
CA TRP D 1014 5.07 54.50 -31.93
C TRP D 1014 5.60 53.75 -30.72
N LEU D 1015 6.56 54.33 -30.00
CA LEU D 1015 7.08 53.68 -28.81
C LEU D 1015 6.06 53.70 -27.67
N VAL D 1016 5.21 54.73 -27.62
CA VAL D 1016 4.15 54.74 -26.62
C VAL D 1016 3.10 53.69 -26.96
N VAL D 1017 2.85 53.48 -28.24
CA VAL D 1017 1.93 52.42 -28.65
C VAL D 1017 2.49 51.05 -28.29
N LEU D 1018 3.81 50.87 -28.39
CA LEU D 1018 4.40 49.60 -27.96
C LEU D 1018 4.39 49.43 -26.44
N LEU D 1019 4.56 50.51 -25.68
CA LEU D 1019 4.48 50.35 -24.24
C LEU D 1019 3.06 50.07 -23.78
N LEU D 1020 2.06 50.50 -24.55
CA LEU D 1020 0.70 50.14 -24.23
C LEU D 1020 0.45 48.66 -24.49
N ILE D 1021 1.04 48.12 -25.55
CA ILE D 1021 0.84 46.71 -25.88
C ILE D 1021 1.53 45.82 -24.83
N VAL D 1022 2.76 46.16 -24.46
CA VAL D 1022 3.49 45.36 -23.47
C VAL D 1022 2.85 45.47 -22.09
N PHE D 1023 2.25 46.62 -21.77
CA PHE D 1023 1.55 46.74 -20.49
C PHE D 1023 0.30 45.87 -20.46
N LEU D 1024 -0.48 45.87 -21.53
CA LEU D 1024 -1.69 45.07 -21.55
C LEU D 1024 -1.38 43.58 -21.56
N LEU D 1025 -0.25 43.19 -22.13
CA LEU D 1025 0.18 41.80 -22.09
C LEU D 1025 0.52 41.36 -20.68
N VAL D 1026 1.41 42.11 -20.01
CA VAL D 1026 1.89 41.68 -18.71
C VAL D 1026 0.80 41.80 -17.64
N ALA D 1027 -0.04 42.82 -17.73
CA ALA D 1027 -1.06 42.99 -16.71
C ALA D 1027 -2.26 42.08 -16.95
N ASN D 1028 -2.93 42.21 -18.08
CA ASN D 1028 -4.18 41.49 -18.28
C ASN D 1028 -4.03 40.01 -18.60
N ILE D 1029 -2.81 39.51 -18.81
CA ILE D 1029 -2.63 38.11 -19.18
C ILE D 1029 -1.73 37.37 -18.21
N LEU D 1030 -0.51 37.86 -17.99
CA LEU D 1030 0.37 37.23 -17.00
C LEU D 1030 -0.20 37.31 -15.59
N LEU D 1031 -0.42 38.52 -15.08
CA LEU D 1031 -0.69 38.66 -13.66
C LEU D 1031 -2.06 38.17 -13.25
N LEU D 1032 -3.11 38.51 -14.00
CA LEU D 1032 -4.43 38.07 -13.61
C LEU D 1032 -4.61 36.56 -13.78
N ASN D 1033 -4.03 35.97 -14.81
CA ASN D 1033 -4.21 34.53 -14.92
C ASN D 1033 -3.28 33.77 -13.98
N LEU D 1034 -2.15 34.36 -13.61
CA LEU D 1034 -1.34 33.77 -12.56
C LEU D 1034 -2.04 33.87 -11.21
N LEU D 1035 -2.82 34.93 -11.01
CA LEU D 1035 -3.49 35.07 -9.73
C LEU D 1035 -4.62 34.08 -9.57
N ILE D 1036 -5.29 33.72 -10.66
CA ILE D 1036 -6.30 32.67 -10.60
C ILE D 1036 -5.63 31.32 -10.31
N ALA D 1037 -4.39 31.13 -10.78
CA ALA D 1037 -3.66 29.90 -10.48
C ALA D 1037 -3.32 29.79 -9.00
N MET D 1038 -2.91 30.90 -8.37
CA MET D 1038 -2.55 30.82 -6.96
C MET D 1038 -3.76 30.72 -6.04
N PHE D 1039 -4.90 31.27 -6.45
CA PHE D 1039 -6.10 31.07 -5.65
C PHE D 1039 -6.60 29.65 -5.75
N SER D 1040 -6.46 29.00 -6.91
CA SER D 1040 -6.92 27.62 -7.03
C SER D 1040 -6.04 26.69 -6.22
N TYR D 1041 -4.74 26.95 -6.18
CA TYR D 1041 -3.84 26.09 -5.42
C TYR D 1041 -4.02 26.27 -3.93
N THR D 1042 -4.16 27.52 -3.47
CA THR D 1042 -4.27 27.77 -2.04
C THR D 1042 -5.60 27.25 -1.50
N PHE D 1043 -6.68 27.44 -2.26
CA PHE D 1043 -8.01 27.02 -1.81
C PHE D 1043 -8.10 25.51 -1.71
N SER D 1044 -7.52 24.80 -2.67
CA SER D 1044 -7.50 23.35 -2.57
C SER D 1044 -6.56 22.85 -1.48
N LYS D 1045 -5.68 23.69 -0.98
CA LYS D 1045 -4.78 23.26 0.09
C LYS D 1045 -5.34 23.53 1.48
N VAL D 1046 -6.04 24.64 1.69
CA VAL D 1046 -6.48 25.04 3.03
C VAL D 1046 -7.95 24.77 3.27
N HIS D 1047 -8.63 24.07 2.37
CA HIS D 1047 -10.07 23.84 2.56
C HIS D 1047 -10.34 22.90 3.73
N GLY D 1048 -9.49 21.90 3.93
CA GLY D 1048 -9.74 20.95 5.01
C GLY D 1048 -9.44 21.53 6.38
N ASN D 1049 -8.38 22.33 6.49
CA ASN D 1049 -8.07 22.95 7.77
C ASN D 1049 -9.08 24.02 8.14
N SER D 1050 -9.66 24.70 7.15
CA SER D 1050 -10.64 25.70 7.53
C SER D 1050 -11.99 25.09 7.89
N ASP D 1051 -12.25 23.84 7.51
CA ASP D 1051 -13.44 23.20 8.06
C ASP D 1051 -13.21 22.65 9.46
N LEU D 1052 -11.99 22.19 9.76
CA LEU D 1052 -11.71 21.81 11.15
C LEU D 1052 -11.75 23.02 12.06
N TYR D 1053 -11.26 24.15 11.60
CA TYR D 1053 -11.26 25.34 12.42
C TYR D 1053 -12.66 25.90 12.58
N TRP D 1054 -13.50 25.81 11.55
CA TRP D 1054 -14.83 26.36 11.67
C TRP D 1054 -15.71 25.51 12.57
N LYS D 1055 -15.60 24.19 12.49
CA LYS D 1055 -16.45 23.33 13.30
C LYS D 1055 -16.09 23.42 14.78
N ALA D 1056 -14.84 23.78 15.08
CA ALA D 1056 -14.50 24.03 16.48
C ALA D 1056 -15.07 25.36 16.96
N GLN D 1057 -15.00 26.40 16.14
CA GLN D 1057 -15.50 27.70 16.56
C GLN D 1057 -17.00 27.79 16.57
N ARG D 1058 -17.69 26.81 16.00
CA ARG D 1058 -19.14 26.88 15.87
C ARG D 1058 -19.83 26.70 17.21
N TYR D 1059 -19.18 26.01 18.15
CA TYR D 1059 -19.71 25.91 19.51
C TYR D 1059 -19.70 27.25 20.22
N SER D 1060 -18.56 27.94 20.24
CA SER D 1060 -18.47 29.18 20.99
C SER D 1060 -19.34 30.27 20.41
N LEU D 1061 -19.64 30.22 19.12
CA LEU D 1061 -20.60 31.17 18.56
C LEU D 1061 -22.02 30.89 19.05
N ILE D 1062 -22.41 29.60 19.09
CA ILE D 1062 -23.73 29.25 19.57
C ILE D 1062 -23.89 29.59 21.04
N ARG D 1063 -22.83 29.41 21.83
CA ARG D 1063 -22.88 29.73 23.25
C ARG D 1063 -22.99 31.23 23.47
N GLU D 1064 -22.46 32.03 22.55
CA GLU D 1064 -22.62 33.48 22.62
C GLU D 1064 -24.07 33.89 22.46
N PHE D 1065 -24.77 33.33 21.47
CA PHE D 1065 -26.17 33.68 21.31
C PHE D 1065 -27.05 33.06 22.39
N HIS D 1066 -26.57 32.01 23.06
CA HIS D 1066 -27.37 31.40 24.11
C HIS D 1066 -27.32 32.21 25.39
N SER D 1067 -26.25 32.95 25.63
CA SER D 1067 -26.09 33.72 26.85
C SER D 1067 -26.30 35.21 26.63
N ARG D 1068 -27.26 35.60 25.78
CA ARG D 1068 -27.65 36.95 25.43
C ARG D 1068 -29.07 37.24 25.93
N PRO D 1069 -29.31 38.43 26.51
CA PRO D 1069 -30.68 38.81 26.89
C PRO D 1069 -31.59 38.94 25.69
N ALA D 1070 -32.61 38.08 25.61
CA ALA D 1070 -33.39 37.89 24.39
C ALA D 1070 -34.32 39.08 24.19
N LEU D 1071 -33.72 40.16 23.70
CA LEU D 1071 -34.43 41.41 23.47
C LEU D 1071 -33.63 42.18 22.44
N ALA D 1072 -34.32 42.99 21.64
CA ALA D 1072 -33.69 43.66 20.52
C ALA D 1072 -32.85 44.85 21.01
N PRO D 1073 -31.77 45.17 20.31
CA PRO D 1073 -30.95 46.37 20.65
C PRO D 1073 -31.69 47.70 20.59
N PRO D 1074 -32.76 47.91 19.77
CA PRO D 1074 -33.56 49.12 20.01
C PRO D 1074 -34.42 49.04 21.27
N LEU D 1075 -34.54 47.86 21.88
CA LEU D 1075 -35.32 47.68 23.10
C LEU D 1075 -34.46 47.21 24.28
N ILE D 1076 -33.14 47.17 24.12
CA ILE D 1076 -32.29 46.49 25.09
C ILE D 1076 -32.03 47.33 26.34
N ILE D 1077 -32.60 48.53 26.41
CA ILE D 1077 -32.42 49.34 27.62
C ILE D 1077 -33.21 48.78 28.79
N ILE D 1078 -34.18 47.89 28.54
CA ILE D 1078 -34.89 47.22 29.62
C ILE D 1078 -33.93 46.32 30.40
N SER D 1079 -33.10 45.57 29.69
CA SER D 1079 -32.14 44.68 30.34
C SER D 1079 -31.04 45.46 31.04
N HIS D 1080 -30.64 46.62 30.48
CA HIS D 1080 -29.64 47.43 31.17
C HIS D 1080 -30.21 48.13 32.38
N VAL D 1081 -31.51 48.45 32.37
CA VAL D 1081 -32.13 48.98 33.58
C VAL D 1081 -32.13 47.93 34.69
N ARG D 1082 -32.59 46.71 34.38
CA ARG D 1082 -32.78 45.70 35.41
C ARG D 1082 -31.45 45.19 35.94
N LEU D 1083 -30.41 45.16 35.09
CA LEU D 1083 -29.10 44.77 35.60
C LEU D 1083 -28.39 45.91 36.30
N LEU D 1084 -28.77 47.16 36.05
CA LEU D 1084 -28.17 48.22 36.86
C LEU D 1084 -28.83 48.30 38.23
N ILE D 1085 -30.10 47.91 38.33
CA ILE D 1085 -30.75 47.76 39.63
C ILE D 1085 -30.07 46.65 40.43
N LYS D 1086 -29.83 45.50 39.80
CA LYS D 1086 -29.13 44.42 40.49
C LYS D 1086 -27.66 44.72 40.72
N TRP D 1087 -27.11 45.72 40.04
CA TRP D 1087 -25.76 46.16 40.40
C TRP D 1087 -25.77 47.12 41.58
N LEU D 1088 -26.86 47.88 41.76
CA LEU D 1088 -26.93 48.77 42.91
C LEU D 1088 -27.28 48.01 44.19
N ARG D 1089 -27.78 46.78 44.07
CA ARG D 1089 -27.90 45.93 45.25
C ARG D 1089 -26.58 45.27 45.61
N ARG D 1090 -25.58 45.29 44.72
CA ARG D 1090 -24.27 44.73 45.00
C ARG D 1090 -23.18 45.77 44.76
N LEU D 1112 -28.34 16.15 36.95
CA LEU D 1112 -28.88 14.80 36.97
C LEU D 1112 -28.89 14.24 38.38
N SER D 1113 -29.83 13.33 38.64
CA SER D 1113 -29.92 12.69 39.95
C SER D 1113 -28.81 11.65 40.11
N LYS D 1114 -28.78 11.01 41.27
CA LYS D 1114 -27.72 10.06 41.55
C LYS D 1114 -27.91 8.76 40.78
N GLU D 1115 -29.12 8.21 40.79
CA GLU D 1115 -29.36 6.97 40.04
C GLU D 1115 -29.36 7.22 38.54
N ALA D 1116 -29.59 8.47 38.12
CA ALA D 1116 -29.36 8.81 36.72
C ALA D 1116 -27.89 8.75 36.36
N GLU D 1117 -27.02 9.23 37.24
CA GLU D 1117 -25.59 9.14 37.00
C GLU D 1117 -25.09 7.71 37.04
N ARG D 1118 -25.62 6.89 37.95
CA ARG D 1118 -25.18 5.50 38.03
C ARG D 1118 -25.61 4.71 36.80
N LYS D 1119 -26.84 4.91 36.33
CA LYS D 1119 -27.30 4.19 35.15
C LYS D 1119 -26.58 4.68 33.89
N LEU D 1120 -26.25 5.97 33.84
CA LEU D 1120 -25.53 6.50 32.69
C LEU D 1120 -24.08 6.02 32.65
N LEU D 1121 -23.40 6.07 33.80
CA LEU D 1121 -21.97 5.71 33.80
C LEU D 1121 -21.76 4.21 33.68
N THR D 1122 -22.71 3.39 34.12
CA THR D 1122 -22.58 1.96 33.83
C THR D 1122 -22.87 1.67 32.36
N TRP D 1123 -23.77 2.43 31.74
CA TRP D 1123 -23.98 2.32 30.30
C TRP D 1123 -22.72 2.72 29.54
N GLU D 1124 -22.04 3.76 30.01
CA GLU D 1124 -20.80 4.20 29.39
C GLU D 1124 -19.69 3.16 29.54
N SER D 1125 -19.62 2.52 30.71
CA SER D 1125 -18.56 1.54 30.92
C SER D 1125 -18.82 0.24 30.16
N VAL D 1126 -20.08 -0.07 29.86
CA VAL D 1126 -20.37 -1.23 29.03
C VAL D 1126 -19.85 -1.03 27.61
N HIS D 1127 -20.12 0.14 27.02
CA HIS D 1127 -19.61 0.39 25.68
C HIS D 1127 -18.11 0.61 25.66
N LYS D 1128 -17.51 1.01 26.78
CA LYS D 1128 -16.06 1.04 26.87
C LYS D 1128 -15.47 -0.35 26.78
N GLU D 1129 -16.08 -1.32 27.45
CA GLU D 1129 -15.53 -2.68 27.45
C GLU D 1129 -15.66 -3.33 26.09
N ASN D 1130 -16.78 -3.11 25.39
CA ASN D 1130 -16.91 -3.67 24.05
C ASN D 1130 -15.94 -3.03 23.06
N PHE D 1131 -15.63 -1.76 23.27
CA PHE D 1131 -14.64 -1.10 22.41
C PHE D 1131 -13.25 -1.69 22.61
N LEU D 1132 -12.86 -1.97 23.84
CA LEU D 1132 -11.52 -2.50 24.07
C LEU D 1132 -11.37 -3.94 23.59
N LEU D 1133 -12.44 -4.73 23.64
CA LEU D 1133 -12.35 -6.07 23.10
C LEU D 1133 -12.24 -6.05 21.58
N ALA D 1134 -12.94 -5.12 20.93
CA ALA D 1134 -12.85 -5.03 19.47
C ALA D 1134 -11.48 -4.54 19.02
N GLN D 1135 -10.86 -3.65 19.78
CA GLN D 1135 -9.51 -3.18 19.43
C GLN D 1135 -8.49 -4.29 19.57
N ALA D 1136 -8.58 -5.09 20.64
CA ALA D 1136 -7.61 -6.16 20.84
C ALA D 1136 -7.77 -7.27 19.82
N ARG D 1137 -9.00 -7.54 19.38
CA ARG D 1137 -9.18 -8.56 18.35
C ARG D 1137 -8.66 -8.09 17.00
N ASP D 1138 -8.86 -6.83 16.66
CA ASP D 1138 -8.37 -6.34 15.38
C ASP D 1138 -6.86 -6.24 15.37
N LYS D 1139 -6.26 -5.98 16.53
CA LYS D 1139 -4.80 -5.98 16.61
C LYS D 1139 -4.24 -7.40 16.53
N ARG D 1140 -4.89 -8.35 17.19
CA ARG D 1140 -4.38 -9.72 17.26
C ARG D 1140 -4.38 -10.40 15.90
N ASP D 1141 -5.35 -10.09 15.05
CA ASP D 1141 -5.44 -10.72 13.75
C ASP D 1141 -4.83 -9.89 12.63
N SER D 1142 -3.94 -8.95 12.94
CA SER D 1142 -3.18 -8.32 11.88
C SER D 1142 -2.08 -9.28 11.42
N ASP D 1143 -1.51 -8.97 10.26
CA ASP D 1143 -0.54 -9.89 9.68
C ASP D 1143 0.81 -9.82 10.38
N SER D 1144 1.17 -8.65 10.89
CA SER D 1144 2.46 -8.53 11.57
C SER D 1144 2.45 -9.24 12.92
N GLU D 1145 1.31 -9.26 13.60
CA GLU D 1145 1.21 -10.00 14.86
C GLU D 1145 1.23 -11.50 14.62
N ARG D 1146 0.59 -11.95 13.53
CA ARG D 1146 0.71 -13.36 13.15
C ARG D 1146 2.14 -13.71 12.79
N LEU D 1147 2.86 -12.78 12.17
CA LEU D 1147 4.22 -13.07 11.76
C LEU D 1147 5.17 -13.11 12.95
N LYS D 1148 4.87 -12.32 13.98
CA LYS D 1148 5.62 -12.43 15.24
C LYS D 1148 5.43 -13.78 15.88
N ARG D 1149 4.17 -14.22 16.01
CA ARG D 1149 3.89 -15.41 16.80
C ARG D 1149 4.37 -16.67 16.10
N THR D 1150 4.31 -16.71 14.77
CA THR D 1150 4.89 -17.85 14.07
C THR D 1150 6.40 -17.85 14.15
N SER D 1151 7.02 -16.67 14.18
CA SER D 1151 8.47 -16.61 14.35
C SER D 1151 8.89 -17.15 15.71
N GLN D 1152 8.10 -16.86 16.74
CA GLN D 1152 8.40 -17.38 18.06
C GLN D 1152 8.14 -18.88 18.13
N LYS D 1153 7.12 -19.36 17.41
CA LYS D 1153 6.79 -20.79 17.51
C LYS D 1153 7.79 -21.65 16.77
N VAL D 1154 8.31 -21.17 15.64
CA VAL D 1154 9.39 -21.89 14.97
C VAL D 1154 10.67 -21.80 15.82
N ASP D 1155 10.84 -20.69 16.53
CA ASP D 1155 12.03 -20.50 17.37
C ASP D 1155 12.05 -21.50 18.51
N THR D 1156 10.91 -21.70 19.18
CA THR D 1156 10.83 -22.75 20.18
C THR D 1156 10.78 -24.15 19.57
N ALA D 1157 10.41 -24.26 18.29
CA ALA D 1157 10.50 -25.56 17.64
C ALA D 1157 11.95 -25.97 17.41
N LEU D 1158 12.81 -25.01 17.08
CA LEU D 1158 14.22 -25.33 17.00
C LEU D 1158 14.83 -25.52 18.38
N LYS D 1159 14.20 -24.93 19.41
CA LYS D 1159 14.58 -25.29 20.77
C LYS D 1159 14.21 -26.74 21.09
N GLN D 1160 13.17 -27.28 20.46
CA GLN D 1160 12.88 -28.70 20.64
C GLN D 1160 13.87 -29.57 19.86
N LEU D 1161 14.30 -29.10 18.69
CA LEU D 1161 15.11 -29.95 17.82
C LEU D 1161 16.56 -30.04 18.25
N GLY D 1162 16.98 -29.25 19.24
CA GLY D 1162 18.25 -29.52 19.88
C GLY D 1162 18.22 -30.84 20.63
N GLN D 1163 17.06 -31.20 21.18
CA GLN D 1163 16.92 -32.48 21.84
C GLN D 1163 16.90 -33.63 20.86
N ILE D 1164 16.41 -33.40 19.64
CA ILE D 1164 16.46 -34.46 18.62
C ILE D 1164 17.88 -34.71 18.17
N ARG D 1165 18.70 -33.67 18.15
CA ARG D 1165 20.11 -33.86 17.81
C ARG D 1165 20.85 -34.55 18.95
N GLU D 1166 20.50 -34.22 20.19
CA GLU D 1166 21.23 -34.75 21.33
C GLU D 1166 20.85 -36.20 21.64
N TYR D 1167 19.61 -36.58 21.33
CA TYR D 1167 19.17 -37.93 21.65
C TYR D 1167 19.66 -38.95 20.65
N ASP D 1168 19.90 -38.54 19.40
CA ASP D 1168 20.23 -39.49 18.34
C ASP D 1168 21.60 -40.11 18.57
N ARG D 1169 22.59 -39.30 18.96
CA ARG D 1169 23.87 -39.86 19.34
C ARG D 1169 23.78 -40.61 20.65
N ARG D 1170 22.89 -40.20 21.55
CA ARG D 1170 22.71 -40.91 22.80
C ARG D 1170 21.95 -42.21 22.61
N LEU D 1171 21.05 -42.26 21.63
CA LEU D 1171 20.40 -43.52 21.33
C LEU D 1171 21.32 -44.44 20.54
N ARG D 1172 22.22 -43.88 19.75
CA ARG D 1172 23.16 -44.67 18.97
C ARG D 1172 24.11 -45.43 19.88
N GLY D 1173 24.53 -44.80 20.97
CA GLY D 1173 25.29 -45.50 21.98
C GLY D 1173 24.43 -46.52 22.72
N LEU D 1174 23.18 -46.15 23.01
CA LEU D 1174 22.34 -46.99 23.84
C LEU D 1174 21.79 -48.17 23.08
N GLU D 1175 21.62 -48.04 21.76
CA GLU D 1175 21.19 -49.18 20.96
C GLU D 1175 22.31 -50.21 20.86
N ARG D 1176 23.54 -49.75 20.67
CA ARG D 1176 24.68 -50.66 20.61
C ARG D 1176 25.09 -51.15 21.99
N GLU D 1177 24.70 -50.45 23.06
CA GLU D 1177 25.08 -50.89 24.39
C GLU D 1177 24.33 -52.15 24.80
N VAL D 1178 23.03 -52.23 24.51
CA VAL D 1178 22.33 -53.49 24.67
C VAL D 1178 22.75 -54.48 23.61
N GLN D 1179 23.10 -54.01 22.42
CA GLN D 1179 23.59 -54.90 21.37
C GLN D 1179 24.98 -55.44 21.67
N HIS D 1180 25.84 -54.65 22.31
CA HIS D 1180 27.09 -55.21 22.82
C HIS D 1180 26.81 -56.22 23.92
N CYS D 1181 25.82 -55.95 24.76
CA CYS D 1181 25.33 -56.95 25.70
C CYS D 1181 24.62 -58.10 24.99
N SER D 1182 23.96 -57.82 23.87
CA SER D 1182 23.46 -58.89 23.01
C SER D 1182 24.58 -59.59 22.24
N ARG D 1183 25.67 -58.86 21.96
CA ARG D 1183 26.88 -59.55 21.52
C ARG D 1183 27.53 -60.29 22.67
N VAL D 1184 27.46 -59.74 23.87
CA VAL D 1184 27.88 -60.49 25.04
C VAL D 1184 26.92 -61.63 25.34
N LEU D 1185 25.62 -61.45 25.06
CA LEU D 1185 24.70 -62.57 25.12
C LEU D 1185 25.00 -63.59 24.04
N THR D 1186 25.42 -63.10 22.86
CA THR D 1186 25.95 -64.00 21.85
C THR D 1186 27.28 -64.61 22.30
N TRP D 1187 28.09 -63.85 23.03
CA TRP D 1187 29.26 -64.42 23.67
C TRP D 1187 28.88 -65.35 24.82
N MET D 1188 27.78 -65.06 25.52
CA MET D 1188 27.24 -66.02 26.47
C MET D 1188 26.69 -67.25 25.78
N ALA D 1189 26.10 -67.09 24.59
CA ALA D 1189 25.75 -68.24 23.76
C ALA D 1189 27.00 -68.91 23.20
N GLU D 1190 28.06 -68.14 22.96
CA GLU D 1190 29.34 -68.73 22.60
C GLU D 1190 29.99 -69.41 23.80
N ALA D 1191 29.80 -68.87 24.99
CA ALA D 1191 30.24 -69.55 26.20
C ALA D 1191 29.30 -70.68 26.61
N LEU D 1192 28.15 -70.82 25.95
CA LEU D 1192 27.22 -71.91 26.22
C LEU D 1192 27.57 -73.20 25.49
N SER D 1193 28.68 -73.22 24.76
CA SER D 1193 29.07 -74.39 24.00
C SER D 1193 29.58 -75.51 24.91
NA NA E . -14.81 46.66 -21.10
NA NA F . -13.73 43.26 -19.56
#